data_7NM4
#
_entry.id   7NM4
#
loop_
_entity.id
_entity.type
_entity.pdbx_description
1 polymer 'Mixed lineage kinase domain-like protein'
2 non-polymer (~{S})-1~{H}-benzimidazol-2-yl-(4-propan-2-ylphenyl)methanol
#
_entity_poly.entity_id   1
_entity_poly.type   'polypeptide(L)'
_entity_poly.pdbx_seq_one_letter_code
;GSPGENLKHIITLGQVIHKRCEEMKYCKKQCRRLGHRVLGLIKPLEMLQDQGKRSVPSEKLTTAMNRFKAALEEANGEIE
KFSNRSNICRFLTASQDKILFKDVNRKLSDVWKELSLLLQVEQRMPVSPISQGASWAQEDQQDADEDRRAFQMLRRD
;
_entity_poly.pdbx_strand_id   A
#
# COMPACT_ATOMS: atom_id res chain seq x y z
N GLY A 1 -14.24 -16.58 15.30
CA GLY A 1 -15.49 -15.83 15.33
C GLY A 1 -15.57 -14.78 14.25
N SER A 2 -16.48 -13.83 14.41
CA SER A 2 -16.66 -12.76 13.42
C SER A 2 -16.99 -11.45 14.11
N PRO A 3 -15.98 -10.86 14.79
CA PRO A 3 -16.14 -9.59 15.50
C PRO A 3 -16.31 -8.41 14.55
N GLY A 4 -15.53 -8.42 13.47
CA GLY A 4 -15.60 -7.34 12.51
C GLY A 4 -14.39 -6.43 12.55
N GLU A 5 -13.82 -6.26 13.75
CA GLU A 5 -12.66 -5.40 13.92
C GLU A 5 -11.56 -5.78 12.93
N ASN A 6 -11.42 -7.07 12.67
CA ASN A 6 -10.40 -7.55 11.74
C ASN A 6 -10.48 -6.81 10.41
N LEU A 7 -11.67 -6.77 9.83
CA LEU A 7 -11.88 -6.09 8.55
C LEU A 7 -11.73 -4.58 8.72
N LYS A 8 -12.25 -4.05 9.81
CA LYS A 8 -12.17 -2.62 10.08
C LYS A 8 -10.72 -2.15 10.06
N HIS A 9 -9.84 -2.90 10.70
CA HIS A 9 -8.43 -2.57 10.75
C HIS A 9 -7.75 -2.84 9.41
N ILE A 10 -8.23 -3.87 8.72
CA ILE A 10 -7.68 -4.24 7.42
C ILE A 10 -7.96 -3.17 6.37
N ILE A 11 -9.19 -2.68 6.36
CA ILE A 11 -9.60 -1.65 5.40
C ILE A 11 -8.98 -0.30 5.77
N THR A 12 -9.21 0.13 7.01
CA THR A 12 -8.69 1.40 7.48
C THR A 12 -7.19 1.51 7.23
N LEU A 13 -6.51 0.37 7.26
CA LEU A 13 -5.06 0.34 7.03
C LEU A 13 -4.70 1.09 5.75
N GLY A 14 -5.59 1.04 4.77
CA GLY A 14 -5.34 1.73 3.51
C GLY A 14 -5.55 3.23 3.62
N GLN A 15 -6.51 3.63 4.45
CA GLN A 15 -6.81 5.05 4.63
C GLN A 15 -5.77 5.71 5.53
N VAL A 16 -5.46 5.06 6.65
CA VAL A 16 -4.49 5.60 7.60
C VAL A 16 -3.16 5.88 6.91
N ILE A 17 -2.72 4.95 6.07
CA ILE A 17 -1.47 5.10 5.34
C ILE A 17 -1.56 6.22 4.31
N HIS A 18 -2.72 6.35 3.68
CA HIS A 18 -2.95 7.37 2.67
C HIS A 18 -2.86 8.76 3.29
N LYS A 19 -3.63 8.98 4.35
CA LYS A 19 -3.65 10.27 5.04
C LYS A 19 -2.31 10.52 5.73
N ARG A 20 -1.68 9.46 6.23
CA ARG A 20 -0.40 9.58 6.91
C ARG A 20 0.64 10.22 6.00
N CYS A 21 0.49 10.00 4.70
CA CYS A 21 1.43 10.56 3.72
C CYS A 21 1.65 12.04 3.96
N GLU A 22 0.57 12.76 4.25
CA GLU A 22 0.66 14.20 4.49
C GLU A 22 1.70 14.50 5.56
N GLU A 23 1.86 13.59 6.51
CA GLU A 23 2.84 13.77 7.58
C GLU A 23 4.26 13.77 7.04
N MET A 24 4.51 12.91 6.06
CA MET A 24 5.83 12.82 5.44
C MET A 24 6.33 14.19 5.00
N LYS A 25 7.64 14.35 4.92
CA LYS A 25 8.24 15.61 4.52
C LYS A 25 9.18 15.41 3.33
N TYR A 26 9.85 14.27 3.30
CA TYR A 26 10.78 13.96 2.22
C TYR A 26 10.18 12.93 1.26
N CYS A 27 9.68 11.84 1.83
CA CYS A 27 9.09 10.77 1.03
C CYS A 27 7.68 11.16 0.57
N LYS A 28 7.21 12.31 1.05
CA LYS A 28 5.88 12.79 0.70
C LYS A 28 5.67 12.76 -0.81
N LYS A 29 6.75 12.95 -1.56
CA LYS A 29 6.68 12.93 -3.01
C LYS A 29 6.14 11.60 -3.52
N GLN A 30 6.78 10.50 -3.11
CA GLN A 30 6.36 9.18 -3.53
C GLN A 30 5.10 8.75 -2.78
N CYS A 31 5.09 8.98 -1.47
CA CYS A 31 3.95 8.61 -0.64
C CYS A 31 2.65 9.17 -1.23
N ARG A 32 2.73 10.35 -1.81
CA ARG A 32 1.56 10.98 -2.41
C ARG A 32 0.93 10.08 -3.47
N ARG A 33 1.76 9.60 -4.39
CA ARG A 33 1.28 8.72 -5.46
C ARG A 33 1.02 7.31 -4.93
N LEU A 34 1.85 6.88 -3.99
CA LEU A 34 1.72 5.55 -3.40
C LEU A 34 0.38 5.41 -2.67
N GLY A 35 0.19 6.23 -1.64
CA GLY A 35 -1.05 6.19 -0.89
C GLY A 35 -2.27 6.43 -1.75
N HIS A 36 -2.12 7.29 -2.74
CA HIS A 36 -3.23 7.61 -3.64
C HIS A 36 -3.56 6.43 -4.54
N ARG A 37 -2.51 5.85 -5.14
CA ARG A 37 -2.68 4.70 -6.04
C ARG A 37 -3.17 3.48 -5.26
N VAL A 38 -2.41 3.10 -4.24
CA VAL A 38 -2.76 1.94 -3.43
C VAL A 38 -4.18 2.05 -2.89
N LEU A 39 -4.61 3.28 -2.62
CA LEU A 39 -5.97 3.53 -2.12
C LEU A 39 -7.01 2.89 -3.03
N GLY A 40 -6.69 2.78 -4.31
CA GLY A 40 -7.62 2.19 -5.25
C GLY A 40 -7.91 0.73 -4.94
N LEU A 41 -6.98 0.07 -4.28
CA LEU A 41 -7.15 -1.33 -3.92
C LEU A 41 -8.12 -1.48 -2.75
N ILE A 42 -8.02 -0.57 -1.79
CA ILE A 42 -8.90 -0.60 -0.62
C ILE A 42 -10.26 0.01 -0.94
N LYS A 43 -10.30 0.80 -2.01
CA LYS A 43 -11.55 1.45 -2.43
C LYS A 43 -12.70 0.45 -2.47
N PRO A 44 -12.53 -0.62 -3.24
CA PRO A 44 -13.54 -1.67 -3.38
C PRO A 44 -13.70 -2.50 -2.11
N LEU A 45 -12.68 -2.45 -1.25
CA LEU A 45 -12.70 -3.20 -0.01
C LEU A 45 -13.64 -2.55 1.00
N GLU A 46 -13.60 -1.22 1.07
CA GLU A 46 -14.45 -0.48 2.00
C GLU A 46 -15.88 -0.39 1.46
N MET A 47 -16.01 -0.30 0.14
CA MET A 47 -17.32 -0.21 -0.49
C MET A 47 -18.20 -1.37 -0.07
N LEU A 48 -17.59 -2.51 0.21
CA LEU A 48 -18.32 -3.71 0.62
C LEU A 48 -19.03 -3.48 1.96
N GLN A 49 -18.26 -3.13 2.98
CA GLN A 49 -18.81 -2.87 4.30
C GLN A 49 -19.66 -1.61 4.31
N ASP A 50 -19.30 -0.65 3.46
CA ASP A 50 -20.03 0.60 3.37
C ASP A 50 -21.43 0.38 2.82
N GLN A 51 -21.51 -0.18 1.62
CA GLN A 51 -22.79 -0.45 0.98
C GLN A 51 -23.55 -1.54 1.72
N GLY A 52 -22.82 -2.54 2.21
CA GLY A 52 -23.45 -3.63 2.94
C GLY A 52 -24.19 -4.58 2.02
N LYS A 53 -23.56 -4.95 0.91
CA LYS A 53 -24.17 -5.86 -0.06
C LYS A 53 -23.60 -7.27 0.11
N ARG A 54 -22.31 -7.42 -0.18
CA ARG A 54 -21.65 -8.71 -0.07
C ARG A 54 -21.80 -9.29 1.34
N SER A 55 -22.36 -10.50 1.42
CA SER A 55 -22.57 -11.15 2.71
C SER A 55 -21.23 -11.41 3.41
N VAL A 56 -21.31 -11.97 4.61
CA VAL A 56 -20.11 -12.28 5.38
C VAL A 56 -19.22 -13.28 4.65
N PRO A 57 -17.91 -13.01 4.63
CA PRO A 57 -16.93 -13.87 3.97
C PRO A 57 -16.74 -15.19 4.70
N SER A 58 -16.17 -16.17 4.01
CA SER A 58 -15.93 -17.49 4.59
C SER A 58 -14.44 -17.70 4.87
N GLU A 59 -14.11 -18.88 5.37
CA GLU A 59 -12.72 -19.21 5.69
C GLU A 59 -11.82 -18.96 4.49
N LYS A 60 -12.28 -19.37 3.32
CA LYS A 60 -11.52 -19.21 2.09
C LYS A 60 -11.09 -17.75 1.91
N LEU A 61 -11.96 -16.83 2.30
CA LEU A 61 -11.66 -15.40 2.20
C LEU A 61 -10.79 -14.93 3.35
N THR A 62 -11.11 -15.39 4.56
CA THR A 62 -10.35 -15.03 5.75
C THR A 62 -8.87 -15.33 5.57
N THR A 63 -8.58 -16.50 4.99
CA THR A 63 -7.20 -16.91 4.77
C THR A 63 -6.47 -15.94 3.84
N ALA A 64 -7.10 -15.63 2.71
CA ALA A 64 -6.52 -14.71 1.75
C ALA A 64 -6.37 -13.31 2.34
N MET A 65 -7.47 -12.77 2.87
CA MET A 65 -7.46 -11.45 3.46
C MET A 65 -6.44 -11.37 4.60
N ASN A 66 -6.40 -12.41 5.43
CA ASN A 66 -5.47 -12.46 6.55
C ASN A 66 -4.04 -12.17 6.09
N ARG A 67 -3.73 -12.59 4.87
CA ARG A 67 -2.40 -12.37 4.31
C ARG A 67 -2.19 -10.92 3.91
N PHE A 68 -3.27 -10.29 3.44
CA PHE A 68 -3.21 -8.89 3.02
C PHE A 68 -3.11 -7.97 4.23
N LYS A 69 -3.74 -8.37 5.33
CA LYS A 69 -3.73 -7.59 6.56
C LYS A 69 -2.31 -7.27 6.99
N ALA A 70 -1.50 -8.32 7.18
CA ALA A 70 -0.12 -8.16 7.60
C ALA A 70 0.73 -7.59 6.45
N ALA A 71 0.43 -8.01 5.23
CA ALA A 71 1.16 -7.56 4.05
C ALA A 71 1.10 -6.03 3.93
N LEU A 72 -0.12 -5.49 3.94
CA LEU A 72 -0.31 -4.05 3.83
C LEU A 72 0.41 -3.32 4.96
N GLU A 73 0.44 -3.94 6.14
CA GLU A 73 1.10 -3.35 7.30
C GLU A 73 2.51 -2.89 6.94
N GLU A 74 3.14 -3.59 6.01
CA GLU A 74 4.50 -3.26 5.59
C GLU A 74 4.58 -1.80 5.13
N ALA A 75 3.61 -1.39 4.33
CA ALA A 75 3.57 -0.02 3.82
C ALA A 75 3.41 0.99 4.96
N ASN A 76 2.38 0.79 5.76
CA ASN A 76 2.10 1.68 6.89
C ASN A 76 3.30 1.74 7.84
N GLY A 77 4.00 0.61 7.96
CA GLY A 77 5.16 0.55 8.85
C GLY A 77 6.38 1.23 8.23
N GLU A 78 6.61 0.97 6.95
CA GLU A 78 7.75 1.55 6.25
C GLU A 78 7.71 3.08 6.33
N ILE A 79 6.63 3.66 5.82
CA ILE A 79 6.47 5.10 5.83
C ILE A 79 6.68 5.68 7.23
N GLU A 80 6.28 4.90 8.24
CA GLU A 80 6.42 5.33 9.62
C GLU A 80 7.89 5.55 9.98
N LYS A 81 8.70 4.50 9.82
CA LYS A 81 10.12 4.59 10.12
C LYS A 81 10.83 5.57 9.18
N PHE A 82 10.47 5.51 7.90
CA PHE A 82 11.07 6.40 6.91
C PHE A 82 10.86 7.86 7.28
N SER A 83 9.82 8.12 8.07
CA SER A 83 9.50 9.48 8.50
C SER A 83 10.75 10.18 9.03
N ASN A 84 11.62 9.41 9.67
CA ASN A 84 12.85 9.96 10.22
C ASN A 84 13.88 10.22 9.12
N ARG A 85 14.45 11.42 9.11
CA ARG A 85 15.44 11.79 8.11
C ARG A 85 16.62 10.82 8.13
N SER A 86 16.99 10.36 9.33
CA SER A 86 18.09 9.43 9.49
C SER A 86 17.83 8.12 8.74
N ASN A 87 16.56 7.71 8.73
CA ASN A 87 16.18 6.47 8.05
C ASN A 87 16.25 6.64 6.53
N ILE A 88 15.90 7.83 6.05
CA ILE A 88 15.94 8.11 4.63
C ILE A 88 17.37 8.34 4.15
N CYS A 89 18.15 9.08 4.93
CA CYS A 89 19.54 9.36 4.59
C CYS A 89 20.37 8.08 4.60
N ARG A 90 20.32 7.36 5.73
CA ARG A 90 21.08 6.12 5.87
C ARG A 90 20.74 5.14 4.75
N PHE A 91 19.48 5.16 4.32
CA PHE A 91 19.03 4.27 3.25
C PHE A 91 19.49 4.78 1.89
N LEU A 92 19.27 6.06 1.63
CA LEU A 92 19.66 6.67 0.37
C LEU A 92 21.16 6.54 0.14
N THR A 93 21.94 6.78 1.20
CA THR A 93 23.39 6.69 1.12
C THR A 93 23.85 5.23 1.08
N ALA A 94 23.12 4.38 1.78
CA ALA A 94 23.44 2.95 1.82
C ALA A 94 23.62 2.38 0.41
N SER A 95 22.65 2.66 -0.46
CA SER A 95 22.69 2.17 -1.83
C SER A 95 22.69 3.34 -2.82
N GLN A 96 22.50 3.02 -4.09
CA GLN A 96 22.49 4.04 -5.14
C GLN A 96 21.22 3.93 -5.98
N ASP A 97 20.30 4.87 -5.79
CA ASP A 97 19.05 4.88 -6.54
C ASP A 97 18.27 3.59 -6.30
N LYS A 98 17.30 3.67 -5.39
CA LYS A 98 16.48 2.51 -5.05
C LYS A 98 15.11 2.95 -4.54
N ILE A 99 14.12 2.08 -4.67
CA ILE A 99 12.77 2.38 -4.22
C ILE A 99 12.61 2.05 -2.73
N LEU A 100 11.63 2.68 -2.10
CA LEU A 100 11.36 2.45 -0.68
C LEU A 100 10.08 1.64 -0.48
N PHE A 101 9.12 1.85 -1.37
CA PHE A 101 7.85 1.13 -1.31
C PHE A 101 7.66 0.24 -2.53
N LYS A 102 8.76 -0.33 -3.01
CA LYS A 102 8.71 -1.21 -4.17
C LYS A 102 8.08 -2.55 -3.81
N ASP A 103 8.72 -3.28 -2.90
CA ASP A 103 8.21 -4.58 -2.48
C ASP A 103 6.76 -4.47 -2.04
N VAL A 104 6.42 -3.36 -1.39
CA VAL A 104 5.06 -3.14 -0.91
C VAL A 104 4.05 -3.29 -2.03
N ASN A 105 4.27 -2.56 -3.12
CA ASN A 105 3.36 -2.62 -4.27
C ASN A 105 3.27 -4.03 -4.82
N ARG A 106 4.35 -4.80 -4.66
CA ARG A 106 4.38 -6.18 -5.13
C ARG A 106 3.56 -7.09 -4.23
N LYS A 107 3.86 -7.05 -2.93
CA LYS A 107 3.14 -7.87 -1.96
C LYS A 107 1.67 -7.50 -1.92
N LEU A 108 1.38 -6.21 -1.94
CA LEU A 108 0.00 -5.72 -1.90
C LEU A 108 -0.80 -6.29 -3.07
N SER A 109 -0.19 -6.27 -4.26
CA SER A 109 -0.86 -6.78 -5.46
C SER A 109 -0.91 -8.31 -5.44
N ASP A 110 0.18 -8.92 -5.00
CA ASP A 110 0.26 -10.38 -4.94
C ASP A 110 -0.77 -10.94 -3.96
N VAL A 111 -0.93 -10.27 -2.82
CA VAL A 111 -1.88 -10.70 -1.80
C VAL A 111 -3.31 -10.33 -2.20
N TRP A 112 -3.44 -9.28 -3.00
CA TRP A 112 -4.76 -8.83 -3.45
C TRP A 112 -5.28 -9.73 -4.57
N LYS A 113 -4.45 -9.96 -5.58
CA LYS A 113 -4.83 -10.80 -6.70
C LYS A 113 -5.20 -12.20 -6.24
N GLU A 114 -4.68 -12.59 -5.08
CA GLU A 114 -4.95 -13.91 -4.53
C GLU A 114 -6.33 -13.95 -3.89
N LEU A 115 -6.66 -12.92 -3.12
CA LEU A 115 -7.96 -12.85 -2.45
C LEU A 115 -9.01 -12.27 -3.38
N SER A 116 -8.56 -11.57 -4.42
CA SER A 116 -9.47 -10.96 -5.38
C SER A 116 -10.08 -12.01 -6.30
N LEU A 117 -9.32 -13.07 -6.56
CA LEU A 117 -9.78 -14.15 -7.43
C LEU A 117 -11.03 -14.81 -6.86
N LEU A 118 -10.94 -15.26 -5.61
CA LEU A 118 -12.06 -15.91 -4.95
C LEU A 118 -13.19 -14.92 -4.69
N LEU A 119 -12.90 -13.63 -4.90
CA LEU A 119 -13.89 -12.59 -4.69
C LEU A 119 -14.62 -12.28 -6.00
N GLN A 120 -13.86 -12.18 -7.09
CA GLN A 120 -14.43 -11.89 -8.40
C GLN A 120 -15.09 -13.13 -9.00
N VAL A 121 -14.64 -14.30 -8.56
CA VAL A 121 -15.19 -15.56 -9.05
C VAL A 121 -16.71 -15.54 -9.03
N GLU A 122 -17.28 -14.88 -8.04
CA GLU A 122 -18.73 -14.79 -7.90
C GLU A 122 -19.23 -13.42 -8.33
N GLN A 123 -18.46 -12.37 -8.00
CA GLN A 123 -18.82 -11.01 -8.35
C GLN A 123 -17.59 -10.13 -8.45
N ARG A 124 -17.29 -9.66 -9.66
CA ARG A 124 -16.13 -8.80 -9.88
C ARG A 124 -16.27 -7.49 -9.12
N MET A 125 -15.46 -7.32 -8.08
CA MET A 125 -15.49 -6.11 -7.27
C MET A 125 -14.93 -4.93 -8.04
N PRO A 126 -13.64 -5.03 -8.44
CA PRO A 126 -12.96 -3.98 -9.19
C PRO A 126 -13.48 -3.84 -10.61
N VAL A 127 -12.85 -2.96 -11.39
CA VAL A 127 -13.25 -2.75 -12.77
C VAL A 127 -12.07 -2.90 -13.71
N SER A 128 -10.99 -2.18 -13.43
CA SER A 128 -9.79 -2.23 -14.26
C SER A 128 -9.07 -3.55 -14.09
N PRO A 129 -8.21 -3.90 -15.06
CA PRO A 129 -7.43 -5.14 -15.04
C PRO A 129 -6.36 -5.13 -13.96
N ILE A 130 -6.74 -5.52 -12.74
CA ILE A 130 -5.81 -5.55 -11.62
C ILE A 130 -4.73 -6.60 -11.85
N SER A 131 -5.09 -7.68 -12.54
CA SER A 131 -4.14 -8.75 -12.82
C SER A 131 -3.06 -8.29 -13.79
N GLN A 132 -3.43 -8.16 -15.06
CA GLN A 132 -2.49 -7.71 -16.08
C GLN A 132 -2.24 -6.21 -15.99
N GLY A 133 -0.98 -5.81 -16.12
CA GLY A 133 -0.64 -4.41 -16.05
C GLY A 133 0.32 -4.11 -14.90
N ALA A 134 1.61 -4.08 -15.21
CA ALA A 134 2.63 -3.80 -14.20
C ALA A 134 3.30 -2.45 -14.45
N SER A 135 2.52 -1.49 -14.93
CA SER A 135 3.03 -0.16 -15.22
C SER A 135 3.20 0.65 -13.93
N TRP A 136 2.20 0.58 -13.06
CA TRP A 136 2.24 1.31 -11.80
C TRP A 136 3.51 0.99 -11.03
N ALA A 137 4.02 -0.23 -11.21
CA ALA A 137 5.25 -0.65 -10.53
C ALA A 137 6.46 0.13 -11.04
N GLN A 138 6.56 0.25 -12.36
CA GLN A 138 7.67 0.97 -12.97
C GLN A 138 7.63 2.45 -12.60
N GLU A 139 6.42 3.00 -12.51
CA GLU A 139 6.24 4.40 -12.17
C GLU A 139 6.88 4.72 -10.82
N ASP A 140 6.76 3.78 -9.88
CA ASP A 140 7.32 3.96 -8.55
C ASP A 140 8.81 4.31 -8.63
N GLN A 141 9.55 3.54 -9.42
CA GLN A 141 10.98 3.77 -9.57
C GLN A 141 11.26 5.23 -9.94
N GLN A 142 10.36 5.82 -10.71
CA GLN A 142 10.52 7.21 -11.11
C GLN A 142 10.22 8.16 -9.96
N ASP A 143 9.23 7.81 -9.15
CA ASP A 143 8.84 8.63 -8.00
C ASP A 143 9.96 8.69 -6.97
N ALA A 144 10.47 7.52 -6.59
CA ALA A 144 11.56 7.44 -5.61
C ALA A 144 12.73 8.30 -6.03
N ASP A 145 12.94 8.42 -7.34
CA ASP A 145 14.04 9.21 -7.88
C ASP A 145 13.89 10.68 -7.47
N GLU A 146 12.66 11.18 -7.53
CA GLU A 146 12.39 12.57 -7.17
C GLU A 146 12.90 12.89 -5.77
N ASP A 147 12.76 11.92 -4.87
CA ASP A 147 13.21 12.09 -3.49
C ASP A 147 14.72 12.32 -3.44
N ARG A 148 15.45 11.67 -4.34
CA ARG A 148 16.89 11.81 -4.39
C ARG A 148 17.31 13.25 -4.60
N ARG A 149 16.98 13.79 -5.78
CA ARG A 149 17.31 15.17 -6.10
C ARG A 149 16.73 16.13 -5.07
N ALA A 150 15.52 15.84 -4.60
CA ALA A 150 14.87 16.67 -3.61
C ALA A 150 15.58 16.59 -2.26
N PHE A 151 16.30 15.50 -2.05
CA PHE A 151 17.04 15.29 -0.80
C PHE A 151 18.31 16.13 -0.77
N GLN A 152 18.86 16.40 -1.95
CA GLN A 152 20.08 17.20 -2.05
C GLN A 152 19.96 18.49 -1.27
N MET A 153 18.86 19.21 -1.49
CA MET A 153 18.62 20.47 -0.79
C MET A 153 18.41 20.24 0.70
N LEU A 154 17.84 19.09 1.04
CA LEU A 154 17.58 18.76 2.44
C LEU A 154 18.84 18.96 3.28
N ARG A 155 20.00 18.66 2.70
CA ARG A 155 21.26 18.82 3.41
C ARG A 155 22.41 19.02 2.42
N ARG A 156 23.16 20.11 2.60
CA ARG A 156 24.27 20.42 1.73
C ARG A 156 25.51 19.64 2.13
N ASP A 157 26.33 19.28 1.15
CA ASP A 157 27.55 18.52 1.41
C ASP A 157 28.41 19.21 2.46
N GLY A 1 -13.33 -17.27 16.74
CA GLY A 1 -14.15 -16.09 16.90
C GLY A 1 -14.44 -15.40 15.59
N SER A 2 -13.39 -15.10 14.83
CA SER A 2 -13.54 -14.43 13.55
C SER A 2 -14.46 -13.23 13.67
N PRO A 3 -14.01 -12.19 14.39
CA PRO A 3 -14.79 -10.97 14.59
C PRO A 3 -14.92 -10.14 13.31
N GLY A 4 -15.40 -8.91 13.46
CA GLY A 4 -15.56 -8.04 12.31
C GLY A 4 -14.58 -6.89 12.30
N GLU A 5 -14.15 -6.47 13.49
CA GLU A 5 -13.20 -5.37 13.61
C GLU A 5 -11.99 -5.60 12.72
N ASN A 6 -11.61 -6.86 12.53
CA ASN A 6 -10.48 -7.21 11.70
C ASN A 6 -10.56 -6.53 10.34
N LEU A 7 -11.78 -6.49 9.78
CA LEU A 7 -12.01 -5.87 8.49
C LEU A 7 -11.85 -4.36 8.57
N LYS A 8 -12.40 -3.76 9.63
CA LYS A 8 -12.32 -2.33 9.84
C LYS A 8 -10.87 -1.86 9.85
N HIS A 9 -10.02 -2.60 10.55
CA HIS A 9 -8.60 -2.26 10.65
C HIS A 9 -7.88 -2.57 9.34
N ILE A 10 -8.32 -3.63 8.67
CA ILE A 10 -7.71 -4.04 7.41
C ILE A 10 -7.98 -3.01 6.31
N ILE A 11 -9.23 -2.54 6.24
CA ILE A 11 -9.62 -1.56 5.25
C ILE A 11 -9.05 -0.18 5.58
N THR A 12 -9.32 0.28 6.79
CA THR A 12 -8.84 1.59 7.23
C THR A 12 -7.33 1.72 7.03
N LEU A 13 -6.63 0.59 7.11
CA LEU A 13 -5.18 0.59 6.92
C LEU A 13 -4.79 1.31 5.64
N GLY A 14 -5.65 1.22 4.63
CA GLY A 14 -5.38 1.88 3.36
C GLY A 14 -5.64 3.37 3.42
N GLN A 15 -6.63 3.77 4.20
CA GLN A 15 -6.98 5.18 4.34
C GLN A 15 -5.99 5.90 5.25
N VAL A 16 -5.70 5.29 6.39
CA VAL A 16 -4.77 5.88 7.34
C VAL A 16 -3.43 6.19 6.69
N ILE A 17 -2.93 5.25 5.90
CA ILE A 17 -1.66 5.41 5.21
C ILE A 17 -1.75 6.49 4.14
N HIS A 18 -2.91 6.58 3.49
CA HIS A 18 -3.13 7.58 2.45
C HIS A 18 -3.07 8.99 3.02
N LYS A 19 -3.81 9.20 4.11
CA LYS A 19 -3.84 10.52 4.76
C LYS A 19 -2.56 10.76 5.54
N ARG A 20 -1.95 9.69 6.03
CA ARG A 20 -0.72 9.79 6.80
C ARG A 20 0.34 10.55 6.02
N CYS A 21 0.28 10.46 4.69
CA CYS A 21 1.24 11.14 3.83
C CYS A 21 1.38 12.61 4.23
N GLU A 22 0.31 13.18 4.75
CA GLU A 22 0.32 14.58 5.17
C GLU A 22 1.45 14.85 6.14
N GLU A 23 1.75 13.86 6.98
CA GLU A 23 2.82 13.99 7.96
C GLU A 23 4.19 13.98 7.29
N MET A 24 4.33 13.15 6.26
CA MET A 24 5.58 13.04 5.53
C MET A 24 6.06 14.41 5.08
N LYS A 25 7.38 14.58 5.01
CA LYS A 25 7.97 15.85 4.58
C LYS A 25 8.99 15.62 3.48
N TYR A 26 9.75 14.54 3.58
CA TYR A 26 10.77 14.22 2.59
C TYR A 26 10.26 13.15 1.63
N CYS A 27 9.65 12.11 2.17
CA CYS A 27 9.12 11.02 1.35
C CYS A 27 7.70 11.33 0.89
N LYS A 28 7.15 12.44 1.39
CA LYS A 28 5.80 12.83 1.04
C LYS A 28 5.60 12.80 -0.48
N LYS A 29 6.66 13.10 -1.22
CA LYS A 29 6.60 13.10 -2.68
C LYS A 29 6.20 11.73 -3.20
N GLN A 30 6.91 10.69 -2.77
CA GLN A 30 6.62 9.33 -3.21
C GLN A 30 5.36 8.81 -2.52
N CYS A 31 5.30 8.97 -1.20
CA CYS A 31 4.15 8.51 -0.42
C CYS A 31 2.85 9.06 -1.00
N ARG A 32 2.88 10.32 -1.41
CA ARG A 32 1.70 10.96 -1.99
C ARG A 32 1.12 10.12 -3.11
N ARG A 33 1.97 9.66 -4.01
CA ARG A 33 1.55 8.85 -5.14
C ARG A 33 1.23 7.42 -4.70
N LEU A 34 2.02 6.90 -3.77
CA LEU A 34 1.83 5.56 -3.26
C LEU A 34 0.46 5.42 -2.59
N GLY A 35 0.24 6.19 -1.54
CA GLY A 35 -1.02 6.15 -0.84
C GLY A 35 -2.21 6.39 -1.75
N HIS A 36 -2.00 7.23 -2.76
CA HIS A 36 -3.06 7.56 -3.71
C HIS A 36 -3.35 6.38 -4.63
N ARG A 37 -2.29 5.81 -5.20
CA ARG A 37 -2.43 4.68 -6.11
C ARG A 37 -2.94 3.45 -5.37
N VAL A 38 -2.23 3.07 -4.30
CA VAL A 38 -2.62 1.91 -3.52
C VAL A 38 -4.06 2.03 -3.03
N LEU A 39 -4.49 3.26 -2.78
CA LEU A 39 -5.84 3.51 -2.31
C LEU A 39 -6.87 2.84 -3.22
N GLY A 40 -6.52 2.70 -4.49
CA GLY A 40 -7.42 2.08 -5.45
C GLY A 40 -7.72 0.64 -5.10
N LEU A 41 -6.79 -0.01 -4.40
CA LEU A 41 -6.96 -1.41 -4.02
C LEU A 41 -7.96 -1.53 -2.87
N ILE A 42 -7.88 -0.60 -1.92
CA ILE A 42 -8.78 -0.61 -0.78
C ILE A 42 -10.13 0.00 -1.14
N LYS A 43 -10.16 0.78 -2.22
CA LYS A 43 -11.39 1.41 -2.68
C LYS A 43 -12.54 0.40 -2.71
N PRO A 44 -12.36 -0.69 -3.45
CA PRO A 44 -13.37 -1.75 -3.57
C PRO A 44 -13.55 -2.54 -2.29
N LEU A 45 -12.55 -2.46 -1.41
CA LEU A 45 -12.60 -3.16 -0.13
C LEU A 45 -13.56 -2.47 0.84
N GLU A 46 -13.51 -1.14 0.86
CA GLU A 46 -14.38 -0.37 1.74
C GLU A 46 -15.80 -0.31 1.19
N MET A 47 -15.93 -0.23 -0.13
CA MET A 47 -17.23 -0.17 -0.77
C MET A 47 -18.12 -1.32 -0.32
N LEU A 48 -17.49 -2.46 0.01
CA LEU A 48 -18.23 -3.63 0.45
C LEU A 48 -18.99 -3.34 1.74
N GLN A 49 -18.26 -2.87 2.75
CA GLN A 49 -18.87 -2.54 4.04
C GLN A 49 -19.76 -1.30 3.93
N ASP A 50 -19.36 -0.37 3.07
CA ASP A 50 -20.11 0.86 2.87
C ASP A 50 -21.50 0.57 2.30
N GLN A 51 -21.52 -0.16 1.19
CA GLN A 51 -22.78 -0.52 0.53
C GLN A 51 -23.62 -1.43 1.43
N GLY A 52 -22.99 -2.49 1.93
CA GLY A 52 -23.69 -3.42 2.78
C GLY A 52 -24.28 -4.59 2.02
N LYS A 53 -23.59 -5.00 0.95
CA LYS A 53 -24.06 -6.11 0.13
C LYS A 53 -23.53 -7.44 0.66
N ARG A 54 -22.22 -7.66 0.52
CA ARG A 54 -21.59 -8.89 0.98
C ARG A 54 -21.83 -9.08 2.48
N SER A 55 -22.74 -9.98 2.82
CA SER A 55 -23.06 -10.27 4.20
C SER A 55 -21.80 -10.55 5.02
N VAL A 56 -21.24 -11.75 4.83
CA VAL A 56 -20.03 -12.13 5.54
C VAL A 56 -19.19 -13.09 4.71
N PRO A 57 -17.88 -12.83 4.65
CA PRO A 57 -16.94 -13.66 3.88
C PRO A 57 -16.73 -15.04 4.52
N SER A 58 -16.33 -16.01 3.70
CA SER A 58 -16.10 -17.36 4.18
C SER A 58 -14.75 -17.47 4.89
N GLU A 59 -14.47 -18.65 5.43
CA GLU A 59 -13.21 -18.89 6.13
C GLU A 59 -12.03 -18.91 5.15
N LYS A 60 -12.20 -19.64 4.06
CA LYS A 60 -11.16 -19.74 3.04
C LYS A 60 -10.69 -18.36 2.59
N LEU A 61 -11.63 -17.42 2.55
CA LEU A 61 -11.32 -16.05 2.14
C LEU A 61 -10.60 -15.30 3.25
N THR A 62 -10.97 -15.60 4.50
CA THR A 62 -10.36 -14.95 5.65
C THR A 62 -8.84 -15.10 5.62
N THR A 63 -8.36 -16.25 5.16
CA THR A 63 -6.94 -16.51 5.09
C THR A 63 -6.25 -15.56 4.11
N ALA A 64 -6.80 -15.48 2.90
CA ALA A 64 -6.25 -14.61 1.86
C ALA A 64 -6.14 -13.17 2.36
N MET A 65 -7.18 -12.71 3.06
CA MET A 65 -7.20 -11.35 3.59
C MET A 65 -6.24 -11.22 4.78
N ASN A 66 -6.19 -12.24 5.62
CA ASN A 66 -5.32 -12.23 6.78
C ASN A 66 -3.88 -11.91 6.39
N ARG A 67 -3.49 -12.35 5.19
CA ARG A 67 -2.15 -12.12 4.69
C ARG A 67 -1.97 -10.65 4.28
N PHE A 68 -3.03 -10.07 3.74
CA PHE A 68 -2.99 -8.68 3.30
C PHE A 68 -2.96 -7.73 4.49
N LYS A 69 -3.61 -8.13 5.58
CA LYS A 69 -3.65 -7.32 6.79
C LYS A 69 -2.24 -6.99 7.26
N ALA A 70 -1.44 -8.02 7.51
CA ALA A 70 -0.07 -7.83 7.96
C ALA A 70 0.82 -7.30 6.84
N ALA A 71 0.55 -7.74 5.62
CA ALA A 71 1.32 -7.31 4.46
C ALA A 71 1.24 -5.80 4.28
N LEU A 72 0.01 -5.28 4.25
CA LEU A 72 -0.19 -3.84 4.08
C LEU A 72 0.42 -3.06 5.23
N GLU A 73 0.43 -3.68 6.41
CA GLU A 73 0.99 -3.04 7.60
C GLU A 73 2.38 -2.47 7.31
N GLU A 74 3.12 -3.17 6.46
CA GLU A 74 4.47 -2.74 6.10
C GLU A 74 4.46 -1.32 5.53
N ALA A 75 3.47 -1.04 4.69
CA ALA A 75 3.35 0.28 4.10
C ALA A 75 3.11 1.36 5.15
N ASN A 76 2.17 1.09 6.05
CA ASN A 76 1.85 2.03 7.11
C ASN A 76 3.02 2.21 8.07
N GLY A 77 3.76 1.12 8.29
CA GLY A 77 4.91 1.17 9.18
C GLY A 77 6.10 1.86 8.55
N GLU A 78 6.32 1.61 7.27
CA GLU A 78 7.44 2.22 6.55
C GLU A 78 7.36 3.73 6.61
N ILE A 79 6.26 4.28 6.08
CA ILE A 79 6.07 5.73 6.07
C ILE A 79 6.20 6.31 7.47
N GLU A 80 5.84 5.52 8.47
CA GLU A 80 5.91 5.96 9.86
C GLU A 80 7.36 6.11 10.31
N LYS A 81 8.09 5.01 10.30
CA LYS A 81 9.50 5.01 10.70
C LYS A 81 10.31 5.93 9.79
N PHE A 82 9.94 5.98 8.52
CA PHE A 82 10.64 6.82 7.55
C PHE A 82 10.45 8.30 7.87
N SER A 83 9.38 8.61 8.60
CA SER A 83 9.08 9.98 8.97
C SER A 83 10.32 10.68 9.53
N ASN A 84 11.16 9.92 10.23
CA ASN A 84 12.38 10.46 10.81
C ASN A 84 13.39 10.82 9.72
N ARG A 85 13.89 12.05 9.77
CA ARG A 85 14.86 12.52 8.79
C ARG A 85 16.07 11.60 8.74
N SER A 86 16.58 11.22 9.92
CA SER A 86 17.73 10.34 10.00
C SER A 86 17.42 8.97 9.41
N ASN A 87 16.19 8.51 9.60
CA ASN A 87 15.76 7.22 9.08
C ASN A 87 15.85 7.18 7.56
N ILE A 88 15.56 8.31 6.93
CA ILE A 88 15.61 8.41 5.47
C ILE A 88 17.06 8.53 4.97
N CYS A 89 17.82 9.42 5.60
CA CYS A 89 19.21 9.63 5.23
C CYS A 89 20.03 8.36 5.46
N ARG A 90 19.83 7.73 6.61
CA ARG A 90 20.54 6.51 6.95
C ARG A 90 20.12 5.36 6.05
N PHE A 91 18.86 5.36 5.65
CA PHE A 91 18.33 4.32 4.77
C PHE A 91 18.83 4.49 3.34
N LEU A 92 18.87 5.74 2.89
CA LEU A 92 19.33 6.04 1.54
C LEU A 92 20.80 5.69 1.37
N THR A 93 21.59 6.03 2.38
CA THR A 93 23.02 5.76 2.35
C THR A 93 23.31 4.27 2.58
N ALA A 94 22.50 3.64 3.42
CA ALA A 94 22.66 2.23 3.73
C ALA A 94 22.20 1.36 2.56
N SER A 95 21.14 1.80 1.88
CA SER A 95 20.61 1.06 0.74
C SER A 95 21.08 1.65 -0.58
N GLN A 96 20.88 0.93 -1.67
CA GLN A 96 21.29 1.38 -2.98
C GLN A 96 20.09 1.65 -3.87
N ASP A 97 19.02 0.88 -3.66
CA ASP A 97 17.80 1.03 -4.44
C ASP A 97 17.34 2.48 -4.46
N LYS A 98 16.38 2.78 -5.32
CA LYS A 98 15.85 4.14 -5.44
C LYS A 98 14.45 4.23 -4.83
N ILE A 99 13.67 3.17 -4.99
CA ILE A 99 12.32 3.13 -4.46
C ILE A 99 12.31 2.79 -2.98
N LEU A 100 11.31 3.28 -2.25
CA LEU A 100 11.19 3.03 -0.82
C LEU A 100 10.05 2.07 -0.53
N PHE A 101 9.00 2.15 -1.33
CA PHE A 101 7.82 1.29 -1.16
C PHE A 101 7.66 0.36 -2.36
N LYS A 102 8.78 -0.12 -2.88
CA LYS A 102 8.76 -1.02 -4.03
C LYS A 102 8.19 -2.38 -3.64
N ASP A 103 8.88 -3.07 -2.73
CA ASP A 103 8.45 -4.38 -2.27
C ASP A 103 7.00 -4.34 -1.80
N VAL A 104 6.63 -3.24 -1.14
CA VAL A 104 5.27 -3.08 -0.64
C VAL A 104 4.24 -3.25 -1.75
N ASN A 105 4.41 -2.49 -2.83
CA ASN A 105 3.50 -2.56 -3.97
C ASN A 105 3.44 -3.98 -4.53
N ARG A 106 4.54 -4.71 -4.40
CA ARG A 106 4.61 -6.08 -4.89
C ARG A 106 3.82 -7.03 -4.00
N LYS A 107 4.09 -6.99 -2.70
CA LYS A 107 3.41 -7.83 -1.74
C LYS A 107 1.92 -7.49 -1.68
N LEU A 108 1.61 -6.20 -1.70
CA LEU A 108 0.23 -5.74 -1.66
C LEU A 108 -0.56 -6.30 -2.83
N SER A 109 0.05 -6.31 -4.01
CA SER A 109 -0.60 -6.82 -5.21
C SER A 109 -0.69 -8.34 -5.18
N ASP A 110 0.38 -8.98 -4.72
CA ASP A 110 0.42 -10.43 -4.64
C ASP A 110 -0.61 -10.95 -3.63
N VAL A 111 -0.71 -10.27 -2.49
CA VAL A 111 -1.65 -10.66 -1.46
C VAL A 111 -3.08 -10.31 -1.85
N TRP A 112 -3.22 -9.30 -2.70
CA TRP A 112 -4.54 -8.86 -3.15
C TRP A 112 -5.06 -9.78 -4.26
N LYS A 113 -4.23 -10.00 -5.28
CA LYS A 113 -4.61 -10.85 -6.39
C LYS A 113 -4.95 -12.25 -5.92
N GLU A 114 -4.45 -12.62 -4.75
CA GLU A 114 -4.70 -13.94 -4.18
C GLU A 114 -6.10 -14.01 -3.57
N LEU A 115 -6.50 -12.93 -2.91
CA LEU A 115 -7.81 -12.86 -2.28
C LEU A 115 -8.86 -12.31 -3.24
N SER A 116 -8.39 -11.60 -4.26
CA SER A 116 -9.28 -11.01 -5.25
C SER A 116 -9.84 -12.08 -6.19
N LEU A 117 -9.06 -13.14 -6.41
CA LEU A 117 -9.48 -14.23 -7.28
C LEU A 117 -10.78 -14.86 -6.77
N LEU A 118 -10.77 -15.32 -5.52
CA LEU A 118 -11.94 -15.95 -4.92
C LEU A 118 -13.06 -14.92 -4.73
N LEU A 119 -12.73 -13.65 -4.93
CA LEU A 119 -13.70 -12.58 -4.77
C LEU A 119 -14.37 -12.26 -6.10
N GLN A 120 -13.57 -12.22 -7.17
CA GLN A 120 -14.08 -11.93 -8.51
C GLN A 120 -14.73 -13.16 -9.12
N VAL A 121 -14.37 -14.33 -8.61
CA VAL A 121 -14.92 -15.59 -9.11
C VAL A 121 -16.44 -15.50 -9.27
N GLU A 122 -17.08 -14.77 -8.35
CA GLU A 122 -18.52 -14.61 -8.40
C GLU A 122 -18.90 -13.24 -8.96
N GLN A 123 -18.09 -12.24 -8.66
CA GLN A 123 -18.34 -10.88 -9.14
C GLN A 123 -17.07 -10.03 -9.07
N ARG A 124 -16.56 -9.67 -10.23
CA ARG A 124 -15.34 -8.86 -10.31
C ARG A 124 -15.50 -7.56 -9.52
N MET A 125 -14.90 -7.53 -8.34
CA MET A 125 -14.97 -6.34 -7.48
C MET A 125 -14.12 -5.21 -8.05
N PRO A 126 -12.81 -5.45 -8.17
CA PRO A 126 -11.87 -4.45 -8.70
C PRO A 126 -12.07 -4.21 -10.19
N VAL A 127 -11.89 -2.96 -10.61
CA VAL A 127 -12.05 -2.61 -12.02
C VAL A 127 -10.68 -2.36 -12.67
N SER A 128 -9.87 -1.54 -12.03
CA SER A 128 -8.54 -1.22 -12.54
C SER A 128 -7.65 -2.45 -12.56
N PRO A 129 -6.55 -2.38 -13.32
CA PRO A 129 -5.59 -3.48 -13.44
C PRO A 129 -4.81 -3.70 -12.16
N ILE A 130 -5.45 -4.33 -11.18
CA ILE A 130 -4.82 -4.62 -9.90
C ILE A 130 -3.54 -5.43 -10.09
N SER A 131 -3.46 -6.16 -11.20
CA SER A 131 -2.30 -6.99 -11.50
C SER A 131 -1.02 -6.19 -11.30
N GLN A 132 -0.11 -6.74 -10.49
CA GLN A 132 1.16 -6.09 -10.21
C GLN A 132 1.87 -5.70 -11.50
N GLY A 133 1.71 -6.53 -12.53
CA GLY A 133 2.34 -6.25 -13.82
C GLY A 133 1.70 -5.08 -14.53
N ALA A 134 2.12 -3.87 -14.16
CA ALA A 134 1.59 -2.66 -14.77
C ALA A 134 2.64 -1.56 -14.81
N SER A 135 2.21 -0.35 -15.17
CA SER A 135 3.12 0.79 -15.24
C SER A 135 3.38 1.37 -13.87
N TRP A 136 2.40 1.23 -12.97
CA TRP A 136 2.53 1.73 -11.62
C TRP A 136 3.83 1.25 -10.97
N ALA A 137 4.31 0.09 -11.43
CA ALA A 137 5.54 -0.48 -10.89
C ALA A 137 6.76 0.27 -11.40
N GLN A 138 6.85 0.44 -12.71
CA GLN A 138 7.97 1.15 -13.32
C GLN A 138 7.96 2.63 -12.92
N GLU A 139 6.79 3.24 -12.99
CA GLU A 139 6.66 4.65 -12.64
C GLU A 139 7.20 4.92 -11.23
N ASP A 140 6.97 3.97 -10.33
CA ASP A 140 7.42 4.10 -8.96
C ASP A 140 8.93 4.36 -8.91
N GLN A 141 9.65 3.75 -9.84
CA GLN A 141 11.11 3.90 -9.90
C GLN A 141 11.48 5.34 -10.23
N GLN A 142 10.80 5.91 -11.22
CA GLN A 142 11.06 7.28 -11.64
C GLN A 142 10.54 8.28 -10.60
N ASP A 143 9.41 7.95 -9.98
CA ASP A 143 8.82 8.82 -8.98
C ASP A 143 9.73 8.95 -7.77
N ALA A 144 10.21 7.82 -7.26
CA ALA A 144 11.10 7.80 -6.11
C ALA A 144 12.30 8.72 -6.33
N ASP A 145 12.75 8.80 -7.58
CA ASP A 145 13.89 9.64 -7.91
C ASP A 145 13.64 11.09 -7.51
N GLU A 146 12.38 11.51 -7.58
CA GLU A 146 12.02 12.87 -7.22
C GLU A 146 12.14 13.09 -5.72
N ASP A 147 11.98 12.01 -4.96
CA ASP A 147 12.07 12.08 -3.50
C ASP A 147 13.53 12.20 -3.06
N ARG A 148 14.35 11.26 -3.51
CA ARG A 148 15.76 11.25 -3.15
C ARG A 148 16.44 12.57 -3.54
N ARG A 149 16.06 13.09 -4.71
CA ARG A 149 16.62 14.35 -5.20
C ARG A 149 16.05 15.54 -4.42
N ALA A 150 14.80 15.42 -4.00
CA ALA A 150 14.14 16.48 -3.24
C ALA A 150 14.71 16.58 -1.82
N PHE A 151 15.15 15.44 -1.29
CA PHE A 151 15.71 15.40 0.05
C PHE A 151 16.83 16.43 0.22
N GLN A 152 17.50 16.73 -0.89
CA GLN A 152 18.59 17.70 -0.87
C GLN A 152 18.11 19.05 -0.34
N MET A 153 16.80 19.27 -0.39
CA MET A 153 16.21 20.51 0.09
C MET A 153 16.73 20.87 1.46
N LEU A 154 17.08 19.86 2.25
CA LEU A 154 17.59 20.06 3.60
C LEU A 154 19.07 20.49 3.56
N ARG A 155 19.84 19.87 2.67
CA ARG A 155 21.25 20.20 2.54
C ARG A 155 21.86 19.49 1.33
N ARG A 156 22.72 20.20 0.61
CA ARG A 156 23.37 19.64 -0.57
C ARG A 156 24.20 18.41 -0.20
N ASP A 157 24.93 17.88 -1.17
CA ASP A 157 25.78 16.71 -0.95
C ASP A 157 27.21 17.12 -0.63
N GLY A 1 -8.70 -12.23 12.55
CA GLY A 1 -9.19 -13.24 11.63
C GLY A 1 -10.45 -13.92 12.12
N SER A 2 -11.46 -13.11 12.44
CA SER A 2 -12.73 -13.63 12.92
C SER A 2 -13.70 -12.49 13.23
N PRO A 3 -13.32 -11.62 14.16
CA PRO A 3 -14.15 -10.47 14.56
C PRO A 3 -14.23 -9.41 13.47
N GLY A 4 -15.40 -8.80 13.35
CA GLY A 4 -15.60 -7.76 12.34
C GLY A 4 -14.52 -6.70 12.38
N GLU A 5 -14.00 -6.44 13.58
CA GLU A 5 -12.96 -5.43 13.76
C GLU A 5 -11.81 -5.67 12.79
N ASN A 6 -11.54 -6.94 12.49
CA ASN A 6 -10.46 -7.30 11.58
C ASN A 6 -10.57 -6.52 10.27
N LEU A 7 -11.75 -6.56 9.66
CA LEU A 7 -11.98 -5.86 8.41
C LEU A 7 -11.86 -4.35 8.59
N LYS A 8 -12.38 -3.85 9.71
CA LYS A 8 -12.33 -2.43 10.02
C LYS A 8 -10.89 -1.92 10.02
N HIS A 9 -10.02 -2.64 10.71
CA HIS A 9 -8.62 -2.27 10.80
C HIS A 9 -7.89 -2.58 9.49
N ILE A 10 -8.33 -3.64 8.81
CA ILE A 10 -7.73 -4.04 7.56
C ILE A 10 -7.98 -2.99 6.47
N ILE A 11 -9.20 -2.50 6.39
CA ILE A 11 -9.57 -1.49 5.40
C ILE A 11 -8.96 -0.13 5.75
N THR A 12 -9.24 0.33 6.97
CA THR A 12 -8.72 1.62 7.43
C THR A 12 -7.21 1.71 7.23
N LEU A 13 -6.54 0.56 7.33
CA LEU A 13 -5.10 0.51 7.16
C LEU A 13 -4.66 1.22 5.88
N GLY A 14 -5.52 1.16 4.86
CA GLY A 14 -5.21 1.81 3.60
C GLY A 14 -5.42 3.30 3.65
N GLN A 15 -6.41 3.73 4.42
CA GLN A 15 -6.72 5.15 4.56
C GLN A 15 -5.72 5.85 5.47
N VAL A 16 -5.46 5.23 6.63
CA VAL A 16 -4.53 5.79 7.59
C VAL A 16 -3.17 6.06 6.95
N ILE A 17 -2.70 5.10 6.18
CA ILE A 17 -1.41 5.24 5.49
C ILE A 17 -1.45 6.33 4.44
N HIS A 18 -2.60 6.46 3.77
CA HIS A 18 -2.77 7.47 2.73
C HIS A 18 -2.71 8.87 3.33
N LYS A 19 -3.50 9.10 4.37
CA LYS A 19 -3.54 10.40 5.03
C LYS A 19 -2.26 10.66 5.80
N ARG A 20 -1.68 9.59 6.36
CA ARG A 20 -0.44 9.71 7.12
C ARG A 20 0.66 10.34 6.28
N CYS A 21 0.59 10.13 4.96
CA CYS A 21 1.59 10.68 4.05
C CYS A 21 1.81 12.17 4.31
N GLU A 22 0.72 12.86 4.67
CA GLU A 22 0.79 14.29 4.95
C GLU A 22 1.90 14.60 5.94
N GLU A 23 2.12 13.68 6.88
CA GLU A 23 3.15 13.86 7.90
C GLU A 23 4.55 13.85 7.27
N MET A 24 4.73 12.98 6.28
CA MET A 24 6.02 12.87 5.60
C MET A 24 6.50 14.24 5.13
N LYS A 25 7.80 14.35 4.87
CA LYS A 25 8.39 15.60 4.42
C LYS A 25 9.42 15.35 3.33
N TYR A 26 10.29 14.36 3.55
CA TYR A 26 11.33 14.02 2.59
C TYR A 26 10.83 12.97 1.60
N CYS A 27 10.45 11.81 2.12
CA CYS A 27 9.96 10.72 1.28
C CYS A 27 8.51 10.96 0.88
N LYS A 28 7.92 12.03 1.41
CA LYS A 28 6.53 12.37 1.10
C LYS A 28 6.29 12.35 -0.40
N LYS A 29 7.30 12.72 -1.17
CA LYS A 29 7.19 12.74 -2.62
C LYS A 29 6.83 11.36 -3.16
N GLN A 30 7.62 10.36 -2.80
CA GLN A 30 7.37 8.99 -3.24
C GLN A 30 6.19 8.38 -2.50
N CYS A 31 6.03 8.78 -1.24
CA CYS A 31 4.94 8.26 -0.42
C CYS A 31 3.58 8.70 -0.98
N ARG A 32 3.54 9.91 -1.52
CA ARG A 32 2.31 10.45 -2.08
C ARG A 32 1.68 9.46 -3.06
N ARG A 33 2.45 9.07 -4.07
CA ARG A 33 1.97 8.13 -5.08
C ARG A 33 1.78 6.74 -4.48
N LEU A 34 2.62 6.41 -3.50
CA LEU A 34 2.54 5.10 -2.85
C LEU A 34 1.20 4.92 -2.15
N GLY A 35 0.84 5.88 -1.31
CA GLY A 35 -0.42 5.80 -0.60
C GLY A 35 -1.61 6.09 -1.49
N HIS A 36 -1.41 6.97 -2.46
CA HIS A 36 -2.48 7.34 -3.38
C HIS A 36 -2.81 6.18 -4.32
N ARG A 37 -1.78 5.58 -4.90
CA ARG A 37 -1.98 4.46 -5.82
C ARG A 37 -2.54 3.25 -5.08
N VAL A 38 -1.87 2.86 -4.00
CA VAL A 38 -2.31 1.71 -3.21
C VAL A 38 -3.75 1.88 -2.74
N LEU A 39 -4.14 3.12 -2.51
CA LEU A 39 -5.49 3.42 -2.06
C LEU A 39 -6.53 2.79 -2.98
N GLY A 40 -6.17 2.62 -4.25
CA GLY A 40 -7.07 2.02 -5.21
C GLY A 40 -7.42 0.58 -4.87
N LEU A 41 -6.52 -0.09 -4.16
CA LEU A 41 -6.73 -1.47 -3.77
C LEU A 41 -7.76 -1.56 -2.64
N ILE A 42 -7.67 -0.62 -1.70
CA ILE A 42 -8.59 -0.60 -0.57
C ILE A 42 -9.93 0.03 -0.95
N LYS A 43 -9.92 0.80 -2.04
CA LYS A 43 -11.12 1.46 -2.51
C LYS A 43 -12.30 0.48 -2.55
N PRO A 44 -12.13 -0.63 -3.28
CA PRO A 44 -13.17 -1.66 -3.41
C PRO A 44 -13.38 -2.43 -2.11
N LEU A 45 -12.39 -2.38 -1.22
CA LEU A 45 -12.47 -3.07 0.05
C LEU A 45 -13.42 -2.35 1.01
N GLU A 46 -13.36 -1.02 0.99
CA GLU A 46 -14.22 -0.21 1.85
C GLU A 46 -15.64 -0.14 1.30
N MET A 47 -15.75 -0.12 -0.03
CA MET A 47 -17.04 -0.05 -0.69
C MET A 47 -17.94 -1.20 -0.25
N LEU A 48 -17.32 -2.33 0.09
CA LEU A 48 -18.06 -3.50 0.53
C LEU A 48 -18.79 -3.23 1.84
N GLN A 49 -18.04 -2.85 2.86
CA GLN A 49 -18.61 -2.56 4.17
C GLN A 49 -19.46 -1.28 4.12
N ASP A 50 -19.07 -0.36 3.24
CA ASP A 50 -19.80 0.90 3.09
C ASP A 50 -21.27 0.65 2.80
N GLN A 51 -21.56 0.04 1.65
CA GLN A 51 -22.93 -0.25 1.26
C GLN A 51 -23.60 -1.17 2.29
N GLY A 52 -22.86 -2.18 2.73
CA GLY A 52 -23.40 -3.11 3.71
C GLY A 52 -24.18 -4.24 3.04
N LYS A 53 -23.68 -4.73 1.92
CA LYS A 53 -24.34 -5.81 1.20
C LYS A 53 -23.63 -7.13 1.44
N ARG A 54 -22.31 -7.10 1.40
CA ARG A 54 -21.51 -8.32 1.61
C ARG A 54 -21.84 -8.95 2.96
N SER A 55 -22.62 -10.02 2.93
CA SER A 55 -23.01 -10.72 4.15
C SER A 55 -21.78 -11.07 4.99
N VAL A 56 -20.97 -12.00 4.49
CA VAL A 56 -19.77 -12.43 5.19
C VAL A 56 -18.93 -13.37 4.34
N PRO A 57 -17.62 -13.13 4.29
CA PRO A 57 -16.69 -13.96 3.51
C PRO A 57 -16.52 -15.35 4.11
N SER A 58 -16.12 -16.30 3.26
CA SER A 58 -15.92 -17.67 3.72
C SER A 58 -14.65 -17.80 4.54
N GLU A 59 -14.34 -19.01 4.98
CA GLU A 59 -13.16 -19.26 5.78
C GLU A 59 -11.88 -19.13 4.94
N LYS A 60 -11.88 -19.78 3.78
CA LYS A 60 -10.74 -19.75 2.89
C LYS A 60 -10.33 -18.31 2.59
N LEU A 61 -11.30 -17.49 2.17
CA LEU A 61 -11.03 -16.09 1.86
C LEU A 61 -10.37 -15.39 3.03
N THR A 62 -10.78 -15.76 4.24
CA THR A 62 -10.23 -15.16 5.45
C THR A 62 -8.71 -15.29 5.48
N THR A 63 -8.20 -16.42 5.01
CA THR A 63 -6.76 -16.67 4.99
C THR A 63 -6.05 -15.66 4.09
N ALA A 64 -6.54 -15.53 2.86
CA ALA A 64 -5.94 -14.60 1.90
C ALA A 64 -5.90 -13.19 2.47
N MET A 65 -7.05 -12.70 2.91
CA MET A 65 -7.14 -11.36 3.47
C MET A 65 -6.28 -11.23 4.73
N ASN A 66 -6.26 -12.30 5.52
CA ASN A 66 -5.48 -12.31 6.76
C ASN A 66 -4.03 -11.93 6.49
N ARG A 67 -3.51 -12.36 5.34
CA ARG A 67 -2.14 -12.06 4.96
C ARG A 67 -1.98 -10.60 4.57
N PHE A 68 -3.01 -10.04 3.96
CA PHE A 68 -3.00 -8.65 3.54
C PHE A 68 -2.97 -7.71 4.74
N LYS A 69 -3.64 -8.13 5.82
CA LYS A 69 -3.70 -7.33 7.03
C LYS A 69 -2.31 -6.88 7.46
N ALA A 70 -1.42 -7.84 7.68
CA ALA A 70 -0.05 -7.55 8.09
C ALA A 70 0.75 -6.96 6.94
N ALA A 71 0.46 -7.42 5.72
CA ALA A 71 1.16 -6.94 4.54
C ALA A 71 1.08 -5.42 4.43
N LEU A 72 -0.14 -4.89 4.49
CA LEU A 72 -0.35 -3.46 4.41
C LEU A 72 0.22 -2.75 5.62
N GLU A 73 0.12 -3.40 6.79
CA GLU A 73 0.63 -2.82 8.03
C GLU A 73 2.07 -2.36 7.86
N GLU A 74 2.84 -3.11 7.08
CA GLU A 74 4.24 -2.78 6.84
C GLU A 74 4.38 -1.38 6.26
N ALA A 75 3.64 -1.11 5.18
CA ALA A 75 3.68 0.18 4.54
C ALA A 75 3.38 1.31 5.52
N ASN A 76 2.35 1.10 6.35
CA ASN A 76 1.95 2.09 7.34
C ASN A 76 3.00 2.20 8.46
N GLY A 77 3.74 1.11 8.66
CA GLY A 77 4.75 1.09 9.71
C GLY A 77 6.02 1.79 9.27
N GLU A 78 6.51 1.46 8.08
CA GLU A 78 7.73 2.07 7.56
C GLU A 78 7.54 3.58 7.37
N ILE A 79 6.45 3.95 6.71
CA ILE A 79 6.16 5.35 6.45
C ILE A 79 6.23 6.17 7.74
N GLU A 80 5.87 5.54 8.86
CA GLU A 80 5.89 6.20 10.16
C GLU A 80 7.33 6.52 10.58
N LYS A 81 8.22 5.57 10.37
CA LYS A 81 9.63 5.74 10.73
C LYS A 81 10.32 6.70 9.77
N PHE A 82 9.94 6.65 8.51
CA PHE A 82 10.52 7.53 7.49
C PHE A 82 10.26 9.00 7.82
N SER A 83 9.22 9.24 8.60
CA SER A 83 8.85 10.60 8.99
C SER A 83 10.07 11.37 9.46
N ASN A 84 10.99 10.68 10.12
CA ASN A 84 12.21 11.30 10.62
C ASN A 84 13.15 11.67 9.48
N ARG A 85 14.35 12.11 9.83
CA ARG A 85 15.34 12.49 8.83
C ARG A 85 16.45 11.45 8.74
N SER A 86 16.81 10.87 9.88
CA SER A 86 17.86 9.87 9.93
C SER A 86 17.37 8.54 9.36
N ASN A 87 16.09 8.25 9.57
CA ASN A 87 15.50 7.01 9.08
C ASN A 87 15.63 6.91 7.56
N ILE A 88 15.52 8.05 6.89
CA ILE A 88 15.64 8.08 5.44
C ILE A 88 17.09 7.96 4.99
N CYS A 89 17.96 8.79 5.57
CA CYS A 89 19.38 8.77 5.24
C CYS A 89 19.98 7.40 5.52
N ARG A 90 19.79 6.92 6.74
CA ARG A 90 20.33 5.61 7.14
C ARG A 90 19.85 4.52 6.19
N PHE A 91 18.62 4.67 5.68
CA PHE A 91 18.06 3.70 4.76
C PHE A 91 18.65 3.84 3.37
N LEU A 92 18.73 5.08 2.89
CA LEU A 92 19.30 5.35 1.57
C LEU A 92 20.68 4.73 1.42
N THR A 93 21.52 4.93 2.43
CA THR A 93 22.87 4.40 2.42
C THR A 93 22.87 2.90 2.68
N ALA A 94 21.96 2.45 3.53
CA ALA A 94 21.85 1.03 3.86
C ALA A 94 21.47 0.21 2.64
N SER A 95 20.54 0.73 1.84
CA SER A 95 20.08 0.04 0.64
C SER A 95 20.38 0.86 -0.61
N GLN A 96 21.12 0.26 -1.53
CA GLN A 96 21.48 0.94 -2.77
C GLN A 96 20.24 1.40 -3.53
N ASP A 97 19.18 0.59 -3.44
CA ASP A 97 17.93 0.92 -4.12
C ASP A 97 17.47 2.34 -3.78
N LYS A 98 16.48 2.83 -4.52
CA LYS A 98 15.96 4.17 -4.31
C LYS A 98 14.57 4.12 -3.69
N ILE A 99 13.78 3.14 -4.12
CA ILE A 99 12.43 2.97 -3.60
C ILE A 99 12.44 2.43 -2.18
N LEU A 100 11.50 2.90 -1.36
CA LEU A 100 11.40 2.46 0.03
C LEU A 100 10.21 1.53 0.22
N PHE A 101 9.13 1.79 -0.53
CA PHE A 101 7.92 0.97 -0.44
C PHE A 101 7.77 0.09 -1.68
N LYS A 102 8.90 -0.31 -2.25
CA LYS A 102 8.89 -1.17 -3.43
C LYS A 102 8.28 -2.52 -3.13
N ASP A 103 8.92 -3.26 -2.22
CA ASP A 103 8.44 -4.58 -1.83
C ASP A 103 6.98 -4.52 -1.42
N VAL A 104 6.59 -3.43 -0.75
CA VAL A 104 5.22 -3.26 -0.30
C VAL A 104 4.23 -3.38 -1.45
N ASN A 105 4.50 -2.67 -2.53
CA ASN A 105 3.65 -2.70 -3.71
C ASN A 105 3.57 -4.11 -4.28
N ARG A 106 4.65 -4.87 -4.12
CA ARG A 106 4.70 -6.24 -4.63
C ARG A 106 3.88 -7.17 -3.75
N LYS A 107 4.16 -7.15 -2.45
CA LYS A 107 3.44 -8.01 -1.50
C LYS A 107 1.95 -7.68 -1.51
N LEU A 108 1.63 -6.40 -1.57
CA LEU A 108 0.24 -5.96 -1.59
C LEU A 108 -0.49 -6.48 -2.81
N SER A 109 0.21 -6.51 -3.95
CA SER A 109 -0.37 -6.99 -5.20
C SER A 109 -0.52 -8.51 -5.18
N ASP A 110 0.42 -9.18 -4.52
CA ASP A 110 0.39 -10.64 -4.43
C ASP A 110 -0.64 -11.10 -3.41
N VAL A 111 -0.76 -10.34 -2.31
CA VAL A 111 -1.72 -10.68 -1.26
C VAL A 111 -3.14 -10.32 -1.68
N TRP A 112 -3.27 -9.34 -2.56
CA TRP A 112 -4.57 -8.91 -3.05
C TRP A 112 -5.10 -9.86 -4.12
N LYS A 113 -4.27 -10.15 -5.11
CA LYS A 113 -4.66 -11.05 -6.19
C LYS A 113 -5.04 -12.42 -5.64
N GLU A 114 -4.51 -12.76 -4.47
CA GLU A 114 -4.79 -14.04 -3.85
C GLU A 114 -6.18 -14.04 -3.21
N LEU A 115 -6.52 -12.93 -2.56
CA LEU A 115 -7.82 -12.80 -1.90
C LEU A 115 -8.87 -12.25 -2.87
N SER A 116 -8.41 -11.69 -3.98
CA SER A 116 -9.31 -11.13 -4.98
C SER A 116 -10.00 -12.24 -5.76
N LEU A 117 -9.30 -13.35 -5.97
CA LEU A 117 -9.85 -14.48 -6.70
C LEU A 117 -11.18 -14.91 -6.10
N LEU A 118 -11.20 -15.08 -4.78
CA LEU A 118 -12.42 -15.49 -4.08
C LEU A 118 -13.47 -14.39 -4.13
N LEU A 119 -13.07 -13.21 -4.56
CA LEU A 119 -13.98 -12.07 -4.65
C LEU A 119 -14.58 -11.97 -6.05
N GLN A 120 -13.73 -11.89 -7.05
CA GLN A 120 -14.19 -11.80 -8.43
C GLN A 120 -14.91 -13.06 -8.86
N VAL A 121 -14.56 -14.19 -8.24
CA VAL A 121 -15.18 -15.47 -8.54
C VAL A 121 -16.70 -15.35 -8.55
N GLU A 122 -17.23 -14.53 -7.65
CA GLU A 122 -18.66 -14.34 -7.55
C GLU A 122 -19.08 -13.00 -8.18
N GLN A 123 -18.27 -11.97 -7.96
CA GLN A 123 -18.55 -10.65 -8.51
C GLN A 123 -17.26 -9.84 -8.65
N ARG A 124 -16.99 -9.40 -9.88
CA ARG A 124 -15.80 -8.62 -10.16
C ARG A 124 -15.81 -7.30 -9.39
N MET A 125 -15.05 -7.25 -8.29
CA MET A 125 -14.99 -6.06 -7.47
C MET A 125 -14.25 -4.94 -8.20
N PRO A 126 -12.97 -5.19 -8.54
CA PRO A 126 -12.13 -4.22 -9.24
C PRO A 126 -12.58 -4.01 -10.68
N VAL A 127 -12.24 -2.84 -11.24
CA VAL A 127 -12.60 -2.51 -12.60
C VAL A 127 -11.39 -2.61 -13.53
N SER A 128 -10.31 -1.94 -13.15
CA SER A 128 -9.08 -1.95 -13.94
C SER A 128 -8.32 -3.26 -13.75
N PRO A 129 -7.42 -3.55 -14.70
CA PRO A 129 -6.60 -4.77 -14.67
C PRO A 129 -5.57 -4.75 -13.54
N ILE A 130 -6.00 -5.09 -12.34
CA ILE A 130 -5.11 -5.11 -11.19
C ILE A 130 -3.84 -5.91 -11.48
N SER A 131 -3.99 -6.96 -12.27
CA SER A 131 -2.85 -7.81 -12.63
C SER A 131 -2.39 -7.52 -14.06
N GLN A 132 -2.45 -6.25 -14.44
CA GLN A 132 -2.02 -5.84 -15.77
C GLN A 132 -0.59 -6.27 -16.05
N GLY A 133 0.36 -5.56 -15.44
CA GLY A 133 1.76 -5.88 -15.64
C GLY A 133 2.62 -5.44 -14.47
N ALA A 134 3.64 -4.64 -14.76
CA ALA A 134 4.55 -4.15 -13.72
C ALA A 134 4.97 -2.71 -14.00
N SER A 135 4.06 -1.92 -14.56
CA SER A 135 4.34 -0.53 -14.87
C SER A 135 4.43 0.32 -13.61
N TRP A 136 3.39 0.23 -12.77
CA TRP A 136 3.37 0.98 -11.53
C TRP A 136 4.58 0.68 -10.66
N ALA A 137 5.12 -0.53 -10.81
CA ALA A 137 6.29 -0.95 -10.06
C ALA A 137 7.55 -0.25 -10.56
N GLN A 138 7.64 -0.08 -11.88
CA GLN A 138 8.79 0.56 -12.49
C GLN A 138 8.73 2.07 -12.29
N GLU A 139 7.53 2.63 -12.39
CA GLU A 139 7.34 4.07 -12.21
C GLU A 139 7.85 4.52 -10.85
N ASP A 140 7.59 3.72 -9.83
CA ASP A 140 8.01 4.04 -8.46
C ASP A 140 9.51 4.32 -8.42
N GLN A 141 10.27 3.57 -9.21
CA GLN A 141 11.72 3.73 -9.26
C GLN A 141 12.09 5.15 -9.68
N GLN A 142 11.32 5.72 -10.60
CA GLN A 142 11.57 7.07 -11.09
C GLN A 142 11.15 8.11 -10.05
N ASP A 143 10.07 7.82 -9.34
CA ASP A 143 9.57 8.73 -8.31
C ASP A 143 10.51 8.78 -7.12
N ALA A 144 10.96 7.61 -6.68
CA ALA A 144 11.87 7.51 -5.54
C ALA A 144 13.22 8.13 -5.88
N ASP A 145 13.65 7.97 -7.13
CA ASP A 145 14.93 8.52 -7.58
C ASP A 145 15.00 10.02 -7.33
N GLU A 146 13.86 10.69 -7.44
CA GLU A 146 13.79 12.13 -7.23
C GLU A 146 13.86 12.46 -5.73
N ASP A 147 13.26 11.61 -4.92
CA ASP A 147 13.23 11.81 -3.47
C ASP A 147 14.65 11.88 -2.92
N ARG A 148 15.45 10.85 -3.22
CA ARG A 148 16.83 10.79 -2.74
C ARG A 148 17.59 12.05 -3.16
N ARG A 149 17.27 12.57 -4.33
CA ARG A 149 17.93 13.77 -4.84
C ARG A 149 17.46 15.02 -4.09
N ALA A 150 16.15 15.17 -3.98
CA ALA A 150 15.57 16.31 -3.29
C ALA A 150 16.01 16.34 -1.82
N PHE A 151 16.00 15.18 -1.19
CA PHE A 151 16.39 15.07 0.21
C PHE A 151 17.75 15.72 0.45
N GLN A 152 18.59 15.71 -0.58
CA GLN A 152 19.93 16.29 -0.48
C GLN A 152 19.86 17.72 0.06
N MET A 153 18.73 18.38 -0.18
CA MET A 153 18.54 19.75 0.28
C MET A 153 18.91 19.89 1.76
N LEU A 154 18.70 18.81 2.50
CA LEU A 154 19.01 18.81 3.94
C LEU A 154 20.51 18.98 4.17
N ARG A 155 21.31 18.28 3.38
CA ARG A 155 22.76 18.36 3.50
C ARG A 155 23.28 19.68 2.93
N ARG A 156 23.03 19.90 1.64
CA ARG A 156 23.48 21.11 0.97
C ARG A 156 22.59 22.30 1.36
N ASP A 157 22.82 23.44 0.70
CA ASP A 157 22.05 24.64 0.98
C ASP A 157 20.56 24.40 0.73
N GLY A 1 -15.37 -17.36 10.79
CA GLY A 1 -15.59 -16.78 12.09
C GLY A 1 -14.44 -15.91 12.55
N SER A 2 -14.67 -14.60 12.60
CA SER A 2 -13.63 -13.66 13.02
C SER A 2 -14.25 -12.32 13.41
N PRO A 3 -13.48 -11.52 14.17
CA PRO A 3 -13.94 -10.21 14.63
C PRO A 3 -14.02 -9.19 13.49
N GLY A 4 -15.11 -8.43 13.46
CA GLY A 4 -15.29 -7.44 12.43
C GLY A 4 -14.19 -6.39 12.42
N GLU A 5 -13.64 -6.11 13.59
CA GLU A 5 -12.58 -5.12 13.72
C GLU A 5 -11.46 -5.39 12.72
N ASN A 6 -11.22 -6.67 12.42
CA ASN A 6 -10.19 -7.06 11.47
C ASN A 6 -10.34 -6.30 10.15
N LEU A 7 -11.54 -6.34 9.59
CA LEU A 7 -11.81 -5.65 8.34
C LEU A 7 -11.64 -4.14 8.49
N LYS A 8 -12.12 -3.62 9.62
CA LYS A 8 -12.01 -2.19 9.89
C LYS A 8 -10.56 -1.72 9.87
N HIS A 9 -9.69 -2.48 10.53
CA HIS A 9 -8.27 -2.15 10.57
C HIS A 9 -7.60 -2.47 9.24
N ILE A 10 -8.07 -3.52 8.57
CA ILE A 10 -7.52 -3.92 7.29
C ILE A 10 -7.79 -2.88 6.21
N ILE A 11 -9.03 -2.38 6.18
CA ILE A 11 -9.42 -1.38 5.21
C ILE A 11 -8.82 -0.02 5.53
N THR A 12 -9.05 0.45 6.76
CA THR A 12 -8.52 1.73 7.20
C THR A 12 -7.03 1.83 6.96
N LEU A 13 -6.34 0.68 7.03
CA LEU A 13 -4.90 0.64 6.82
C LEU A 13 -4.52 1.35 5.52
N GLY A 14 -5.40 1.28 4.54
CA GLY A 14 -5.15 1.93 3.26
C GLY A 14 -5.35 3.43 3.32
N GLN A 15 -6.31 3.86 4.14
CA GLN A 15 -6.61 5.29 4.28
C GLN A 15 -5.58 5.97 5.17
N VAL A 16 -5.27 5.34 6.31
CA VAL A 16 -4.30 5.90 7.24
C VAL A 16 -2.96 6.16 6.57
N ILE A 17 -2.52 5.20 5.77
CA ILE A 17 -1.24 5.31 5.05
C ILE A 17 -1.30 6.45 4.04
N HIS A 18 -2.47 6.68 3.47
CA HIS A 18 -2.66 7.73 2.48
C HIS A 18 -2.57 9.10 3.14
N LYS A 19 -3.33 9.29 4.22
CA LYS A 19 -3.33 10.55 4.94
C LYS A 19 -2.02 10.77 5.69
N ARG A 20 -1.40 9.67 6.09
CA ARG A 20 -0.13 9.72 6.82
C ARG A 20 0.90 10.55 6.05
N CYS A 21 0.81 10.51 4.72
CA CYS A 21 1.73 11.25 3.87
C CYS A 21 1.83 12.71 4.32
N GLU A 22 0.75 13.22 4.88
CA GLU A 22 0.71 14.60 5.35
C GLU A 22 1.87 14.89 6.31
N GLU A 23 2.29 13.86 7.04
CA GLU A 23 3.38 13.99 7.99
C GLU A 23 4.71 13.63 7.35
N MET A 24 4.79 13.79 6.03
CA MET A 24 6.01 13.47 5.30
C MET A 24 6.54 14.71 4.58
N LYS A 25 7.85 14.74 4.37
CA LYS A 25 8.49 15.87 3.70
C LYS A 25 9.53 15.39 2.69
N TYR A 26 10.28 14.36 3.06
CA TYR A 26 11.30 13.81 2.19
C TYR A 26 10.70 12.79 1.23
N CYS A 27 10.20 11.69 1.78
CA CYS A 27 9.59 10.64 0.97
C CYS A 27 8.17 11.01 0.57
N LYS A 28 7.70 12.16 1.05
CA LYS A 28 6.37 12.64 0.73
C LYS A 28 6.08 12.51 -0.77
N LYS A 29 7.11 12.67 -1.58
CA LYS A 29 6.98 12.58 -3.02
C LYS A 29 6.51 11.18 -3.43
N GLN A 30 7.17 10.16 -2.90
CA GLN A 30 6.82 8.77 -3.21
C GLN A 30 5.57 8.35 -2.43
N CYS A 31 5.51 8.74 -1.16
CA CYS A 31 4.38 8.38 -0.31
C CYS A 31 3.06 8.89 -0.92
N ARG A 32 2.98 10.19 -1.13
CA ARG A 32 1.78 10.80 -1.71
C ARG A 32 1.34 10.04 -2.95
N ARG A 33 2.31 9.60 -3.76
CA ARG A 33 2.02 8.87 -4.98
C ARG A 33 1.60 7.43 -4.67
N LEU A 34 2.19 6.87 -3.62
CA LEU A 34 1.90 5.50 -3.22
C LEU A 34 0.50 5.41 -2.61
N GLY A 35 0.27 6.15 -1.53
CA GLY A 35 -1.02 6.14 -0.87
C GLY A 35 -2.16 6.42 -1.84
N HIS A 36 -1.88 7.22 -2.86
CA HIS A 36 -2.89 7.56 -3.85
C HIS A 36 -3.20 6.38 -4.75
N ARG A 37 -2.15 5.78 -5.32
CA ARG A 37 -2.31 4.64 -6.21
C ARG A 37 -2.83 3.42 -5.44
N VAL A 38 -2.10 3.03 -4.41
CA VAL A 38 -2.48 1.88 -3.59
C VAL A 38 -3.92 2.01 -3.11
N LEU A 39 -4.35 3.24 -2.87
CA LEU A 39 -5.70 3.51 -2.40
C LEU A 39 -6.73 2.82 -3.31
N GLY A 40 -6.38 2.68 -4.58
CA GLY A 40 -7.29 2.05 -5.53
C GLY A 40 -7.61 0.62 -5.15
N LEU A 41 -6.69 -0.03 -4.46
CA LEU A 41 -6.88 -1.42 -4.04
C LEU A 41 -7.87 -1.50 -2.88
N ILE A 42 -7.77 -0.57 -1.95
CA ILE A 42 -8.66 -0.53 -0.80
C ILE A 42 -9.99 0.11 -1.15
N LYS A 43 -10.01 0.87 -2.25
CA LYS A 43 -11.22 1.54 -2.70
C LYS A 43 -12.41 0.58 -2.69
N PRO A 44 -12.26 -0.54 -3.43
CA PRO A 44 -13.32 -1.56 -3.52
C PRO A 44 -13.51 -2.32 -2.21
N LEU A 45 -12.49 -2.27 -1.36
CA LEU A 45 -12.54 -2.96 -0.07
C LEU A 45 -13.46 -2.22 0.90
N GLU A 46 -13.37 -0.90 0.89
CA GLU A 46 -14.20 -0.07 1.77
C GLU A 46 -15.63 0.04 1.24
N MET A 47 -15.75 0.10 -0.08
CA MET A 47 -17.07 0.21 -0.72
C MET A 47 -17.99 -0.91 -0.24
N LEU A 48 -17.41 -2.05 0.11
CA LEU A 48 -18.19 -3.19 0.58
C LEU A 48 -18.90 -2.86 1.88
N GLN A 49 -18.12 -2.45 2.88
CA GLN A 49 -18.69 -2.09 4.19
C GLN A 49 -19.50 -0.81 4.10
N ASP A 50 -19.07 0.10 3.23
CA ASP A 50 -19.76 1.37 3.05
C ASP A 50 -21.23 1.15 2.73
N GLN A 51 -21.50 0.42 1.66
CA GLN A 51 -22.87 0.14 1.25
C GLN A 51 -23.53 -0.84 2.21
N GLY A 52 -22.93 -2.03 2.34
CA GLY A 52 -23.49 -3.03 3.23
C GLY A 52 -24.15 -4.16 2.48
N LYS A 53 -23.61 -4.51 1.32
CA LYS A 53 -24.16 -5.58 0.50
C LYS A 53 -23.58 -6.93 0.91
N ARG A 54 -22.27 -7.00 1.04
CA ARG A 54 -21.60 -8.23 1.43
C ARG A 54 -21.87 -8.56 2.90
N SER A 55 -22.78 -9.50 3.13
CA SER A 55 -23.13 -9.91 4.49
C SER A 55 -21.88 -10.23 5.30
N VAL A 56 -21.19 -11.30 4.91
CA VAL A 56 -19.98 -11.71 5.60
C VAL A 56 -19.19 -12.72 4.77
N PRO A 57 -17.87 -12.51 4.68
CA PRO A 57 -16.97 -13.39 3.93
C PRO A 57 -16.80 -14.75 4.58
N SER A 58 -16.39 -15.75 3.80
CA SER A 58 -16.19 -17.09 4.32
C SER A 58 -14.84 -17.23 5.00
N GLU A 59 -14.60 -18.37 5.61
CA GLU A 59 -13.34 -18.62 6.31
C GLU A 59 -12.18 -18.74 5.32
N LYS A 60 -12.46 -19.30 4.15
CA LYS A 60 -11.45 -19.48 3.12
C LYS A 60 -10.87 -18.13 2.69
N LEU A 61 -11.72 -17.10 2.70
CA LEU A 61 -11.29 -15.77 2.32
C LEU A 61 -10.52 -15.09 3.44
N THR A 62 -10.92 -15.38 4.68
CA THR A 62 -10.27 -14.81 5.85
C THR A 62 -8.77 -15.06 5.82
N THR A 63 -8.38 -16.27 5.39
CA THR A 63 -6.99 -16.64 5.32
C THR A 63 -6.25 -15.82 4.28
N ALA A 64 -6.92 -15.55 3.16
CA ALA A 64 -6.33 -14.76 2.08
C ALA A 64 -6.11 -13.32 2.51
N MET A 65 -7.16 -12.69 3.03
CA MET A 65 -7.09 -11.31 3.48
C MET A 65 -6.18 -11.18 4.69
N ASN A 66 -6.20 -12.20 5.55
CA ASN A 66 -5.38 -12.20 6.76
C ASN A 66 -3.92 -11.91 6.42
N ARG A 67 -3.50 -12.35 5.24
CA ARG A 67 -2.12 -12.14 4.80
C ARG A 67 -1.90 -10.70 4.36
N PHE A 68 -2.94 -10.10 3.77
CA PHE A 68 -2.85 -8.73 3.30
C PHE A 68 -2.80 -7.75 4.48
N LYS A 69 -3.50 -8.08 5.55
CA LYS A 69 -3.53 -7.25 6.75
C LYS A 69 -2.12 -6.91 7.20
N ALA A 70 -1.30 -7.93 7.42
CA ALA A 70 0.07 -7.73 7.85
C ALA A 70 0.94 -7.18 6.72
N ALA A 71 0.63 -7.60 5.50
CA ALA A 71 1.38 -7.15 4.33
C ALA A 71 1.32 -5.63 4.20
N LEU A 72 0.11 -5.08 4.21
CA LEU A 72 -0.07 -3.64 4.10
C LEU A 72 0.54 -2.91 5.28
N GLU A 73 0.56 -3.58 6.44
CA GLU A 73 1.12 -2.99 7.65
C GLU A 73 2.52 -2.44 7.38
N GLU A 74 3.27 -3.13 6.52
CA GLU A 74 4.63 -2.71 6.19
C GLU A 74 4.63 -1.32 5.57
N ALA A 75 3.67 -1.08 4.66
CA ALA A 75 3.56 0.21 4.00
C ALA A 75 3.22 1.32 4.99
N ASN A 76 2.33 1.02 5.93
CA ASN A 76 1.93 1.98 6.94
C ASN A 76 3.05 2.25 7.92
N GLY A 77 3.78 1.19 8.29
CA GLY A 77 4.88 1.32 9.23
C GLY A 77 6.11 1.95 8.59
N GLU A 78 6.30 1.70 7.30
CA GLU A 78 7.44 2.23 6.57
C GLU A 78 7.39 3.75 6.53
N ILE A 79 6.31 4.28 5.97
CA ILE A 79 6.13 5.73 5.86
C ILE A 79 6.26 6.40 7.21
N GLU A 80 5.89 5.69 8.27
CA GLU A 80 5.96 6.21 9.62
C GLU A 80 7.41 6.38 10.06
N LYS A 81 8.13 5.27 10.14
CA LYS A 81 9.54 5.29 10.55
C LYS A 81 10.37 6.12 9.56
N PHE A 82 9.99 6.07 8.29
CA PHE A 82 10.71 6.81 7.25
C PHE A 82 10.62 8.32 7.51
N SER A 83 9.62 8.72 8.27
CA SER A 83 9.42 10.13 8.59
C SER A 83 10.74 10.78 9.04
N ASN A 84 11.57 10.00 9.71
CA ASN A 84 12.85 10.48 10.20
C ASN A 84 13.67 11.10 9.07
N ARG A 85 14.78 11.73 9.42
CA ARG A 85 15.65 12.36 8.43
C ARG A 85 16.92 11.55 8.23
N SER A 86 17.51 11.09 9.34
CA SER A 86 18.73 10.31 9.29
C SER A 86 18.46 8.90 8.77
N ASN A 87 17.32 8.34 9.16
CA ASN A 87 16.95 7.00 8.74
C ASN A 87 16.82 6.93 7.21
N ILE A 88 16.36 8.02 6.62
CA ILE A 88 16.19 8.10 5.17
C ILE A 88 17.53 8.23 4.47
N CYS A 89 18.39 9.10 5.01
CA CYS A 89 19.71 9.32 4.43
C CYS A 89 20.56 8.06 4.51
N ARG A 90 20.62 7.47 5.71
CA ARG A 90 21.40 6.26 5.93
C ARG A 90 20.85 5.10 5.10
N PHE A 91 19.52 5.08 4.93
CA PHE A 91 18.87 4.02 4.17
C PHE A 91 19.19 4.15 2.68
N LEU A 92 19.08 5.36 2.16
CA LEU A 92 19.35 5.62 0.75
C LEU A 92 20.72 5.06 0.35
N THR A 93 21.74 5.38 1.14
CA THR A 93 23.09 4.90 0.86
C THR A 93 23.24 3.43 1.24
N ALA A 94 22.55 3.01 2.29
CA ALA A 94 22.60 1.63 2.74
C ALA A 94 22.21 0.67 1.62
N SER A 95 21.12 0.98 0.95
CA SER A 95 20.64 0.15 -0.15
C SER A 95 20.67 0.90 -1.47
N GLN A 96 21.27 0.29 -2.49
CA GLN A 96 21.37 0.90 -3.80
C GLN A 96 19.99 1.21 -4.37
N ASP A 97 19.02 0.37 -4.04
CA ASP A 97 17.66 0.55 -4.51
C ASP A 97 17.18 1.98 -4.27
N LYS A 98 16.71 2.63 -5.33
CA LYS A 98 16.23 4.00 -5.24
C LYS A 98 14.81 4.03 -4.68
N ILE A 99 14.05 2.97 -4.94
CA ILE A 99 12.67 2.88 -4.47
C ILE A 99 12.63 2.52 -2.98
N LEU A 100 11.56 2.96 -2.31
CA LEU A 100 11.40 2.68 -0.89
C LEU A 100 10.27 1.69 -0.65
N PHE A 101 9.16 1.87 -1.37
CA PHE A 101 8.00 0.99 -1.24
C PHE A 101 7.86 0.10 -2.47
N LYS A 102 9.00 -0.36 -2.99
CA LYS A 102 8.99 -1.22 -4.16
C LYS A 102 8.43 -2.61 -3.83
N ASP A 103 9.12 -3.32 -2.94
CA ASP A 103 8.69 -4.65 -2.54
C ASP A 103 7.24 -4.62 -2.06
N VAL A 104 6.84 -3.53 -1.41
CA VAL A 104 5.49 -3.39 -0.90
C VAL A 104 4.47 -3.58 -2.01
N ASN A 105 4.58 -2.79 -3.08
CA ASN A 105 3.66 -2.89 -4.20
C ASN A 105 3.59 -4.32 -4.73
N ARG A 106 4.68 -5.05 -4.57
CA ARG A 106 4.75 -6.44 -5.03
C ARG A 106 3.92 -7.35 -4.12
N LYS A 107 4.21 -7.29 -2.82
CA LYS A 107 3.50 -8.11 -1.85
C LYS A 107 2.03 -7.75 -1.82
N LEU A 108 1.73 -6.47 -1.82
CA LEU A 108 0.35 -5.99 -1.79
C LEU A 108 -0.44 -6.55 -2.96
N SER A 109 0.22 -6.65 -4.12
CA SER A 109 -0.43 -7.15 -5.32
C SER A 109 -0.60 -8.66 -5.25
N ASP A 110 0.45 -9.36 -4.82
CA ASP A 110 0.41 -10.81 -4.69
C ASP A 110 -0.62 -11.24 -3.65
N VAL A 111 -0.67 -10.51 -2.54
CA VAL A 111 -1.60 -10.81 -1.46
C VAL A 111 -3.03 -10.43 -1.84
N TRP A 112 -3.16 -9.43 -2.71
CA TRP A 112 -4.46 -8.98 -3.16
C TRP A 112 -5.02 -9.90 -4.24
N LYS A 113 -4.23 -10.17 -5.26
CA LYS A 113 -4.64 -11.04 -6.35
C LYS A 113 -5.01 -12.43 -5.82
N GLU A 114 -4.50 -12.77 -4.65
CA GLU A 114 -4.77 -14.06 -4.04
C GLU A 114 -6.16 -14.08 -3.39
N LEU A 115 -6.50 -12.98 -2.74
CA LEU A 115 -7.80 -12.85 -2.07
C LEU A 115 -8.85 -12.29 -3.02
N SER A 116 -8.39 -11.65 -4.09
CA SER A 116 -9.29 -11.07 -5.07
C SER A 116 -9.89 -12.14 -5.97
N LEU A 117 -9.09 -13.17 -6.28
CA LEU A 117 -9.54 -14.26 -7.12
C LEU A 117 -10.84 -14.87 -6.58
N LEU A 118 -10.80 -15.28 -5.31
CA LEU A 118 -11.97 -15.87 -4.67
C LEU A 118 -13.06 -14.83 -4.46
N LEU A 119 -12.73 -13.57 -4.71
CA LEU A 119 -13.69 -12.48 -4.55
C LEU A 119 -14.43 -12.20 -5.85
N GLN A 120 -13.68 -12.13 -6.95
CA GLN A 120 -14.27 -11.88 -8.26
C GLN A 120 -14.91 -13.14 -8.83
N VAL A 121 -14.47 -14.29 -8.34
CA VAL A 121 -14.99 -15.57 -8.80
C VAL A 121 -16.51 -15.57 -8.79
N GLU A 122 -17.10 -14.90 -7.80
CA GLU A 122 -18.55 -14.82 -7.67
C GLU A 122 -19.06 -13.44 -8.12
N GLN A 123 -18.32 -12.40 -7.76
CA GLN A 123 -18.69 -11.04 -8.13
C GLN A 123 -17.46 -10.15 -8.26
N ARG A 124 -17.17 -9.73 -9.49
CA ARG A 124 -16.02 -8.88 -9.77
C ARG A 124 -16.13 -7.57 -8.99
N MET A 125 -15.34 -7.45 -7.93
CA MET A 125 -15.34 -6.24 -7.12
C MET A 125 -14.72 -5.07 -7.88
N PRO A 126 -13.45 -5.20 -8.26
CA PRO A 126 -12.72 -4.17 -9.00
C PRO A 126 -13.23 -4.00 -10.42
N VAL A 127 -12.83 -2.92 -11.08
CA VAL A 127 -13.25 -2.65 -12.44
C VAL A 127 -12.12 -2.92 -13.42
N SER A 128 -10.98 -2.26 -13.22
CA SER A 128 -9.83 -2.42 -14.09
C SER A 128 -9.24 -3.82 -13.94
N PRO A 129 -8.45 -4.25 -14.95
CA PRO A 129 -7.81 -5.57 -14.94
C PRO A 129 -6.70 -5.67 -13.91
N ILE A 130 -7.08 -5.87 -12.65
CA ILE A 130 -6.11 -5.99 -11.57
C ILE A 130 -5.25 -7.23 -11.74
N SER A 131 -4.17 -7.30 -10.96
CA SER A 131 -3.26 -8.45 -11.02
C SER A 131 -2.80 -8.69 -12.45
N GLN A 132 -2.61 -7.61 -13.20
CA GLN A 132 -2.17 -7.71 -14.59
C GLN A 132 -1.36 -6.49 -15.00
N GLY A 133 -0.33 -6.71 -15.80
CA GLY A 133 0.50 -5.61 -16.25
C GLY A 133 1.31 -5.01 -15.12
N ALA A 134 2.64 -5.13 -15.21
CA ALA A 134 3.52 -4.59 -14.19
C ALA A 134 3.98 -3.17 -14.55
N SER A 135 3.03 -2.35 -14.97
CA SER A 135 3.32 -0.97 -15.34
C SER A 135 3.47 -0.09 -14.11
N TRP A 136 2.47 -0.12 -13.23
CA TRP A 136 2.49 0.67 -12.01
C TRP A 136 3.78 0.44 -11.23
N ALA A 137 4.32 -0.77 -11.34
CA ALA A 137 5.56 -1.12 -10.65
C ALA A 137 6.71 -0.25 -11.11
N GLN A 138 6.75 0.04 -12.41
CA GLN A 138 7.81 0.87 -12.99
C GLN A 138 7.66 2.31 -12.54
N GLU A 139 6.41 2.77 -12.41
CA GLU A 139 6.14 4.14 -11.99
C GLU A 139 6.71 4.41 -10.60
N ASP A 140 6.55 3.44 -9.71
CA ASP A 140 7.03 3.58 -8.34
C ASP A 140 8.51 3.96 -8.33
N GLN A 141 9.26 3.46 -9.31
CA GLN A 141 10.68 3.76 -9.42
C GLN A 141 10.91 5.20 -9.84
N GLN A 142 10.23 5.60 -10.92
CA GLN A 142 10.37 6.96 -11.42
C GLN A 142 10.04 7.99 -10.34
N ASP A 143 8.96 7.75 -9.61
CA ASP A 143 8.55 8.65 -8.54
C ASP A 143 9.61 8.72 -7.44
N ALA A 144 10.19 7.56 -7.12
CA ALA A 144 11.22 7.50 -6.09
C ALA A 144 12.44 8.32 -6.47
N ASP A 145 12.72 8.38 -7.77
CA ASP A 145 13.86 9.15 -8.27
C ASP A 145 13.80 10.60 -7.82
N GLU A 146 12.57 11.12 -7.70
CA GLU A 146 12.38 12.50 -7.27
C GLU A 146 12.52 12.63 -5.76
N ASP A 147 12.10 11.59 -5.04
CA ASP A 147 12.19 11.59 -3.58
C ASP A 147 13.61 11.91 -3.12
N ARG A 148 14.57 11.14 -3.63
CA ARG A 148 15.97 11.35 -3.27
C ARG A 148 16.39 12.80 -3.47
N ARG A 149 15.79 13.44 -4.48
CA ARG A 149 16.10 14.82 -4.79
C ARG A 149 15.49 15.77 -3.75
N ALA A 150 14.20 15.61 -3.50
CA ALA A 150 13.50 16.44 -2.52
C ALA A 150 14.17 16.35 -1.15
N PHE A 151 14.82 15.23 -0.89
CA PHE A 151 15.50 15.02 0.39
C PHE A 151 16.89 15.68 0.38
N GLN A 152 17.71 15.29 -0.58
CA GLN A 152 19.06 15.84 -0.70
C GLN A 152 19.02 17.35 -0.83
N MET A 153 18.04 17.86 -1.60
CA MET A 153 17.90 19.28 -1.81
C MET A 153 17.94 20.04 -0.47
N LEU A 154 17.50 19.37 0.58
CA LEU A 154 17.48 19.97 1.92
C LEU A 154 18.82 20.63 2.24
N ARG A 155 18.79 21.61 3.13
CA ARG A 155 20.00 22.33 3.51
C ARG A 155 21.08 21.35 3.95
N ARG A 156 22.34 21.76 3.77
CA ARG A 156 23.48 20.91 4.14
C ARG A 156 23.54 20.73 5.65
N ASP A 157 24.00 19.56 6.09
CA ASP A 157 24.11 19.24 7.51
C ASP A 157 22.79 19.50 8.22
N GLY A 1 -14.24 -17.05 13.47
CA GLY A 1 -14.77 -16.02 12.61
C GLY A 1 -15.08 -14.74 13.36
N SER A 2 -16.32 -14.27 13.26
CA SER A 2 -16.74 -13.05 13.93
C SER A 2 -15.99 -11.85 13.38
N PRO A 3 -16.42 -11.36 12.21
CA PRO A 3 -15.81 -10.20 11.55
C PRO A 3 -16.07 -8.90 12.30
N GLY A 4 -15.18 -7.93 12.12
CA GLY A 4 -15.33 -6.64 12.79
C GLY A 4 -14.03 -5.88 12.87
N GLU A 5 -13.44 -5.84 14.06
CA GLU A 5 -12.19 -5.13 14.27
C GLU A 5 -11.15 -5.54 13.24
N ASN A 6 -11.09 -6.84 12.96
CA ASN A 6 -10.13 -7.37 11.99
C ASN A 6 -10.22 -6.61 10.66
N LEU A 7 -11.44 -6.51 10.13
CA LEU A 7 -11.66 -5.82 8.87
C LEU A 7 -11.51 -4.31 9.05
N LYS A 8 -11.98 -3.80 10.18
CA LYS A 8 -11.90 -2.38 10.48
C LYS A 8 -10.46 -1.88 10.38
N HIS A 9 -9.55 -2.62 11.01
CA HIS A 9 -8.13 -2.26 10.99
C HIS A 9 -7.51 -2.54 9.62
N ILE A 10 -8.02 -3.57 8.95
CA ILE A 10 -7.52 -3.94 7.63
C ILE A 10 -7.85 -2.86 6.59
N ILE A 11 -9.08 -2.37 6.65
CA ILE A 11 -9.52 -1.32 5.72
C ILE A 11 -8.88 0.02 6.04
N THR A 12 -9.04 0.46 7.29
CA THR A 12 -8.47 1.73 7.72
C THR A 12 -6.99 1.82 7.39
N LEU A 13 -6.32 0.66 7.40
CA LEU A 13 -4.90 0.60 7.09
C LEU A 13 -4.58 1.35 5.79
N GLY A 14 -5.53 1.31 4.86
CA GLY A 14 -5.34 1.98 3.58
C GLY A 14 -5.53 3.48 3.68
N GLN A 15 -6.43 3.90 4.56
CA GLN A 15 -6.71 5.32 4.74
C GLN A 15 -5.62 5.98 5.59
N VAL A 16 -5.27 5.34 6.70
CA VAL A 16 -4.24 5.85 7.60
C VAL A 16 -2.94 6.13 6.85
N ILE A 17 -2.58 5.22 5.95
CA ILE A 17 -1.37 5.36 5.17
C ILE A 17 -1.51 6.49 4.14
N HIS A 18 -2.71 6.63 3.59
CA HIS A 18 -2.97 7.67 2.59
C HIS A 18 -2.83 9.06 3.21
N LYS A 19 -3.53 9.28 4.31
CA LYS A 19 -3.48 10.57 5.00
C LYS A 19 -2.09 10.82 5.58
N ARG A 20 -1.47 9.78 6.11
CA ARG A 20 -0.15 9.89 6.70
C ARG A 20 0.84 10.46 5.69
N CYS A 21 0.57 10.25 4.41
CA CYS A 21 1.44 10.75 3.35
C CYS A 21 1.79 12.21 3.58
N GLU A 22 0.82 12.98 4.07
CA GLU A 22 1.04 14.40 4.33
C GLU A 22 2.30 14.62 5.16
N GLU A 23 2.60 13.65 6.03
CA GLU A 23 3.78 13.74 6.89
C GLU A 23 5.05 13.81 6.05
N MET A 24 5.14 12.94 5.05
CA MET A 24 6.31 12.90 4.17
C MET A 24 6.65 14.30 3.65
N LYS A 25 7.94 14.59 3.57
CA LYS A 25 8.40 15.89 3.09
C LYS A 25 9.35 15.72 1.91
N TYR A 26 10.10 14.63 1.91
CA TYR A 26 11.06 14.35 0.84
C TYR A 26 10.52 13.30 -0.12
N CYS A 27 10.11 12.17 0.45
CA CYS A 27 9.57 11.06 -0.36
C CYS A 27 8.13 11.34 -0.75
N LYS A 28 7.59 12.46 -0.28
CA LYS A 28 6.21 12.84 -0.58
C LYS A 28 5.94 12.73 -2.08
N LYS A 29 6.97 12.95 -2.89
CA LYS A 29 6.84 12.87 -4.33
C LYS A 29 6.33 11.48 -4.76
N GLN A 30 7.07 10.45 -4.36
CA GLN A 30 6.70 9.08 -4.71
C GLN A 30 5.55 8.60 -3.82
N CYS A 31 5.68 8.82 -2.52
CA CYS A 31 4.66 8.39 -1.57
C CYS A 31 3.29 8.88 -2.00
N ARG A 32 3.25 10.03 -2.67
CA ARG A 32 2.00 10.61 -3.13
C ARG A 32 1.18 9.58 -3.91
N ARG A 33 1.81 8.96 -4.91
CA ARG A 33 1.14 7.96 -5.73
C ARG A 33 1.02 6.64 -4.98
N LEU A 34 1.97 6.39 -4.08
CA LEU A 34 1.97 5.16 -3.30
C LEU A 34 0.68 5.02 -2.49
N GLY A 35 0.39 6.04 -1.68
CA GLY A 35 -0.81 6.02 -0.87
C GLY A 35 -2.07 6.28 -1.68
N HIS A 36 -1.94 7.10 -2.72
CA HIS A 36 -3.07 7.43 -3.58
C HIS A 36 -3.51 6.22 -4.39
N ARG A 37 -2.56 5.59 -5.07
CA ARG A 37 -2.85 4.42 -5.89
C ARG A 37 -3.36 3.27 -5.03
N VAL A 38 -2.59 2.90 -4.02
CA VAL A 38 -2.96 1.82 -3.12
C VAL A 38 -4.37 2.03 -2.56
N LEU A 39 -4.75 3.29 -2.39
CA LEU A 39 -6.08 3.62 -1.87
C LEU A 39 -7.16 3.00 -2.73
N GLY A 40 -6.88 2.83 -4.02
CA GLY A 40 -7.85 2.26 -4.92
C GLY A 40 -8.16 0.81 -4.60
N LEU A 41 -7.21 0.13 -3.97
CA LEU A 41 -7.39 -1.27 -3.60
C LEU A 41 -8.31 -1.40 -2.41
N ILE A 42 -8.19 -0.48 -1.46
CA ILE A 42 -9.03 -0.49 -0.26
C ILE A 42 -10.40 0.10 -0.55
N LYS A 43 -10.49 0.88 -1.62
CA LYS A 43 -11.75 1.50 -2.01
C LYS A 43 -12.88 0.49 -2.00
N PRO A 44 -12.72 -0.59 -2.77
CA PRO A 44 -13.73 -1.65 -2.87
C PRO A 44 -13.84 -2.47 -1.59
N LEU A 45 -12.85 -2.32 -0.72
CA LEU A 45 -12.83 -3.05 0.55
C LEU A 45 -13.74 -2.38 1.58
N GLU A 46 -13.74 -1.04 1.57
CA GLU A 46 -14.57 -0.28 2.50
C GLU A 46 -16.01 -0.24 2.03
N MET A 47 -16.21 -0.09 0.72
CA MET A 47 -17.54 -0.04 0.15
C MET A 47 -18.38 -1.24 0.59
N LEU A 48 -17.71 -2.35 0.85
CA LEU A 48 -18.38 -3.57 1.28
C LEU A 48 -19.00 -3.39 2.66
N GLN A 49 -18.17 -3.02 3.63
CA GLN A 49 -18.63 -2.81 4.99
C GLN A 49 -19.56 -1.61 5.08
N ASP A 50 -19.40 -0.67 4.14
CA ASP A 50 -20.24 0.53 4.11
C ASP A 50 -21.68 0.18 3.80
N GLN A 51 -21.91 -0.33 2.59
CA GLN A 51 -23.26 -0.70 2.16
C GLN A 51 -23.68 -2.02 2.79
N GLY A 52 -22.89 -3.06 2.55
CA GLY A 52 -23.19 -4.37 3.10
C GLY A 52 -23.86 -5.29 2.10
N LYS A 53 -23.47 -5.15 0.83
CA LYS A 53 -24.04 -5.96 -0.24
C LYS A 53 -23.45 -7.37 -0.21
N ARG A 54 -22.17 -7.47 0.13
CA ARG A 54 -21.49 -8.76 0.19
C ARG A 54 -21.60 -9.36 1.59
N SER A 55 -21.97 -10.63 1.66
CA SER A 55 -22.12 -11.32 2.94
C SER A 55 -20.76 -11.59 3.56
N VAL A 56 -20.77 -12.20 4.75
CA VAL A 56 -19.53 -12.52 5.45
C VAL A 56 -18.66 -13.47 4.64
N PRO A 57 -17.36 -13.17 4.57
CA PRO A 57 -16.39 -14.00 3.83
C PRO A 57 -16.15 -15.35 4.50
N SER A 58 -15.84 -16.35 3.69
CA SER A 58 -15.58 -17.69 4.21
C SER A 58 -14.19 -17.80 4.81
N GLU A 59 -13.85 -18.97 5.33
CA GLU A 59 -12.55 -19.19 5.94
C GLU A 59 -11.44 -19.08 4.90
N LYS A 60 -11.67 -19.65 3.73
CA LYS A 60 -10.69 -19.62 2.65
C LYS A 60 -10.26 -18.18 2.35
N LEU A 61 -11.23 -17.33 2.06
CA LEU A 61 -10.95 -15.92 1.77
C LEU A 61 -10.16 -15.28 2.91
N THR A 62 -10.41 -15.73 4.13
CA THR A 62 -9.73 -15.19 5.30
C THR A 62 -8.21 -15.34 5.16
N THR A 63 -7.79 -16.48 4.63
CA THR A 63 -6.36 -16.74 4.44
C THR A 63 -5.73 -15.75 3.49
N ALA A 64 -6.48 -15.37 2.46
CA ALA A 64 -6.00 -14.42 1.46
C ALA A 64 -5.93 -13.01 2.05
N MET A 65 -7.05 -12.55 2.59
CA MET A 65 -7.11 -11.21 3.18
C MET A 65 -6.14 -11.08 4.35
N ASN A 66 -6.02 -12.16 5.13
CA ASN A 66 -5.13 -12.17 6.28
C ASN A 66 -3.73 -11.72 5.88
N ARG A 67 -3.32 -12.07 4.67
CA ARG A 67 -2.00 -11.72 4.17
C ARG A 67 -1.93 -10.23 3.84
N PHE A 68 -3.03 -9.69 3.33
CA PHE A 68 -3.10 -8.28 2.98
C PHE A 68 -2.95 -7.40 4.21
N LYS A 69 -3.48 -7.86 5.33
CA LYS A 69 -3.41 -7.12 6.59
C LYS A 69 -1.96 -6.81 6.95
N ALA A 70 -1.14 -7.86 7.07
CA ALA A 70 0.26 -7.69 7.41
C ALA A 70 1.05 -7.12 6.23
N ALA A 71 0.68 -7.52 5.03
CA ALA A 71 1.34 -7.05 3.82
C ALA A 71 1.25 -5.53 3.70
N LEU A 72 0.02 -5.01 3.75
CA LEU A 72 -0.20 -3.57 3.66
C LEU A 72 0.54 -2.83 4.75
N GLU A 73 0.64 -3.44 5.92
CA GLU A 73 1.33 -2.83 7.05
C GLU A 73 2.72 -2.35 6.64
N GLU A 74 3.35 -3.08 5.72
CA GLU A 74 4.68 -2.72 5.25
C GLU A 74 4.70 -1.29 4.72
N ALA A 75 3.70 -0.94 3.92
CA ALA A 75 3.60 0.39 3.35
C ALA A 75 3.43 1.44 4.44
N ASN A 76 2.41 1.26 5.27
CA ASN A 76 2.14 2.20 6.36
C ASN A 76 3.36 2.34 7.27
N GLY A 77 4.07 1.24 7.47
CA GLY A 77 5.25 1.27 8.32
C GLY A 77 6.44 1.94 7.64
N GLU A 78 6.63 1.65 6.36
CA GLU A 78 7.74 2.22 5.61
C GLU A 78 7.66 3.75 5.60
N ILE A 79 6.56 4.28 5.09
CA ILE A 79 6.36 5.72 5.03
C ILE A 79 6.58 6.36 6.39
N GLU A 80 6.20 5.65 7.46
CA GLU A 80 6.36 6.15 8.81
C GLU A 80 7.83 6.34 9.15
N LYS A 81 8.59 5.26 9.06
CA LYS A 81 10.02 5.30 9.36
C LYS A 81 10.74 6.27 8.42
N PHE A 82 10.37 6.25 7.15
CA PHE A 82 10.98 7.12 6.16
C PHE A 82 10.66 8.59 6.45
N SER A 83 9.55 8.81 7.14
CA SER A 83 9.14 10.17 7.49
C SER A 83 10.30 10.96 8.08
N ASN A 84 11.16 10.28 8.81
CA ASN A 84 12.31 10.92 9.43
C ASN A 84 13.45 11.08 8.43
N ARG A 85 13.99 12.29 8.34
CA ARG A 85 15.09 12.58 7.43
C ARG A 85 16.24 11.61 7.65
N SER A 86 16.61 11.42 8.91
CA SER A 86 17.72 10.53 9.25
C SER A 86 17.51 9.14 8.64
N ASN A 87 16.26 8.70 8.59
CA ASN A 87 15.93 7.40 8.03
C ASN A 87 16.18 7.38 6.52
N ILE A 88 15.78 8.46 5.85
CA ILE A 88 15.97 8.56 4.41
C ILE A 88 17.44 8.63 4.04
N CYS A 89 18.18 9.48 4.75
CA CYS A 89 19.61 9.63 4.50
C CYS A 89 20.34 8.31 4.70
N ARG A 90 19.89 7.54 5.69
CA ARG A 90 20.51 6.25 5.99
C ARG A 90 20.07 5.18 4.99
N PHE A 91 18.78 5.19 4.67
CA PHE A 91 18.23 4.22 3.73
C PHE A 91 18.83 4.43 2.34
N LEU A 92 18.83 5.67 1.87
CA LEU A 92 19.38 5.99 0.56
C LEU A 92 20.77 5.40 0.38
N THR A 93 21.63 5.63 1.36
CA THR A 93 23.00 5.12 1.31
C THR A 93 23.03 3.62 1.60
N ALA A 94 22.08 3.16 2.40
CA ALA A 94 22.00 1.75 2.76
C ALA A 94 21.05 1.00 1.83
N SER A 95 20.92 1.49 0.60
CA SER A 95 20.03 0.88 -0.39
C SER A 95 20.53 1.12 -1.80
N GLN A 96 21.18 0.10 -2.37
CA GLN A 96 21.71 0.21 -3.73
C GLN A 96 20.62 0.62 -4.71
N ASP A 97 19.41 0.13 -4.48
CA ASP A 97 18.29 0.46 -5.34
C ASP A 97 17.93 1.94 -5.26
N LYS A 98 16.88 2.33 -5.96
CA LYS A 98 16.44 3.72 -5.96
C LYS A 98 15.01 3.84 -5.44
N ILE A 99 14.22 2.79 -5.62
CA ILE A 99 12.84 2.76 -5.16
C ILE A 99 12.77 2.53 -3.66
N LEU A 100 11.70 3.03 -3.05
CA LEU A 100 11.51 2.88 -1.60
C LEU A 100 10.32 1.96 -1.31
N PHE A 101 9.28 2.08 -2.13
CA PHE A 101 8.08 1.27 -1.96
C PHE A 101 7.92 0.28 -3.12
N LYS A 102 9.03 -0.24 -3.59
CA LYS A 102 9.01 -1.20 -4.70
C LYS A 102 8.40 -2.52 -4.28
N ASP A 103 9.06 -3.19 -3.33
CA ASP A 103 8.57 -4.48 -2.83
C ASP A 103 7.12 -4.37 -2.36
N VAL A 104 6.78 -3.23 -1.76
CA VAL A 104 5.43 -3.00 -1.27
C VAL A 104 4.40 -3.20 -2.38
N ASN A 105 4.62 -2.55 -3.51
CA ASN A 105 3.72 -2.65 -4.64
C ASN A 105 3.58 -4.11 -5.10
N ARG A 106 4.65 -4.88 -4.91
CA ARG A 106 4.65 -6.29 -5.30
C ARG A 106 3.79 -7.11 -4.34
N LYS A 107 4.09 -6.99 -3.05
CA LYS A 107 3.36 -7.73 -2.03
C LYS A 107 1.89 -7.32 -2.01
N LEU A 108 1.64 -6.01 -2.05
CA LEU A 108 0.28 -5.49 -2.04
C LEU A 108 -0.58 -6.18 -3.09
N SER A 109 -0.04 -6.31 -4.31
CA SER A 109 -0.75 -6.94 -5.40
C SER A 109 -0.81 -8.46 -5.21
N ASP A 110 0.19 -9.00 -4.53
CA ASP A 110 0.26 -10.43 -4.27
C ASP A 110 -0.86 -10.87 -3.33
N VAL A 111 -1.13 -10.05 -2.32
CA VAL A 111 -2.17 -10.35 -1.35
C VAL A 111 -3.55 -10.11 -1.95
N TRP A 112 -3.66 -9.13 -2.83
CA TRP A 112 -4.91 -8.79 -3.48
C TRP A 112 -5.34 -9.91 -4.45
N LYS A 113 -4.46 -10.23 -5.38
CA LYS A 113 -4.75 -11.28 -6.36
C LYS A 113 -5.10 -12.59 -5.67
N GLU A 114 -4.70 -12.73 -4.41
CA GLU A 114 -4.98 -13.93 -3.64
C GLU A 114 -6.40 -13.91 -3.10
N LEU A 115 -6.84 -12.74 -2.64
CA LEU A 115 -8.18 -12.57 -2.09
C LEU A 115 -9.14 -12.08 -3.16
N SER A 116 -8.61 -11.68 -4.30
CA SER A 116 -9.42 -11.18 -5.40
C SER A 116 -10.14 -12.33 -6.10
N LEU A 117 -9.51 -13.49 -6.13
CA LEU A 117 -10.09 -14.67 -6.76
C LEU A 117 -11.31 -15.16 -6.00
N LEU A 118 -11.14 -15.33 -4.68
CA LEU A 118 -12.23 -15.79 -3.83
C LEU A 118 -13.40 -14.82 -3.85
N LEU A 119 -13.13 -13.59 -4.30
CA LEU A 119 -14.16 -12.57 -4.38
C LEU A 119 -14.80 -12.55 -5.77
N GLN A 120 -13.97 -12.35 -6.79
CA GLN A 120 -14.45 -12.31 -8.17
C GLN A 120 -15.12 -13.63 -8.55
N VAL A 121 -14.65 -14.72 -7.96
CA VAL A 121 -15.21 -16.04 -8.24
C VAL A 121 -16.72 -16.04 -8.11
N GLU A 122 -17.23 -15.26 -7.16
CA GLU A 122 -18.68 -15.17 -6.94
C GLU A 122 -19.23 -13.86 -7.49
N GLN A 123 -18.51 -12.77 -7.26
CA GLN A 123 -18.92 -11.46 -7.74
C GLN A 123 -17.72 -10.53 -7.88
N ARG A 124 -17.70 -9.75 -8.96
CA ARG A 124 -16.62 -8.82 -9.21
C ARG A 124 -16.52 -7.79 -8.09
N MET A 125 -15.70 -6.76 -8.30
CA MET A 125 -15.51 -5.71 -7.31
C MET A 125 -14.59 -4.62 -7.84
N PRO A 126 -13.33 -5.00 -8.15
CA PRO A 126 -12.33 -4.07 -8.66
C PRO A 126 -12.64 -3.62 -10.09
N VAL A 127 -12.41 -2.34 -10.36
CA VAL A 127 -12.66 -1.76 -11.67
C VAL A 127 -11.39 -1.73 -12.51
N SER A 128 -10.40 -0.98 -12.04
CA SER A 128 -9.13 -0.86 -12.75
C SER A 128 -8.47 -2.22 -12.92
N PRO A 129 -7.51 -2.30 -13.86
CA PRO A 129 -6.79 -3.54 -14.15
C PRO A 129 -5.84 -3.92 -13.01
N ILE A 130 -6.40 -4.46 -11.93
CA ILE A 130 -5.60 -4.88 -10.78
C ILE A 130 -4.45 -5.79 -11.21
N SER A 131 -4.68 -6.57 -12.25
CA SER A 131 -3.66 -7.49 -12.76
C SER A 131 -2.93 -6.88 -13.95
N GLN A 132 -3.63 -6.81 -15.08
CA GLN A 132 -3.04 -6.25 -16.29
C GLN A 132 -2.42 -4.88 -16.02
N GLY A 133 -1.52 -4.46 -16.91
CA GLY A 133 -0.87 -3.16 -16.75
C GLY A 133 0.41 -3.26 -15.96
N ALA A 134 0.30 -3.12 -14.64
CA ALA A 134 1.47 -3.20 -13.77
C ALA A 134 2.44 -2.05 -14.05
N SER A 135 1.90 -0.90 -14.45
CA SER A 135 2.71 0.26 -14.75
C SER A 135 3.13 0.98 -13.47
N TRP A 136 2.25 0.99 -12.47
CA TRP A 136 2.54 1.63 -11.20
C TRP A 136 3.86 1.13 -10.63
N ALA A 137 4.21 -0.10 -10.95
CA ALA A 137 5.45 -0.70 -10.47
C ALA A 137 6.66 -0.02 -11.10
N GLN A 138 6.66 0.06 -12.42
CA GLN A 138 7.77 0.68 -13.15
C GLN A 138 7.85 2.18 -12.85
N GLU A 139 6.70 2.85 -12.91
CA GLU A 139 6.65 4.28 -12.65
C GLU A 139 7.25 4.61 -11.28
N ASP A 140 6.97 3.76 -10.30
CA ASP A 140 7.49 3.96 -8.95
C ASP A 140 9.00 4.16 -8.98
N GLN A 141 9.67 3.51 -9.91
CA GLN A 141 11.11 3.62 -10.04
C GLN A 141 11.52 5.00 -10.54
N GLN A 142 10.92 5.43 -11.65
CA GLN A 142 11.21 6.74 -12.22
C GLN A 142 10.97 7.84 -11.20
N ASP A 143 9.85 7.75 -10.50
CA ASP A 143 9.50 8.74 -9.49
C ASP A 143 10.55 8.77 -8.37
N ALA A 144 10.98 7.59 -7.95
CA ALA A 144 11.97 7.48 -6.88
C ALA A 144 13.25 8.21 -7.24
N ASP A 145 13.60 8.20 -8.52
CA ASP A 145 14.80 8.86 -9.00
C ASP A 145 14.73 10.36 -8.74
N GLU A 146 13.53 10.91 -8.84
CA GLU A 146 13.33 12.34 -8.62
C GLU A 146 13.70 12.73 -7.20
N ASP A 147 13.25 11.94 -6.24
CA ASP A 147 13.54 12.20 -4.83
C ASP A 147 15.03 12.39 -4.61
N ARG A 148 15.84 11.54 -5.25
CA ARG A 148 17.29 11.62 -5.12
C ARG A 148 17.79 13.04 -5.40
N ARG A 149 17.16 13.70 -6.35
CA ARG A 149 17.53 15.06 -6.71
C ARG A 149 17.11 16.05 -5.63
N ALA A 150 15.82 16.07 -5.32
CA ALA A 150 15.29 16.97 -4.31
C ALA A 150 15.97 16.74 -2.96
N PHE A 151 16.53 15.55 -2.78
CA PHE A 151 17.21 15.19 -1.54
C PHE A 151 18.60 15.82 -1.49
N GLN A 152 19.20 16.02 -2.66
CA GLN A 152 20.52 16.61 -2.75
C GLN A 152 20.60 17.90 -1.94
N MET A 153 19.61 18.77 -2.11
CA MET A 153 19.56 20.03 -1.40
C MET A 153 19.78 19.83 0.10
N LEU A 154 19.30 18.70 0.61
CA LEU A 154 19.45 18.38 2.02
C LEU A 154 20.90 18.12 2.38
N ARG A 155 21.39 18.80 3.41
CA ARG A 155 22.77 18.65 3.85
C ARG A 155 22.88 18.85 5.36
N ARG A 156 21.87 18.40 6.09
CA ARG A 156 21.85 18.53 7.54
C ARG A 156 22.66 17.42 8.19
N ASP A 157 23.19 17.70 9.37
CA ASP A 157 23.99 16.71 10.12
C ASP A 157 23.13 15.53 10.53
N GLY A 1 -14.33 -16.46 14.04
CA GLY A 1 -15.59 -15.78 14.31
C GLY A 1 -15.90 -14.71 13.28
N SER A 2 -16.48 -13.60 13.73
CA SER A 2 -16.83 -12.51 12.84
C SER A 2 -17.19 -11.26 13.64
N PRO A 3 -16.19 -10.66 14.32
CA PRO A 3 -16.39 -9.46 15.12
C PRO A 3 -16.68 -8.23 14.28
N GLY A 4 -15.87 -8.03 13.24
CA GLY A 4 -16.06 -6.88 12.36
C GLY A 4 -14.88 -5.93 12.40
N GLU A 5 -14.29 -5.76 13.59
CA GLU A 5 -13.15 -4.87 13.75
C GLU A 5 -12.06 -5.17 12.73
N ASN A 6 -11.91 -6.46 12.42
CA ASN A 6 -10.89 -6.90 11.46
C ASN A 6 -11.00 -6.11 10.16
N LEU A 7 -12.23 -6.00 9.64
CA LEU A 7 -12.46 -5.27 8.40
C LEU A 7 -12.14 -3.79 8.56
N LYS A 8 -12.45 -3.25 9.74
CA LYS A 8 -12.18 -1.85 10.02
C LYS A 8 -10.69 -1.56 9.98
N HIS A 9 -9.90 -2.35 10.70
CA HIS A 9 -8.46 -2.18 10.75
C HIS A 9 -7.82 -2.55 9.41
N ILE A 10 -8.33 -3.62 8.80
CA ILE A 10 -7.81 -4.08 7.52
C ILE A 10 -8.09 -3.05 6.41
N ILE A 11 -9.30 -2.52 6.40
CA ILE A 11 -9.69 -1.53 5.41
C ILE A 11 -9.04 -0.18 5.70
N THR A 12 -9.25 0.32 6.91
CA THR A 12 -8.68 1.61 7.31
C THR A 12 -7.19 1.66 7.04
N LEU A 13 -6.53 0.50 7.12
CA LEU A 13 -5.10 0.41 6.88
C LEU A 13 -4.72 1.11 5.58
N GLY A 14 -5.61 1.05 4.60
CA GLY A 14 -5.36 1.67 3.32
C GLY A 14 -5.53 3.18 3.37
N GLN A 15 -6.49 3.64 4.18
CA GLN A 15 -6.75 5.06 4.30
C GLN A 15 -5.71 5.74 5.18
N VAL A 16 -5.43 5.14 6.33
CA VAL A 16 -4.45 5.68 7.27
C VAL A 16 -3.11 5.92 6.58
N ILE A 17 -2.69 4.95 5.77
CA ILE A 17 -1.43 5.05 5.04
C ILE A 17 -1.48 6.15 3.98
N HIS A 18 -2.67 6.35 3.41
CA HIS A 18 -2.86 7.36 2.38
C HIS A 18 -2.73 8.76 2.98
N LYS A 19 -3.45 9.01 4.07
CA LYS A 19 -3.43 10.30 4.74
C LYS A 19 -2.09 10.52 5.46
N ARG A 20 -1.54 9.43 6.00
CA ARG A 20 -0.27 9.50 6.72
C ARG A 20 0.82 10.10 5.84
N CYS A 21 0.69 9.91 4.53
CA CYS A 21 1.67 10.44 3.59
C CYS A 21 1.92 11.93 3.83
N GLU A 22 0.87 12.63 4.22
CA GLU A 22 0.97 14.06 4.49
C GLU A 22 2.03 14.34 5.56
N GLU A 23 2.16 13.42 6.51
CA GLU A 23 3.12 13.57 7.58
C GLU A 23 4.55 13.61 7.04
N MET A 24 4.82 12.76 6.05
CA MET A 24 6.13 12.70 5.44
C MET A 24 6.61 14.09 5.02
N LYS A 25 7.91 14.28 5.00
CA LYS A 25 8.50 15.56 4.62
C LYS A 25 9.47 15.39 3.47
N TYR A 26 10.17 14.26 3.44
CA TYR A 26 11.13 13.98 2.38
C TYR A 26 10.59 12.95 1.40
N CYS A 27 10.19 11.80 1.94
CA CYS A 27 9.64 10.72 1.11
C CYS A 27 8.20 11.01 0.73
N LYS A 28 7.66 12.11 1.25
CA LYS A 28 6.29 12.50 0.96
C LYS A 28 6.02 12.46 -0.54
N LYS A 29 7.05 12.71 -1.33
CA LYS A 29 6.92 12.69 -2.78
C LYS A 29 6.61 11.29 -3.29
N GLN A 30 7.45 10.33 -2.92
CA GLN A 30 7.26 8.95 -3.34
C GLN A 30 6.02 8.34 -2.66
N CYS A 31 5.76 8.77 -1.43
CA CYS A 31 4.62 8.26 -0.69
C CYS A 31 3.31 8.82 -1.24
N ARG A 32 3.36 10.05 -1.71
CA ARG A 32 2.18 10.70 -2.28
C ARG A 32 1.52 9.81 -3.33
N ARG A 33 2.33 9.27 -4.22
CA ARG A 33 1.82 8.40 -5.28
C ARG A 33 1.48 7.02 -4.74
N LEU A 34 2.32 6.51 -3.84
CA LEU A 34 2.10 5.20 -3.24
C LEU A 34 0.77 5.16 -2.50
N GLY A 35 0.63 5.99 -1.48
CA GLY A 35 -0.60 6.04 -0.71
C GLY A 35 -1.83 6.21 -1.58
N HIS A 36 -1.64 6.85 -2.73
CA HIS A 36 -2.74 7.09 -3.66
C HIS A 36 -3.17 5.79 -4.33
N ARG A 37 -2.23 5.14 -5.03
CA ARG A 37 -2.52 3.89 -5.72
C ARG A 37 -3.08 2.85 -4.75
N VAL A 38 -2.66 2.94 -3.49
CA VAL A 38 -3.12 2.01 -2.47
C VAL A 38 -4.62 2.16 -2.22
N LEU A 39 -5.10 3.39 -2.28
CA LEU A 39 -6.51 3.67 -2.07
C LEU A 39 -7.38 3.00 -3.13
N GLY A 40 -6.80 2.82 -4.32
CA GLY A 40 -7.53 2.19 -5.41
C GLY A 40 -7.82 0.73 -5.14
N LEU A 41 -7.00 0.12 -4.28
CA LEU A 41 -7.18 -1.29 -3.94
C LEU A 41 -8.16 -1.47 -2.79
N ILE A 42 -8.08 -0.57 -1.81
CA ILE A 42 -8.97 -0.61 -0.65
C ILE A 42 -10.33 0.01 -0.99
N LYS A 43 -10.36 0.81 -2.05
CA LYS A 43 -11.59 1.47 -2.47
C LYS A 43 -12.76 0.49 -2.48
N PRO A 44 -12.60 -0.60 -3.25
CA PRO A 44 -13.63 -1.63 -3.37
C PRO A 44 -13.79 -2.44 -2.08
N LEU A 45 -12.78 -2.39 -1.22
CA LEU A 45 -12.81 -3.11 0.04
C LEU A 45 -13.74 -2.43 1.03
N GLU A 46 -13.70 -1.10 1.05
CA GLU A 46 -14.54 -0.32 1.96
C GLU A 46 -15.98 -0.25 1.44
N MET A 47 -16.12 -0.16 0.12
CA MET A 47 -17.44 -0.08 -0.50
C MET A 47 -18.32 -1.24 -0.04
N LEU A 48 -17.70 -2.37 0.27
CA LEU A 48 -18.44 -3.55 0.72
C LEU A 48 -19.06 -3.30 2.10
N GLN A 49 -18.22 -2.98 3.07
CA GLN A 49 -18.69 -2.72 4.43
C GLN A 49 -19.56 -1.47 4.47
N ASP A 50 -19.31 -0.54 3.56
CA ASP A 50 -20.08 0.69 3.48
C ASP A 50 -21.49 0.43 2.95
N GLN A 51 -21.57 0.02 1.69
CA GLN A 51 -22.86 -0.25 1.06
C GLN A 51 -23.59 -1.37 1.80
N GLY A 52 -22.84 -2.35 2.28
CA GLY A 52 -23.43 -3.47 3.00
C GLY A 52 -24.16 -4.43 2.08
N LYS A 53 -23.62 -4.60 0.87
CA LYS A 53 -24.22 -5.51 -0.10
C LYS A 53 -23.81 -6.94 0.16
N ARG A 54 -22.50 -7.16 0.31
CA ARG A 54 -21.97 -8.50 0.58
C ARG A 54 -22.51 -9.05 1.89
N SER A 55 -22.57 -10.37 2.00
CA SER A 55 -23.06 -11.03 3.21
C SER A 55 -21.93 -11.31 4.18
N VAL A 56 -21.03 -12.20 3.78
CA VAL A 56 -19.89 -12.56 4.62
C VAL A 56 -18.97 -13.54 3.90
N PRO A 57 -17.66 -13.29 3.97
CA PRO A 57 -16.65 -14.14 3.32
C PRO A 57 -16.52 -15.49 4.01
N SER A 58 -15.94 -16.46 3.30
CA SER A 58 -15.76 -17.80 3.84
C SER A 58 -14.34 -17.99 4.38
N GLU A 59 -14.09 -19.15 4.97
CA GLU A 59 -12.77 -19.45 5.52
C GLU A 59 -11.68 -19.18 4.50
N LYS A 60 -11.99 -19.43 3.23
CA LYS A 60 -11.03 -19.21 2.14
C LYS A 60 -10.59 -17.75 2.09
N LEU A 61 -11.56 -16.85 1.98
CA LEU A 61 -11.28 -15.43 1.92
C LEU A 61 -10.53 -14.96 3.16
N THR A 62 -10.93 -15.51 4.31
CA THR A 62 -10.29 -15.16 5.59
C THR A 62 -8.78 -15.33 5.51
N THR A 63 -8.34 -16.45 4.94
CA THR A 63 -6.92 -16.74 4.81
C THR A 63 -6.23 -15.72 3.91
N ALA A 64 -6.78 -15.50 2.73
CA ALA A 64 -6.23 -14.54 1.78
C ALA A 64 -6.16 -13.14 2.39
N MET A 65 -7.30 -12.66 2.88
CA MET A 65 -7.36 -11.34 3.49
C MET A 65 -6.43 -11.25 4.69
N ASN A 66 -6.38 -12.32 5.49
CA ASN A 66 -5.53 -12.35 6.66
C ASN A 66 -4.09 -11.99 6.31
N ARG A 67 -3.67 -12.36 5.10
CA ARG A 67 -2.32 -12.08 4.64
C ARG A 67 -2.17 -10.60 4.26
N PHE A 68 -3.25 -10.03 3.73
CA PHE A 68 -3.23 -8.63 3.32
C PHE A 68 -3.17 -7.70 4.52
N LYS A 69 -3.86 -8.10 5.60
CA LYS A 69 -3.88 -7.31 6.82
C LYS A 69 -2.46 -6.96 7.27
N ALA A 70 -1.65 -7.99 7.50
CA ALA A 70 -0.27 -7.79 7.93
C ALA A 70 0.60 -7.27 6.79
N ALA A 71 0.30 -7.73 5.57
CA ALA A 71 1.05 -7.31 4.40
C ALA A 71 1.03 -5.79 4.26
N LEU A 72 -0.17 -5.21 4.25
CA LEU A 72 -0.32 -3.77 4.11
C LEU A 72 0.29 -3.05 5.30
N GLU A 73 0.25 -3.68 6.46
CA GLU A 73 0.82 -3.09 7.67
C GLU A 73 2.25 -2.62 7.44
N GLU A 74 2.98 -3.37 6.62
CA GLU A 74 4.37 -3.03 6.32
C GLU A 74 4.46 -1.65 5.67
N ALA A 75 3.54 -1.37 4.75
CA ALA A 75 3.52 -0.08 4.07
C ALA A 75 3.24 1.06 5.04
N ASN A 76 2.26 0.87 5.90
CA ASN A 76 1.91 1.88 6.89
C ASN A 76 3.01 2.04 7.94
N GLY A 77 3.67 0.94 8.27
CA GLY A 77 4.74 0.97 9.24
C GLY A 77 6.01 1.59 8.69
N GLU A 78 6.36 1.22 7.46
CA GLU A 78 7.56 1.75 6.82
C GLU A 78 7.55 3.28 6.81
N ILE A 79 6.55 3.85 6.14
CA ILE A 79 6.44 5.30 6.06
C ILE A 79 6.50 5.94 7.44
N GLU A 80 5.95 5.24 8.44
CA GLU A 80 5.95 5.74 9.80
C GLU A 80 7.37 5.98 10.30
N LYS A 81 8.18 4.94 10.29
CA LYS A 81 9.56 5.03 10.74
C LYS A 81 10.38 5.92 9.80
N PHE A 82 10.15 5.77 8.50
CA PHE A 82 10.86 6.56 7.50
C PHE A 82 10.67 8.06 7.75
N SER A 83 9.56 8.40 8.40
CA SER A 83 9.27 9.80 8.70
C SER A 83 10.49 10.50 9.29
N ASN A 84 11.26 9.75 10.09
CA ASN A 84 12.46 10.30 10.71
C ASN A 84 13.43 10.85 9.67
N ARG A 85 14.45 11.57 10.13
CA ARG A 85 15.45 12.13 9.23
C ARG A 85 16.64 11.18 9.06
N SER A 86 17.01 10.52 10.14
CA SER A 86 18.13 9.59 10.12
C SER A 86 17.75 8.30 9.40
N ASN A 87 16.49 7.88 9.58
CA ASN A 87 16.00 6.66 8.95
C ASN A 87 16.20 6.71 7.44
N ILE A 88 15.76 7.78 6.82
CA ILE A 88 15.89 7.95 5.37
C ILE A 88 17.36 8.08 4.98
N CYS A 89 18.13 8.79 5.79
CA CYS A 89 19.55 8.99 5.52
C CYS A 89 20.30 7.66 5.55
N ARG A 90 19.87 6.77 6.43
CA ARG A 90 20.50 5.46 6.56
C ARG A 90 20.16 4.56 5.37
N PHE A 91 18.93 4.67 4.88
CA PHE A 91 18.49 3.87 3.75
C PHE A 91 19.03 4.44 2.45
N LEU A 92 19.13 5.76 2.37
CA LEU A 92 19.64 6.43 1.18
C LEU A 92 21.14 6.22 1.04
N THR A 93 21.87 6.47 2.11
CA THR A 93 23.31 6.32 2.11
C THR A 93 23.71 4.88 1.77
N ALA A 94 22.86 3.93 2.17
CA ALA A 94 23.13 2.52 1.91
C ALA A 94 23.21 2.25 0.41
N SER A 95 22.27 2.81 -0.34
CA SER A 95 22.24 2.62 -1.79
C SER A 95 21.79 3.90 -2.49
N GLN A 96 22.51 4.28 -3.54
CA GLN A 96 22.20 5.48 -4.29
C GLN A 96 20.72 5.49 -4.70
N ASP A 97 20.38 4.69 -5.70
CA ASP A 97 19.01 4.60 -6.18
C ASP A 97 18.35 3.29 -5.73
N LYS A 98 17.58 3.37 -4.65
CA LYS A 98 16.89 2.20 -4.11
C LYS A 98 15.52 2.57 -3.59
N ILE A 99 14.50 1.82 -4.05
CA ILE A 99 13.13 2.08 -3.63
C ILE A 99 12.93 1.72 -2.16
N LEU A 100 11.93 2.33 -1.54
CA LEU A 100 11.63 2.09 -0.14
C LEU A 100 10.37 1.24 0.02
N PHE A 101 9.42 1.43 -0.90
CA PHE A 101 8.17 0.68 -0.87
C PHE A 101 8.02 -0.18 -2.12
N LYS A 102 9.14 -0.72 -2.59
CA LYS A 102 9.13 -1.56 -3.78
C LYS A 102 8.48 -2.92 -3.49
N ASP A 103 9.08 -3.68 -2.59
CA ASP A 103 8.54 -4.99 -2.21
C ASP A 103 7.09 -4.88 -1.80
N VAL A 104 6.73 -3.77 -1.17
CA VAL A 104 5.36 -3.55 -0.72
C VAL A 104 4.37 -3.70 -1.86
N ASN A 105 4.59 -2.92 -2.92
CA ASN A 105 3.72 -2.96 -4.09
C ASN A 105 3.57 -4.38 -4.60
N ARG A 106 4.60 -5.20 -4.40
CA ARG A 106 4.58 -6.58 -4.84
C ARG A 106 3.68 -7.43 -3.95
N LYS A 107 3.92 -7.38 -2.64
CA LYS A 107 3.13 -8.14 -1.68
C LYS A 107 1.68 -7.65 -1.67
N LEU A 108 1.50 -6.36 -1.84
CA LEU A 108 0.16 -5.76 -1.86
C LEU A 108 -0.66 -6.30 -3.02
N SER A 109 -0.04 -6.37 -4.19
CA SER A 109 -0.72 -6.86 -5.40
C SER A 109 -0.87 -8.37 -5.34
N ASP A 110 0.13 -9.05 -4.79
CA ASP A 110 0.10 -10.50 -4.69
C ASP A 110 -0.93 -10.95 -3.65
N VAL A 111 -1.01 -10.21 -2.55
CA VAL A 111 -1.95 -10.53 -1.48
C VAL A 111 -3.38 -10.15 -1.88
N TRP A 112 -3.49 -9.18 -2.77
CA TRP A 112 -4.80 -8.72 -3.23
C TRP A 112 -5.33 -9.62 -4.34
N LYS A 113 -4.52 -9.86 -5.35
CA LYS A 113 -4.90 -10.71 -6.47
C LYS A 113 -5.32 -12.10 -5.97
N GLU A 114 -4.80 -12.49 -4.82
CA GLU A 114 -5.12 -13.79 -4.25
C GLU A 114 -6.49 -13.78 -3.58
N LEU A 115 -6.76 -12.72 -2.81
CA LEU A 115 -8.04 -12.58 -2.13
C LEU A 115 -9.09 -12.01 -3.06
N SER A 116 -8.65 -11.41 -4.16
CA SER A 116 -9.57 -10.83 -5.13
C SER A 116 -10.28 -11.90 -5.93
N LEU A 117 -9.57 -13.00 -6.20
CA LEU A 117 -10.14 -14.11 -6.95
C LEU A 117 -11.45 -14.59 -6.33
N LEU A 118 -11.47 -14.66 -5.00
CA LEU A 118 -12.66 -15.10 -4.27
C LEU A 118 -13.74 -14.04 -4.32
N LEU A 119 -13.36 -12.81 -4.67
CA LEU A 119 -14.30 -11.70 -4.75
C LEU A 119 -14.86 -11.56 -6.16
N GLN A 120 -14.00 -11.74 -7.16
CA GLN A 120 -14.41 -11.63 -8.55
C GLN A 120 -15.11 -12.90 -9.01
N VAL A 121 -14.79 -14.01 -8.36
CA VAL A 121 -15.39 -15.30 -8.70
C VAL A 121 -16.91 -15.18 -8.82
N GLU A 122 -17.49 -14.35 -7.97
CA GLU A 122 -18.94 -14.15 -7.98
C GLU A 122 -19.30 -12.81 -8.63
N GLN A 123 -18.45 -11.81 -8.42
CA GLN A 123 -18.68 -10.48 -8.98
C GLN A 123 -17.39 -9.66 -8.97
N ARG A 124 -16.83 -9.43 -10.16
CA ARG A 124 -15.60 -8.66 -10.29
C ARG A 124 -15.73 -7.32 -9.57
N MET A 125 -15.12 -7.22 -8.40
CA MET A 125 -15.17 -5.98 -7.61
C MET A 125 -14.31 -4.90 -8.26
N PRO A 126 -12.99 -5.18 -8.37
CA PRO A 126 -12.04 -4.24 -8.97
C PRO A 126 -12.24 -4.09 -10.48
N VAL A 127 -11.61 -3.07 -11.06
CA VAL A 127 -11.71 -2.82 -12.48
C VAL A 127 -10.35 -2.89 -13.15
N SER A 128 -9.42 -2.06 -12.68
CA SER A 128 -8.08 -2.02 -13.23
C SER A 128 -7.40 -3.38 -13.14
N PRO A 129 -6.33 -3.57 -13.92
CA PRO A 129 -5.57 -4.83 -13.94
C PRO A 129 -4.80 -5.06 -12.65
N ILE A 130 -5.49 -5.48 -11.61
CA ILE A 130 -4.87 -5.74 -10.32
C ILE A 130 -3.69 -6.70 -10.46
N SER A 131 -3.79 -7.60 -11.44
CA SER A 131 -2.74 -8.58 -11.68
C SER A 131 -1.37 -7.91 -11.73
N GLN A 132 -0.45 -8.38 -10.88
CA GLN A 132 0.90 -7.82 -10.84
C GLN A 132 1.51 -7.77 -12.23
N GLY A 133 2.57 -6.97 -12.37
CA GLY A 133 3.24 -6.85 -13.65
C GLY A 133 2.70 -5.69 -14.48
N ALA A 134 2.32 -4.61 -13.81
CA ALA A 134 1.79 -3.45 -14.49
C ALA A 134 2.85 -2.36 -14.63
N SER A 135 2.45 -1.18 -15.08
CA SER A 135 3.37 -0.06 -15.26
C SER A 135 3.67 0.61 -13.94
N TRP A 136 2.73 0.53 -13.01
CA TRP A 136 2.88 1.14 -11.68
C TRP A 136 4.19 0.69 -11.05
N ALA A 137 4.66 -0.49 -11.44
CA ALA A 137 5.90 -1.04 -10.90
C ALA A 137 7.09 -0.14 -11.23
N GLN A 138 7.17 0.27 -12.49
CA GLN A 138 8.27 1.13 -12.95
C GLN A 138 8.16 2.52 -12.33
N GLU A 139 6.93 2.98 -12.14
CA GLU A 139 6.70 4.30 -11.55
C GLU A 139 7.34 4.39 -10.17
N ASP A 140 7.24 3.32 -9.40
CA ASP A 140 7.81 3.29 -8.06
C ASP A 140 9.28 3.70 -8.09
N GLN A 141 10.05 3.10 -8.98
CA GLN A 141 11.47 3.40 -9.10
C GLN A 141 11.68 4.87 -9.41
N GLN A 142 10.78 5.45 -10.20
CA GLN A 142 10.86 6.85 -10.58
C GLN A 142 10.60 7.75 -9.38
N ASP A 143 9.60 7.40 -8.59
CA ASP A 143 9.25 8.17 -7.39
C ASP A 143 10.35 8.10 -6.35
N ALA A 144 11.01 6.94 -6.27
CA ALA A 144 12.08 6.75 -5.30
C ALA A 144 13.34 7.47 -5.74
N ASP A 145 13.53 7.59 -7.05
CA ASP A 145 14.70 8.26 -7.60
C ASP A 145 14.66 9.76 -7.31
N GLU A 146 13.57 10.40 -7.70
CA GLU A 146 13.41 11.83 -7.47
C GLU A 146 13.56 12.18 -6.00
N ASP A 147 13.06 11.30 -5.13
CA ASP A 147 13.13 11.50 -3.69
C ASP A 147 14.57 11.81 -3.26
N ARG A 148 15.52 11.26 -4.00
CA ARG A 148 16.93 11.47 -3.70
C ARG A 148 17.34 12.91 -3.94
N ARG A 149 17.25 13.33 -5.20
CA ARG A 149 17.61 14.71 -5.57
C ARG A 149 16.90 15.71 -4.68
N ALA A 150 15.70 15.36 -4.22
CA ALA A 150 14.92 16.23 -3.35
C ALA A 150 15.51 16.26 -1.93
N PHE A 151 15.98 15.11 -1.47
CA PHE A 151 16.56 15.01 -0.14
C PHE A 151 17.65 16.06 0.06
N GLN A 152 18.31 16.44 -1.03
CA GLN A 152 19.37 17.43 -0.97
C GLN A 152 18.91 18.67 -0.23
N MET A 153 17.61 18.92 -0.25
CA MET A 153 17.04 20.09 0.43
C MET A 153 17.55 20.20 1.85
N LEU A 154 17.90 19.05 2.45
CA LEU A 154 18.40 19.02 3.81
C LEU A 154 19.92 19.20 3.84
N ARG A 155 20.59 18.64 2.84
CA ARG A 155 22.04 18.75 2.75
C ARG A 155 22.48 19.04 1.32
N ARG A 156 22.96 20.25 1.09
CA ARG A 156 23.40 20.65 -0.24
C ARG A 156 24.93 20.67 -0.32
N ASP A 157 25.45 20.44 -1.52
CA ASP A 157 26.90 20.42 -1.74
C ASP A 157 27.38 21.77 -2.29
N GLY A 1 -15.50 -17.15 15.38
CA GLY A 1 -16.88 -16.85 15.02
C GLY A 1 -16.98 -15.96 13.80
N SER A 2 -17.53 -14.77 13.98
CA SER A 2 -17.70 -13.82 12.88
C SER A 2 -17.25 -12.43 13.29
N PRO A 3 -15.92 -12.24 13.41
CA PRO A 3 -15.34 -10.96 13.80
C PRO A 3 -15.48 -9.90 12.71
N GLY A 4 -15.79 -8.67 13.12
CA GLY A 4 -15.95 -7.59 12.16
C GLY A 4 -14.85 -6.55 12.27
N GLU A 5 -14.36 -6.35 13.49
CA GLU A 5 -13.30 -5.37 13.72
C GLU A 5 -12.13 -5.60 12.77
N ASN A 6 -11.87 -6.86 12.45
CA ASN A 6 -10.77 -7.21 11.56
C ASN A 6 -10.85 -6.41 10.26
N LEU A 7 -12.02 -6.44 9.63
CA LEU A 7 -12.23 -5.72 8.37
C LEU A 7 -12.07 -4.22 8.58
N LYS A 8 -12.58 -3.73 9.70
CA LYS A 8 -12.49 -2.30 10.02
C LYS A 8 -11.03 -1.84 10.03
N HIS A 9 -10.18 -2.57 10.73
CA HIS A 9 -8.77 -2.23 10.82
C HIS A 9 -8.06 -2.52 9.49
N ILE A 10 -8.53 -3.54 8.79
CA ILE A 10 -7.95 -3.93 7.51
C ILE A 10 -8.18 -2.86 6.45
N ILE A 11 -9.41 -2.34 6.40
CA ILE A 11 -9.77 -1.31 5.44
C ILE A 11 -9.16 0.02 5.82
N THR A 12 -9.41 0.47 7.05
CA THR A 12 -8.88 1.74 7.53
C THR A 12 -7.37 1.82 7.32
N LEU A 13 -6.72 0.67 7.37
CA LEU A 13 -5.27 0.61 7.19
C LEU A 13 -4.85 1.35 5.92
N GLY A 14 -5.72 1.31 4.91
CA GLY A 14 -5.42 1.99 3.66
C GLY A 14 -5.63 3.49 3.75
N GLN A 15 -6.61 3.91 4.53
CA GLN A 15 -6.91 5.33 4.71
C GLN A 15 -5.89 5.98 5.63
N VAL A 16 -5.63 5.35 6.76
CA VAL A 16 -4.68 5.88 7.74
C VAL A 16 -3.33 6.15 7.09
N ILE A 17 -2.88 5.22 6.25
CA ILE A 17 -1.61 5.37 5.56
C ILE A 17 -1.67 6.47 4.50
N HIS A 18 -2.84 6.59 3.86
CA HIS A 18 -3.03 7.59 2.82
C HIS A 18 -2.96 9.00 3.41
N LYS A 19 -3.67 9.22 4.51
CA LYS A 19 -3.68 10.51 5.18
C LYS A 19 -2.37 10.77 5.91
N ARG A 20 -1.77 9.70 6.44
CA ARG A 20 -0.52 9.81 7.16
C ARG A 20 0.55 10.47 6.30
N CYS A 21 0.43 10.31 4.99
CA CYS A 21 1.39 10.89 4.06
C CYS A 21 1.63 12.37 4.37
N GLU A 22 0.56 13.05 4.77
CA GLU A 22 0.64 14.47 5.10
C GLU A 22 1.78 14.74 6.09
N GLU A 23 1.99 13.79 6.99
CA GLU A 23 3.03 13.92 8.00
C GLU A 23 4.42 13.91 7.36
N MET A 24 4.58 13.08 6.34
CA MET A 24 5.86 12.98 5.63
C MET A 24 6.36 14.36 5.21
N LYS A 25 7.67 14.53 5.22
CA LYS A 25 8.28 15.80 4.83
C LYS A 25 9.30 15.60 3.72
N TYR A 26 10.01 14.48 3.77
CA TYR A 26 11.02 14.17 2.77
C TYR A 26 10.50 13.15 1.76
N CYS A 27 10.04 12.01 2.27
CA CYS A 27 9.52 10.95 1.41
C CYS A 27 8.10 11.27 0.97
N LYS A 28 7.56 12.37 1.48
CA LYS A 28 6.20 12.79 1.13
C LYS A 28 5.99 12.77 -0.38
N LYS A 29 7.07 12.98 -1.12
CA LYS A 29 6.99 12.98 -2.59
C LYS A 29 6.56 11.61 -3.11
N GLN A 30 7.30 10.57 -2.71
CA GLN A 30 7.00 9.22 -3.14
C GLN A 30 5.78 8.68 -2.41
N CYS A 31 5.59 9.11 -1.16
CA CYS A 31 4.47 8.66 -0.35
C CYS A 31 3.15 9.15 -0.95
N ARG A 32 3.18 10.32 -1.55
CA ARG A 32 1.98 10.91 -2.16
C ARG A 32 1.32 9.91 -3.11
N ARG A 33 2.08 9.43 -4.08
CA ARG A 33 1.58 8.47 -5.05
C ARG A 33 1.45 7.08 -4.44
N LEU A 34 2.34 6.78 -3.49
CA LEU A 34 2.33 5.49 -2.82
C LEU A 34 0.99 5.25 -2.11
N GLY A 35 0.61 6.20 -1.27
CA GLY A 35 -0.65 6.07 -0.54
C GLY A 35 -1.85 6.31 -1.42
N HIS A 36 -1.70 7.18 -2.43
CA HIS A 36 -2.79 7.48 -3.35
C HIS A 36 -3.11 6.29 -4.24
N ARG A 37 -2.07 5.71 -4.83
CA ARG A 37 -2.24 4.55 -5.70
C ARG A 37 -2.77 3.35 -4.92
N VAL A 38 -2.06 2.99 -3.85
CA VAL A 38 -2.45 1.86 -3.02
C VAL A 38 -3.90 1.99 -2.57
N LEU A 39 -4.35 3.22 -2.39
CA LEU A 39 -5.71 3.48 -1.94
C LEU A 39 -6.72 2.83 -2.89
N GLY A 40 -6.32 2.65 -4.15
CA GLY A 40 -7.20 2.03 -5.13
C GLY A 40 -7.56 0.61 -4.76
N LEU A 41 -6.67 -0.06 -4.03
CA LEU A 41 -6.90 -1.44 -3.62
C LEU A 41 -7.94 -1.51 -2.51
N ILE A 42 -7.86 -0.56 -1.58
CA ILE A 42 -8.79 -0.52 -0.46
C ILE A 42 -10.12 0.11 -0.87
N LYS A 43 -10.08 0.87 -1.96
CA LYS A 43 -11.29 1.53 -2.47
C LYS A 43 -12.46 0.56 -2.52
N PRO A 44 -12.28 -0.56 -3.25
CA PRO A 44 -13.31 -1.58 -3.40
C PRO A 44 -13.55 -2.35 -2.09
N LEU A 45 -12.59 -2.29 -1.19
CA LEU A 45 -12.69 -2.97 0.08
C LEU A 45 -13.67 -2.25 1.02
N GLU A 46 -13.62 -0.93 1.00
CA GLU A 46 -14.50 -0.12 1.84
C GLU A 46 -15.91 -0.06 1.25
N MET A 47 -15.98 -0.05 -0.08
CA MET A 47 -17.27 0.01 -0.77
C MET A 47 -18.16 -1.16 -0.36
N LEU A 48 -17.54 -2.28 -0.02
CA LEU A 48 -18.28 -3.47 0.40
C LEU A 48 -19.04 -3.20 1.69
N GLN A 49 -18.32 -2.81 2.73
CA GLN A 49 -18.93 -2.52 4.03
C GLN A 49 -19.86 -1.31 3.94
N ASP A 50 -19.52 -0.40 3.04
CA ASP A 50 -20.33 0.81 2.86
C ASP A 50 -21.68 0.48 2.22
N GLN A 51 -21.65 -0.39 1.21
CA GLN A 51 -22.87 -0.80 0.52
C GLN A 51 -23.63 -1.85 1.32
N GLY A 52 -22.98 -2.99 1.55
CA GLY A 52 -23.61 -4.07 2.29
C GLY A 52 -24.33 -5.05 1.40
N LYS A 53 -23.59 -5.67 0.49
CA LYS A 53 -24.17 -6.64 -0.44
C LYS A 53 -23.70 -8.05 -0.11
N ARG A 54 -22.39 -8.22 0.03
CA ARG A 54 -21.82 -9.53 0.34
C ARG A 54 -22.35 -10.05 1.68
N SER A 55 -22.82 -11.29 1.68
CA SER A 55 -23.36 -11.90 2.88
C SER A 55 -22.24 -12.44 3.77
N VAL A 56 -21.30 -11.57 4.12
CA VAL A 56 -20.17 -11.95 4.96
C VAL A 56 -19.28 -12.97 4.26
N PRO A 57 -17.96 -12.73 4.30
CA PRO A 57 -16.98 -13.62 3.67
C PRO A 57 -16.86 -14.96 4.39
N SER A 58 -16.47 -15.98 3.65
CA SER A 58 -16.31 -17.32 4.21
C SER A 58 -14.97 -17.45 4.94
N GLU A 59 -14.77 -18.61 5.57
CA GLU A 59 -13.54 -18.86 6.31
C GLU A 59 -12.34 -18.91 5.37
N LYS A 60 -12.55 -19.45 4.17
CA LYS A 60 -11.50 -19.55 3.18
C LYS A 60 -10.93 -18.18 2.85
N LEU A 61 -11.79 -17.27 2.43
CA LEU A 61 -11.37 -15.91 2.08
C LEU A 61 -10.64 -15.26 3.25
N THR A 62 -11.04 -15.61 4.47
CA THR A 62 -10.43 -15.05 5.67
C THR A 62 -8.93 -15.26 5.66
N THR A 63 -8.48 -16.38 5.10
CA THR A 63 -7.06 -16.70 5.03
C THR A 63 -6.35 -15.79 4.01
N ALA A 64 -7.02 -15.54 2.90
CA ALA A 64 -6.45 -14.69 1.85
C ALA A 64 -6.37 -13.24 2.30
N MET A 65 -7.43 -12.77 2.95
CA MET A 65 -7.48 -11.39 3.44
C MET A 65 -6.58 -11.21 4.66
N ASN A 66 -6.53 -12.23 5.50
CA ASN A 66 -5.72 -12.19 6.71
C ASN A 66 -4.28 -11.80 6.38
N ARG A 67 -3.80 -12.23 5.21
CA ARG A 67 -2.45 -11.92 4.78
C ARG A 67 -2.31 -10.44 4.42
N PHE A 68 -3.31 -9.91 3.71
CA PHE A 68 -3.30 -8.51 3.31
C PHE A 68 -3.23 -7.59 4.53
N LYS A 69 -3.90 -8.00 5.61
CA LYS A 69 -3.93 -7.22 6.83
C LYS A 69 -2.51 -6.94 7.32
N ALA A 70 -1.75 -8.00 7.55
CA ALA A 70 -0.37 -7.88 8.03
C ALA A 70 0.53 -7.34 6.92
N ALA A 71 0.24 -7.71 5.68
CA ALA A 71 1.03 -7.27 4.54
C ALA A 71 1.02 -5.75 4.43
N LEU A 72 -0.17 -5.17 4.41
CA LEU A 72 -0.32 -3.72 4.31
C LEU A 72 0.30 -3.02 5.51
N GLU A 73 0.26 -3.70 6.66
CA GLU A 73 0.82 -3.13 7.89
C GLU A 73 2.23 -2.62 7.65
N GLU A 74 2.97 -3.31 6.78
CA GLU A 74 4.35 -2.91 6.48
C GLU A 74 4.40 -1.49 5.93
N ALA A 75 3.44 -1.17 5.07
CA ALA A 75 3.37 0.17 4.48
C ALA A 75 3.14 1.24 5.54
N ASN A 76 2.17 1.00 6.41
CA ASN A 76 1.85 1.94 7.48
C ASN A 76 3.02 2.10 8.42
N GLY A 77 3.75 1.02 8.66
CA GLY A 77 4.90 1.07 9.55
C GLY A 77 6.10 1.71 8.91
N GLU A 78 6.33 1.40 7.63
CA GLU A 78 7.46 1.96 6.90
C GLU A 78 7.39 3.49 6.86
N ILE A 79 6.29 4.00 6.31
CA ILE A 79 6.10 5.45 6.21
C ILE A 79 6.31 6.12 7.56
N GLU A 80 5.95 5.42 8.64
CA GLU A 80 6.10 5.95 9.99
C GLU A 80 7.57 6.17 10.32
N LYS A 81 8.35 5.11 10.28
CA LYS A 81 9.78 5.18 10.58
C LYS A 81 10.49 6.12 9.59
N PHE A 82 10.12 6.01 8.32
CA PHE A 82 10.73 6.84 7.29
C PHE A 82 10.42 8.33 7.52
N SER A 83 9.29 8.58 8.18
CA SER A 83 8.88 9.95 8.47
C SER A 83 10.02 10.75 9.08
N ASN A 84 10.84 10.08 9.87
CA ASN A 84 11.97 10.73 10.52
C ASN A 84 12.96 11.26 9.48
N ARG A 85 14.10 11.77 9.96
CA ARG A 85 15.12 12.31 9.08
C ARG A 85 16.32 11.37 9.00
N SER A 86 16.66 10.77 10.13
CA SER A 86 17.81 9.85 10.18
C SER A 86 17.46 8.53 9.50
N ASN A 87 16.23 8.08 9.69
CA ASN A 87 15.78 6.81 9.09
C ASN A 87 15.92 6.86 7.57
N ILE A 88 15.62 8.02 6.99
CA ILE A 88 15.73 8.18 5.54
C ILE A 88 17.18 8.24 5.09
N CYS A 89 17.95 9.12 5.72
CA CYS A 89 19.36 9.28 5.40
C CYS A 89 20.11 7.97 5.58
N ARG A 90 19.72 7.20 6.59
CA ARG A 90 20.36 5.92 6.88
C ARG A 90 19.92 4.85 5.87
N PHE A 91 18.62 4.79 5.62
CA PHE A 91 18.07 3.82 4.69
C PHE A 91 18.60 4.06 3.27
N LEU A 92 18.56 5.31 2.83
CA LEU A 92 19.03 5.68 1.51
C LEU A 92 20.45 5.15 1.28
N THR A 93 21.35 5.49 2.19
CA THR A 93 22.74 5.05 2.10
C THR A 93 22.87 3.56 2.33
N ALA A 94 21.96 3.01 3.14
CA ALA A 94 21.97 1.58 3.45
C ALA A 94 21.05 0.82 2.51
N SER A 95 20.86 1.33 1.31
CA SER A 95 20.00 0.70 0.32
C SER A 95 20.57 0.86 -1.09
N GLN A 96 20.27 -0.11 -1.95
CA GLN A 96 20.76 -0.08 -3.32
C GLN A 96 19.80 0.70 -4.23
N ASP A 97 18.64 0.11 -4.50
CA ASP A 97 17.64 0.75 -5.35
C ASP A 97 17.26 2.12 -4.79
N LYS A 98 16.39 2.82 -5.51
CA LYS A 98 15.94 4.15 -5.10
C LYS A 98 14.46 4.13 -4.71
N ILE A 99 14.05 3.05 -4.04
CA ILE A 99 12.67 2.91 -3.61
C ILE A 99 12.58 2.43 -2.16
N LEU A 100 11.59 2.93 -1.43
CA LEU A 100 11.41 2.54 -0.04
C LEU A 100 10.19 1.64 0.12
N PHE A 101 9.18 1.87 -0.72
CA PHE A 101 7.96 1.07 -0.68
C PHE A 101 7.87 0.16 -1.89
N LYS A 102 9.02 -0.30 -2.37
CA LYS A 102 9.07 -1.18 -3.53
C LYS A 102 8.50 -2.56 -3.19
N ASP A 103 9.15 -3.25 -2.25
CA ASP A 103 8.71 -4.57 -1.83
C ASP A 103 7.22 -4.56 -1.45
N VAL A 104 6.79 -3.46 -0.86
CA VAL A 104 5.39 -3.31 -0.45
C VAL A 104 4.45 -3.52 -1.63
N ASN A 105 4.66 -2.75 -2.69
CA ASN A 105 3.82 -2.86 -3.88
C ASN A 105 3.76 -4.31 -4.37
N ARG A 106 4.81 -5.06 -4.13
CA ARG A 106 4.87 -6.46 -4.54
C ARG A 106 3.96 -7.32 -3.68
N LYS A 107 4.14 -7.25 -2.36
CA LYS A 107 3.34 -8.02 -1.42
C LYS A 107 1.87 -7.60 -1.50
N LEU A 108 1.63 -6.30 -1.50
CA LEU A 108 0.27 -5.78 -1.57
C LEU A 108 -0.49 -6.38 -2.74
N SER A 109 0.22 -6.63 -3.84
CA SER A 109 -0.39 -7.21 -5.03
C SER A 109 -0.62 -8.72 -4.84
N ASP A 110 0.33 -9.37 -4.20
CA ASP A 110 0.24 -10.81 -3.95
C ASP A 110 -0.96 -11.12 -3.05
N VAL A 111 -1.04 -10.42 -1.92
CA VAL A 111 -2.13 -10.63 -0.97
C VAL A 111 -3.48 -10.32 -1.61
N TRP A 112 -3.47 -9.43 -2.59
CA TRP A 112 -4.69 -9.04 -3.29
C TRP A 112 -5.07 -10.08 -4.34
N LYS A 113 -4.16 -10.36 -5.25
CA LYS A 113 -4.40 -11.33 -6.31
C LYS A 113 -4.72 -12.70 -5.72
N GLU A 114 -4.34 -12.91 -4.47
CA GLU A 114 -4.58 -14.18 -3.79
C GLU A 114 -6.01 -14.23 -3.24
N LEU A 115 -6.54 -13.06 -2.85
CA LEU A 115 -7.89 -12.99 -2.31
C LEU A 115 -8.86 -12.41 -3.35
N SER A 116 -8.29 -11.88 -4.44
CA SER A 116 -9.10 -11.29 -5.49
C SER A 116 -9.77 -12.38 -6.34
N LEU A 117 -9.02 -13.44 -6.63
CA LEU A 117 -9.53 -14.54 -7.43
C LEU A 117 -10.85 -15.06 -6.85
N LEU A 118 -10.82 -15.42 -5.57
CA LEU A 118 -12.02 -15.93 -4.90
C LEU A 118 -13.07 -14.84 -4.75
N LEU A 119 -12.68 -13.61 -5.04
CA LEU A 119 -13.58 -12.46 -4.93
C LEU A 119 -14.29 -12.21 -6.26
N GLN A 120 -13.54 -12.26 -7.35
CA GLN A 120 -14.10 -12.04 -8.68
C GLN A 120 -14.82 -13.28 -9.19
N VAL A 121 -14.44 -14.44 -8.64
CA VAL A 121 -15.05 -15.70 -9.03
C VAL A 121 -16.57 -15.60 -9.02
N GLU A 122 -17.10 -14.83 -8.08
CA GLU A 122 -18.55 -14.66 -7.96
C GLU A 122 -18.99 -13.32 -8.54
N GLN A 123 -18.28 -12.25 -8.17
CA GLN A 123 -18.60 -10.92 -8.66
C GLN A 123 -17.34 -10.06 -8.75
N ARG A 124 -17.14 -9.43 -9.90
CA ARG A 124 -15.97 -8.58 -10.11
C ARG A 124 -16.03 -7.34 -9.21
N MET A 125 -15.17 -7.33 -8.19
CA MET A 125 -15.12 -6.20 -7.27
C MET A 125 -14.53 -4.97 -7.94
N PRO A 126 -13.27 -5.07 -8.39
CA PRO A 126 -12.57 -3.98 -9.05
C PRO A 126 -13.14 -3.67 -10.43
N VAL A 127 -12.62 -2.63 -11.08
CA VAL A 127 -13.07 -2.25 -12.40
C VAL A 127 -11.93 -2.30 -13.41
N SER A 128 -10.77 -1.78 -13.02
CA SER A 128 -9.60 -1.78 -13.89
C SER A 128 -8.83 -3.09 -13.78
N PRO A 129 -7.99 -3.37 -14.79
CA PRO A 129 -7.18 -4.59 -14.84
C PRO A 129 -6.07 -4.59 -13.79
N ILE A 130 -6.43 -4.95 -12.56
CA ILE A 130 -5.46 -4.99 -11.47
C ILE A 130 -4.23 -5.81 -11.86
N SER A 131 -4.45 -6.86 -12.64
CA SER A 131 -3.36 -7.72 -13.08
C SER A 131 -2.88 -7.32 -14.48
N GLN A 132 -2.26 -6.15 -14.56
CA GLN A 132 -1.75 -5.65 -15.83
C GLN A 132 -0.34 -6.17 -16.10
N GLY A 133 0.46 -6.24 -15.04
CA GLY A 133 1.83 -6.72 -15.17
C GLY A 133 2.71 -6.30 -14.01
N ALA A 134 3.86 -5.70 -14.32
CA ALA A 134 4.79 -5.25 -13.29
C ALA A 134 5.43 -3.93 -13.68
N SER A 135 4.67 -3.08 -14.36
CA SER A 135 5.17 -1.78 -14.79
C SER A 135 5.14 -0.78 -13.64
N TRP A 136 4.03 -0.77 -12.91
CA TRP A 136 3.87 0.15 -11.78
C TRP A 136 5.03 0.02 -10.80
N ALA A 137 5.64 -1.18 -10.76
CA ALA A 137 6.77 -1.44 -9.89
C ALA A 137 8.04 -0.77 -10.41
N GLN A 138 8.25 -0.85 -11.72
CA GLN A 138 9.43 -0.26 -12.35
C GLN A 138 9.36 1.26 -12.31
N GLU A 139 8.22 1.80 -12.74
CA GLU A 139 8.03 3.25 -12.75
C GLU A 139 8.30 3.85 -11.37
N ASP A 140 7.93 3.11 -10.33
CA ASP A 140 8.13 3.57 -8.97
C ASP A 140 9.58 4.00 -8.74
N GLN A 141 10.51 3.30 -9.38
CA GLN A 141 11.92 3.60 -9.25
C GLN A 141 12.21 5.04 -9.67
N GLN A 142 11.57 5.47 -10.74
CA GLN A 142 11.75 6.84 -11.25
C GLN A 142 11.00 7.84 -10.38
N ASP A 143 9.82 7.45 -9.91
CA ASP A 143 9.01 8.32 -9.07
C ASP A 143 9.70 8.61 -7.75
N ALA A 144 10.15 7.56 -7.07
CA ALA A 144 10.84 7.71 -5.80
C ALA A 144 12.13 8.51 -5.96
N ASP A 145 12.78 8.36 -7.11
CA ASP A 145 14.02 9.06 -7.38
C ASP A 145 13.82 10.57 -7.24
N GLU A 146 12.64 11.05 -7.60
CA GLU A 146 12.33 12.47 -7.53
C GLU A 146 12.58 13.00 -6.12
N ASP A 147 12.28 12.17 -5.12
CA ASP A 147 12.47 12.56 -3.73
C ASP A 147 13.95 12.75 -3.41
N ARG A 148 14.79 11.93 -4.03
CA ARG A 148 16.23 12.01 -3.81
C ARG A 148 16.74 13.42 -4.07
N ARG A 149 16.26 14.04 -5.14
CA ARG A 149 16.66 15.39 -5.50
C ARG A 149 16.31 16.38 -4.40
N ALA A 150 15.09 16.25 -3.87
CA ALA A 150 14.63 17.14 -2.81
C ALA A 150 15.35 16.84 -1.50
N PHE A 151 15.72 15.58 -1.31
CA PHE A 151 16.42 15.16 -0.10
C PHE A 151 17.88 15.57 -0.14
N GLN A 152 18.43 15.66 -1.35
CA GLN A 152 19.83 16.03 -1.54
C GLN A 152 20.16 17.31 -0.76
N MET A 153 19.19 18.22 -0.69
CA MET A 153 19.37 19.48 0.02
C MET A 153 19.16 19.29 1.53
N LEU A 154 18.33 18.32 1.88
CA LEU A 154 18.04 18.03 3.28
C LEU A 154 19.33 17.89 4.09
N ARG A 155 20.34 17.29 3.46
CA ARG A 155 21.63 17.10 4.12
C ARG A 155 22.58 18.25 3.82
N ARG A 156 23.11 18.27 2.60
CA ARG A 156 24.03 19.32 2.18
C ARG A 156 23.43 20.16 1.07
N ASP A 157 23.77 21.45 1.06
CA ASP A 157 23.26 22.37 0.05
C ASP A 157 24.25 22.51 -1.11
N GLY A 1 -21.18 -15.62 16.79
CA GLY A 1 -21.24 -14.52 15.83
C GLY A 1 -20.08 -14.52 14.87
N SER A 2 -19.93 -13.42 14.14
CA SER A 2 -18.83 -13.29 13.17
C SER A 2 -18.56 -11.81 12.86
N PRO A 3 -17.93 -11.12 13.82
CA PRO A 3 -17.60 -9.70 13.68
C PRO A 3 -16.49 -9.48 12.65
N GLY A 4 -16.34 -8.23 12.22
CA GLY A 4 -15.31 -7.90 11.25
C GLY A 4 -14.22 -7.01 11.83
N GLU A 5 -13.86 -7.27 13.08
CA GLU A 5 -12.82 -6.50 13.75
C GLU A 5 -11.55 -6.46 12.92
N ASN A 6 -11.22 -7.58 12.28
CA ASN A 6 -10.02 -7.68 11.46
C ASN A 6 -10.16 -6.82 10.20
N LEU A 7 -11.34 -6.86 9.59
CA LEU A 7 -11.60 -6.09 8.38
C LEU A 7 -11.45 -4.59 8.64
N LYS A 8 -11.90 -4.16 9.81
CA LYS A 8 -11.80 -2.75 10.18
C LYS A 8 -10.36 -2.27 10.12
N HIS A 9 -9.45 -3.02 10.75
CA HIS A 9 -8.04 -2.67 10.76
C HIS A 9 -7.40 -2.94 9.40
N ILE A 10 -7.91 -3.96 8.71
CA ILE A 10 -7.37 -4.32 7.40
C ILE A 10 -7.66 -3.22 6.37
N ILE A 11 -8.88 -2.71 6.39
CA ILE A 11 -9.28 -1.66 5.46
C ILE A 11 -8.64 -0.32 5.83
N THR A 12 -8.84 0.10 7.08
CA THR A 12 -8.27 1.35 7.56
C THR A 12 -6.77 1.43 7.27
N LEU A 13 -6.11 0.28 7.28
CA LEU A 13 -4.68 0.21 7.02
C LEU A 13 -4.33 0.97 5.74
N GLY A 14 -5.24 0.96 4.77
CA GLY A 14 -5.00 1.65 3.52
C GLY A 14 -5.18 3.16 3.64
N GLN A 15 -6.11 3.57 4.51
CA GLN A 15 -6.37 4.99 4.72
C GLN A 15 -5.31 5.62 5.61
N VAL A 16 -4.99 4.95 6.70
CA VAL A 16 -3.98 5.45 7.64
C VAL A 16 -2.66 5.72 6.92
N ILE A 17 -2.25 4.80 6.06
CA ILE A 17 -1.02 4.94 5.30
C ILE A 17 -1.11 6.09 4.32
N HIS A 18 -2.27 6.26 3.71
CA HIS A 18 -2.50 7.33 2.73
C HIS A 18 -2.37 8.69 3.40
N LYS A 19 -3.13 8.90 4.47
CA LYS A 19 -3.10 10.16 5.20
C LYS A 19 -1.75 10.39 5.86
N ARG A 20 -1.11 9.30 6.28
CA ARG A 20 0.19 9.37 6.93
C ARG A 20 1.24 9.98 5.99
N CYS A 21 1.02 9.81 4.69
CA CYS A 21 1.94 10.34 3.69
C CYS A 21 2.27 11.80 3.97
N GLU A 22 1.23 12.59 4.22
CA GLU A 22 1.39 14.01 4.51
C GLU A 22 2.44 14.22 5.60
N GLU A 23 2.51 13.27 6.54
CA GLU A 23 3.46 13.37 7.63
C GLU A 23 4.90 13.40 7.12
N MET A 24 5.20 12.52 6.17
CA MET A 24 6.53 12.45 5.59
C MET A 24 7.01 13.83 5.14
N LYS A 25 8.29 13.93 4.83
CA LYS A 25 8.87 15.20 4.39
C LYS A 25 9.96 14.96 3.35
N TYR A 26 10.71 13.88 3.52
CA TYR A 26 11.78 13.54 2.59
C TYR A 26 11.29 12.59 1.50
N CYS A 27 10.95 11.38 1.90
CA CYS A 27 10.46 10.38 0.96
C CYS A 27 9.00 10.63 0.60
N LYS A 28 8.42 11.65 1.22
CA LYS A 28 7.02 12.00 0.97
C LYS A 28 6.73 12.05 -0.53
N LYS A 29 7.76 12.32 -1.32
CA LYS A 29 7.62 12.39 -2.77
C LYS A 29 7.17 11.06 -3.33
N GLN A 30 7.87 9.99 -2.96
CA GLN A 30 7.53 8.65 -3.44
C GLN A 30 6.29 8.12 -2.73
N CYS A 31 6.32 8.12 -1.41
CA CYS A 31 5.19 7.64 -0.62
C CYS A 31 3.89 8.30 -1.06
N ARG A 32 4.00 9.52 -1.58
CA ARG A 32 2.84 10.26 -2.04
C ARG A 32 2.06 9.47 -3.09
N ARG A 33 2.77 8.95 -4.09
CA ARG A 33 2.16 8.17 -5.15
C ARG A 33 1.81 6.78 -4.66
N LEU A 34 2.62 6.25 -3.75
CA LEU A 34 2.39 4.91 -3.21
C LEU A 34 1.07 4.86 -2.43
N GLY A 35 0.94 5.72 -1.43
CA GLY A 35 -0.26 5.74 -0.64
C GLY A 35 -1.49 6.08 -1.46
N HIS A 36 -1.31 6.94 -2.46
CA HIS A 36 -2.41 7.36 -3.33
C HIS A 36 -2.81 6.22 -4.27
N ARG A 37 -1.81 5.58 -4.88
CA ARG A 37 -2.06 4.49 -5.80
C ARG A 37 -2.61 3.27 -5.06
N VAL A 38 -1.92 2.86 -4.01
CA VAL A 38 -2.33 1.70 -3.22
C VAL A 38 -3.76 1.86 -2.71
N LEU A 39 -4.14 3.11 -2.44
CA LEU A 39 -5.49 3.40 -1.95
C LEU A 39 -6.55 2.80 -2.86
N GLY A 40 -6.20 2.68 -4.15
CA GLY A 40 -7.15 2.11 -5.10
C GLY A 40 -7.50 0.67 -4.80
N LEU A 41 -6.57 -0.03 -4.15
CA LEU A 41 -6.78 -1.43 -3.79
C LEU A 41 -7.77 -1.55 -2.63
N ILE A 42 -7.66 -0.65 -1.67
CA ILE A 42 -8.54 -0.66 -0.51
C ILE A 42 -9.89 -0.01 -0.84
N LYS A 43 -9.90 0.80 -1.89
CA LYS A 43 -11.12 1.48 -2.31
C LYS A 43 -12.29 0.52 -2.35
N PRO A 44 -12.15 -0.56 -3.12
CA PRO A 44 -13.19 -1.59 -3.27
C PRO A 44 -13.38 -2.39 -1.99
N LEU A 45 -12.37 -2.39 -1.13
CA LEU A 45 -12.43 -3.12 0.13
C LEU A 45 -13.36 -2.43 1.13
N GLU A 46 -13.29 -1.11 1.16
CA GLU A 46 -14.13 -0.33 2.07
C GLU A 46 -15.55 -0.20 1.53
N MET A 47 -15.67 -0.13 0.21
CA MET A 47 -16.98 -0.02 -0.44
C MET A 47 -17.89 -1.16 -0.03
N LEU A 48 -17.29 -2.32 0.26
CA LEU A 48 -18.05 -3.49 0.67
C LEU A 48 -18.73 -3.27 2.02
N GLN A 49 -17.92 -2.96 3.04
CA GLN A 49 -18.45 -2.72 4.37
C GLN A 49 -19.29 -1.45 4.40
N ASP A 50 -18.98 -0.52 3.50
CA ASP A 50 -19.70 0.74 3.44
C ASP A 50 -21.20 0.51 3.32
N GLN A 51 -21.62 -0.09 2.22
CA GLN A 51 -23.03 -0.37 1.98
C GLN A 51 -23.44 -1.67 2.67
N GLY A 52 -22.53 -2.63 2.71
CA GLY A 52 -22.81 -3.91 3.34
C GLY A 52 -23.38 -4.92 2.36
N LYS A 53 -23.00 -4.80 1.10
CA LYS A 53 -23.48 -5.71 0.06
C LYS A 53 -22.98 -7.13 0.32
N ARG A 54 -21.66 -7.31 0.26
CA ARG A 54 -21.06 -8.62 0.48
C ARG A 54 -21.52 -9.20 1.82
N SER A 55 -22.19 -10.35 1.77
CA SER A 55 -22.67 -11.01 2.97
C SER A 55 -21.55 -11.18 3.99
N VAL A 56 -20.65 -12.11 3.70
CA VAL A 56 -19.52 -12.38 4.59
C VAL A 56 -18.57 -13.40 3.99
N PRO A 57 -17.27 -13.11 4.07
CA PRO A 57 -16.22 -13.99 3.53
C PRO A 57 -16.08 -15.28 4.32
N SER A 58 -15.61 -16.33 3.67
CA SER A 58 -15.43 -17.62 4.31
C SER A 58 -13.98 -17.82 4.76
N GLU A 59 -13.72 -18.94 5.40
CA GLU A 59 -12.37 -19.25 5.88
C GLU A 59 -11.34 -19.07 4.78
N LYS A 60 -11.67 -19.55 3.58
CA LYS A 60 -10.78 -19.44 2.44
C LYS A 60 -10.33 -18.00 2.24
N LEU A 61 -11.29 -17.09 2.10
CA LEU A 61 -11.00 -15.68 1.90
C LEU A 61 -10.16 -15.13 3.04
N THR A 62 -10.48 -15.54 4.26
CA THR A 62 -9.76 -15.10 5.45
C THR A 62 -8.27 -15.33 5.30
N THR A 63 -7.92 -16.44 4.64
CA THR A 63 -6.51 -16.79 4.43
C THR A 63 -5.85 -15.82 3.45
N ALA A 64 -6.49 -15.61 2.30
CA ALA A 64 -5.96 -14.72 1.28
C ALA A 64 -5.87 -13.29 1.80
N MET A 65 -6.88 -12.88 2.58
CA MET A 65 -6.92 -11.54 3.15
C MET A 65 -5.93 -11.41 4.29
N ASN A 66 -5.83 -12.46 5.11
CA ASN A 66 -4.93 -12.46 6.25
C ASN A 66 -3.52 -12.06 5.83
N ARG A 67 -3.16 -12.40 4.60
CA ARG A 67 -1.84 -12.08 4.08
C ARG A 67 -1.72 -10.59 3.75
N PHE A 68 -2.81 -10.02 3.25
CA PHE A 68 -2.83 -8.61 2.90
C PHE A 68 -2.70 -7.74 4.14
N LYS A 69 -3.26 -8.20 5.26
CA LYS A 69 -3.20 -7.48 6.51
C LYS A 69 -1.76 -7.17 6.90
N ALA A 70 -0.95 -8.21 7.03
CA ALA A 70 0.45 -8.06 7.40
C ALA A 70 1.26 -7.49 6.23
N ALA A 71 0.91 -7.90 5.02
CA ALA A 71 1.60 -7.43 3.83
C ALA A 71 1.52 -5.92 3.71
N LEU A 72 0.31 -5.38 3.76
CA LEU A 72 0.09 -3.94 3.65
C LEU A 72 0.81 -3.20 4.78
N GLU A 73 0.86 -3.83 5.96
CA GLU A 73 1.50 -3.24 7.12
C GLU A 73 2.92 -2.78 6.77
N GLU A 74 3.57 -3.52 5.88
CA GLU A 74 4.93 -3.18 5.47
C GLU A 74 5.00 -1.76 4.93
N ALA A 75 4.02 -1.39 4.12
CA ALA A 75 3.96 -0.05 3.55
C ALA A 75 3.82 1.01 4.63
N ASN A 76 2.79 0.87 5.45
CA ASN A 76 2.54 1.82 6.53
C ASN A 76 3.72 1.88 7.49
N GLY A 77 4.38 0.75 7.69
CA GLY A 77 5.53 0.70 8.57
C GLY A 77 6.77 1.31 7.95
N GLU A 78 6.95 1.10 6.64
CA GLU A 78 8.10 1.63 5.93
C GLU A 78 8.21 3.14 6.12
N ILE A 79 7.19 3.86 5.65
CA ILE A 79 7.16 5.32 5.77
C ILE A 79 7.42 5.76 7.20
N GLU A 80 6.92 4.98 8.16
CA GLU A 80 7.08 5.29 9.57
C GLU A 80 8.57 5.35 9.94
N LYS A 81 9.28 4.27 9.66
CA LYS A 81 10.71 4.19 9.96
C LYS A 81 11.50 5.16 9.08
N PHE A 82 11.10 5.26 7.81
CA PHE A 82 11.77 6.14 6.87
C PHE A 82 11.73 7.58 7.36
N SER A 83 10.77 7.87 8.23
CA SER A 83 10.61 9.23 8.77
C SER A 83 11.96 9.79 9.22
N ASN A 84 12.82 8.91 9.74
CA ASN A 84 14.13 9.33 10.21
C ASN A 84 15.01 9.77 9.05
N ARG A 85 15.41 11.04 9.07
CA ARG A 85 16.25 11.59 8.02
C ARG A 85 17.48 10.72 7.80
N SER A 86 18.00 10.14 8.87
CA SER A 86 19.17 9.28 8.79
C SER A 86 18.85 7.99 8.04
N ASN A 87 17.70 7.40 8.34
CA ASN A 87 17.28 6.16 7.70
C ASN A 87 17.18 6.35 6.19
N ILE A 88 16.83 7.55 5.76
CA ILE A 88 16.70 7.86 4.34
C ILE A 88 18.07 8.12 3.71
N CYS A 89 18.93 8.82 4.44
CA CYS A 89 20.26 9.13 3.94
C CYS A 89 21.14 7.88 3.89
N ARG A 90 20.90 6.98 4.84
CA ARG A 90 21.66 5.73 4.90
C ARG A 90 21.16 4.72 3.87
N PHE A 91 19.86 4.77 3.59
CA PHE A 91 19.25 3.86 2.62
C PHE A 91 19.56 4.31 1.19
N LEU A 92 19.60 5.62 0.99
CA LEU A 92 19.87 6.18 -0.32
C LEU A 92 21.33 5.96 -0.71
N THR A 93 22.24 6.36 0.17
CA THR A 93 23.67 6.21 -0.07
C THR A 93 24.02 4.76 -0.39
N ALA A 94 23.29 3.83 0.21
CA ALA A 94 23.52 2.41 -0.02
C ALA A 94 23.57 2.09 -1.51
N SER A 95 22.76 2.79 -2.29
CA SER A 95 22.71 2.57 -3.73
C SER A 95 22.03 3.75 -4.43
N GLN A 96 22.65 4.20 -5.52
CA GLN A 96 22.11 5.32 -6.29
C GLN A 96 20.70 5.00 -6.81
N ASP A 97 19.76 5.90 -6.53
CA ASP A 97 18.39 5.71 -6.98
C ASP A 97 17.81 4.40 -6.44
N LYS A 98 17.79 4.28 -5.11
CA LYS A 98 17.28 3.08 -4.47
C LYS A 98 15.81 3.27 -4.07
N ILE A 99 14.97 2.32 -4.48
CA ILE A 99 13.55 2.39 -4.16
C ILE A 99 13.30 2.06 -2.69
N LEU A 100 12.22 2.62 -2.15
CA LEU A 100 11.86 2.39 -0.76
C LEU A 100 10.67 1.45 -0.65
N PHE A 101 9.75 1.55 -1.61
CA PHE A 101 8.56 0.72 -1.62
C PHE A 101 8.52 -0.16 -2.87
N LYS A 102 9.70 -0.67 -3.26
CA LYS A 102 9.80 -1.52 -4.44
C LYS A 102 9.17 -2.88 -4.18
N ASP A 103 9.51 -3.47 -3.04
CA ASP A 103 8.96 -4.78 -2.67
C ASP A 103 7.51 -4.66 -2.22
N VAL A 104 7.15 -3.50 -1.68
CA VAL A 104 5.80 -3.24 -1.21
C VAL A 104 4.78 -3.54 -2.30
N ASN A 105 4.96 -2.92 -3.46
CA ASN A 105 4.05 -3.11 -4.58
C ASN A 105 3.99 -4.58 -4.99
N ARG A 106 5.09 -5.28 -4.79
CA ARG A 106 5.17 -6.70 -5.13
C ARG A 106 4.31 -7.53 -4.19
N LYS A 107 4.52 -7.36 -2.89
CA LYS A 107 3.76 -8.10 -1.88
C LYS A 107 2.29 -7.69 -1.90
N LEU A 108 2.05 -6.39 -1.94
CA LEU A 108 0.69 -5.86 -1.96
C LEU A 108 -0.13 -6.52 -3.07
N SER A 109 0.46 -6.63 -4.25
CA SER A 109 -0.22 -7.24 -5.40
C SER A 109 -0.31 -8.75 -5.22
N ASP A 110 0.66 -9.32 -4.51
CA ASP A 110 0.68 -10.76 -4.27
C ASP A 110 -0.48 -11.18 -3.38
N VAL A 111 -0.77 -10.37 -2.37
CA VAL A 111 -1.86 -10.68 -1.44
C VAL A 111 -3.21 -10.39 -2.09
N TRP A 112 -3.26 -9.37 -2.93
CA TRP A 112 -4.49 -9.00 -3.62
C TRP A 112 -4.93 -10.09 -4.59
N LYS A 113 -4.03 -10.45 -5.50
CA LYS A 113 -4.31 -11.48 -6.49
C LYS A 113 -4.73 -12.79 -5.81
N GLU A 114 -4.37 -12.93 -4.54
CA GLU A 114 -4.71 -14.13 -3.79
C GLU A 114 -6.15 -14.06 -3.29
N LEU A 115 -6.57 -12.89 -2.84
CA LEU A 115 -7.92 -12.69 -2.34
C LEU A 115 -8.85 -12.16 -3.44
N SER A 116 -8.24 -11.77 -4.56
CA SER A 116 -9.01 -11.24 -5.69
C SER A 116 -9.75 -12.37 -6.41
N LEU A 117 -9.13 -13.54 -6.46
CA LEU A 117 -9.72 -14.70 -7.12
C LEU A 117 -10.93 -15.20 -6.36
N LEU A 118 -10.78 -15.38 -5.06
CA LEU A 118 -11.86 -15.86 -4.21
C LEU A 118 -13.03 -14.89 -4.22
N LEU A 119 -12.77 -13.65 -4.64
CA LEU A 119 -13.80 -12.63 -4.72
C LEU A 119 -14.42 -12.58 -6.10
N GLN A 120 -13.58 -12.39 -7.12
CA GLN A 120 -14.05 -12.33 -8.50
C GLN A 120 -14.71 -13.64 -8.90
N VAL A 121 -14.25 -14.74 -8.33
CA VAL A 121 -14.80 -16.06 -8.64
C VAL A 121 -16.32 -16.06 -8.53
N GLU A 122 -16.84 -15.29 -7.57
CA GLU A 122 -18.28 -15.21 -7.36
C GLU A 122 -18.84 -13.91 -7.94
N GLN A 123 -18.24 -12.78 -7.55
CA GLN A 123 -18.68 -11.48 -8.05
C GLN A 123 -17.49 -10.54 -8.22
N ARG A 124 -17.56 -9.69 -9.25
CA ARG A 124 -16.50 -8.74 -9.52
C ARG A 124 -16.30 -7.79 -8.34
N MET A 125 -15.50 -6.75 -8.56
CA MET A 125 -15.23 -5.77 -7.52
C MET A 125 -14.34 -4.64 -8.05
N PRO A 126 -13.12 -5.00 -8.47
CA PRO A 126 -12.15 -4.05 -9.01
C PRO A 126 -12.56 -3.50 -10.37
N VAL A 127 -12.02 -2.34 -10.73
CA VAL A 127 -12.33 -1.71 -12.00
C VAL A 127 -11.19 -1.89 -13.00
N SER A 128 -10.03 -1.37 -12.66
CA SER A 128 -8.85 -1.47 -13.52
C SER A 128 -8.34 -2.91 -13.58
N PRO A 129 -7.55 -3.21 -14.63
CA PRO A 129 -6.99 -4.55 -14.82
C PRO A 129 -5.92 -4.89 -13.79
N ILE A 130 -6.36 -5.24 -12.59
CA ILE A 130 -5.44 -5.60 -11.51
C ILE A 130 -4.46 -6.66 -11.96
N SER A 131 -3.20 -6.51 -11.56
CA SER A 131 -2.15 -7.45 -11.92
C SER A 131 -2.13 -7.70 -13.42
N GLN A 132 -1.58 -6.74 -14.16
CA GLN A 132 -1.49 -6.85 -15.61
C GLN A 132 -0.30 -6.07 -16.14
N GLY A 133 -0.42 -4.75 -16.16
CA GLY A 133 0.67 -3.91 -16.64
C GLY A 133 1.80 -3.78 -15.65
N ALA A 134 1.45 -3.62 -14.38
CA ALA A 134 2.44 -3.48 -13.32
C ALA A 134 3.29 -2.23 -13.52
N SER A 135 2.66 -1.17 -14.02
CA SER A 135 3.36 0.09 -14.27
C SER A 135 3.58 0.84 -12.96
N TRP A 136 2.63 0.73 -12.04
CA TRP A 136 2.72 1.41 -10.75
C TRP A 136 4.03 1.06 -10.05
N ALA A 137 4.57 -0.11 -10.37
CA ALA A 137 5.83 -0.54 -9.77
C ALA A 137 7.01 0.20 -10.37
N GLN A 138 7.11 0.18 -11.69
CA GLN A 138 8.19 0.86 -12.38
C GLN A 138 8.25 2.33 -12.01
N GLU A 139 7.07 2.96 -11.90
CA GLU A 139 6.99 4.36 -11.55
C GLU A 139 7.76 4.66 -10.26
N ASP A 140 7.75 3.70 -9.34
CA ASP A 140 8.44 3.85 -8.07
C ASP A 140 9.94 3.97 -8.28
N GLN A 141 10.46 3.27 -9.28
CA GLN A 141 11.88 3.30 -9.59
C GLN A 141 12.29 4.68 -10.10
N GLN A 142 11.50 5.22 -11.02
CA GLN A 142 11.78 6.54 -11.59
C GLN A 142 11.52 7.64 -10.57
N ASP A 143 10.47 7.45 -9.76
CA ASP A 143 10.11 8.44 -8.76
C ASP A 143 11.12 8.46 -7.63
N ALA A 144 11.60 7.28 -7.25
CA ALA A 144 12.59 7.16 -6.18
C ALA A 144 13.80 8.05 -6.44
N ASP A 145 14.12 8.22 -7.72
CA ASP A 145 15.27 9.06 -8.10
C ASP A 145 15.10 10.48 -7.57
N GLU A 146 13.86 10.96 -7.54
CA GLU A 146 13.57 12.30 -7.06
C GLU A 146 14.00 12.46 -5.61
N ASP A 147 13.77 11.43 -4.81
CA ASP A 147 14.14 11.46 -3.40
C ASP A 147 15.60 11.83 -3.22
N ARG A 148 16.44 11.40 -4.16
CA ARG A 148 17.86 11.69 -4.11
C ARG A 148 18.12 13.19 -4.18
N ARG A 149 17.76 13.80 -5.31
CA ARG A 149 17.95 15.23 -5.50
C ARG A 149 17.18 16.03 -4.45
N ALA A 150 15.97 15.57 -4.14
CA ALA A 150 15.14 16.24 -3.15
C ALA A 150 15.79 16.22 -1.77
N PHE A 151 16.32 15.06 -1.39
CA PHE A 151 16.98 14.91 -0.09
C PHE A 151 18.04 15.99 0.11
N GLN A 152 18.60 16.47 -0.99
CA GLN A 152 19.64 17.50 -0.93
C GLN A 152 19.16 18.69 -0.11
N MET A 153 17.84 18.90 -0.07
CA MET A 153 17.26 20.00 0.68
C MET A 153 17.69 19.95 2.14
N LEU A 154 18.08 18.76 2.59
CA LEU A 154 18.52 18.58 3.98
C LEU A 154 19.91 19.16 4.19
N ARG A 155 20.00 20.49 4.20
CA ARG A 155 21.28 21.16 4.40
C ARG A 155 22.33 20.63 3.43
N ARG A 156 22.01 20.68 2.14
CA ARG A 156 22.94 20.20 1.11
C ARG A 156 22.60 20.80 -0.25
N ASP A 157 23.57 20.78 -1.15
CA ASP A 157 23.38 21.32 -2.49
C ASP A 157 22.19 20.66 -3.19
N GLY A 1 -8.24 -11.94 12.73
CA GLY A 1 -9.12 -12.14 11.60
C GLY A 1 -10.38 -12.90 11.97
N SER A 2 -11.45 -12.16 12.24
CA SER A 2 -12.73 -12.78 12.62
C SER A 2 -13.78 -11.71 12.89
N PRO A 3 -13.51 -10.85 13.89
CA PRO A 3 -14.42 -9.77 14.27
C PRO A 3 -14.49 -8.67 13.22
N GLY A 4 -15.46 -7.76 13.38
CA GLY A 4 -15.62 -6.68 12.43
C GLY A 4 -14.47 -5.69 12.50
N GLU A 5 -13.91 -5.50 13.68
CA GLU A 5 -12.81 -4.58 13.88
C GLU A 5 -11.69 -4.86 12.88
N ASN A 6 -11.47 -6.14 12.59
CA ASN A 6 -10.42 -6.55 11.66
C ASN A 6 -10.57 -5.81 10.33
N LEU A 7 -11.79 -5.77 9.82
CA LEU A 7 -12.06 -5.09 8.55
C LEU A 7 -11.79 -3.60 8.65
N LYS A 8 -12.12 -3.01 9.80
CA LYS A 8 -11.89 -1.60 10.03
C LYS A 8 -10.41 -1.26 9.98
N HIS A 9 -9.61 -2.01 10.74
CA HIS A 9 -8.17 -1.78 10.78
C HIS A 9 -7.53 -2.17 9.45
N ILE A 10 -7.99 -3.27 8.87
CA ILE A 10 -7.46 -3.74 7.59
C ILE A 10 -7.77 -2.76 6.47
N ILE A 11 -9.01 -2.28 6.43
CA ILE A 11 -9.42 -1.32 5.41
C ILE A 11 -8.83 0.06 5.67
N THR A 12 -9.06 0.59 6.87
CA THR A 12 -8.54 1.90 7.24
C THR A 12 -7.05 1.99 6.96
N LEU A 13 -6.35 0.87 7.09
CA LEU A 13 -4.91 0.82 6.85
C LEU A 13 -4.55 1.49 5.52
N GLY A 14 -5.44 1.35 4.54
CA GLY A 14 -5.22 1.93 3.23
C GLY A 14 -5.46 3.43 3.22
N GLN A 15 -6.42 3.87 4.01
CA GLN A 15 -6.76 5.29 4.08
C GLN A 15 -5.74 6.05 4.92
N VAL A 16 -5.42 5.51 6.09
CA VAL A 16 -4.47 6.14 6.99
C VAL A 16 -3.14 6.40 6.28
N ILE A 17 -2.67 5.40 5.54
CA ILE A 17 -1.42 5.51 4.81
C ILE A 17 -1.52 6.55 3.69
N HIS A 18 -2.70 6.64 3.08
CA HIS A 18 -2.93 7.58 2.00
C HIS A 18 -2.86 9.03 2.51
N LYS A 19 -3.56 9.29 3.60
CA LYS A 19 -3.58 10.62 4.20
C LYS A 19 -2.28 10.91 4.94
N ARG A 20 -1.65 9.85 5.46
CA ARG A 20 -0.40 9.99 6.19
C ARG A 20 0.65 10.70 5.34
N CYS A 21 0.54 10.56 4.02
CA CYS A 21 1.47 11.18 3.10
C CYS A 21 1.64 12.66 3.43
N GLU A 22 0.59 13.28 3.96
CA GLU A 22 0.62 14.68 4.32
C GLU A 22 1.75 14.98 5.29
N GLU A 23 2.01 14.03 6.20
CA GLU A 23 3.06 14.18 7.18
C GLU A 23 4.44 14.13 6.52
N MET A 24 4.62 13.18 5.61
CA MET A 24 5.88 13.03 4.91
C MET A 24 6.34 14.36 4.31
N LYS A 25 7.65 14.51 4.14
CA LYS A 25 8.21 15.73 3.57
C LYS A 25 9.24 15.40 2.50
N TYR A 26 10.11 14.44 2.79
CA TYR A 26 11.15 14.04 1.84
C TYR A 26 10.63 12.97 0.89
N CYS A 27 10.12 11.88 1.46
CA CYS A 27 9.59 10.78 0.67
C CYS A 27 8.17 11.10 0.17
N LYS A 28 7.64 12.23 0.61
CA LYS A 28 6.30 12.65 0.22
C LYS A 28 6.12 12.57 -1.30
N LYS A 29 7.21 12.81 -2.02
CA LYS A 29 7.19 12.75 -3.48
C LYS A 29 6.66 11.41 -3.97
N GLN A 30 7.29 10.33 -3.51
CA GLN A 30 6.89 8.99 -3.90
C GLN A 30 5.59 8.59 -3.20
N CYS A 31 5.53 8.85 -1.90
CA CYS A 31 4.35 8.52 -1.10
C CYS A 31 3.08 9.05 -1.76
N ARG A 32 3.20 10.19 -2.43
CA ARG A 32 2.07 10.81 -3.11
C ARG A 32 1.42 9.83 -4.09
N ARG A 33 2.23 9.28 -4.98
CA ARG A 33 1.74 8.34 -5.98
C ARG A 33 1.49 6.97 -5.36
N LEU A 34 2.33 6.60 -4.40
CA LEU A 34 2.20 5.32 -3.72
C LEU A 34 0.87 5.22 -2.98
N GLY A 35 0.66 6.12 -2.03
CA GLY A 35 -0.57 6.11 -1.27
C GLY A 35 -1.80 6.13 -2.15
N HIS A 36 -1.77 7.00 -3.17
CA HIS A 36 -2.90 7.12 -4.09
C HIS A 36 -3.07 5.82 -4.90
N ARG A 37 -1.97 5.31 -5.44
CA ARG A 37 -2.00 4.09 -6.22
C ARG A 37 -2.55 2.92 -5.40
N VAL A 38 -2.04 2.78 -4.18
CA VAL A 38 -2.47 1.70 -3.30
C VAL A 38 -3.89 1.96 -2.78
N LEU A 39 -4.23 3.23 -2.63
CA LEU A 39 -5.56 3.61 -2.15
C LEU A 39 -6.65 3.02 -3.02
N GLY A 40 -6.34 2.82 -4.30
CA GLY A 40 -7.30 2.26 -5.23
C GLY A 40 -7.62 0.81 -4.93
N LEU A 41 -6.70 0.13 -4.25
CA LEU A 41 -6.88 -1.27 -3.91
C LEU A 41 -7.86 -1.43 -2.76
N ILE A 42 -7.81 -0.49 -1.81
CA ILE A 42 -8.70 -0.52 -0.66
C ILE A 42 -10.07 0.05 -1.01
N LYS A 43 -10.13 0.82 -2.09
CA LYS A 43 -11.38 1.42 -2.53
C LYS A 43 -12.51 0.40 -2.52
N PRO A 44 -12.31 -0.71 -3.25
CA PRO A 44 -13.30 -1.79 -3.34
C PRO A 44 -13.45 -2.56 -2.02
N LEU A 45 -12.43 -2.46 -1.17
CA LEU A 45 -12.44 -3.14 0.12
C LEU A 45 -13.39 -2.45 1.09
N GLU A 46 -13.38 -1.12 1.07
CA GLU A 46 -14.25 -0.34 1.96
C GLU A 46 -15.68 -0.32 1.43
N MET A 47 -15.83 -0.26 0.12
CA MET A 47 -17.15 -0.25 -0.51
C MET A 47 -18.00 -1.40 -0.01
N LEU A 48 -17.35 -2.50 0.35
CA LEU A 48 -18.05 -3.68 0.85
C LEU A 48 -18.73 -3.40 2.18
N GLN A 49 -17.94 -2.94 3.15
CA GLN A 49 -18.47 -2.63 4.47
C GLN A 49 -19.37 -1.40 4.43
N ASP A 50 -19.09 -0.50 3.49
CA ASP A 50 -19.88 0.72 3.33
C ASP A 50 -21.29 0.39 2.88
N GLN A 51 -21.42 -0.14 1.67
CA GLN A 51 -22.72 -0.50 1.12
C GLN A 51 -23.35 -1.65 1.90
N GLY A 52 -22.50 -2.58 2.34
CA GLY A 52 -22.98 -3.73 3.09
C GLY A 52 -23.76 -4.70 2.23
N LYS A 53 -23.19 -5.05 1.09
CA LYS A 53 -23.84 -5.98 0.16
C LYS A 53 -23.14 -7.34 0.19
N ARG A 54 -21.82 -7.33 0.34
CA ARG A 54 -21.04 -8.56 0.39
C ARG A 54 -21.14 -9.22 1.77
N SER A 55 -21.89 -10.32 1.83
CA SER A 55 -22.07 -11.04 3.09
C SER A 55 -20.72 -11.43 3.69
N VAL A 56 -20.75 -12.04 4.87
CA VAL A 56 -19.55 -12.46 5.55
C VAL A 56 -18.74 -13.43 4.69
N PRO A 57 -17.42 -13.20 4.63
CA PRO A 57 -16.51 -14.04 3.85
C PRO A 57 -16.34 -15.43 4.44
N SER A 58 -15.73 -16.33 3.68
CA SER A 58 -15.52 -17.71 4.13
C SER A 58 -14.16 -17.84 4.82
N GLU A 59 -13.92 -19.01 5.41
CA GLU A 59 -12.66 -19.26 6.11
C GLU A 59 -11.48 -19.20 5.14
N LYS A 60 -11.77 -19.37 3.86
CA LYS A 60 -10.75 -19.34 2.82
C LYS A 60 -10.26 -17.91 2.59
N LEU A 61 -11.20 -16.99 2.37
CA LEU A 61 -10.86 -15.60 2.14
C LEU A 61 -10.14 -15.00 3.34
N THR A 62 -10.53 -15.43 4.54
CA THR A 62 -9.91 -14.93 5.77
C THR A 62 -8.40 -15.09 5.72
N THR A 63 -7.94 -16.21 5.19
CA THR A 63 -6.51 -16.47 5.08
C THR A 63 -5.84 -15.50 4.12
N ALA A 64 -6.40 -15.39 2.93
CA ALA A 64 -5.85 -14.49 1.91
C ALA A 64 -5.77 -13.06 2.44
N MET A 65 -6.88 -12.56 2.98
CA MET A 65 -6.93 -11.21 3.51
C MET A 65 -6.02 -11.07 4.73
N ASN A 66 -5.97 -12.11 5.55
CA ASN A 66 -5.14 -12.11 6.75
C ASN A 66 -3.71 -11.73 6.41
N ARG A 67 -3.27 -12.10 5.22
CA ARG A 67 -1.91 -11.80 4.77
C ARG A 67 -1.79 -10.33 4.35
N PHE A 68 -2.86 -9.80 3.78
CA PHE A 68 -2.88 -8.41 3.33
C PHE A 68 -2.79 -7.46 4.52
N LYS A 69 -3.40 -7.84 5.64
CA LYS A 69 -3.39 -7.02 6.84
C LYS A 69 -1.97 -6.60 7.19
N ALA A 70 -1.10 -7.59 7.39
CA ALA A 70 0.30 -7.32 7.72
C ALA A 70 1.06 -6.76 6.53
N ALA A 71 0.71 -7.24 5.34
CA ALA A 71 1.36 -6.80 4.11
C ALA A 71 1.31 -5.28 3.99
N LEU A 72 0.12 -4.72 4.08
CA LEU A 72 -0.06 -3.28 3.98
C LEU A 72 0.59 -2.55 5.16
N GLU A 73 0.61 -3.22 6.31
CA GLU A 73 1.21 -2.64 7.51
C GLU A 73 2.62 -2.14 7.22
N GLU A 74 3.33 -2.86 6.35
CA GLU A 74 4.70 -2.50 6.00
C GLU A 74 4.74 -1.13 5.32
N ALA A 75 3.73 -0.86 4.49
CA ALA A 75 3.66 0.40 3.78
C ALA A 75 3.44 1.57 4.75
N ASN A 76 2.45 1.42 5.63
CA ASN A 76 2.14 2.46 6.61
C ASN A 76 3.28 2.61 7.62
N GLY A 77 3.93 1.49 7.94
CA GLY A 77 5.04 1.52 8.88
C GLY A 77 6.30 2.10 8.29
N GLU A 78 6.58 1.74 7.04
CA GLU A 78 7.78 2.23 6.36
C GLU A 78 7.82 3.76 6.37
N ILE A 79 6.82 4.38 5.76
CA ILE A 79 6.75 5.83 5.69
C ILE A 79 6.88 6.45 7.08
N GLU A 80 6.35 5.75 8.09
CA GLU A 80 6.43 6.23 9.47
C GLU A 80 7.88 6.44 9.90
N LYS A 81 8.66 5.37 9.85
CA LYS A 81 10.06 5.45 10.24
C LYS A 81 10.87 6.29 9.25
N PHE A 82 10.52 6.18 7.97
CA PHE A 82 11.20 6.93 6.92
C PHE A 82 10.98 8.43 7.10
N SER A 83 9.87 8.79 7.75
CA SER A 83 9.54 10.19 7.98
C SER A 83 10.74 10.95 8.53
N ASN A 84 11.56 10.27 9.32
CA ASN A 84 12.75 10.88 9.91
C ASN A 84 13.72 11.33 8.83
N ARG A 85 14.91 11.75 9.25
CA ARG A 85 15.93 12.20 8.31
C ARG A 85 17.05 11.16 8.18
N SER A 86 17.67 10.83 9.32
CA SER A 86 18.75 9.86 9.35
C SER A 86 18.34 8.56 8.66
N ASN A 87 17.06 8.19 8.82
CA ASN A 87 16.54 6.97 8.22
C ASN A 87 16.59 7.05 6.70
N ILE A 88 16.25 8.21 6.16
CA ILE A 88 16.25 8.42 4.72
C ILE A 88 17.67 8.60 4.19
N CYS A 89 18.47 9.35 4.94
CA CYS A 89 19.86 9.62 4.55
C CYS A 89 20.68 8.33 4.60
N ARG A 90 20.65 7.65 5.74
CA ARG A 90 21.40 6.41 5.91
C ARG A 90 21.05 5.41 4.80
N PHE A 91 19.79 5.43 4.38
CA PHE A 91 19.33 4.52 3.33
C PHE A 91 19.77 5.00 1.95
N LEU A 92 19.48 6.27 1.66
CA LEU A 92 19.84 6.85 0.38
C LEU A 92 21.34 6.74 0.13
N THR A 93 22.14 7.15 1.10
CA THR A 93 23.59 7.08 0.99
C THR A 93 24.06 5.65 0.83
N ALA A 94 23.34 4.72 1.45
CA ALA A 94 23.69 3.31 1.38
C ALA A 94 23.51 2.77 -0.04
N SER A 95 22.51 3.28 -0.75
CA SER A 95 22.23 2.86 -2.11
C SER A 95 22.50 3.99 -3.10
N GLN A 96 22.05 3.81 -4.33
CA GLN A 96 22.24 4.81 -5.37
C GLN A 96 20.95 5.02 -6.17
N ASP A 97 20.05 5.82 -5.62
CA ASP A 97 18.78 6.10 -6.30
C ASP A 97 17.95 4.83 -6.43
N LYS A 98 17.40 4.37 -5.31
CA LYS A 98 16.58 3.16 -5.29
C LYS A 98 15.21 3.45 -4.70
N ILE A 99 14.25 2.57 -4.98
CA ILE A 99 12.89 2.73 -4.48
C ILE A 99 12.83 2.39 -2.99
N LEU A 100 11.82 2.93 -2.30
CA LEU A 100 11.64 2.69 -0.88
C LEU A 100 10.43 1.81 -0.63
N PHE A 101 9.41 1.95 -1.46
CA PHE A 101 8.19 1.16 -1.33
C PHE A 101 8.01 0.23 -2.54
N LYS A 102 9.12 -0.24 -3.08
CA LYS A 102 9.09 -1.14 -4.23
C LYS A 102 8.55 -2.51 -3.83
N ASP A 103 9.27 -3.19 -2.94
CA ASP A 103 8.86 -4.51 -2.48
C ASP A 103 7.41 -4.50 -1.98
N VAL A 104 7.02 -3.40 -1.34
CA VAL A 104 5.67 -3.26 -0.82
C VAL A 104 4.64 -3.43 -1.93
N ASN A 105 4.75 -2.63 -2.97
CA ASN A 105 3.83 -2.70 -4.10
C ASN A 105 3.74 -4.12 -4.65
N ARG A 106 4.83 -4.87 -4.50
CA ARG A 106 4.88 -6.24 -4.98
C ARG A 106 4.07 -7.17 -4.08
N LYS A 107 4.36 -7.13 -2.79
CA LYS A 107 3.65 -7.96 -1.82
C LYS A 107 2.17 -7.59 -1.76
N LEU A 108 1.89 -6.29 -1.74
CA LEU A 108 0.51 -5.81 -1.68
C LEU A 108 -0.29 -6.33 -2.88
N SER A 109 0.33 -6.32 -4.05
CA SER A 109 -0.32 -6.78 -5.27
C SER A 109 -0.45 -8.31 -5.27
N ASP A 110 0.56 -8.98 -4.73
CA ASP A 110 0.55 -10.43 -4.66
C ASP A 110 -0.48 -10.93 -3.65
N VAL A 111 -0.61 -10.22 -2.55
CA VAL A 111 -1.56 -10.59 -1.50
C VAL A 111 -2.99 -10.24 -1.92
N TRP A 112 -3.13 -9.23 -2.76
CA TRP A 112 -4.44 -8.79 -3.23
C TRP A 112 -4.95 -9.72 -4.35
N LYS A 113 -4.10 -9.96 -5.33
CA LYS A 113 -4.46 -10.83 -6.45
C LYS A 113 -4.84 -12.22 -5.96
N GLU A 114 -4.34 -12.59 -4.79
CA GLU A 114 -4.62 -13.90 -4.21
C GLU A 114 -6.01 -13.91 -3.58
N LEU A 115 -6.30 -12.87 -2.80
CA LEU A 115 -7.60 -12.77 -2.13
C LEU A 115 -8.66 -12.23 -3.08
N SER A 116 -8.22 -11.56 -4.14
CA SER A 116 -9.13 -10.99 -5.12
C SER A 116 -9.70 -12.08 -6.03
N LEU A 117 -8.84 -13.01 -6.43
CA LEU A 117 -9.26 -14.12 -7.31
C LEU A 117 -10.47 -14.84 -6.73
N LEU A 118 -10.37 -15.25 -5.48
CA LEU A 118 -11.47 -15.95 -4.81
C LEU A 118 -12.64 -15.01 -4.56
N LEU A 119 -12.42 -13.73 -4.79
CA LEU A 119 -13.46 -12.72 -4.60
C LEU A 119 -14.22 -12.48 -5.89
N GLN A 120 -13.49 -12.30 -6.99
CA GLN A 120 -14.11 -12.06 -8.29
C GLN A 120 -14.69 -13.35 -8.86
N VAL A 121 -14.16 -14.48 -8.42
CA VAL A 121 -14.62 -15.78 -8.89
C VAL A 121 -16.14 -15.88 -8.81
N GLU A 122 -16.72 -15.27 -7.77
CA GLU A 122 -18.15 -15.29 -7.58
C GLU A 122 -18.77 -13.95 -7.96
N GLN A 123 -18.24 -12.87 -7.39
CA GLN A 123 -18.74 -11.53 -7.67
C GLN A 123 -17.58 -10.56 -7.86
N ARG A 124 -17.63 -9.81 -8.96
CA ARG A 124 -16.58 -8.84 -9.27
C ARG A 124 -16.46 -7.81 -8.15
N MET A 125 -15.62 -6.80 -8.38
CA MET A 125 -15.41 -5.74 -7.40
C MET A 125 -14.53 -4.64 -7.95
N PRO A 126 -13.28 -4.99 -8.29
CA PRO A 126 -12.31 -4.04 -8.86
C PRO A 126 -12.69 -3.60 -10.27
N VAL A 127 -12.22 -2.42 -10.65
CA VAL A 127 -12.49 -1.88 -11.98
C VAL A 127 -11.29 -2.03 -12.90
N SER A 128 -10.17 -1.43 -12.50
CA SER A 128 -8.95 -1.50 -13.28
C SER A 128 -8.36 -2.90 -13.28
N PRO A 129 -7.48 -3.18 -14.26
CA PRO A 129 -6.83 -4.49 -14.37
C PRO A 129 -5.82 -4.75 -13.25
N ILE A 130 -6.33 -5.12 -12.08
CA ILE A 130 -5.48 -5.38 -10.93
C ILE A 130 -4.44 -6.47 -11.26
N SER A 131 -4.82 -7.38 -12.14
CA SER A 131 -3.93 -8.46 -12.55
C SER A 131 -2.68 -7.92 -13.22
N GLN A 132 -2.86 -6.87 -14.03
CA GLN A 132 -1.74 -6.26 -14.74
C GLN A 132 -0.61 -5.91 -13.78
N GLY A 133 -0.80 -4.85 -13.01
CA GLY A 133 0.22 -4.43 -12.06
C GLY A 133 1.60 -4.32 -12.70
N ALA A 134 1.88 -3.16 -13.27
CA ALA A 134 3.18 -2.93 -13.91
C ALA A 134 3.47 -1.43 -14.03
N SER A 135 2.56 -0.70 -14.65
CA SER A 135 2.72 0.74 -14.84
C SER A 135 3.03 1.41 -13.51
N TRP A 136 2.19 1.17 -12.51
CA TRP A 136 2.38 1.77 -11.18
C TRP A 136 3.73 1.38 -10.60
N ALA A 137 4.23 0.22 -11.00
CA ALA A 137 5.52 -0.26 -10.53
C ALA A 137 6.67 0.57 -11.10
N GLN A 138 6.57 0.90 -12.38
CA GLN A 138 7.60 1.69 -13.05
C GLN A 138 7.64 3.10 -12.50
N GLU A 139 6.47 3.63 -12.14
CA GLU A 139 6.37 4.98 -11.60
C GLU A 139 7.16 5.10 -10.29
N ASP A 140 7.14 4.04 -9.50
CA ASP A 140 7.85 4.02 -8.23
C ASP A 140 9.30 4.44 -8.41
N GLN A 141 9.98 3.83 -9.38
CA GLN A 141 11.37 4.14 -9.65
C GLN A 141 11.53 5.58 -10.10
N GLN A 142 10.54 6.08 -10.84
CA GLN A 142 10.57 7.46 -11.33
C GLN A 142 10.44 8.45 -10.17
N ASP A 143 9.54 8.16 -9.24
CA ASP A 143 9.32 9.02 -8.09
C ASP A 143 10.52 8.98 -7.14
N ALA A 144 10.93 7.77 -6.77
CA ALA A 144 12.06 7.59 -5.87
C ALA A 144 13.29 8.32 -6.38
N ASP A 145 13.45 8.35 -7.69
CA ASP A 145 14.59 9.03 -8.32
C ASP A 145 14.55 10.53 -8.04
N GLU A 146 13.35 11.09 -8.01
CA GLU A 146 13.18 12.51 -7.77
C GLU A 146 13.54 12.86 -6.32
N ASP A 147 13.20 11.95 -5.40
CA ASP A 147 13.48 12.16 -3.99
C ASP A 147 14.97 12.44 -3.77
N ARG A 148 15.82 11.83 -4.59
CA ARG A 148 17.26 12.02 -4.48
C ARG A 148 17.64 13.47 -4.77
N ARG A 149 17.39 13.90 -6.01
CA ARG A 149 17.72 15.27 -6.42
C ARG A 149 17.11 16.28 -5.45
N ALA A 150 15.92 15.96 -4.95
CA ALA A 150 15.23 16.85 -4.02
C ALA A 150 15.88 16.80 -2.64
N PHE A 151 16.43 15.65 -2.30
CA PHE A 151 17.08 15.47 -1.00
C PHE A 151 18.47 16.10 -0.99
N GLN A 152 19.11 16.12 -2.16
CA GLN A 152 20.44 16.69 -2.29
C GLN A 152 20.49 18.09 -1.68
N MET A 153 19.62 18.97 -2.13
CA MET A 153 19.57 20.33 -1.63
C MET A 153 19.50 20.34 -0.11
N LEU A 154 18.84 19.33 0.46
CA LEU A 154 18.70 19.23 1.90
C LEU A 154 20.07 19.05 2.57
N ARG A 155 20.70 17.91 2.30
CA ARG A 155 22.00 17.62 2.88
C ARG A 155 21.99 17.76 4.40
N ARG A 156 20.86 17.41 5.01
CA ARG A 156 20.72 17.50 6.45
C ARG A 156 20.90 16.15 7.11
N ASP A 157 21.45 16.15 8.32
CA ASP A 157 21.68 14.93 9.06
C ASP A 157 20.37 14.23 9.41
N GLY A 1 -17.98 -15.52 19.03
CA GLY A 1 -18.43 -14.53 18.09
C GLY A 1 -17.43 -14.31 16.96
N SER A 2 -17.84 -13.56 15.95
CA SER A 2 -16.99 -13.27 14.80
C SER A 2 -17.37 -11.95 14.15
N PRO A 3 -17.09 -10.84 14.84
CA PRO A 3 -17.41 -9.50 14.34
C PRO A 3 -16.52 -9.10 13.16
N GLY A 4 -16.68 -7.86 12.69
CA GLY A 4 -15.90 -7.39 11.57
C GLY A 4 -14.92 -6.31 11.97
N GLU A 5 -14.39 -6.41 13.19
CA GLU A 5 -13.43 -5.43 13.70
C GLU A 5 -12.15 -5.46 12.88
N ASN A 6 -11.76 -6.65 12.43
CA ASN A 6 -10.55 -6.81 11.63
C ASN A 6 -10.65 -6.02 10.32
N LEU A 7 -11.79 -6.15 9.66
CA LEU A 7 -12.02 -5.46 8.40
C LEU A 7 -11.88 -3.95 8.57
N LYS A 8 -12.40 -3.43 9.68
CA LYS A 8 -12.32 -2.01 9.98
C LYS A 8 -10.88 -1.52 9.97
N HIS A 9 -10.01 -2.24 10.66
CA HIS A 9 -8.60 -1.88 10.72
C HIS A 9 -7.90 -2.21 9.40
N ILE A 10 -8.35 -3.26 8.74
CA ILE A 10 -7.77 -3.68 7.48
C ILE A 10 -8.01 -2.65 6.39
N ILE A 11 -9.25 -2.17 6.29
CA ILE A 11 -9.60 -1.17 5.30
C ILE A 11 -8.99 0.19 5.63
N THR A 12 -9.24 0.67 6.84
CA THR A 12 -8.71 1.95 7.29
C THR A 12 -7.20 2.02 7.10
N LEU A 13 -6.55 0.86 7.21
CA LEU A 13 -5.09 0.79 7.06
C LEU A 13 -4.65 1.48 5.78
N GLY A 14 -5.49 1.40 4.74
CA GLY A 14 -5.17 2.03 3.48
C GLY A 14 -5.36 3.53 3.50
N GLN A 15 -6.34 3.98 4.27
CA GLN A 15 -6.63 5.40 4.39
C GLN A 15 -5.62 6.10 5.30
N VAL A 16 -5.37 5.50 6.46
CA VAL A 16 -4.43 6.06 7.43
C VAL A 16 -3.07 6.29 6.79
N ILE A 17 -2.61 5.31 6.01
CA ILE A 17 -1.32 5.41 5.34
C ILE A 17 -1.35 6.50 4.27
N HIS A 18 -2.48 6.63 3.59
CA HIS A 18 -2.64 7.63 2.54
C HIS A 18 -2.60 9.05 3.13
N LYS A 19 -3.37 9.26 4.19
CA LYS A 19 -3.42 10.56 4.84
C LYS A 19 -2.16 10.83 5.65
N ARG A 20 -1.54 9.75 6.13
CA ARG A 20 -0.32 9.86 6.93
C ARG A 20 0.75 10.65 6.17
N CYS A 21 0.70 10.58 4.84
CA CYS A 21 1.66 11.30 4.01
C CYS A 21 1.77 12.76 4.44
N GLU A 22 0.68 13.31 4.96
CA GLU A 22 0.67 14.70 5.40
C GLU A 22 1.81 14.97 6.37
N GLU A 23 2.13 13.97 7.20
CA GLU A 23 3.20 14.11 8.17
C GLU A 23 4.57 14.06 7.50
N MET A 24 4.72 13.14 6.55
CA MET A 24 5.97 12.99 5.83
C MET A 24 6.44 14.33 5.26
N LYS A 25 7.75 14.47 5.10
CA LYS A 25 8.33 15.70 4.57
C LYS A 25 9.28 15.41 3.42
N TYR A 26 10.08 14.35 3.56
CA TYR A 26 11.03 13.96 2.54
C TYR A 26 10.41 12.96 1.57
N CYS A 27 9.93 11.84 2.12
CA CYS A 27 9.32 10.80 1.32
C CYS A 27 7.90 11.18 0.92
N LYS A 28 7.41 12.29 1.46
CA LYS A 28 6.07 12.77 1.17
C LYS A 28 5.82 12.78 -0.33
N LYS A 29 6.87 13.06 -1.11
CA LYS A 29 6.76 13.10 -2.56
C LYS A 29 6.31 11.76 -3.11
N GLN A 30 7.00 10.70 -2.70
CA GLN A 30 6.68 9.34 -3.15
C GLN A 30 5.40 8.84 -2.48
N CYS A 31 5.35 8.97 -1.15
CA CYS A 31 4.19 8.53 -0.39
C CYS A 31 2.90 9.09 -0.99
N ARG A 32 2.96 10.31 -1.48
CA ARG A 32 1.80 10.97 -2.08
C ARG A 32 1.23 10.12 -3.22
N ARG A 33 2.10 9.69 -4.12
CA ARG A 33 1.68 8.88 -5.26
C ARG A 33 1.37 7.45 -4.83
N LEU A 34 2.17 6.94 -3.90
CA LEU A 34 1.99 5.59 -3.39
C LEU A 34 0.62 5.44 -2.73
N GLY A 35 0.38 6.22 -1.69
CA GLY A 35 -0.90 6.16 -0.99
C GLY A 35 -2.07 6.33 -1.92
N HIS A 36 -1.91 7.16 -2.95
CA HIS A 36 -2.97 7.41 -3.91
C HIS A 36 -3.20 6.19 -4.80
N ARG A 37 -2.11 5.65 -5.35
CA ARG A 37 -2.20 4.48 -6.21
C ARG A 37 -2.70 3.26 -5.44
N VAL A 38 -2.00 2.93 -4.35
CA VAL A 38 -2.36 1.80 -3.52
C VAL A 38 -3.81 1.91 -3.04
N LEU A 39 -4.26 3.14 -2.83
CA LEU A 39 -5.62 3.38 -2.36
C LEU A 39 -6.63 2.69 -3.27
N GLY A 40 -6.27 2.51 -4.53
CA GLY A 40 -7.16 1.85 -5.48
C GLY A 40 -7.50 0.44 -5.07
N LEU A 41 -6.63 -0.18 -4.30
CA LEU A 41 -6.84 -1.55 -3.84
C LEU A 41 -7.86 -1.58 -2.71
N ILE A 42 -7.76 -0.63 -1.79
CA ILE A 42 -8.68 -0.54 -0.66
C ILE A 42 -10.00 0.10 -1.07
N LYS A 43 -9.97 0.83 -2.18
CA LYS A 43 -11.17 1.50 -2.68
C LYS A 43 -12.36 0.54 -2.71
N PRO A 44 -12.19 -0.57 -3.43
CA PRO A 44 -13.24 -1.60 -3.56
C PRO A 44 -13.47 -2.36 -2.26
N LEU A 45 -12.49 -2.28 -1.35
CA LEU A 45 -12.60 -2.96 -0.07
C LEU A 45 -13.55 -2.22 0.86
N GLU A 46 -13.48 -0.89 0.84
CA GLU A 46 -14.34 -0.06 1.68
C GLU A 46 -15.75 0.01 1.11
N MET A 47 -15.84 0.02 -0.22
CA MET A 47 -17.13 0.08 -0.89
C MET A 47 -18.05 -1.05 -0.43
N LEU A 48 -17.45 -2.18 -0.08
CA LEU A 48 -18.21 -3.34 0.37
C LEU A 48 -18.94 -3.04 1.67
N GLN A 49 -18.20 -2.63 2.69
CA GLN A 49 -18.78 -2.31 3.99
C GLN A 49 -19.65 -1.07 3.89
N ASP A 50 -19.31 -0.17 2.97
CA ASP A 50 -20.07 1.06 2.77
C ASP A 50 -21.52 0.76 2.38
N GLN A 51 -21.69 0.17 1.21
CA GLN A 51 -23.02 -0.18 0.72
C GLN A 51 -23.58 -1.38 1.47
N GLY A 52 -22.84 -2.48 1.47
CA GLY A 52 -23.27 -3.68 2.16
C GLY A 52 -23.94 -4.67 1.23
N LYS A 53 -23.33 -4.89 0.07
CA LYS A 53 -23.87 -5.83 -0.91
C LYS A 53 -23.29 -7.22 -0.73
N ARG A 54 -22.01 -7.28 -0.33
CA ARG A 54 -21.34 -8.55 -0.12
C ARG A 54 -21.50 -9.00 1.34
N SER A 55 -22.34 -10.02 1.54
CA SER A 55 -22.59 -10.55 2.88
C SER A 55 -21.27 -10.91 3.57
N VAL A 56 -21.36 -11.26 4.85
CA VAL A 56 -20.18 -11.62 5.63
C VAL A 56 -19.35 -12.68 4.91
N PRO A 57 -18.03 -12.45 4.85
CA PRO A 57 -17.11 -13.38 4.19
C PRO A 57 -16.95 -14.70 4.96
N SER A 58 -16.53 -15.74 4.26
CA SER A 58 -16.36 -17.05 4.87
C SER A 58 -14.98 -17.16 5.53
N GLU A 59 -14.74 -18.28 6.19
CA GLU A 59 -13.47 -18.51 6.87
C GLU A 59 -12.32 -18.57 5.85
N LYS A 60 -12.57 -19.22 4.72
CA LYS A 60 -11.55 -19.34 3.69
C LYS A 60 -11.00 -17.97 3.29
N LEU A 61 -11.89 -17.07 2.90
CA LEU A 61 -11.50 -15.72 2.51
C LEU A 61 -10.71 -15.04 3.62
N THR A 62 -11.08 -15.33 4.86
CA THR A 62 -10.40 -14.75 6.01
C THR A 62 -8.90 -14.98 5.95
N THR A 63 -8.51 -16.13 5.41
CA THR A 63 -7.10 -16.48 5.30
C THR A 63 -6.39 -15.59 4.28
N ALA A 64 -7.01 -15.42 3.12
CA ALA A 64 -6.45 -14.59 2.05
C ALA A 64 -6.35 -13.13 2.49
N MET A 65 -7.39 -12.66 3.18
CA MET A 65 -7.42 -11.28 3.65
C MET A 65 -6.44 -11.08 4.80
N ASN A 66 -6.35 -12.07 5.68
CA ASN A 66 -5.45 -12.00 6.82
C ASN A 66 -4.03 -11.65 6.38
N ARG A 67 -3.65 -12.13 5.21
CA ARG A 67 -2.32 -11.86 4.67
C ARG A 67 -2.18 -10.40 4.27
N PHE A 68 -3.25 -9.83 3.71
CA PHE A 68 -3.25 -8.43 3.29
C PHE A 68 -3.13 -7.50 4.49
N LYS A 69 -3.76 -7.87 5.60
CA LYS A 69 -3.74 -7.08 6.81
C LYS A 69 -2.30 -6.81 7.25
N ALA A 70 -1.54 -7.88 7.45
CA ALA A 70 -0.15 -7.76 7.88
C ALA A 70 0.73 -7.26 6.73
N ALA A 71 0.39 -7.65 5.52
CA ALA A 71 1.14 -7.23 4.34
C ALA A 71 1.16 -5.72 4.20
N LEU A 72 -0.04 -5.12 4.21
CA LEU A 72 -0.17 -3.68 4.09
C LEU A 72 0.56 -2.97 5.22
N GLU A 73 0.58 -3.60 6.38
CA GLU A 73 1.25 -3.03 7.55
C GLU A 73 2.67 -2.58 7.21
N GLU A 74 3.29 -3.30 6.28
CA GLU A 74 4.65 -2.98 5.86
C GLU A 74 4.75 -1.54 5.40
N ALA A 75 3.81 -1.12 4.56
CA ALA A 75 3.79 0.24 4.04
C ALA A 75 3.60 1.26 5.17
N ASN A 76 2.53 1.08 5.93
CA ASN A 76 2.22 1.98 7.04
C ASN A 76 3.39 2.06 8.01
N GLY A 77 4.10 0.94 8.19
CA GLY A 77 5.23 0.91 9.09
C GLY A 77 6.46 1.57 8.49
N GLU A 78 6.73 1.27 7.22
CA GLU A 78 7.88 1.83 6.54
C GLU A 78 7.83 3.36 6.56
N ILE A 79 6.76 3.91 6.01
CA ILE A 79 6.59 5.36 5.96
C ILE A 79 6.77 5.98 7.34
N GLU A 80 6.32 5.27 8.37
CA GLU A 80 6.43 5.75 9.74
C GLU A 80 7.89 5.99 10.12
N LYS A 81 8.69 4.94 10.04
CA LYS A 81 10.11 5.03 10.37
C LYS A 81 10.84 5.98 9.41
N PHE A 82 10.54 5.84 8.12
CA PHE A 82 11.16 6.69 7.10
C PHE A 82 10.92 8.17 7.40
N SER A 83 9.84 8.44 8.11
CA SER A 83 9.49 9.82 8.47
C SER A 83 10.69 10.55 9.02
N ASN A 84 11.54 9.84 9.74
CA ASN A 84 12.74 10.42 10.34
C ASN A 84 13.64 11.02 9.26
N ARG A 85 14.82 11.48 9.68
CA ARG A 85 15.78 12.06 8.75
C ARG A 85 16.95 11.12 8.51
N SER A 86 17.35 10.41 9.56
CA SER A 86 18.47 9.47 9.46
C SER A 86 18.06 8.22 8.69
N ASN A 87 16.80 7.82 8.83
CA ASN A 87 16.29 6.64 8.15
C ASN A 87 16.39 6.80 6.64
N ILE A 88 15.94 7.94 6.14
CA ILE A 88 15.98 8.22 4.71
C ILE A 88 17.42 8.42 4.23
N CYS A 89 18.23 9.06 5.06
CA CYS A 89 19.63 9.30 4.72
C CYS A 89 20.42 8.00 4.67
N ARG A 90 20.11 7.09 5.58
CA ARG A 90 20.79 5.80 5.65
C ARG A 90 20.43 4.95 4.44
N PHE A 91 19.17 5.00 4.04
CA PHE A 91 18.70 4.23 2.88
C PHE A 91 19.13 4.87 1.58
N LEU A 92 19.14 6.20 1.56
CA LEU A 92 19.53 6.95 0.37
C LEU A 92 21.04 6.87 0.16
N THR A 93 21.80 7.20 1.19
CA THR A 93 23.25 7.17 1.11
C THR A 93 23.75 5.81 0.63
N ALA A 94 23.00 4.76 0.96
CA ALA A 94 23.36 3.40 0.56
C ALA A 94 23.31 3.25 -0.95
N SER A 95 22.36 3.93 -1.59
CA SER A 95 22.20 3.86 -3.04
C SER A 95 21.51 5.11 -3.57
N GLN A 96 22.11 5.73 -4.57
CA GLN A 96 21.56 6.94 -5.17
C GLN A 96 20.10 6.73 -5.55
N ASP A 97 19.87 5.99 -6.63
CA ASP A 97 18.51 5.72 -7.10
C ASP A 97 18.00 4.40 -6.53
N LYS A 98 17.25 4.50 -5.44
CA LYS A 98 16.69 3.31 -4.80
C LYS A 98 15.23 3.54 -4.42
N ILE A 99 14.50 2.44 -4.19
CA ILE A 99 13.09 2.52 -3.81
C ILE A 99 12.91 2.20 -2.33
N LEU A 100 11.84 2.71 -1.75
CA LEU A 100 11.53 2.48 -0.35
C LEU A 100 10.31 1.59 -0.19
N PHE A 101 9.36 1.74 -1.11
CA PHE A 101 8.13 0.95 -1.08
C PHE A 101 8.05 0.02 -2.29
N LYS A 102 9.21 -0.48 -2.72
CA LYS A 102 9.27 -1.38 -3.86
C LYS A 102 8.66 -2.74 -3.52
N ASP A 103 9.18 -3.37 -2.48
CA ASP A 103 8.69 -4.67 -2.05
C ASP A 103 7.22 -4.59 -1.64
N VAL A 104 6.78 -3.39 -1.26
CA VAL A 104 5.40 -3.19 -0.85
C VAL A 104 4.43 -3.55 -1.96
N ASN A 105 4.57 -2.87 -3.09
CA ASN A 105 3.70 -3.13 -4.25
C ASN A 105 3.71 -4.61 -4.61
N ARG A 106 4.82 -5.28 -4.33
CA ARG A 106 4.96 -6.70 -4.64
C ARG A 106 4.08 -7.54 -3.71
N LYS A 107 4.25 -7.33 -2.41
CA LYS A 107 3.47 -8.07 -1.42
C LYS A 107 1.99 -7.68 -1.48
N LEU A 108 1.73 -6.38 -1.53
CA LEU A 108 0.37 -5.87 -1.59
C LEU A 108 -0.42 -6.58 -2.69
N SER A 109 0.20 -6.75 -3.84
CA SER A 109 -0.45 -7.40 -4.98
C SER A 109 -0.58 -8.90 -4.73
N ASP A 110 0.40 -9.47 -4.04
CA ASP A 110 0.40 -10.90 -3.73
C ASP A 110 -0.79 -11.27 -2.87
N VAL A 111 -1.05 -10.46 -1.84
CA VAL A 111 -2.17 -10.70 -0.94
C VAL A 111 -3.50 -10.44 -1.63
N TRP A 112 -3.50 -9.48 -2.55
CA TRP A 112 -4.72 -9.13 -3.28
C TRP A 112 -5.07 -10.21 -4.30
N LYS A 113 -4.12 -10.54 -5.17
CA LYS A 113 -4.33 -11.55 -6.19
C LYS A 113 -4.71 -12.89 -5.55
N GLU A 114 -4.36 -13.05 -4.28
CA GLU A 114 -4.66 -14.28 -3.55
C GLU A 114 -6.10 -14.27 -3.04
N LEU A 115 -6.56 -13.10 -2.63
CA LEU A 115 -7.92 -12.95 -2.11
C LEU A 115 -8.86 -12.43 -3.19
N SER A 116 -8.29 -12.00 -4.31
CA SER A 116 -9.08 -11.49 -5.42
C SER A 116 -9.74 -12.62 -6.20
N LEU A 117 -8.96 -13.65 -6.49
CA LEU A 117 -9.47 -14.80 -7.23
C LEU A 117 -10.72 -15.37 -6.57
N LEU A 118 -10.64 -15.61 -5.28
CA LEU A 118 -11.77 -16.15 -4.52
C LEU A 118 -12.88 -15.11 -4.38
N LEU A 119 -12.57 -13.88 -4.78
CA LEU A 119 -13.54 -12.79 -4.71
C LEU A 119 -14.31 -12.65 -6.01
N GLN A 120 -13.57 -12.57 -7.12
CA GLN A 120 -14.17 -12.44 -8.44
C GLN A 120 -14.84 -13.74 -8.87
N VAL A 121 -14.35 -14.84 -8.32
CA VAL A 121 -14.90 -16.16 -8.66
C VAL A 121 -16.42 -16.16 -8.54
N GLU A 122 -16.94 -15.43 -7.57
CA GLU A 122 -18.38 -15.35 -7.36
C GLU A 122 -18.94 -14.02 -7.88
N GLN A 123 -18.35 -12.93 -7.41
CA GLN A 123 -18.79 -11.59 -7.82
C GLN A 123 -17.59 -10.69 -8.07
N ARG A 124 -17.63 -9.96 -9.19
CA ARG A 124 -16.55 -9.04 -9.55
C ARG A 124 -16.33 -8.01 -8.45
N MET A 125 -15.42 -7.06 -8.71
CA MET A 125 -15.12 -6.02 -7.74
C MET A 125 -14.17 -4.99 -8.34
N PRO A 126 -12.96 -5.44 -8.70
CA PRO A 126 -11.93 -4.58 -9.29
C PRO A 126 -12.29 -4.12 -10.70
N VAL A 127 -11.71 -3.01 -11.14
CA VAL A 127 -11.97 -2.48 -12.46
C VAL A 127 -10.78 -2.70 -13.39
N SER A 128 -9.59 -2.38 -12.89
CA SER A 128 -8.36 -2.53 -13.67
C SER A 128 -7.85 -3.97 -13.59
N PRO A 129 -6.98 -4.34 -14.54
CA PRO A 129 -6.40 -5.68 -14.61
C PRO A 129 -5.42 -5.95 -13.48
N ILE A 130 -5.94 -6.23 -12.29
CA ILE A 130 -5.11 -6.50 -11.12
C ILE A 130 -4.10 -7.61 -11.41
N SER A 131 -4.50 -8.55 -12.25
CA SER A 131 -3.62 -9.66 -12.62
C SER A 131 -2.26 -9.16 -13.09
N GLN A 132 -2.27 -8.03 -13.79
CA GLN A 132 -1.04 -7.44 -14.30
C GLN A 132 -0.71 -6.15 -13.55
N GLY A 133 0.04 -6.28 -12.46
CA GLY A 133 0.42 -5.12 -11.68
C GLY A 133 1.90 -4.87 -11.70
N ALA A 134 2.40 -4.31 -12.80
CA ALA A 134 3.82 -4.01 -12.94
C ALA A 134 4.04 -2.53 -13.24
N SER A 135 3.13 -1.93 -14.01
CA SER A 135 3.23 -0.53 -14.37
C SER A 135 3.43 0.33 -13.14
N TRP A 136 2.55 0.17 -12.15
CA TRP A 136 2.64 0.94 -10.91
C TRP A 136 3.95 0.67 -10.18
N ALA A 137 4.53 -0.49 -10.46
CA ALA A 137 5.80 -0.88 -9.83
C ALA A 137 6.97 -0.12 -10.45
N GLN A 138 7.06 -0.15 -11.77
CA GLN A 138 8.14 0.54 -12.48
C GLN A 138 8.16 2.03 -12.11
N GLU A 139 6.99 2.61 -11.94
CA GLU A 139 6.88 4.01 -11.59
C GLU A 139 7.44 4.28 -10.20
N ASP A 140 7.25 3.31 -9.30
CA ASP A 140 7.73 3.43 -7.93
C ASP A 140 9.21 3.82 -7.91
N GLN A 141 9.94 3.41 -8.95
CA GLN A 141 11.36 3.72 -9.05
C GLN A 141 11.59 5.05 -9.74
N GLN A 142 10.73 5.37 -10.69
CA GLN A 142 10.83 6.63 -11.43
C GLN A 142 10.52 7.82 -10.53
N ASP A 143 9.46 7.70 -9.74
CA ASP A 143 9.05 8.76 -8.83
C ASP A 143 9.98 8.83 -7.63
N ALA A 144 10.38 7.66 -7.12
CA ALA A 144 11.27 7.60 -5.98
C ALA A 144 12.54 8.41 -6.21
N ASP A 145 12.99 8.45 -7.46
CA ASP A 145 14.19 9.20 -7.82
C ASP A 145 14.07 10.66 -7.40
N GLU A 146 12.85 11.19 -7.48
CA GLU A 146 12.59 12.58 -7.12
C GLU A 146 13.02 12.85 -5.68
N ASP A 147 12.77 11.89 -4.80
CA ASP A 147 13.13 12.02 -3.39
C ASP A 147 14.60 12.40 -3.24
N ARG A 148 15.42 11.94 -4.17
CA ARG A 148 16.85 12.24 -4.14
C ARG A 148 17.10 13.74 -4.11
N ARG A 149 16.45 14.45 -5.01
CA ARG A 149 16.60 15.91 -5.08
C ARG A 149 15.94 16.58 -3.88
N ALA A 150 14.67 16.25 -3.64
CA ALA A 150 13.94 16.82 -2.53
C ALA A 150 14.65 16.57 -1.21
N PHE A 151 15.48 15.53 -1.17
CA PHE A 151 16.22 15.18 0.04
C PHE A 151 17.47 16.05 0.16
N GLN A 152 18.02 16.47 -0.98
CA GLN A 152 19.22 17.30 -0.99
C GLN A 152 18.94 18.66 -0.38
N MET A 153 17.74 19.18 -0.62
CA MET A 153 17.35 20.48 -0.08
C MET A 153 17.60 20.55 1.41
N LEU A 154 17.49 19.42 2.09
CA LEU A 154 17.71 19.35 3.53
C LEU A 154 19.04 20.01 3.91
N ARG A 155 19.21 20.29 5.20
CA ARG A 155 20.43 20.92 5.68
C ARG A 155 21.16 19.99 6.66
N ARG A 156 21.95 19.07 6.10
CA ARG A 156 22.70 18.13 6.92
C ARG A 156 24.20 18.29 6.68
N ASP A 157 24.66 17.87 5.50
CA ASP A 157 26.08 17.96 5.16
C ASP A 157 26.25 18.19 3.67
N GLY A 1 -17.84 -16.46 18.41
CA GLY A 1 -18.51 -15.80 17.31
C GLY A 1 -17.59 -15.61 16.12
N SER A 2 -17.88 -14.61 15.30
CA SER A 2 -17.07 -14.32 14.12
C SER A 2 -17.36 -12.92 13.58
N PRO A 3 -16.97 -11.89 14.35
CA PRO A 3 -17.17 -10.50 13.98
C PRO A 3 -16.31 -10.08 12.80
N GLY A 4 -16.29 -8.77 12.52
CA GLY A 4 -15.49 -8.27 11.41
C GLY A 4 -14.54 -7.17 11.84
N GLU A 5 -14.06 -7.26 13.07
CA GLU A 5 -13.13 -6.27 13.61
C GLU A 5 -11.85 -6.22 12.78
N ASN A 6 -11.41 -7.39 12.31
CA ASN A 6 -10.20 -7.48 11.51
C ASN A 6 -10.32 -6.66 10.24
N LEU A 7 -11.49 -6.74 9.59
CA LEU A 7 -11.74 -6.00 8.36
C LEU A 7 -11.61 -4.49 8.59
N LYS A 8 -12.10 -4.03 9.74
CA LYS A 8 -12.03 -2.62 10.08
C LYS A 8 -10.59 -2.12 10.05
N HIS A 9 -9.71 -2.83 10.73
CA HIS A 9 -8.30 -2.46 10.78
C HIS A 9 -7.61 -2.75 9.45
N ILE A 10 -8.07 -3.79 8.76
CA ILE A 10 -7.51 -4.17 7.48
C ILE A 10 -7.76 -3.10 6.42
N ILE A 11 -8.99 -2.60 6.39
CA ILE A 11 -9.37 -1.56 5.43
C ILE A 11 -8.73 -0.23 5.79
N THR A 12 -8.96 0.23 7.01
CA THR A 12 -8.40 1.50 7.47
C THR A 12 -6.90 1.55 7.25
N LEU A 13 -6.26 0.39 7.32
CA LEU A 13 -4.82 0.30 7.13
C LEU A 13 -4.39 1.02 5.86
N GLY A 14 -5.25 0.99 4.85
CA GLY A 14 -4.95 1.64 3.59
C GLY A 14 -5.11 3.14 3.67
N GLN A 15 -6.07 3.60 4.46
CA GLN A 15 -6.33 5.02 4.62
C GLN A 15 -5.30 5.67 5.53
N VAL A 16 -5.05 5.03 6.67
CA VAL A 16 -4.07 5.54 7.64
C VAL A 16 -2.72 5.78 6.98
N ILE A 17 -2.28 4.81 6.18
CA ILE A 17 -1.00 4.91 5.49
C ILE A 17 -1.03 6.04 4.46
N HIS A 18 -2.18 6.25 3.83
CA HIS A 18 -2.33 7.30 2.83
C HIS A 18 -2.28 8.67 3.48
N LYS A 19 -3.06 8.85 4.54
CA LYS A 19 -3.11 10.13 5.25
C LYS A 19 -1.82 10.36 6.03
N ARG A 20 -1.21 9.27 6.48
CA ARG A 20 0.04 9.36 7.24
C ARG A 20 1.10 10.15 6.48
N CYS A 21 1.00 10.12 5.15
CA CYS A 21 1.95 10.83 4.31
C CYS A 21 2.15 12.27 4.79
N GLU A 22 1.11 12.84 5.39
CA GLU A 22 1.18 14.19 5.90
C GLU A 22 2.39 14.38 6.80
N GLU A 23 2.71 13.34 7.58
CA GLU A 23 3.84 13.39 8.50
C GLU A 23 5.16 13.38 7.73
N MET A 24 5.23 12.56 6.68
CA MET A 24 6.44 12.45 5.87
C MET A 24 6.89 13.84 5.42
N LYS A 25 8.20 13.96 5.14
CA LYS A 25 8.77 15.23 4.70
C LYS A 25 9.71 15.02 3.53
N TYR A 26 10.51 13.96 3.60
CA TYR A 26 11.46 13.65 2.53
C TYR A 26 10.88 12.64 1.56
N CYS A 27 10.54 11.45 2.07
CA CYS A 27 9.96 10.40 1.25
C CYS A 27 8.50 10.68 0.94
N LYS A 28 7.97 11.75 1.53
CA LYS A 28 6.59 12.12 1.32
C LYS A 28 6.25 12.18 -0.16
N LYS A 29 7.26 12.47 -0.99
CA LYS A 29 7.07 12.55 -2.43
C LYS A 29 6.89 11.16 -3.03
N GLN A 30 7.85 10.28 -2.76
CA GLN A 30 7.79 8.91 -3.28
C GLN A 30 6.58 8.17 -2.72
N CYS A 31 6.29 8.40 -1.43
CA CYS A 31 5.17 7.76 -0.77
C CYS A 31 3.84 8.33 -1.27
N ARG A 32 3.87 9.58 -1.73
CA ARG A 32 2.67 10.24 -2.23
C ARG A 32 1.96 9.37 -3.26
N ARG A 33 2.72 8.94 -4.27
CA ARG A 33 2.17 8.11 -5.33
C ARG A 33 1.83 6.71 -4.81
N LEU A 34 2.61 6.24 -3.85
CA LEU A 34 2.40 4.92 -3.26
C LEU A 34 1.06 4.86 -2.55
N GLY A 35 0.89 5.70 -1.53
CA GLY A 35 -0.36 5.72 -0.79
C GLY A 35 -1.55 6.02 -1.67
N HIS A 36 -1.36 6.88 -2.67
CA HIS A 36 -2.43 7.25 -3.57
C HIS A 36 -2.79 6.09 -4.49
N ARG A 37 -1.78 5.45 -5.06
CA ARG A 37 -1.98 4.33 -5.96
C ARG A 37 -2.54 3.12 -5.21
N VAL A 38 -1.83 2.71 -4.16
CA VAL A 38 -2.24 1.57 -3.35
C VAL A 38 -3.66 1.75 -2.84
N LEU A 39 -4.05 3.00 -2.59
CA LEU A 39 -5.39 3.31 -2.10
C LEU A 39 -6.45 2.69 -3.00
N GLY A 40 -6.12 2.52 -4.28
CA GLY A 40 -7.06 1.94 -5.23
C GLY A 40 -7.41 0.51 -4.88
N LEU A 41 -6.50 -0.18 -4.19
CA LEU A 41 -6.72 -1.57 -3.81
C LEU A 41 -7.70 -1.65 -2.65
N ILE A 42 -7.60 -0.72 -1.71
CA ILE A 42 -8.48 -0.69 -0.55
C ILE A 42 -9.82 -0.05 -0.90
N LYS A 43 -9.85 0.70 -1.99
CA LYS A 43 -11.06 1.36 -2.44
C LYS A 43 -12.25 0.40 -2.44
N PRO A 44 -12.10 -0.72 -3.16
CA PRO A 44 -13.14 -1.74 -3.26
C PRO A 44 -13.33 -2.50 -1.96
N LEU A 45 -12.32 -2.44 -1.09
CA LEU A 45 -12.38 -3.11 0.20
C LEU A 45 -13.32 -2.40 1.15
N GLU A 46 -13.28 -1.07 1.14
CA GLU A 46 -14.13 -0.28 2.01
C GLU A 46 -15.56 -0.22 1.46
N MET A 47 -15.69 -0.21 0.14
CA MET A 47 -16.99 -0.16 -0.51
C MET A 47 -17.87 -1.34 -0.06
N LEU A 48 -17.23 -2.46 0.26
CA LEU A 48 -17.95 -3.64 0.71
C LEU A 48 -18.67 -3.38 2.02
N GLN A 49 -17.91 -3.00 3.05
CA GLN A 49 -18.47 -2.72 4.36
C GLN A 49 -19.37 -1.49 4.31
N ASP A 50 -19.05 -0.56 3.42
CA ASP A 50 -19.83 0.67 3.27
C ASP A 50 -21.18 0.36 2.64
N GLN A 51 -21.17 -0.07 1.38
CA GLN A 51 -22.41 -0.38 0.67
C GLN A 51 -23.21 -1.43 1.42
N GLY A 52 -22.61 -2.60 1.63
CA GLY A 52 -23.29 -3.67 2.33
C GLY A 52 -23.74 -4.78 1.40
N LYS A 53 -22.95 -5.02 0.34
CA LYS A 53 -23.28 -6.06 -0.62
C LYS A 53 -22.78 -7.42 -0.14
N ARG A 54 -21.46 -7.57 -0.06
CA ARG A 54 -20.86 -8.82 0.39
C ARG A 54 -21.21 -9.10 1.84
N SER A 55 -22.13 -10.05 2.06
CA SER A 55 -22.56 -10.40 3.41
C SER A 55 -21.36 -10.70 4.30
N VAL A 56 -20.78 -11.90 4.13
CA VAL A 56 -19.63 -12.31 4.90
C VAL A 56 -18.74 -13.27 4.13
N PRO A 57 -17.43 -13.02 4.15
CA PRO A 57 -16.45 -13.86 3.45
C PRO A 57 -16.30 -15.23 4.09
N SER A 58 -15.96 -16.23 3.27
CA SER A 58 -15.79 -17.59 3.76
C SER A 58 -14.45 -17.75 4.46
N GLU A 59 -14.22 -18.93 5.03
CA GLU A 59 -12.98 -19.22 5.74
C GLU A 59 -11.79 -19.21 4.79
N LYS A 60 -11.97 -19.81 3.62
CA LYS A 60 -10.91 -19.87 2.61
C LYS A 60 -10.38 -18.48 2.31
N LEU A 61 -11.26 -17.57 1.92
CA LEU A 61 -10.88 -16.20 1.61
C LEU A 61 -10.15 -15.56 2.78
N THR A 62 -10.52 -15.94 4.00
CA THR A 62 -9.91 -15.40 5.20
C THR A 62 -8.39 -15.59 5.17
N THR A 63 -7.96 -16.75 4.67
CA THR A 63 -6.54 -17.07 4.58
C THR A 63 -5.83 -16.14 3.60
N ALA A 64 -6.51 -15.81 2.52
CA ALA A 64 -5.95 -14.92 1.50
C ALA A 64 -5.85 -13.49 2.00
N MET A 65 -6.95 -12.99 2.56
CA MET A 65 -6.99 -11.63 3.09
C MET A 65 -6.08 -11.49 4.31
N ASN A 66 -6.04 -12.54 5.13
CA ASN A 66 -5.21 -12.53 6.32
C ASN A 66 -3.77 -12.13 6.00
N ARG A 67 -3.30 -12.57 4.83
CA ARG A 67 -1.94 -12.26 4.40
C ARG A 67 -1.81 -10.78 4.05
N PHE A 68 -2.88 -10.21 3.50
CA PHE A 68 -2.88 -8.80 3.12
C PHE A 68 -2.74 -7.90 4.35
N LYS A 69 -3.38 -8.30 5.44
CA LYS A 69 -3.33 -7.54 6.67
C LYS A 69 -1.89 -7.22 7.07
N ALA A 70 -1.09 -8.27 7.22
CA ALA A 70 0.31 -8.12 7.59
C ALA A 70 1.13 -7.54 6.43
N ALA A 71 0.76 -7.93 5.21
CA ALA A 71 1.45 -7.46 4.02
C ALA A 71 1.44 -5.94 3.94
N LEU A 72 0.24 -5.36 4.01
CA LEU A 72 0.07 -3.92 3.95
C LEU A 72 0.73 -3.24 5.15
N GLU A 73 0.71 -3.93 6.30
CA GLU A 73 1.29 -3.39 7.52
C GLU A 73 2.72 -2.91 7.27
N GLU A 74 3.42 -3.61 6.39
CA GLU A 74 4.80 -3.25 6.07
C GLU A 74 4.88 -1.82 5.53
N ALA A 75 3.96 -1.48 4.64
CA ALA A 75 3.92 -0.15 4.05
C ALA A 75 3.61 0.91 5.10
N ASN A 76 2.73 0.58 6.04
CA ASN A 76 2.35 1.49 7.11
C ASN A 76 3.50 1.70 8.08
N GLY A 77 4.20 0.62 8.41
CA GLY A 77 5.32 0.69 9.34
C GLY A 77 6.56 1.27 8.69
N GLU A 78 6.77 0.96 7.41
CA GLU A 78 7.92 1.45 6.69
C GLU A 78 7.98 2.98 6.71
N ILE A 79 6.96 3.61 6.16
CA ILE A 79 6.88 5.06 6.11
C ILE A 79 7.10 5.66 7.50
N GLU A 80 6.64 4.94 8.52
CA GLU A 80 6.79 5.40 9.90
C GLU A 80 8.26 5.56 10.28
N LYS A 81 9.00 4.46 10.16
CA LYS A 81 10.43 4.47 10.48
C LYS A 81 11.21 5.37 9.52
N PHE A 82 10.83 5.31 8.25
CA PHE A 82 11.50 6.13 7.23
C PHE A 82 11.36 7.61 7.55
N SER A 83 10.34 7.95 8.33
CA SER A 83 10.10 9.35 8.71
C SER A 83 11.39 10.01 9.18
N ASN A 84 12.25 9.23 9.82
CA ASN A 84 13.51 9.76 10.32
C ASN A 84 14.34 10.37 9.20
N ARG A 85 15.52 10.88 9.54
CA ARG A 85 16.40 11.49 8.55
C ARG A 85 17.59 10.59 8.24
N SER A 86 18.11 9.94 9.28
CA SER A 86 19.25 9.04 9.12
C SER A 86 18.84 7.76 8.41
N ASN A 87 17.70 7.20 8.81
CA ASN A 87 17.20 5.97 8.21
C ASN A 87 17.06 6.11 6.70
N ILE A 88 16.71 7.32 6.26
CA ILE A 88 16.54 7.59 4.83
C ILE A 88 17.89 7.71 4.14
N CYS A 89 18.88 8.25 4.86
CA CYS A 89 20.21 8.43 4.31
C CYS A 89 20.90 7.08 4.11
N ARG A 90 20.95 6.29 5.17
CA ARG A 90 21.58 4.98 5.10
C ARG A 90 20.93 4.10 4.04
N PHE A 91 19.61 4.25 3.89
CA PHE A 91 18.87 3.48 2.90
C PHE A 91 19.22 3.92 1.48
N LEU A 92 19.42 5.23 1.30
CA LEU A 92 19.77 5.77 0.00
C LEU A 92 21.21 5.44 -0.37
N THR A 93 22.08 5.39 0.64
CA THR A 93 23.49 5.08 0.43
C THR A 93 23.68 3.61 0.09
N ALA A 94 22.86 2.76 0.70
CA ALA A 94 22.94 1.32 0.47
C ALA A 94 22.84 0.99 -1.01
N SER A 95 22.06 1.79 -1.73
CA SER A 95 21.87 1.58 -3.17
C SER A 95 21.18 0.25 -3.44
N GLN A 96 19.84 0.28 -3.44
CA GLN A 96 19.06 -0.92 -3.69
C GLN A 96 18.42 -0.88 -5.07
N ASP A 97 17.39 -0.07 -5.22
CA ASP A 97 16.70 0.06 -6.50
C ASP A 97 16.03 1.43 -6.61
N LYS A 98 16.60 2.43 -5.94
CA LYS A 98 16.06 3.78 -5.97
C LYS A 98 14.61 3.79 -5.49
N ILE A 99 14.27 2.87 -4.60
CA ILE A 99 12.92 2.79 -4.06
C ILE A 99 12.93 2.22 -2.65
N LEU A 100 12.03 2.72 -1.81
CA LEU A 100 11.93 2.26 -0.43
C LEU A 100 10.73 1.32 -0.25
N PHE A 101 9.68 1.57 -1.03
CA PHE A 101 8.48 0.74 -0.94
C PHE A 101 8.32 -0.11 -2.20
N LYS A 102 9.45 -0.56 -2.74
CA LYS A 102 9.45 -1.39 -3.94
C LYS A 102 8.88 -2.78 -3.65
N ASP A 103 9.57 -3.51 -2.78
CA ASP A 103 9.13 -4.85 -2.39
C ASP A 103 7.67 -4.85 -1.95
N VAL A 104 7.26 -3.76 -1.31
CA VAL A 104 5.90 -3.63 -0.83
C VAL A 104 4.90 -3.83 -1.96
N ASN A 105 5.05 -3.03 -3.01
CA ASN A 105 4.15 -3.10 -4.16
C ASN A 105 4.07 -4.52 -4.69
N ARG A 106 5.15 -5.29 -4.51
CA ARG A 106 5.21 -6.67 -4.97
C ARG A 106 4.35 -7.57 -4.08
N LYS A 107 4.60 -7.52 -2.78
CA LYS A 107 3.84 -8.33 -1.83
C LYS A 107 2.37 -7.93 -1.81
N LEU A 108 2.13 -6.62 -1.81
CA LEU A 108 0.76 -6.11 -1.79
C LEU A 108 -0.09 -6.78 -2.87
N SER A 109 0.50 -6.97 -4.05
CA SER A 109 -0.20 -7.59 -5.17
C SER A 109 -0.35 -9.10 -4.94
N ASP A 110 0.63 -9.68 -4.25
CA ASP A 110 0.60 -11.11 -3.96
C ASP A 110 -0.57 -11.46 -3.06
N VAL A 111 -0.82 -10.62 -2.06
CA VAL A 111 -1.92 -10.85 -1.13
C VAL A 111 -3.26 -10.54 -1.77
N TRP A 112 -3.27 -9.61 -2.71
CA TRP A 112 -4.48 -9.22 -3.42
C TRP A 112 -4.91 -10.30 -4.41
N LYS A 113 -3.99 -10.67 -5.29
CA LYS A 113 -4.27 -11.69 -6.29
C LYS A 113 -4.75 -12.99 -5.63
N GLU A 114 -4.46 -13.13 -4.34
CA GLU A 114 -4.86 -14.31 -3.60
C GLU A 114 -6.31 -14.20 -3.12
N LEU A 115 -6.63 -13.08 -2.48
CA LEU A 115 -7.98 -12.85 -1.98
C LEU A 115 -8.89 -12.34 -3.10
N SER A 116 -8.39 -11.41 -3.89
CA SER A 116 -9.15 -10.85 -5.00
C SER A 116 -9.68 -11.95 -5.92
N LEU A 117 -8.94 -13.05 -5.98
CA LEU A 117 -9.33 -14.18 -6.82
C LEU A 117 -10.62 -14.81 -6.32
N LEU A 118 -10.65 -15.12 -5.03
CA LEU A 118 -11.84 -15.74 -4.42
C LEU A 118 -13.01 -14.76 -4.40
N LEU A 119 -12.71 -13.48 -4.62
CA LEU A 119 -13.74 -12.45 -4.63
C LEU A 119 -14.25 -12.21 -6.05
N GLN A 120 -13.34 -12.21 -7.01
CA GLN A 120 -13.70 -11.99 -8.41
C GLN A 120 -14.28 -13.27 -9.03
N VAL A 121 -13.90 -14.41 -8.47
CA VAL A 121 -14.38 -15.69 -8.95
C VAL A 121 -15.90 -15.68 -9.13
N GLU A 122 -16.59 -15.01 -8.23
CA GLU A 122 -18.04 -14.92 -8.28
C GLU A 122 -18.49 -13.54 -8.77
N GLN A 123 -17.74 -12.51 -8.40
CA GLN A 123 -18.06 -11.15 -8.80
C GLN A 123 -16.83 -10.25 -8.69
N ARG A 124 -16.33 -9.79 -9.83
CA ARG A 124 -15.17 -8.93 -9.86
C ARG A 124 -15.43 -7.63 -9.09
N MET A 125 -14.71 -7.46 -7.99
CA MET A 125 -14.87 -6.26 -7.16
C MET A 125 -14.30 -5.03 -7.86
N PRO A 126 -12.99 -5.07 -8.16
CA PRO A 126 -12.30 -3.97 -8.83
C PRO A 126 -12.72 -3.83 -10.29
N VAL A 127 -12.16 -2.84 -10.97
CA VAL A 127 -12.48 -2.60 -12.38
C VAL A 127 -11.22 -2.64 -13.23
N SER A 128 -10.24 -1.83 -12.88
CA SER A 128 -8.98 -1.76 -13.62
C SER A 128 -8.28 -3.13 -13.62
N PRO A 129 -7.36 -3.32 -14.58
CA PRO A 129 -6.62 -4.57 -14.72
C PRO A 129 -5.62 -4.78 -13.59
N ILE A 130 -6.13 -5.21 -12.43
CA ILE A 130 -5.28 -5.45 -11.27
C ILE A 130 -4.26 -6.56 -11.54
N SER A 131 -4.66 -7.53 -12.36
CA SER A 131 -3.79 -8.64 -12.71
C SER A 131 -2.54 -8.14 -13.44
N GLN A 132 -2.75 -7.26 -14.42
CA GLN A 132 -1.65 -6.71 -15.20
C GLN A 132 -0.95 -5.59 -14.44
N GLY A 133 -0.44 -5.91 -13.25
CA GLY A 133 0.24 -4.92 -12.44
C GLY A 133 1.75 -4.92 -12.68
N ALA A 134 2.21 -4.00 -13.52
CA ALA A 134 3.63 -3.90 -13.82
C ALA A 134 4.06 -2.45 -13.99
N SER A 135 3.27 -1.69 -14.76
CA SER A 135 3.56 -0.29 -15.01
C SER A 135 3.75 0.47 -13.70
N TRP A 136 2.78 0.33 -12.80
CA TRP A 136 2.83 1.00 -11.50
C TRP A 136 4.14 0.70 -10.79
N ALA A 137 4.72 -0.47 -11.06
CA ALA A 137 5.97 -0.87 -10.44
C ALA A 137 7.13 -0.03 -10.96
N GLN A 138 7.21 0.12 -12.27
CA GLN A 138 8.27 0.90 -12.89
C GLN A 138 8.12 2.38 -12.55
N GLU A 139 6.89 2.86 -12.54
CA GLU A 139 6.60 4.26 -12.24
C GLU A 139 7.23 4.65 -10.89
N ASP A 140 7.21 3.72 -9.95
CA ASP A 140 7.76 3.98 -8.62
C ASP A 140 9.27 4.25 -8.71
N GLN A 141 9.93 3.58 -9.65
CA GLN A 141 11.36 3.75 -9.84
C GLN A 141 11.68 5.15 -10.34
N GLN A 142 10.88 5.64 -11.28
CA GLN A 142 11.08 6.97 -11.84
C GLN A 142 10.60 8.04 -10.87
N ASP A 143 9.52 7.75 -10.16
CA ASP A 143 8.96 8.70 -9.20
C ASP A 143 9.86 8.83 -7.97
N ALA A 144 10.23 7.70 -7.39
CA ALA A 144 11.09 7.69 -6.21
C ALA A 144 12.38 8.48 -6.46
N ASP A 145 12.87 8.42 -7.69
CA ASP A 145 14.09 9.13 -8.07
C ASP A 145 13.95 10.63 -7.79
N GLU A 146 12.74 11.15 -8.02
CA GLU A 146 12.48 12.56 -7.80
C GLU A 146 12.77 12.97 -6.36
N ASP A 147 12.43 12.09 -5.43
CA ASP A 147 12.65 12.35 -4.01
C ASP A 147 14.12 12.68 -3.75
N ARG A 148 15.01 12.02 -4.49
CA ARG A 148 16.44 12.23 -4.34
C ARG A 148 16.78 13.71 -4.42
N ARG A 149 16.06 14.44 -5.28
CA ARG A 149 16.29 15.86 -5.44
C ARG A 149 15.79 16.64 -4.22
N ALA A 150 14.70 16.18 -3.64
CA ALA A 150 14.12 16.83 -2.47
C ALA A 150 14.92 16.49 -1.21
N PHE A 151 15.61 15.37 -1.24
CA PHE A 151 16.41 14.92 -0.10
C PHE A 151 17.76 15.63 -0.08
N GLN A 152 18.25 15.99 -1.27
CA GLN A 152 19.53 16.68 -1.37
C GLN A 152 19.47 18.06 -0.76
N MET A 153 18.32 18.72 -0.89
CA MET A 153 18.13 20.05 -0.35
C MET A 153 18.51 20.10 1.13
N LEU A 154 18.33 18.98 1.82
CA LEU A 154 18.66 18.89 3.23
C LEU A 154 20.08 19.39 3.50
N ARG A 155 20.98 19.12 2.56
CA ARG A 155 22.37 19.56 2.68
C ARG A 155 22.98 19.85 1.31
N ARG A 156 23.34 21.10 1.10
CA ARG A 156 23.93 21.52 -0.17
C ARG A 156 25.41 21.12 -0.23
N ASP A 157 25.91 20.92 -1.44
CA ASP A 157 27.31 20.54 -1.65
C ASP A 157 27.69 19.38 -0.73
N GLY A 1 -15.91 -18.16 14.65
CA GLY A 1 -16.63 -16.94 14.90
C GLY A 1 -16.72 -16.06 13.67
N SER A 2 -17.13 -14.81 13.87
CA SER A 2 -17.27 -13.86 12.77
C SER A 2 -17.12 -12.43 13.26
N PRO A 3 -15.88 -12.03 13.57
CA PRO A 3 -15.58 -10.69 14.07
C PRO A 3 -15.73 -9.63 12.98
N GLY A 4 -15.68 -8.36 13.38
CA GLY A 4 -15.81 -7.28 12.41
C GLY A 4 -14.66 -6.30 12.49
N GLU A 5 -14.13 -6.11 13.69
CA GLU A 5 -13.01 -5.18 13.88
C GLU A 5 -11.87 -5.49 12.92
N ASN A 6 -11.67 -6.77 12.64
CA ASN A 6 -10.62 -7.20 11.72
C ASN A 6 -10.71 -6.44 10.40
N LEU A 7 -11.93 -6.31 9.88
CA LEU A 7 -12.16 -5.61 8.62
C LEU A 7 -11.78 -4.14 8.74
N LYS A 8 -12.13 -3.55 9.88
CA LYS A 8 -11.84 -2.14 10.12
C LYS A 8 -10.33 -1.88 10.08
N HIS A 9 -9.57 -2.72 10.75
CA HIS A 9 -8.12 -2.59 10.80
C HIS A 9 -7.51 -2.90 9.43
N ILE A 10 -8.00 -3.95 8.79
CA ILE A 10 -7.50 -4.35 7.48
C ILE A 10 -7.81 -3.29 6.43
N ILE A 11 -9.02 -2.74 6.48
CA ILE A 11 -9.43 -1.71 5.53
C ILE A 11 -8.75 -0.38 5.84
N THR A 12 -8.91 0.09 7.09
CA THR A 12 -8.32 1.35 7.51
C THR A 12 -6.82 1.38 7.20
N LEU A 13 -6.19 0.21 7.24
CA LEU A 13 -4.76 0.11 6.96
C LEU A 13 -4.41 0.81 5.66
N GLY A 14 -5.32 0.79 4.70
CA GLY A 14 -5.09 1.43 3.43
C GLY A 14 -5.24 2.93 3.50
N GLN A 15 -6.17 3.39 4.33
CA GLN A 15 -6.41 4.82 4.49
C GLN A 15 -5.33 5.47 5.34
N VAL A 16 -5.01 4.85 6.47
CA VAL A 16 -3.99 5.36 7.37
C VAL A 16 -2.67 5.59 6.64
N ILE A 17 -2.28 4.63 5.82
CA ILE A 17 -1.05 4.72 5.05
C ILE A 17 -1.13 5.82 4.00
N HIS A 18 -2.32 5.98 3.41
CA HIS A 18 -2.54 6.99 2.39
C HIS A 18 -2.34 8.39 2.97
N LYS A 19 -3.00 8.66 4.09
CA LYS A 19 -2.91 9.96 4.75
C LYS A 19 -1.58 10.11 5.46
N ARG A 20 -1.00 8.99 5.90
CA ARG A 20 0.28 9.01 6.59
C ARG A 20 1.35 9.71 5.75
N CYS A 21 1.18 9.65 4.43
CA CYS A 21 2.13 10.28 3.51
C CYS A 21 2.41 11.72 3.93
N GLU A 22 1.42 12.36 4.54
CA GLU A 22 1.55 13.75 4.98
C GLU A 22 2.81 13.92 5.83
N GLU A 23 3.12 12.89 6.63
CA GLU A 23 4.29 12.94 7.49
C GLU A 23 5.58 12.92 6.67
N MET A 24 5.59 12.14 5.60
CA MET A 24 6.75 12.04 4.73
C MET A 24 7.23 13.42 4.30
N LYS A 25 8.55 13.59 4.20
CA LYS A 25 9.13 14.86 3.80
C LYS A 25 10.02 14.69 2.57
N TYR A 26 10.71 13.56 2.50
CA TYR A 26 11.59 13.27 1.38
C TYR A 26 10.98 12.24 0.45
N CYS A 27 10.59 11.10 1.01
CA CYS A 27 9.98 10.03 0.23
C CYS A 27 8.52 10.33 -0.08
N LYS A 28 8.03 11.44 0.47
CA LYS A 28 6.65 11.86 0.26
C LYS A 28 6.30 11.83 -1.23
N LYS A 29 7.30 12.03 -2.08
CA LYS A 29 7.10 12.03 -3.52
C LYS A 29 6.67 10.64 -4.01
N GLN A 30 7.46 9.63 -3.68
CA GLN A 30 7.17 8.27 -4.08
C GLN A 30 6.02 7.69 -3.26
N CYS A 31 5.93 8.12 -2.01
CA CYS A 31 4.87 7.66 -1.12
C CYS A 31 3.52 8.23 -1.52
N ARG A 32 3.53 9.47 -1.99
CA ARG A 32 2.30 10.14 -2.41
C ARG A 32 1.52 9.27 -3.40
N ARG A 33 2.16 8.95 -4.52
CA ARG A 33 1.52 8.12 -5.54
C ARG A 33 1.20 6.73 -5.00
N LEU A 34 2.04 6.24 -4.09
CA LEU A 34 1.84 4.92 -3.50
C LEU A 34 0.50 4.85 -2.79
N GLY A 35 0.31 5.69 -1.77
CA GLY A 35 -0.93 5.70 -1.03
C GLY A 35 -2.14 5.96 -1.92
N HIS A 36 -1.95 6.81 -2.93
CA HIS A 36 -3.03 7.13 -3.85
C HIS A 36 -3.39 5.94 -4.73
N ARG A 37 -2.37 5.27 -5.27
CA ARG A 37 -2.57 4.11 -6.12
C ARG A 37 -3.10 2.93 -5.31
N VAL A 38 -2.33 2.52 -4.30
CA VAL A 38 -2.73 1.41 -3.45
C VAL A 38 -4.14 1.59 -2.91
N LEU A 39 -4.52 2.83 -2.67
CA LEU A 39 -5.85 3.13 -2.16
C LEU A 39 -6.94 2.49 -3.03
N GLY A 40 -6.64 2.34 -4.31
CA GLY A 40 -7.58 1.73 -5.23
C GLY A 40 -7.93 0.30 -4.86
N LEU A 41 -6.99 -0.37 -4.18
CA LEU A 41 -7.20 -1.75 -3.76
C LEU A 41 -8.15 -1.82 -2.58
N ILE A 42 -8.01 -0.89 -1.65
CA ILE A 42 -8.86 -0.83 -0.47
C ILE A 42 -10.20 -0.15 -0.77
N LYS A 43 -10.22 0.61 -1.86
CA LYS A 43 -11.43 1.31 -2.27
C LYS A 43 -12.66 0.40 -2.15
N PRO A 44 -12.60 -0.76 -2.83
CA PRO A 44 -13.69 -1.73 -2.83
C PRO A 44 -13.84 -2.42 -1.47
N LEU A 45 -12.72 -2.64 -0.80
CA LEU A 45 -12.72 -3.29 0.50
C LEU A 45 -13.66 -2.59 1.47
N GLU A 46 -13.60 -1.25 1.48
CA GLU A 46 -14.46 -0.45 2.35
C GLU A 46 -15.88 -0.36 1.79
N MET A 47 -15.98 -0.35 0.47
CA MET A 47 -17.27 -0.25 -0.20
C MET A 47 -18.16 -1.45 0.17
N LEU A 48 -17.53 -2.58 0.44
CA LEU A 48 -18.25 -3.80 0.82
C LEU A 48 -19.02 -3.59 2.11
N GLN A 49 -18.30 -3.22 3.17
CA GLN A 49 -18.91 -2.99 4.47
C GLN A 49 -19.76 -1.73 4.46
N ASP A 50 -19.40 -0.79 3.58
CA ASP A 50 -20.13 0.47 3.48
C ASP A 50 -21.48 0.25 2.80
N GLN A 51 -21.45 -0.17 1.54
CA GLN A 51 -22.68 -0.41 0.79
C GLN A 51 -23.64 -1.28 1.58
N GLY A 52 -23.22 -2.50 1.89
CA GLY A 52 -24.07 -3.40 2.65
C GLY A 52 -23.93 -4.84 2.19
N LYS A 53 -23.97 -5.05 0.88
CA LYS A 53 -23.84 -6.40 0.32
C LYS A 53 -22.64 -7.12 0.90
N ARG A 54 -22.55 -8.42 0.65
CA ARG A 54 -21.45 -9.23 1.16
C ARG A 54 -21.52 -9.35 2.68
N SER A 55 -22.49 -10.11 3.17
CA SER A 55 -22.66 -10.30 4.61
C SER A 55 -21.34 -10.72 5.26
N VAL A 56 -20.96 -11.97 5.06
CA VAL A 56 -19.72 -12.49 5.63
C VAL A 56 -19.04 -13.46 4.67
N PRO A 57 -17.72 -13.28 4.50
CA PRO A 57 -16.92 -14.14 3.61
C PRO A 57 -16.77 -15.55 4.14
N SER A 58 -16.17 -16.42 3.33
CA SER A 58 -15.96 -17.82 3.72
C SER A 58 -14.55 -18.03 4.23
N GLU A 59 -14.28 -19.22 4.78
CA GLU A 59 -12.97 -19.55 5.31
C GLU A 59 -11.88 -19.25 4.28
N LYS A 60 -12.14 -19.61 3.03
CA LYS A 60 -11.19 -19.37 1.95
C LYS A 60 -10.76 -17.90 1.92
N LEU A 61 -11.73 -17.01 1.82
CA LEU A 61 -11.46 -15.57 1.78
C LEU A 61 -10.64 -15.15 3.00
N THR A 62 -10.93 -15.75 4.14
CA THR A 62 -10.22 -15.44 5.38
C THR A 62 -8.72 -15.58 5.20
N THR A 63 -8.29 -16.69 4.60
CA THR A 63 -6.89 -16.95 4.37
C THR A 63 -6.31 -15.98 3.35
N ALA A 64 -6.98 -15.86 2.22
CA ALA A 64 -6.53 -14.96 1.16
C ALA A 64 -6.36 -13.53 1.68
N MET A 65 -7.37 -13.04 2.37
CA MET A 65 -7.34 -11.69 2.93
C MET A 65 -6.34 -11.61 4.08
N ASN A 66 -6.25 -12.67 4.85
CA ASN A 66 -5.33 -12.72 5.99
C ASN A 66 -3.92 -12.31 5.56
N ARG A 67 -3.54 -12.69 4.34
CA ARG A 67 -2.23 -12.36 3.82
C ARG A 67 -2.12 -10.86 3.52
N PHE A 68 -3.21 -10.27 3.06
CA PHE A 68 -3.23 -8.85 2.74
C PHE A 68 -3.01 -8.00 3.99
N LYS A 69 -3.58 -8.47 5.12
CA LYS A 69 -3.45 -7.76 6.38
C LYS A 69 -1.98 -7.51 6.72
N ALA A 70 -1.21 -8.59 6.80
CA ALA A 70 0.20 -8.50 7.12
C ALA A 70 0.99 -7.91 5.95
N ALA A 71 0.58 -8.25 4.73
CA ALA A 71 1.24 -7.75 3.53
C ALA A 71 1.23 -6.23 3.49
N LEU A 72 0.04 -5.65 3.61
CA LEU A 72 -0.11 -4.20 3.58
C LEU A 72 0.63 -3.55 4.75
N GLU A 73 0.65 -4.26 5.88
CA GLU A 73 1.32 -3.75 7.08
C GLU A 73 2.73 -3.29 6.75
N GLU A 74 3.38 -4.00 5.83
CA GLU A 74 4.74 -3.67 5.43
C GLU A 74 4.83 -2.24 4.91
N ALA A 75 3.86 -1.87 4.06
CA ALA A 75 3.83 -0.54 3.48
C ALA A 75 3.74 0.53 4.56
N ASN A 76 2.76 0.38 5.45
CA ASN A 76 2.55 1.32 6.54
C ASN A 76 3.81 1.46 7.40
N GLY A 77 4.51 0.33 7.58
CA GLY A 77 5.73 0.33 8.37
C GLY A 77 6.90 0.97 7.64
N GLU A 78 7.02 0.66 6.36
CA GLU A 78 8.11 1.20 5.54
C GLU A 78 8.13 2.72 5.60
N ILE A 79 7.04 3.34 5.14
CA ILE A 79 6.93 4.79 5.15
C ILE A 79 7.19 5.36 6.54
N GLU A 80 6.84 4.59 7.56
CA GLU A 80 7.04 5.02 8.95
C GLU A 80 8.52 5.11 9.28
N LYS A 81 9.20 3.96 9.23
CA LYS A 81 10.63 3.91 9.53
C LYS A 81 11.42 4.77 8.55
N PHE A 82 10.95 4.85 7.32
CA PHE A 82 11.61 5.65 6.29
C PHE A 82 11.53 7.13 6.62
N SER A 83 10.54 7.50 7.42
CA SER A 83 10.34 8.90 7.80
C SER A 83 11.66 9.52 8.26
N ASN A 84 12.51 8.72 8.89
CA ASN A 84 13.79 9.19 9.38
C ASN A 84 14.74 9.48 8.21
N ARG A 85 15.28 10.69 8.17
CA ARG A 85 16.20 11.08 7.11
C ARG A 85 17.36 10.10 7.01
N SER A 86 17.87 9.66 8.16
CA SER A 86 18.98 8.73 8.20
C SER A 86 18.59 7.40 7.55
N ASN A 87 17.35 7.00 7.74
CA ASN A 87 16.85 5.75 7.17
C ASN A 87 16.83 5.80 5.64
N ILE A 88 16.51 6.97 5.11
CA ILE A 88 16.45 7.16 3.66
C ILE A 88 17.86 7.30 3.08
N CYS A 89 18.73 7.98 3.80
CA CYS A 89 20.11 8.18 3.36
C CYS A 89 20.87 6.86 3.33
N ARG A 90 20.56 5.99 4.30
CA ARG A 90 21.23 4.68 4.38
C ARG A 90 20.76 3.77 3.26
N PHE A 91 19.47 3.86 2.91
CA PHE A 91 18.91 3.04 1.85
C PHE A 91 19.31 3.56 0.48
N LEU A 92 19.32 4.88 0.33
CA LEU A 92 19.68 5.51 -0.94
C LEU A 92 21.15 5.27 -1.26
N THR A 93 22.02 5.59 -0.31
CA THR A 93 23.45 5.40 -0.49
C THR A 93 23.78 3.96 -0.89
N ALA A 94 22.99 3.03 -0.38
CA ALA A 94 23.19 1.61 -0.68
C ALA A 94 22.78 1.30 -2.12
N SER A 95 21.74 1.98 -2.60
CA SER A 95 21.24 1.77 -3.95
C SER A 95 20.65 3.05 -4.52
N GLN A 96 21.26 3.56 -5.59
CA GLN A 96 20.80 4.78 -6.23
C GLN A 96 19.30 4.70 -6.51
N ASP A 97 18.93 3.93 -7.51
CA ASP A 97 17.53 3.78 -7.88
C ASP A 97 17.09 2.31 -7.76
N LYS A 98 16.60 1.95 -6.58
CA LYS A 98 16.15 0.59 -6.33
C LYS A 98 14.75 0.58 -5.73
N ILE A 99 14.16 1.76 -5.59
CA ILE A 99 12.83 1.89 -5.04
C ILE A 99 12.78 1.44 -3.59
N LEU A 100 11.81 1.95 -2.84
CA LEU A 100 11.66 1.59 -1.43
C LEU A 100 10.39 0.76 -1.21
N PHE A 101 9.36 1.07 -1.97
CA PHE A 101 8.09 0.35 -1.87
C PHE A 101 7.85 -0.50 -3.11
N LYS A 102 8.92 -1.06 -3.66
CA LYS A 102 8.82 -1.90 -4.85
C LYS A 102 8.15 -3.22 -4.52
N ASP A 103 8.80 -4.01 -3.67
CA ASP A 103 8.26 -5.31 -3.27
C ASP A 103 6.83 -5.18 -2.76
N VAL A 104 6.55 -4.07 -2.07
CA VAL A 104 5.22 -3.82 -1.53
C VAL A 104 4.16 -3.92 -2.62
N ASN A 105 4.37 -3.20 -3.71
CA ASN A 105 3.43 -3.21 -4.82
C ASN A 105 3.24 -4.62 -5.38
N ARG A 106 4.29 -5.43 -5.27
CA ARG A 106 4.24 -6.80 -5.75
C ARG A 106 3.43 -7.68 -4.81
N LYS A 107 3.77 -7.67 -3.53
CA LYS A 107 3.06 -8.45 -2.54
C LYS A 107 1.61 -8.04 -2.43
N LEU A 108 1.37 -6.73 -2.40
CA LEU A 108 0.02 -6.19 -2.30
C LEU A 108 -0.89 -6.81 -3.37
N SER A 109 -0.34 -6.98 -4.57
CA SER A 109 -1.10 -7.56 -5.67
C SER A 109 -1.28 -9.06 -5.49
N ASP A 110 -0.27 -9.70 -4.91
CA ASP A 110 -0.31 -11.14 -4.67
C ASP A 110 -1.43 -11.50 -3.71
N VAL A 111 -1.59 -10.69 -2.66
CA VAL A 111 -2.63 -10.92 -1.66
C VAL A 111 -4.01 -10.58 -2.21
N TRP A 112 -4.05 -9.59 -3.12
CA TRP A 112 -5.30 -9.17 -3.72
C TRP A 112 -5.79 -10.19 -4.75
N LYS A 113 -4.91 -10.54 -5.68
CA LYS A 113 -5.26 -11.51 -6.71
C LYS A 113 -5.66 -12.84 -6.10
N GLU A 114 -5.28 -13.05 -4.84
CA GLU A 114 -5.61 -14.29 -4.15
C GLU A 114 -7.03 -14.25 -3.60
N LEU A 115 -7.37 -13.15 -2.93
CA LEU A 115 -8.71 -12.98 -2.36
C LEU A 115 -9.69 -12.48 -3.41
N SER A 116 -9.23 -11.56 -4.25
CA SER A 116 -10.07 -10.99 -5.30
C SER A 116 -10.63 -12.09 -6.20
N LEU A 117 -9.82 -13.11 -6.46
CA LEU A 117 -10.22 -14.22 -7.30
C LEU A 117 -11.49 -14.88 -6.75
N LEU A 118 -11.57 -14.99 -5.44
CA LEU A 118 -12.73 -15.59 -4.78
C LEU A 118 -13.91 -14.62 -4.74
N LEU A 119 -13.61 -13.35 -5.03
CA LEU A 119 -14.65 -12.32 -5.02
C LEU A 119 -15.23 -12.13 -6.41
N GLN A 120 -14.37 -12.00 -7.41
CA GLN A 120 -14.79 -11.81 -8.79
C GLN A 120 -15.42 -13.09 -9.33
N VAL A 121 -15.04 -14.23 -8.77
CA VAL A 121 -15.56 -15.51 -9.20
C VAL A 121 -17.08 -15.49 -9.30
N GLU A 122 -17.70 -14.74 -8.39
CA GLU A 122 -19.16 -14.63 -8.38
C GLU A 122 -19.61 -13.28 -8.94
N GLN A 123 -19.14 -12.21 -8.33
CA GLN A 123 -19.50 -10.86 -8.77
C GLN A 123 -18.28 -9.94 -8.76
N ARG A 124 -18.25 -9.00 -9.69
CA ARG A 124 -17.14 -8.06 -9.79
C ARG A 124 -16.96 -7.29 -8.48
N MET A 125 -16.03 -6.35 -8.48
CA MET A 125 -15.76 -5.55 -7.29
C MET A 125 -14.74 -4.44 -7.60
N PRO A 126 -13.52 -4.86 -7.98
CA PRO A 126 -12.44 -3.94 -8.31
C PRO A 126 -12.70 -3.17 -9.60
N VAL A 127 -12.27 -1.92 -9.65
CA VAL A 127 -12.46 -1.08 -10.83
C VAL A 127 -11.17 -1.01 -11.65
N SER A 128 -10.09 -0.59 -11.00
CA SER A 128 -8.80 -0.47 -11.67
C SER A 128 -8.27 -1.84 -12.09
N PRO A 129 -7.32 -1.84 -13.03
CA PRO A 129 -6.71 -3.07 -13.54
C PRO A 129 -5.82 -3.76 -12.51
N ILE A 130 -6.45 -4.49 -11.60
CA ILE A 130 -5.72 -5.19 -10.55
C ILE A 130 -4.74 -6.21 -11.14
N SER A 131 -5.12 -6.77 -12.30
CA SER A 131 -4.28 -7.76 -12.97
C SER A 131 -3.47 -7.11 -14.09
N GLN A 132 -4.18 -6.52 -15.05
CA GLN A 132 -3.53 -5.86 -16.18
C GLN A 132 -2.46 -4.88 -15.70
N GLY A 133 -2.72 -4.24 -14.56
CA GLY A 133 -1.78 -3.28 -14.02
C GLY A 133 -0.38 -3.85 -13.89
N ALA A 134 0.49 -3.49 -14.82
CA ALA A 134 1.87 -3.97 -14.80
C ALA A 134 2.86 -2.80 -14.89
N SER A 135 2.50 -1.78 -15.65
CA SER A 135 3.36 -0.61 -15.82
C SER A 135 3.51 0.14 -14.50
N TRP A 136 2.46 0.10 -13.68
CA TRP A 136 2.48 0.78 -12.39
C TRP A 136 3.73 0.41 -11.59
N ALA A 137 4.22 -0.80 -11.82
CA ALA A 137 5.42 -1.27 -11.13
C ALA A 137 6.67 -0.60 -11.68
N GLN A 138 6.78 -0.53 -13.00
CA GLN A 138 7.92 0.09 -13.65
C GLN A 138 7.95 1.59 -13.40
N GLU A 139 6.77 2.20 -13.36
CA GLU A 139 6.66 3.64 -13.13
C GLU A 139 7.24 4.02 -11.77
N ASP A 140 7.05 3.13 -10.79
CA ASP A 140 7.56 3.37 -9.44
C ASP A 140 9.06 3.61 -9.45
N GLN A 141 9.76 2.90 -10.34
CA GLN A 141 11.21 3.03 -10.46
C GLN A 141 11.59 4.41 -10.98
N GLN A 142 10.93 4.84 -12.05
CA GLN A 142 11.20 6.14 -12.64
C GLN A 142 10.77 7.27 -11.71
N ASP A 143 9.64 7.06 -11.04
CA ASP A 143 9.11 8.05 -10.11
C ASP A 143 9.99 8.17 -8.87
N ALA A 144 10.33 7.02 -8.29
CA ALA A 144 11.17 6.99 -7.09
C ALA A 144 12.45 7.78 -7.31
N ASP A 145 12.93 7.80 -8.55
CA ASP A 145 14.15 8.52 -8.88
C ASP A 145 14.04 9.99 -8.48
N GLU A 146 12.84 10.54 -8.57
CA GLU A 146 12.61 11.94 -8.22
C GLU A 146 12.77 12.15 -6.72
N ASP A 147 12.40 11.15 -5.94
CA ASP A 147 12.50 11.23 -4.48
C ASP A 147 13.95 11.33 -4.04
N ARG A 148 14.77 10.36 -4.49
CA ARG A 148 16.18 10.35 -4.13
C ARG A 148 16.86 11.64 -4.57
N ARG A 149 16.48 12.15 -5.73
CA ARG A 149 17.06 13.38 -6.26
C ARG A 149 16.56 14.59 -5.49
N ALA A 150 15.31 14.54 -5.06
CA ALA A 150 14.70 15.63 -4.31
C ALA A 150 15.20 15.64 -2.87
N PHE A 151 15.64 14.48 -2.40
CA PHE A 151 16.15 14.36 -1.03
C PHE A 151 17.58 14.87 -0.93
N GLN A 152 18.32 14.76 -2.03
CA GLN A 152 19.71 15.21 -2.06
C GLN A 152 19.80 16.73 -1.89
N MET A 153 18.81 17.43 -2.45
CA MET A 153 18.78 18.89 -2.36
C MET A 153 18.91 19.34 -0.92
N LEU A 154 18.44 18.52 0.01
CA LEU A 154 18.51 18.84 1.43
C LEU A 154 19.92 19.28 1.82
N ARG A 155 20.05 20.55 2.19
CA ARG A 155 21.34 21.10 2.59
C ARG A 155 21.31 21.59 4.04
N ARG A 156 20.83 20.72 4.94
CA ARG A 156 20.74 21.07 6.35
C ARG A 156 22.09 20.90 7.04
N ASP A 157 22.36 21.76 8.02
CA ASP A 157 23.62 21.70 8.76
C ASP A 157 23.86 20.30 9.32
N GLY A 1 -12.33 -16.85 16.82
CA GLY A 1 -13.66 -16.54 16.37
C GLY A 1 -13.67 -15.85 15.02
N SER A 2 -14.76 -15.14 14.73
CA SER A 2 -14.90 -14.42 13.48
C SER A 2 -15.63 -13.10 13.67
N PRO A 3 -14.98 -12.16 14.36
CA PRO A 3 -15.56 -10.83 14.63
C PRO A 3 -15.66 -9.97 13.37
N GLY A 4 -15.99 -8.70 13.56
CA GLY A 4 -16.12 -7.80 12.42
C GLY A 4 -15.03 -6.74 12.40
N GLU A 5 -14.53 -6.39 13.58
CA GLU A 5 -13.48 -5.38 13.69
C GLU A 5 -12.32 -5.70 12.75
N ASN A 6 -12.11 -6.99 12.50
CA ASN A 6 -11.04 -7.43 11.61
C ASN A 6 -11.08 -6.67 10.29
N LEU A 7 -12.26 -6.59 9.69
CA LEU A 7 -12.43 -5.89 8.42
C LEU A 7 -12.23 -4.39 8.60
N LYS A 8 -12.76 -3.86 9.69
CA LYS A 8 -12.63 -2.44 9.98
C LYS A 8 -11.17 -2.00 9.98
N HIS A 9 -10.33 -2.76 10.69
CA HIS A 9 -8.91 -2.45 10.76
C HIS A 9 -8.21 -2.76 9.44
N ILE A 10 -8.71 -3.77 8.74
CA ILE A 10 -8.14 -4.16 7.45
C ILE A 10 -8.36 -3.08 6.40
N ILE A 11 -9.57 -2.54 6.37
CA ILE A 11 -9.92 -1.49 5.41
C ILE A 11 -9.25 -0.18 5.77
N THR A 12 -9.48 0.28 7.00
CA THR A 12 -8.90 1.53 7.48
C THR A 12 -7.39 1.56 7.24
N LEU A 13 -6.77 0.39 7.29
CA LEU A 13 -5.33 0.29 7.08
C LEU A 13 -4.90 1.04 5.82
N GLY A 14 -5.79 1.04 4.82
CA GLY A 14 -5.48 1.72 3.56
C GLY A 14 -5.63 3.22 3.68
N GLN A 15 -6.57 3.67 4.50
CA GLN A 15 -6.81 5.09 4.69
C GLN A 15 -5.76 5.70 5.62
N VAL A 16 -5.52 5.04 6.75
CA VAL A 16 -4.54 5.52 7.71
C VAL A 16 -3.18 5.75 7.05
N ILE A 17 -2.79 4.81 6.20
CA ILE A 17 -1.50 4.92 5.50
C ILE A 17 -1.53 6.04 4.47
N HIS A 18 -2.66 6.22 3.82
CA HIS A 18 -2.83 7.27 2.81
C HIS A 18 -2.72 8.65 3.46
N LYS A 19 -3.54 8.89 4.47
CA LYS A 19 -3.55 10.16 5.18
C LYS A 19 -2.21 10.41 5.86
N ARG A 20 -1.58 9.34 6.34
CA ARG A 20 -0.30 9.45 7.02
C ARG A 20 0.76 10.00 6.08
N CYS A 21 0.59 9.76 4.78
CA CYS A 21 1.54 10.24 3.78
C CYS A 21 1.85 11.71 3.99
N GLU A 22 0.82 12.52 4.22
CA GLU A 22 0.99 13.94 4.43
C GLU A 22 2.03 14.21 5.51
N GLU A 23 2.10 13.32 6.49
CA GLU A 23 3.05 13.46 7.59
C GLU A 23 4.48 13.45 7.07
N MET A 24 4.76 12.58 6.11
CA MET A 24 6.09 12.48 5.53
C MET A 24 6.60 13.85 5.08
N LYS A 25 7.89 13.93 4.80
CA LYS A 25 8.50 15.18 4.37
C LYS A 25 9.49 14.93 3.23
N TYR A 26 10.27 13.86 3.36
CA TYR A 26 11.25 13.51 2.33
C TYR A 26 10.67 12.54 1.31
N CYS A 27 10.31 11.35 1.79
CA CYS A 27 9.73 10.32 0.92
C CYS A 27 8.28 10.63 0.61
N LYS A 28 7.76 11.70 1.21
CA LYS A 28 6.38 12.09 1.00
C LYS A 28 6.04 12.15 -0.50
N LYS A 29 7.06 12.38 -1.32
CA LYS A 29 6.88 12.45 -2.76
C LYS A 29 6.67 11.06 -3.35
N GLN A 30 7.57 10.14 -3.03
CA GLN A 30 7.48 8.77 -3.53
C GLN A 30 6.26 8.06 -2.94
N CYS A 31 6.01 8.30 -1.66
CA CYS A 31 4.89 7.68 -0.97
C CYS A 31 3.57 8.31 -1.42
N ARG A 32 3.63 9.56 -1.84
CA ARG A 32 2.44 10.28 -2.30
C ARG A 32 1.67 9.45 -3.32
N ARG A 33 2.39 8.90 -4.29
CA ARG A 33 1.77 8.09 -5.34
C ARG A 33 1.39 6.72 -4.79
N LEU A 34 2.18 6.21 -3.85
CA LEU A 34 1.93 4.91 -3.26
C LEU A 34 0.58 4.88 -2.54
N GLY A 35 0.46 5.73 -1.51
CA GLY A 35 -0.77 5.80 -0.75
C GLY A 35 -1.99 6.06 -1.63
N HIS A 36 -1.78 6.83 -2.70
CA HIS A 36 -2.86 7.16 -3.62
C HIS A 36 -3.23 5.95 -4.47
N ARG A 37 -2.24 5.35 -5.11
CA ARG A 37 -2.47 4.19 -5.96
C ARG A 37 -3.02 3.02 -5.15
N VAL A 38 -2.33 2.68 -4.06
CA VAL A 38 -2.75 1.59 -3.20
C VAL A 38 -4.18 1.81 -2.69
N LEU A 39 -4.54 3.07 -2.49
CA LEU A 39 -5.87 3.41 -2.01
C LEU A 39 -6.95 2.84 -2.94
N GLY A 40 -6.60 2.66 -4.20
CA GLY A 40 -7.54 2.11 -5.16
C GLY A 40 -7.93 0.68 -4.85
N LEU A 41 -7.04 -0.04 -4.17
CA LEU A 41 -7.29 -1.42 -3.81
C LEU A 41 -8.28 -1.52 -2.66
N ILE A 42 -8.16 -0.59 -1.71
CA ILE A 42 -9.04 -0.58 -0.55
C ILE A 42 -10.38 0.08 -0.89
N LYS A 43 -10.38 0.87 -1.97
CA LYS A 43 -11.59 1.56 -2.40
C LYS A 43 -12.78 0.59 -2.45
N PRO A 44 -12.62 -0.49 -3.22
CA PRO A 44 -13.67 -1.51 -3.37
C PRO A 44 -13.87 -2.32 -2.10
N LEU A 45 -12.89 -2.28 -1.21
CA LEU A 45 -12.96 -3.02 0.04
C LEU A 45 -13.92 -2.33 1.02
N GLU A 46 -13.87 -1.01 1.05
CA GLU A 46 -14.74 -0.23 1.93
C GLU A 46 -16.15 -0.16 1.38
N MET A 47 -16.26 -0.09 0.06
CA MET A 47 -17.55 -0.01 -0.61
C MET A 47 -18.44 -1.19 -0.21
N LEU A 48 -17.81 -2.32 0.07
CA LEU A 48 -18.54 -3.52 0.47
C LEU A 48 -19.31 -3.30 1.78
N GLN A 49 -18.58 -2.88 2.81
CA GLN A 49 -19.19 -2.63 4.11
C GLN A 49 -20.10 -1.41 4.06
N ASP A 50 -19.77 -0.47 3.18
CA ASP A 50 -20.56 0.75 3.03
C ASP A 50 -21.89 0.45 2.35
N GLN A 51 -21.84 0.04 1.09
CA GLN A 51 -23.04 -0.28 0.34
C GLN A 51 -23.83 -1.39 1.01
N GLY A 52 -23.20 -2.55 1.18
CA GLY A 52 -23.86 -3.68 1.81
C GLY A 52 -24.24 -4.75 0.82
N LYS A 53 -23.44 -4.91 -0.22
CA LYS A 53 -23.69 -5.91 -1.25
C LYS A 53 -23.35 -7.31 -0.74
N ARG A 54 -22.05 -7.55 -0.54
CA ARG A 54 -21.59 -8.84 -0.06
C ARG A 54 -22.01 -9.07 1.39
N SER A 55 -22.82 -10.10 1.62
CA SER A 55 -23.29 -10.42 2.96
C SER A 55 -22.12 -10.63 3.92
N VAL A 56 -21.52 -11.81 3.85
CA VAL A 56 -20.39 -12.15 4.70
C VAL A 56 -19.47 -13.17 4.04
N PRO A 57 -18.16 -12.91 4.11
CA PRO A 57 -17.15 -13.79 3.51
C PRO A 57 -17.02 -15.12 4.25
N SER A 58 -16.55 -16.14 3.55
CA SER A 58 -16.39 -17.46 4.13
C SER A 58 -14.97 -17.65 4.67
N GLU A 59 -14.72 -18.82 5.26
CA GLU A 59 -13.39 -19.13 5.81
C GLU A 59 -12.32 -19.00 4.74
N LYS A 60 -12.72 -19.11 3.48
CA LYS A 60 -11.79 -19.01 2.36
C LYS A 60 -11.29 -17.59 2.20
N LEU A 61 -12.21 -16.64 2.12
CA LEU A 61 -11.86 -15.23 1.97
C LEU A 61 -11.03 -14.75 3.15
N THR A 62 -11.43 -15.16 4.36
CA THR A 62 -10.73 -14.78 5.57
C THR A 62 -9.24 -15.08 5.46
N THR A 63 -8.90 -16.18 4.80
CA THR A 63 -7.51 -16.58 4.62
C THR A 63 -6.79 -15.65 3.65
N ALA A 64 -7.39 -15.46 2.48
CA ALA A 64 -6.81 -14.59 1.45
C ALA A 64 -6.70 -13.15 1.95
N MET A 65 -7.67 -12.73 2.76
CA MET A 65 -7.68 -11.37 3.29
C MET A 65 -6.73 -11.26 4.48
N ASN A 66 -6.69 -12.31 5.31
CA ASN A 66 -5.82 -12.32 6.49
C ASN A 66 -4.39 -11.96 6.09
N ARG A 67 -4.00 -12.33 4.89
CA ARG A 67 -2.65 -12.05 4.40
C ARG A 67 -2.49 -10.57 4.04
N PHE A 68 -3.56 -9.99 3.48
CA PHE A 68 -3.54 -8.59 3.08
C PHE A 68 -3.42 -7.69 4.31
N LYS A 69 -4.04 -8.09 5.41
CA LYS A 69 -4.01 -7.32 6.64
C LYS A 69 -2.56 -7.07 7.09
N ALA A 70 -1.81 -8.15 7.27
CA ALA A 70 -0.42 -8.05 7.70
C ALA A 70 0.45 -7.53 6.55
N ALA A 71 0.12 -7.92 5.34
CA ALA A 71 0.87 -7.48 4.16
C ALA A 71 0.86 -5.97 4.03
N LEU A 72 -0.33 -5.39 4.03
CA LEU A 72 -0.48 -3.94 3.91
C LEU A 72 0.19 -3.22 5.09
N GLU A 73 0.16 -3.87 6.25
CA GLU A 73 0.76 -3.29 7.45
C GLU A 73 2.19 -2.83 7.18
N GLU A 74 2.90 -3.60 6.35
CA GLU A 74 4.28 -3.27 6.00
C GLU A 74 4.38 -1.86 5.45
N ALA A 75 3.44 -1.50 4.57
CA ALA A 75 3.43 -0.18 3.96
C ALA A 75 3.25 0.91 5.00
N ASN A 76 2.32 0.68 5.92
CA ASN A 76 2.03 1.65 6.98
C ASN A 76 3.22 1.75 7.95
N GLY A 77 3.87 0.62 8.21
CA GLY A 77 5.00 0.61 9.11
C GLY A 77 6.25 1.19 8.46
N GLU A 78 6.38 0.99 7.15
CA GLU A 78 7.55 1.49 6.42
C GLU A 78 7.62 3.01 6.49
N ILE A 79 6.58 3.67 5.99
CA ILE A 79 6.52 5.13 6.00
C ILE A 79 6.76 5.68 7.40
N GLU A 80 6.34 4.92 8.40
CA GLU A 80 6.50 5.34 9.79
C GLU A 80 7.98 5.36 10.18
N LYS A 81 8.61 4.19 10.16
CA LYS A 81 10.02 4.07 10.51
C LYS A 81 10.89 4.89 9.57
N PHE A 82 10.46 4.99 8.31
CA PHE A 82 11.20 5.75 7.30
C PHE A 82 11.20 7.23 7.65
N SER A 83 10.25 7.65 8.47
CA SER A 83 10.15 9.05 8.87
C SER A 83 11.51 9.59 9.31
N ASN A 84 12.30 8.73 9.93
CA ASN A 84 13.62 9.12 10.41
C ASN A 84 14.52 9.54 9.24
N ARG A 85 14.85 10.81 9.19
CA ARG A 85 15.70 11.34 8.12
C ARG A 85 16.98 10.51 8.00
N SER A 86 17.51 10.07 9.13
CA SER A 86 18.73 9.27 9.15
C SER A 86 18.53 7.95 8.42
N ASN A 87 17.33 7.39 8.54
CA ASN A 87 17.01 6.12 7.90
C ASN A 87 16.91 6.29 6.38
N ILE A 88 16.28 7.38 5.95
CA ILE A 88 16.13 7.65 4.53
C ILE A 88 17.47 7.95 3.88
N CYS A 89 18.31 8.70 4.58
CA CYS A 89 19.63 9.06 4.07
C CYS A 89 20.49 7.81 3.87
N ARG A 90 20.35 6.84 4.77
CA ARG A 90 21.10 5.61 4.69
C ARG A 90 20.64 4.76 3.51
N PHE A 91 19.33 4.77 3.26
CA PHE A 91 18.75 4.00 2.17
C PHE A 91 19.00 4.69 0.82
N LEU A 92 19.00 6.02 0.84
CA LEU A 92 19.22 6.80 -0.37
C LEU A 92 20.70 6.79 -0.75
N THR A 93 21.57 6.93 0.25
CA THR A 93 23.00 6.95 0.03
C THR A 93 23.51 5.59 -0.43
N ALA A 94 22.84 4.54 0.03
CA ALA A 94 23.21 3.18 -0.34
C ALA A 94 23.38 3.03 -1.84
N SER A 95 22.35 3.46 -2.59
CA SER A 95 22.38 3.37 -4.04
C SER A 95 21.82 4.65 -4.67
N GLN A 96 22.36 5.00 -5.84
CA GLN A 96 21.91 6.19 -6.55
C GLN A 96 20.39 6.23 -6.67
N ASP A 97 19.80 5.06 -6.86
CA ASP A 97 18.35 4.95 -6.99
C ASP A 97 17.84 3.64 -6.39
N LYS A 98 17.07 3.74 -5.32
CA LYS A 98 16.52 2.57 -4.66
C LYS A 98 15.12 2.85 -4.11
N ILE A 99 14.17 2.00 -4.47
CA ILE A 99 12.79 2.17 -4.01
C ILE A 99 12.65 1.72 -2.56
N LEU A 100 11.61 2.23 -1.90
CA LEU A 100 11.35 1.88 -0.51
C LEU A 100 10.09 1.05 -0.37
N PHE A 101 9.11 1.33 -1.23
CA PHE A 101 7.85 0.60 -1.21
C PHE A 101 7.71 -0.28 -2.45
N LYS A 102 8.84 -0.80 -2.93
CA LYS A 102 8.84 -1.66 -4.11
C LYS A 102 8.24 -3.01 -3.79
N ASP A 103 8.86 -3.75 -2.89
CA ASP A 103 8.38 -5.07 -2.50
C ASP A 103 6.91 -5.01 -2.08
N VAL A 104 6.53 -3.90 -1.46
CA VAL A 104 5.16 -3.72 -1.01
C VAL A 104 4.17 -3.92 -2.15
N ASN A 105 4.36 -3.15 -3.22
CA ASN A 105 3.48 -3.24 -4.38
C ASN A 105 3.37 -4.68 -4.87
N ARG A 106 4.43 -5.46 -4.64
CA ARG A 106 4.45 -6.85 -5.05
C ARG A 106 3.56 -7.71 -4.16
N LYS A 107 3.79 -7.63 -2.85
CA LYS A 107 3.02 -8.38 -1.88
C LYS A 107 1.55 -7.95 -1.90
N LEU A 108 1.33 -6.63 -1.89
CA LEU A 108 -0.02 -6.09 -1.92
C LEU A 108 -0.86 -6.74 -3.01
N SER A 109 -0.24 -6.92 -4.19
CA SER A 109 -0.93 -7.51 -5.32
C SER A 109 -1.11 -9.02 -5.11
N ASP A 110 -0.14 -9.63 -4.44
CA ASP A 110 -0.20 -11.07 -4.16
C ASP A 110 -1.37 -11.41 -3.26
N VAL A 111 -1.59 -10.58 -2.24
CA VAL A 111 -2.68 -10.79 -1.30
C VAL A 111 -4.04 -10.46 -1.93
N TRP A 112 -4.03 -9.50 -2.85
CA TRP A 112 -5.25 -9.10 -3.53
C TRP A 112 -5.71 -10.16 -4.52
N LYS A 113 -4.81 -10.54 -5.42
CA LYS A 113 -5.13 -11.56 -6.42
C LYS A 113 -5.59 -12.85 -5.76
N GLU A 114 -5.23 -13.01 -4.49
CA GLU A 114 -5.60 -14.22 -3.74
C GLU A 114 -7.03 -14.10 -3.21
N LEU A 115 -7.37 -12.91 -2.71
CA LEU A 115 -8.71 -12.67 -2.17
C LEU A 115 -9.63 -12.12 -3.25
N SER A 116 -9.05 -11.72 -4.37
CA SER A 116 -9.82 -11.17 -5.48
C SER A 116 -10.63 -12.26 -6.18
N LEU A 117 -10.04 -13.45 -6.26
CA LEU A 117 -10.71 -14.58 -6.91
C LEU A 117 -12.08 -14.83 -6.29
N LEU A 118 -12.16 -14.71 -4.97
CA LEU A 118 -13.42 -14.92 -4.26
C LEU A 118 -14.33 -13.71 -4.38
N LEU A 119 -13.78 -12.63 -4.92
CA LEU A 119 -14.55 -11.39 -5.10
C LEU A 119 -15.19 -11.34 -6.49
N GLN A 120 -14.38 -11.51 -7.52
CA GLN A 120 -14.86 -11.49 -8.90
C GLN A 120 -15.73 -12.69 -9.18
N VAL A 121 -15.52 -13.77 -8.42
CA VAL A 121 -16.30 -15.00 -8.59
C VAL A 121 -17.79 -14.69 -8.65
N GLU A 122 -18.23 -13.70 -7.87
CA GLU A 122 -19.63 -13.33 -7.83
C GLU A 122 -19.87 -12.07 -8.66
N GLN A 123 -18.91 -11.15 -8.63
CA GLN A 123 -19.02 -9.91 -9.37
C GLN A 123 -17.68 -9.16 -9.39
N ARG A 124 -17.24 -8.77 -10.58
CA ARG A 124 -15.98 -8.05 -10.74
C ARG A 124 -15.97 -6.78 -9.88
N MET A 125 -15.29 -6.85 -8.75
CA MET A 125 -15.20 -5.72 -7.83
C MET A 125 -14.34 -4.61 -8.44
N PRO A 126 -13.07 -4.93 -8.71
CA PRO A 126 -12.12 -3.97 -9.31
C PRO A 126 -12.45 -3.65 -10.75
N VAL A 127 -12.07 -2.45 -11.19
CA VAL A 127 -12.33 -2.00 -12.55
C VAL A 127 -11.07 -2.08 -13.40
N SER A 128 -10.00 -1.43 -12.93
CA SER A 128 -8.74 -1.42 -13.65
C SER A 128 -8.14 -2.82 -13.72
N PRO A 129 -7.21 -3.02 -14.67
CA PRO A 129 -6.55 -4.32 -14.86
C PRO A 129 -5.60 -4.66 -13.72
N ILE A 130 -6.16 -5.12 -12.61
CA ILE A 130 -5.36 -5.48 -11.44
C ILE A 130 -4.36 -6.58 -11.78
N SER A 131 -4.75 -7.47 -12.69
CA SER A 131 -3.89 -8.57 -13.11
C SER A 131 -2.79 -8.07 -14.06
N GLN A 132 -1.75 -8.88 -14.21
CA GLN A 132 -0.64 -8.53 -15.09
C GLN A 132 -0.11 -7.13 -14.77
N GLY A 133 -0.12 -6.79 -13.49
CA GLY A 133 0.36 -5.48 -13.07
C GLY A 133 1.86 -5.37 -13.15
N ALA A 134 2.34 -4.43 -13.96
CA ALA A 134 3.78 -4.22 -14.13
C ALA A 134 4.09 -2.75 -14.31
N SER A 135 3.29 -2.06 -15.11
CA SER A 135 3.49 -0.64 -15.37
C SER A 135 3.59 0.14 -14.07
N TRP A 136 2.59 -0.03 -13.21
CA TRP A 136 2.57 0.67 -11.92
C TRP A 136 3.84 0.36 -11.12
N ALA A 137 4.39 -0.83 -11.32
CA ALA A 137 5.59 -1.24 -10.62
C ALA A 137 6.81 -0.46 -11.11
N GLN A 138 6.90 -0.25 -12.41
CA GLN A 138 8.00 0.49 -13.00
C GLN A 138 7.92 1.97 -12.66
N GLU A 139 6.69 2.49 -12.60
CA GLU A 139 6.48 3.89 -12.28
C GLU A 139 7.06 4.24 -10.92
N ASP A 140 6.92 3.32 -9.97
CA ASP A 140 7.44 3.53 -8.62
C ASP A 140 8.91 3.93 -8.66
N GLN A 141 9.70 3.20 -9.43
CA GLN A 141 11.13 3.47 -9.54
C GLN A 141 11.37 4.94 -9.91
N GLN A 142 10.51 5.48 -10.76
CA GLN A 142 10.63 6.87 -11.19
C GLN A 142 10.21 7.82 -10.07
N ASP A 143 9.21 7.41 -9.30
CA ASP A 143 8.72 8.22 -8.19
C ASP A 143 9.81 8.44 -7.15
N ALA A 144 10.49 7.37 -6.76
CA ALA A 144 11.56 7.45 -5.78
C ALA A 144 12.68 8.36 -6.26
N ASP A 145 12.88 8.40 -7.57
CA ASP A 145 13.93 9.23 -8.16
C ASP A 145 13.74 10.69 -7.76
N GLU A 146 12.49 11.10 -7.58
CA GLU A 146 12.19 12.48 -7.21
C GLU A 146 12.48 12.71 -5.73
N ASP A 147 12.22 11.68 -4.91
CA ASP A 147 12.46 11.78 -3.48
C ASP A 147 13.95 11.98 -3.18
N ARG A 148 14.77 11.07 -3.70
CA ARG A 148 16.21 11.15 -3.49
C ARG A 148 16.74 12.54 -3.82
N ARG A 149 16.35 13.05 -4.99
CA ARG A 149 16.80 14.37 -5.43
C ARG A 149 16.14 15.46 -4.60
N ALA A 150 14.92 15.21 -4.14
CA ALA A 150 14.19 16.17 -3.33
C ALA A 150 14.80 16.29 -1.94
N PHE A 151 15.41 15.21 -1.47
CA PHE A 151 16.04 15.21 -0.15
C PHE A 151 17.01 16.38 0.00
N GLN A 152 17.58 16.80 -1.13
CA GLN A 152 18.53 17.91 -1.12
C GLN A 152 17.89 19.17 -0.52
N MET A 153 16.57 19.21 -0.50
CA MET A 153 15.85 20.34 0.05
C MET A 153 16.39 20.74 1.42
N LEU A 154 16.90 19.74 2.15
CA LEU A 154 17.47 19.98 3.47
C LEU A 154 18.84 20.62 3.38
N ARG A 155 19.42 20.96 4.53
CA ARG A 155 20.73 21.57 4.58
C ARG A 155 21.83 20.52 4.60
N ARG A 156 22.12 19.94 3.44
CA ARG A 156 23.15 18.91 3.35
C ARG A 156 24.54 19.53 3.39
N ASP A 157 24.96 20.13 2.29
CA ASP A 157 26.28 20.75 2.21
C ASP A 157 26.30 22.07 2.98
N GLY A 1 -10.39 -13.29 11.17
CA GLY A 1 -11.10 -12.11 11.64
C GLY A 1 -12.58 -12.37 11.85
N SER A 2 -12.91 -13.14 12.88
CA SER A 2 -14.29 -13.46 13.19
C SER A 2 -15.15 -12.19 13.24
N PRO A 3 -14.80 -11.29 14.17
CA PRO A 3 -15.51 -10.03 14.35
C PRO A 3 -15.31 -9.06 13.18
N GLY A 4 -16.38 -8.41 12.76
CA GLY A 4 -16.29 -7.47 11.65
C GLY A 4 -15.20 -6.44 11.86
N GLU A 5 -14.90 -6.14 13.11
CA GLU A 5 -13.87 -5.17 13.44
C GLU A 5 -12.58 -5.44 12.67
N ASN A 6 -12.30 -6.73 12.46
CA ASN A 6 -11.10 -7.12 11.73
C ASN A 6 -11.02 -6.43 10.38
N LEU A 7 -12.16 -6.32 9.70
CA LEU A 7 -12.23 -5.68 8.40
C LEU A 7 -12.05 -4.17 8.53
N LYS A 8 -12.62 -3.60 9.59
CA LYS A 8 -12.53 -2.17 9.83
C LYS A 8 -11.07 -1.72 9.87
N HIS A 9 -10.25 -2.48 10.58
CA HIS A 9 -8.83 -2.16 10.71
C HIS A 9 -8.08 -2.48 9.42
N ILE A 10 -8.55 -3.50 8.71
CA ILE A 10 -7.93 -3.90 7.45
C ILE A 10 -8.13 -2.84 6.38
N ILE A 11 -9.34 -2.30 6.31
CA ILE A 11 -9.66 -1.27 5.33
C ILE A 11 -9.00 0.06 5.69
N THR A 12 -9.26 0.53 6.91
CA THR A 12 -8.70 1.79 7.38
C THR A 12 -7.19 1.82 7.20
N LEU A 13 -6.57 0.65 7.29
CA LEU A 13 -5.12 0.54 7.14
C LEU A 13 -4.65 1.25 5.88
N GLY A 14 -5.48 1.23 4.84
CA GLY A 14 -5.14 1.88 3.60
C GLY A 14 -5.29 3.39 3.66
N GLN A 15 -6.26 3.85 4.45
CA GLN A 15 -6.51 5.28 4.59
C GLN A 15 -5.50 5.91 5.54
N VAL A 16 -5.31 5.26 6.70
CA VAL A 16 -4.37 5.76 7.70
C VAL A 16 -2.99 5.98 7.10
N ILE A 17 -2.52 5.01 6.32
CA ILE A 17 -1.22 5.10 5.69
C ILE A 17 -1.17 6.26 4.70
N HIS A 18 -2.28 6.50 4.02
CA HIS A 18 -2.37 7.59 3.04
C HIS A 18 -2.35 8.94 3.74
N LYS A 19 -3.24 9.13 4.69
CA LYS A 19 -3.33 10.38 5.45
C LYS A 19 -2.07 10.60 6.28
N ARG A 20 -1.46 9.51 6.73
CA ARG A 20 -0.26 9.58 7.54
C ARG A 20 0.83 10.39 6.83
N CYS A 21 0.80 10.37 5.50
CA CYS A 21 1.78 11.10 4.70
C CYS A 21 1.90 12.55 5.18
N GLU A 22 0.81 13.08 5.72
CA GLU A 22 0.79 14.45 6.21
C GLU A 22 1.92 14.69 7.21
N GLU A 23 2.26 13.65 7.96
CA GLU A 23 3.32 13.74 8.96
C GLU A 23 4.66 13.35 8.35
N MET A 24 4.79 13.51 7.04
CA MET A 24 6.02 13.17 6.34
C MET A 24 6.54 14.36 5.55
N LYS A 25 7.86 14.47 5.45
CA LYS A 25 8.49 15.56 4.72
C LYS A 25 9.51 15.03 3.71
N TYR A 26 10.23 13.99 4.10
CA TYR A 26 11.24 13.39 3.24
C TYR A 26 10.61 12.39 2.27
N CYS A 27 9.84 11.46 2.82
CA CYS A 27 9.17 10.45 2.00
C CYS A 27 7.82 10.94 1.51
N LYS A 28 7.43 12.13 1.97
CA LYS A 28 6.16 12.72 1.58
C LYS A 28 5.98 12.67 0.07
N LYS A 29 7.08 12.75 -0.67
CA LYS A 29 7.04 12.71 -2.12
C LYS A 29 6.56 11.36 -2.62
N GLN A 30 7.19 10.29 -2.15
CA GLN A 30 6.82 8.94 -2.54
C GLN A 30 5.51 8.52 -1.90
N CYS A 31 5.43 8.66 -0.57
CA CYS A 31 4.22 8.31 0.17
C CYS A 31 2.99 8.95 -0.46
N ARG A 32 3.17 10.14 -1.02
CA ARG A 32 2.07 10.86 -1.66
C ARG A 32 1.45 10.03 -2.77
N ARG A 33 2.27 9.59 -3.71
CA ARG A 33 1.80 8.78 -4.83
C ARG A 33 1.51 7.35 -4.39
N LEU A 34 2.28 6.87 -3.41
CA LEU A 34 2.12 5.51 -2.90
C LEU A 34 0.75 5.35 -2.23
N GLY A 35 0.52 6.15 -1.19
CA GLY A 35 -0.74 6.07 -0.47
C GLY A 35 -1.94 6.20 -1.40
N HIS A 36 -1.85 7.11 -2.36
CA HIS A 36 -2.93 7.33 -3.30
C HIS A 36 -3.05 6.16 -4.28
N ARG A 37 -1.93 5.81 -4.92
CA ARG A 37 -1.91 4.72 -5.88
C ARG A 37 -2.49 3.45 -5.26
N VAL A 38 -2.01 3.09 -4.06
CA VAL A 38 -2.48 1.90 -3.37
C VAL A 38 -3.93 2.08 -2.90
N LEU A 39 -4.31 3.32 -2.64
CA LEU A 39 -5.66 3.63 -2.18
C LEU A 39 -6.70 2.99 -3.10
N GLY A 40 -6.34 2.84 -4.38
CA GLY A 40 -7.25 2.24 -5.33
C GLY A 40 -7.62 0.81 -4.98
N LEU A 41 -6.72 0.13 -4.27
CA LEU A 41 -6.95 -1.25 -3.87
C LEU A 41 -7.94 -1.33 -2.72
N ILE A 42 -7.81 -0.39 -1.77
CA ILE A 42 -8.69 -0.35 -0.62
C ILE A 42 -10.01 0.33 -0.97
N LYS A 43 -10.02 1.07 -2.06
CA LYS A 43 -11.22 1.78 -2.50
C LYS A 43 -12.42 0.82 -2.53
N PRO A 44 -12.28 -0.28 -3.29
CA PRO A 44 -13.34 -1.28 -3.42
C PRO A 44 -13.56 -2.07 -2.13
N LEU A 45 -12.57 -2.02 -1.24
CA LEU A 45 -12.64 -2.73 0.03
C LEU A 45 -13.60 -2.02 0.99
N GLU A 46 -13.54 -0.69 1.00
CA GLU A 46 -14.40 0.09 1.87
C GLU A 46 -15.82 0.18 1.31
N MET A 47 -15.93 0.20 -0.02
CA MET A 47 -17.23 0.29 -0.68
C MET A 47 -18.12 -0.88 -0.26
N LEU A 48 -17.49 -2.02 0.03
CA LEU A 48 -18.22 -3.21 0.44
C LEU A 48 -18.97 -2.98 1.74
N GLN A 49 -18.22 -2.62 2.79
CA GLN A 49 -18.81 -2.36 4.09
C GLN A 49 -19.76 -1.15 4.04
N ASP A 50 -19.46 -0.22 3.14
CA ASP A 50 -20.28 0.98 2.99
C ASP A 50 -21.70 0.62 2.59
N GLN A 51 -21.85 0.05 1.39
CA GLN A 51 -23.16 -0.34 0.89
C GLN A 51 -23.64 -1.63 1.55
N GLY A 52 -22.87 -2.70 1.38
CA GLY A 52 -23.24 -3.97 1.97
C GLY A 52 -23.61 -5.01 0.93
N LYS A 53 -22.93 -4.98 -0.21
CA LYS A 53 -23.19 -5.92 -1.29
C LYS A 53 -22.94 -7.36 -0.84
N ARG A 54 -21.75 -7.61 -0.32
CA ARG A 54 -21.38 -8.94 0.15
C ARG A 54 -21.83 -9.14 1.60
N SER A 55 -22.76 -10.06 1.80
CA SER A 55 -23.27 -10.35 3.14
C SER A 55 -22.13 -10.62 4.11
N VAL A 56 -21.23 -11.53 3.73
CA VAL A 56 -20.09 -11.88 4.57
C VAL A 56 -19.17 -12.87 3.86
N PRO A 57 -17.86 -12.62 3.92
CA PRO A 57 -16.86 -13.48 3.29
C PRO A 57 -16.73 -14.83 4.01
N SER A 58 -16.39 -15.87 3.24
CA SER A 58 -16.24 -17.20 3.79
C SER A 58 -14.88 -17.36 4.47
N GLU A 59 -14.65 -18.53 5.06
CA GLU A 59 -13.40 -18.81 5.75
C GLU A 59 -12.22 -18.79 4.76
N LYS A 60 -12.44 -19.39 3.60
CA LYS A 60 -11.40 -19.46 2.57
C LYS A 60 -10.87 -18.06 2.26
N LEU A 61 -11.77 -17.15 1.89
CA LEU A 61 -11.40 -15.78 1.56
C LEU A 61 -10.64 -15.14 2.71
N THR A 62 -11.01 -15.50 3.94
CA THR A 62 -10.36 -14.96 5.13
C THR A 62 -8.86 -15.18 5.08
N THR A 63 -8.45 -16.34 4.57
CA THR A 63 -7.03 -16.68 4.47
C THR A 63 -6.29 -15.71 3.55
N ALA A 64 -6.97 -15.28 2.48
CA ALA A 64 -6.38 -14.36 1.53
C ALA A 64 -6.28 -12.95 2.11
N MET A 65 -7.42 -12.44 2.59
CA MET A 65 -7.47 -11.11 3.18
C MET A 65 -6.54 -11.02 4.40
N ASN A 66 -6.51 -12.09 5.18
CA ASN A 66 -5.68 -12.14 6.38
C ASN A 66 -4.24 -11.76 6.05
N ARG A 67 -3.79 -12.14 4.87
CA ARG A 67 -2.42 -11.85 4.43
C ARG A 67 -2.27 -10.37 4.12
N PHE A 68 -3.30 -9.78 3.54
CA PHE A 68 -3.28 -8.37 3.18
C PHE A 68 -3.18 -7.49 4.42
N LYS A 69 -3.82 -7.93 5.50
CA LYS A 69 -3.80 -7.19 6.76
C LYS A 69 -2.37 -6.95 7.23
N ALA A 70 -1.63 -8.04 7.41
CA ALA A 70 -0.24 -7.95 7.85
C ALA A 70 0.66 -7.41 6.75
N ALA A 71 0.35 -7.77 5.52
CA ALA A 71 1.13 -7.31 4.36
C ALA A 71 1.13 -5.80 4.27
N LEU A 72 -0.05 -5.20 4.28
CA LEU A 72 -0.18 -3.75 4.19
C LEU A 72 0.42 -3.07 5.42
N GLU A 73 0.35 -3.76 6.56
CA GLU A 73 0.90 -3.23 7.80
C GLU A 73 2.34 -2.75 7.61
N GLU A 74 3.08 -3.47 6.78
CA GLU A 74 4.47 -3.11 6.51
C GLU A 74 4.58 -1.70 5.95
N ALA A 75 3.67 -1.36 5.04
CA ALA A 75 3.66 -0.03 4.43
C ALA A 75 3.40 1.05 5.47
N ASN A 76 2.41 0.80 6.34
CA ASN A 76 2.06 1.76 7.38
C ASN A 76 3.19 1.90 8.39
N GLY A 77 3.87 0.80 8.68
CA GLY A 77 4.97 0.83 9.63
C GLY A 77 6.22 1.44 9.04
N GLU A 78 6.47 1.16 7.76
CA GLU A 78 7.66 1.68 7.08
C GLU A 78 7.68 3.20 7.14
N ILE A 79 6.66 3.83 6.57
CA ILE A 79 6.56 5.29 6.55
C ILE A 79 6.71 5.87 7.95
N GLU A 80 6.22 5.12 8.94
CA GLU A 80 6.30 5.57 10.33
C GLU A 80 7.75 5.82 10.74
N LYS A 81 8.57 4.78 10.64
CA LYS A 81 9.98 4.89 10.99
C LYS A 81 10.72 5.82 10.04
N PHE A 82 10.35 5.76 8.76
CA PHE A 82 10.97 6.60 7.74
C PHE A 82 10.81 8.08 8.09
N SER A 83 9.78 8.39 8.85
CA SER A 83 9.51 9.77 9.25
C SER A 83 10.78 10.44 9.77
N ASN A 84 11.63 9.65 10.43
CA ASN A 84 12.88 10.18 10.98
C ASN A 84 13.72 10.82 9.89
N ARG A 85 14.90 11.32 10.28
CA ARG A 85 15.80 11.96 9.32
C ARG A 85 16.99 11.06 9.01
N SER A 86 17.56 10.44 10.04
CA SER A 86 18.69 9.56 9.86
C SER A 86 18.27 8.23 9.24
N ASN A 87 17.09 7.76 9.62
CA ASN A 87 16.56 6.50 9.11
C ASN A 87 16.46 6.53 7.58
N ILE A 88 16.17 7.71 7.05
CA ILE A 88 16.05 7.88 5.60
C ILE A 88 17.42 7.93 4.94
N CYS A 89 18.29 8.81 5.44
CA CYS A 89 19.63 8.95 4.90
C CYS A 89 20.39 7.64 4.97
N ARG A 90 20.33 6.98 6.13
CA ARG A 90 21.02 5.71 6.34
C ARG A 90 20.43 4.63 5.43
N PHE A 91 19.13 4.71 5.20
CA PHE A 91 18.44 3.73 4.36
C PHE A 91 18.77 3.96 2.89
N LEU A 92 18.88 5.21 2.49
CA LEU A 92 19.19 5.56 1.11
C LEU A 92 20.60 5.11 0.74
N THR A 93 21.55 5.33 1.64
CA THR A 93 22.93 4.95 1.41
C THR A 93 23.11 3.44 1.56
N ALA A 94 22.38 2.85 2.50
CA ALA A 94 22.45 1.42 2.74
C ALA A 94 21.79 0.63 1.62
N SER A 95 20.69 1.17 1.09
CA SER A 95 19.96 0.51 0.01
C SER A 95 20.55 0.89 -1.34
N GLN A 96 20.87 -0.12 -2.15
CA GLN A 96 21.44 0.10 -3.47
C GLN A 96 20.43 0.75 -4.41
N ASP A 97 19.17 0.35 -4.25
CA ASP A 97 18.09 0.89 -5.08
C ASP A 97 17.72 2.31 -4.64
N LYS A 98 16.65 2.84 -5.21
CA LYS A 98 16.19 4.18 -4.88
C LYS A 98 14.71 4.17 -4.49
N ILE A 99 14.29 3.10 -3.82
CA ILE A 99 12.90 2.98 -3.39
C ILE A 99 12.82 2.55 -1.93
N LEU A 100 11.73 2.94 -1.27
CA LEU A 100 11.52 2.60 0.13
C LEU A 100 10.37 1.62 0.29
N PHE A 101 9.36 1.76 -0.55
CA PHE A 101 8.19 0.87 -0.51
C PHE A 101 8.12 0.00 -1.76
N LYS A 102 9.28 -0.42 -2.26
CA LYS A 102 9.36 -1.26 -3.44
C LYS A 102 8.75 -2.63 -3.19
N ASP A 103 9.35 -3.36 -2.26
CA ASP A 103 8.87 -4.69 -1.91
C ASP A 103 7.39 -4.65 -1.52
N VAL A 104 6.99 -3.56 -0.88
CA VAL A 104 5.60 -3.39 -0.45
C VAL A 104 4.64 -3.55 -1.62
N ASN A 105 4.84 -2.75 -2.65
CA ASN A 105 3.99 -2.80 -3.84
C ASN A 105 3.90 -4.23 -4.39
N ARG A 106 4.96 -5.01 -4.16
CA ARG A 106 5.00 -6.39 -4.63
C ARG A 106 4.10 -7.28 -3.77
N LYS A 107 4.32 -7.24 -2.45
CA LYS A 107 3.52 -8.04 -1.53
C LYS A 107 2.06 -7.64 -1.57
N LEU A 108 1.82 -6.33 -1.57
CA LEU A 108 0.45 -5.81 -1.62
C LEU A 108 -0.35 -6.45 -2.73
N SER A 109 0.29 -6.62 -3.89
CA SER A 109 -0.36 -7.23 -5.05
C SER A 109 -0.52 -8.73 -4.86
N ASP A 110 0.41 -9.33 -4.11
CA ASP A 110 0.37 -10.76 -3.85
C ASP A 110 -0.83 -11.13 -2.97
N VAL A 111 -1.09 -10.30 -1.97
CA VAL A 111 -2.21 -10.52 -1.06
C VAL A 111 -3.54 -10.24 -1.74
N TRP A 112 -3.53 -9.27 -2.65
CA TRP A 112 -4.74 -8.89 -3.37
C TRP A 112 -5.15 -9.98 -4.35
N LYS A 113 -4.23 -10.36 -5.24
CA LYS A 113 -4.50 -11.39 -6.22
C LYS A 113 -4.97 -12.68 -5.55
N GLU A 114 -4.65 -12.83 -4.28
CA GLU A 114 -5.04 -14.01 -3.52
C GLU A 114 -6.50 -13.91 -3.07
N LEU A 115 -6.88 -12.72 -2.63
CA LEU A 115 -8.25 -12.48 -2.17
C LEU A 115 -9.13 -11.97 -3.30
N SER A 116 -8.50 -11.60 -4.41
CA SER A 116 -9.22 -11.08 -5.56
C SER A 116 -9.97 -12.21 -6.29
N LEU A 117 -9.36 -13.40 -6.29
CA LEU A 117 -9.96 -14.55 -6.95
C LEU A 117 -11.22 -15.01 -6.21
N LEU A 118 -11.09 -15.19 -4.89
CA LEU A 118 -12.21 -15.62 -4.08
C LEU A 118 -13.35 -14.61 -4.13
N LEU A 119 -13.03 -13.39 -4.56
CA LEU A 119 -14.04 -12.34 -4.67
C LEU A 119 -14.63 -12.29 -6.07
N GLN A 120 -13.78 -12.14 -7.07
CA GLN A 120 -14.21 -12.09 -8.46
C GLN A 120 -14.92 -13.38 -8.86
N VAL A 121 -14.49 -14.49 -8.25
CA VAL A 121 -15.07 -15.79 -8.55
C VAL A 121 -16.59 -15.74 -8.47
N GLU A 122 -17.10 -14.96 -7.53
CA GLU A 122 -18.55 -14.83 -7.34
C GLU A 122 -19.05 -13.50 -7.90
N GLN A 123 -18.32 -12.43 -7.60
CA GLN A 123 -18.69 -11.09 -8.08
C GLN A 123 -17.46 -10.22 -8.25
N ARG A 124 -17.41 -9.49 -9.36
CA ARG A 124 -16.28 -8.61 -9.64
C ARG A 124 -16.15 -7.53 -8.57
N MET A 125 -15.31 -6.54 -8.84
CA MET A 125 -15.09 -5.45 -7.88
C MET A 125 -14.14 -4.41 -8.46
N PRO A 126 -12.89 -4.84 -8.74
CA PRO A 126 -11.87 -3.96 -9.30
C PRO A 126 -12.16 -3.56 -10.74
N VAL A 127 -11.60 -2.43 -11.17
CA VAL A 127 -11.81 -1.94 -12.52
C VAL A 127 -10.57 -2.16 -13.39
N SER A 128 -9.42 -1.76 -12.87
CA SER A 128 -8.16 -1.92 -13.60
C SER A 128 -7.68 -3.36 -13.54
N PRO A 129 -6.77 -3.73 -14.46
CA PRO A 129 -6.21 -5.08 -14.54
C PRO A 129 -5.29 -5.39 -13.37
N ILE A 130 -5.85 -5.90 -12.29
CA ILE A 130 -5.08 -6.25 -11.11
C ILE A 130 -4.15 -7.43 -11.38
N SER A 131 -4.59 -8.34 -12.24
CA SER A 131 -3.80 -9.51 -12.58
C SER A 131 -2.60 -9.13 -13.44
N GLN A 132 -2.85 -8.82 -14.70
CA GLN A 132 -1.79 -8.43 -15.63
C GLN A 132 -1.51 -6.94 -15.53
N GLY A 133 -0.29 -6.55 -15.90
CA GLY A 133 0.08 -5.14 -15.85
C GLY A 133 0.95 -4.82 -14.65
N ALA A 134 2.25 -5.11 -14.76
CA ALA A 134 3.18 -4.84 -13.69
C ALA A 134 4.08 -3.65 -14.01
N SER A 135 3.50 -2.65 -14.68
CA SER A 135 4.25 -1.46 -15.07
C SER A 135 4.42 -0.52 -13.87
N TRP A 136 3.39 -0.45 -13.04
CA TRP A 136 3.42 0.42 -11.86
C TRP A 136 4.66 0.16 -11.03
N ALA A 137 5.14 -1.08 -11.05
CA ALA A 137 6.32 -1.46 -10.30
C ALA A 137 7.56 -0.71 -10.80
N GLN A 138 7.68 -0.59 -12.13
CA GLN A 138 8.81 0.09 -12.73
C GLN A 138 8.75 1.59 -12.44
N GLU A 139 7.54 2.13 -12.40
CA GLU A 139 7.35 3.56 -12.13
C GLU A 139 7.81 3.92 -10.73
N ASP A 140 7.60 3.00 -9.79
CA ASP A 140 8.00 3.22 -8.40
C ASP A 140 9.46 3.62 -8.32
N GLN A 141 10.29 3.02 -9.16
CA GLN A 141 11.72 3.32 -9.17
C GLN A 141 11.97 4.73 -9.70
N GLN A 142 11.18 5.14 -10.70
CA GLN A 142 11.31 6.46 -11.29
C GLN A 142 10.80 7.54 -10.34
N ASP A 143 9.70 7.25 -9.66
CA ASP A 143 9.10 8.19 -8.72
C ASP A 143 9.92 8.26 -7.43
N ALA A 144 10.16 7.10 -6.83
CA ALA A 144 10.93 7.04 -5.59
C ALA A 144 12.28 7.74 -5.74
N ASP A 145 12.81 7.75 -6.96
CA ASP A 145 14.09 8.39 -7.24
C ASP A 145 14.08 9.84 -6.78
N GLU A 146 12.92 10.48 -6.87
CA GLU A 146 12.78 11.87 -6.47
C GLU A 146 13.25 12.07 -5.03
N ASP A 147 13.02 11.07 -4.19
CA ASP A 147 13.42 11.13 -2.79
C ASP A 147 14.89 11.50 -2.66
N ARG A 148 15.71 11.02 -3.61
CA ARG A 148 17.13 11.32 -3.60
C ARG A 148 17.39 12.80 -3.84
N ARG A 149 17.02 13.27 -5.02
CA ARG A 149 17.22 14.68 -5.37
C ARG A 149 16.58 15.59 -4.33
N ALA A 150 15.39 15.21 -3.87
CA ALA A 150 14.67 16.00 -2.88
C ALA A 150 15.40 15.99 -1.53
N PHE A 151 15.83 14.81 -1.12
CA PHE A 151 16.55 14.66 0.15
C PHE A 151 17.73 15.63 0.22
N GLN A 152 18.28 15.98 -0.93
CA GLN A 152 19.41 16.90 -1.00
C GLN A 152 19.13 18.16 -0.20
N MET A 153 17.85 18.49 -0.06
CA MET A 153 17.44 19.68 0.68
C MET A 153 18.06 19.70 2.07
N LEU A 154 18.41 18.51 2.56
CA LEU A 154 19.01 18.38 3.89
C LEU A 154 20.54 18.43 3.81
N ARG A 155 21.08 17.90 2.71
CA ARG A 155 22.52 17.88 2.50
C ARG A 155 23.10 19.28 2.62
N ARG A 156 22.27 20.29 2.35
CA ARG A 156 22.70 21.68 2.42
C ARG A 156 21.58 22.57 2.95
N ASP A 157 21.83 23.88 2.96
CA ASP A 157 20.84 24.83 3.44
C ASP A 157 19.56 24.75 2.61
N GLY A 1 -12.41 -16.88 16.15
CA GLY A 1 -13.80 -16.58 15.90
C GLY A 1 -13.99 -15.71 14.67
N SER A 2 -15.02 -14.87 14.71
CA SER A 2 -15.32 -13.98 13.59
C SER A 2 -15.22 -12.52 14.02
N PRO A 3 -14.00 -12.07 14.32
CA PRO A 3 -13.75 -10.69 14.75
C PRO A 3 -13.94 -9.69 13.61
N GLY A 4 -14.89 -8.78 13.79
CA GLY A 4 -15.17 -7.78 12.77
C GLY A 4 -14.11 -6.70 12.72
N GLU A 5 -13.51 -6.40 13.87
CA GLU A 5 -12.47 -5.38 13.95
C GLU A 5 -11.39 -5.64 12.92
N ASN A 6 -11.15 -6.91 12.60
CA ASN A 6 -10.13 -7.29 11.63
C ASN A 6 -10.30 -6.49 10.33
N LEU A 7 -11.51 -6.51 9.79
CA LEU A 7 -11.80 -5.78 8.56
C LEU A 7 -11.67 -4.28 8.76
N LYS A 8 -12.14 -3.80 9.91
CA LYS A 8 -12.08 -2.38 10.23
C LYS A 8 -10.66 -1.87 10.16
N HIS A 9 -9.73 -2.60 10.78
CA HIS A 9 -8.32 -2.21 10.79
C HIS A 9 -7.69 -2.48 9.43
N ILE A 10 -8.15 -3.54 8.76
CA ILE A 10 -7.63 -3.91 7.46
C ILE A 10 -7.95 -2.85 6.41
N ILE A 11 -9.20 -2.36 6.43
CA ILE A 11 -9.63 -1.35 5.49
C ILE A 11 -9.02 0.01 5.82
N THR A 12 -9.22 0.46 7.06
CA THR A 12 -8.70 1.74 7.50
C THR A 12 -7.19 1.85 7.21
N LEU A 13 -6.52 0.71 7.25
CA LEU A 13 -5.08 0.67 7.00
C LEU A 13 -4.74 1.38 5.69
N GLY A 14 -5.64 1.29 4.72
CA GLY A 14 -5.42 1.93 3.44
C GLY A 14 -5.66 3.42 3.49
N GLN A 15 -6.60 3.84 4.32
CA GLN A 15 -6.93 5.27 4.46
C GLN A 15 -5.88 5.97 5.32
N VAL A 16 -5.54 5.37 6.44
CA VAL A 16 -4.55 5.95 7.35
C VAL A 16 -3.23 6.21 6.63
N ILE A 17 -2.81 5.26 5.80
CA ILE A 17 -1.57 5.39 5.05
C ILE A 17 -1.69 6.46 3.97
N HIS A 18 -2.88 6.58 3.40
CA HIS A 18 -3.13 7.57 2.35
C HIS A 18 -3.11 8.98 2.92
N LYS A 19 -3.80 9.17 4.03
CA LYS A 19 -3.86 10.48 4.69
C LYS A 19 -2.53 10.81 5.35
N ARG A 20 -1.86 9.79 5.86
CA ARG A 20 -0.58 9.97 6.53
C ARG A 20 0.47 10.52 5.56
N CYS A 21 0.32 10.18 4.28
CA CYS A 21 1.25 10.63 3.26
C CYS A 21 1.44 12.15 3.33
N GLU A 22 0.37 12.86 3.64
CA GLU A 22 0.42 14.32 3.73
C GLU A 22 1.46 14.75 4.76
N GLU A 23 1.62 13.95 5.81
CA GLU A 23 2.59 14.26 6.86
C GLU A 23 4.01 14.25 6.32
N MET A 24 4.28 13.35 5.38
CA MET A 24 5.60 13.24 4.78
C MET A 24 6.08 14.59 4.27
N LYS A 25 7.39 14.73 4.14
CA LYS A 25 7.98 15.98 3.66
C LYS A 25 9.04 15.71 2.59
N TYR A 26 9.82 14.65 2.79
CA TYR A 26 10.87 14.29 1.84
C TYR A 26 10.37 13.22 0.87
N CYS A 27 10.02 12.06 1.41
CA CYS A 27 9.53 10.95 0.60
C CYS A 27 8.09 11.20 0.15
N LYS A 28 7.51 12.28 0.64
CA LYS A 28 6.14 12.63 0.30
C LYS A 28 5.92 12.56 -1.22
N LYS A 29 6.97 12.89 -1.97
CA LYS A 29 6.89 12.86 -3.42
C LYS A 29 6.50 11.47 -3.93
N GLN A 30 7.26 10.47 -3.52
CA GLN A 30 6.99 9.09 -3.91
C GLN A 30 5.77 8.53 -3.18
N CYS A 31 5.60 8.95 -1.94
CA CYS A 31 4.47 8.50 -1.13
C CYS A 31 3.15 8.96 -1.73
N ARG A 32 3.16 10.15 -2.32
CA ARG A 32 1.95 10.71 -2.94
C ARG A 32 1.31 9.69 -3.88
N ARG A 33 2.11 9.12 -4.77
CA ARG A 33 1.62 8.14 -5.73
C ARG A 33 1.33 6.81 -5.04
N LEU A 34 2.15 6.46 -4.06
CA LEU A 34 1.99 5.21 -3.32
C LEU A 34 0.64 5.18 -2.63
N GLY A 35 0.41 6.12 -1.73
CA GLY A 35 -0.85 6.18 -1.00
C GLY A 35 -2.05 6.16 -1.92
N HIS A 36 -2.00 6.97 -2.97
CA HIS A 36 -3.10 7.05 -3.93
C HIS A 36 -3.26 5.72 -4.67
N ARG A 37 -2.15 5.14 -5.10
CA ARG A 37 -2.19 3.87 -5.82
C ARG A 37 -2.75 2.76 -4.94
N VAL A 38 -2.22 2.66 -3.72
CA VAL A 38 -2.68 1.64 -2.78
C VAL A 38 -4.10 1.92 -2.30
N LEU A 39 -4.45 3.20 -2.23
CA LEU A 39 -5.78 3.60 -1.80
C LEU A 39 -6.85 3.06 -2.75
N GLY A 40 -6.47 2.85 -4.01
CA GLY A 40 -7.41 2.34 -4.99
C GLY A 40 -7.78 0.90 -4.73
N LEU A 41 -6.90 0.17 -4.05
CA LEU A 41 -7.13 -1.23 -3.74
C LEU A 41 -8.13 -1.37 -2.59
N ILE A 42 -8.05 -0.46 -1.63
CA ILE A 42 -8.94 -0.48 -0.48
C ILE A 42 -10.30 0.11 -0.83
N LYS A 43 -10.34 0.91 -1.89
CA LYS A 43 -11.57 1.55 -2.33
C LYS A 43 -12.72 0.54 -2.36
N PRO A 44 -12.53 -0.55 -3.12
CA PRO A 44 -13.53 -1.61 -3.27
C PRO A 44 -13.70 -2.41 -1.98
N LEU A 45 -12.70 -2.33 -1.10
CA LEU A 45 -12.74 -3.06 0.16
C LEU A 45 -13.70 -2.39 1.14
N GLU A 46 -13.68 -1.06 1.17
CA GLU A 46 -14.54 -0.31 2.07
C GLU A 46 -15.97 -0.24 1.53
N MET A 47 -16.09 -0.17 0.21
CA MET A 47 -17.40 -0.11 -0.45
C MET A 47 -18.29 -1.26 0.03
N LEU A 48 -17.66 -2.38 0.38
CA LEU A 48 -18.40 -3.55 0.84
C LEU A 48 -19.09 -3.27 2.18
N GLN A 49 -18.29 -2.89 3.18
CA GLN A 49 -18.83 -2.59 4.51
C GLN A 49 -19.67 -1.32 4.47
N ASP A 50 -19.35 -0.43 3.55
CA ASP A 50 -20.08 0.83 3.41
C ASP A 50 -21.59 0.58 3.29
N GLN A 51 -21.98 -0.06 2.20
CA GLN A 51 -23.39 -0.36 1.95
C GLN A 51 -23.85 -1.51 2.84
N GLY A 52 -23.15 -2.64 2.76
CA GLY A 52 -23.50 -3.80 3.57
C GLY A 52 -24.22 -4.86 2.75
N LYS A 53 -23.87 -4.98 1.48
CA LYS A 53 -24.48 -5.96 0.60
C LYS A 53 -23.67 -7.25 0.57
N ARG A 54 -22.35 -7.11 0.49
CA ARG A 54 -21.46 -8.28 0.46
C ARG A 54 -21.60 -9.09 1.74
N SER A 55 -22.24 -10.25 1.63
CA SER A 55 -22.44 -11.12 2.79
C SER A 55 -21.11 -11.39 3.50
N VAL A 56 -21.20 -11.80 4.75
CA VAL A 56 -20.01 -12.09 5.54
C VAL A 56 -19.12 -13.10 4.83
N PRO A 57 -17.80 -12.82 4.82
CA PRO A 57 -16.81 -13.69 4.18
C PRO A 57 -16.63 -15.01 4.93
N SER A 58 -16.02 -15.99 4.26
CA SER A 58 -15.80 -17.30 4.85
C SER A 58 -14.33 -17.45 5.28
N GLU A 59 -14.00 -18.62 5.81
CA GLU A 59 -12.63 -18.91 6.25
C GLU A 59 -11.64 -18.61 5.13
N LYS A 60 -11.97 -19.03 3.92
CA LYS A 60 -11.11 -18.81 2.77
C LYS A 60 -10.72 -17.35 2.64
N LEU A 61 -11.72 -16.48 2.58
CA LEU A 61 -11.47 -15.04 2.46
C LEU A 61 -10.62 -14.53 3.62
N THR A 62 -10.83 -15.12 4.80
CA THR A 62 -10.07 -14.73 5.98
C THR A 62 -8.58 -14.97 5.79
N THR A 63 -8.24 -16.09 5.15
CA THR A 63 -6.84 -16.43 4.90
C THR A 63 -6.22 -15.50 3.87
N ALA A 64 -6.90 -15.35 2.73
CA ALA A 64 -6.42 -14.48 1.66
C ALA A 64 -6.33 -13.03 2.12
N MET A 65 -7.30 -12.61 2.94
CA MET A 65 -7.33 -11.25 3.45
C MET A 65 -6.31 -11.07 4.57
N ASN A 66 -6.16 -12.09 5.40
CA ASN A 66 -5.22 -12.04 6.51
C ASN A 66 -3.83 -11.63 6.04
N ARG A 67 -3.48 -12.06 4.83
CA ARG A 67 -2.18 -11.75 4.24
C ARG A 67 -2.08 -10.27 3.89
N PHE A 68 -3.18 -9.71 3.38
CA PHE A 68 -3.22 -8.31 3.00
C PHE A 68 -3.10 -7.41 4.23
N LYS A 69 -3.67 -7.86 5.34
CA LYS A 69 -3.63 -7.11 6.59
C LYS A 69 -2.19 -6.81 6.99
N ALA A 70 -1.38 -7.86 7.15
CA ALA A 70 0.01 -7.70 7.53
C ALA A 70 0.84 -7.13 6.38
N ALA A 71 0.48 -7.50 5.16
CA ALA A 71 1.18 -7.02 3.98
C ALA A 71 1.14 -5.50 3.89
N LEU A 72 -0.07 -4.94 3.96
CA LEU A 72 -0.25 -3.50 3.90
C LEU A 72 0.37 -2.81 5.10
N GLU A 73 0.35 -3.50 6.24
CA GLU A 73 0.91 -2.96 7.48
C GLU A 73 2.32 -2.43 7.25
N GLU A 74 3.06 -3.11 6.38
CA GLU A 74 4.44 -2.72 6.07
C GLU A 74 4.48 -1.30 5.50
N ALA A 75 3.56 -1.00 4.58
CA ALA A 75 3.49 0.31 3.96
C ALA A 75 3.21 1.39 4.99
N ASN A 76 2.29 1.10 5.91
CA ASN A 76 1.93 2.05 6.95
C ASN A 76 3.10 2.29 7.90
N GLY A 77 3.84 1.23 8.19
CA GLY A 77 4.98 1.33 9.09
C GLY A 77 6.17 2.00 8.43
N GLU A 78 6.41 1.67 7.17
CA GLU A 78 7.52 2.24 6.43
C GLU A 78 7.40 3.76 6.34
N ILE A 79 6.31 4.21 5.72
CA ILE A 79 6.06 5.64 5.56
C ILE A 79 6.16 6.37 6.90
N GLU A 80 5.82 5.66 7.98
CA GLU A 80 5.87 6.24 9.31
C GLU A 80 7.32 6.47 9.75
N LYS A 81 8.07 5.39 9.89
CA LYS A 81 9.47 5.47 10.29
C LYS A 81 10.27 6.31 9.31
N PHE A 82 9.90 6.24 8.03
CA PHE A 82 10.60 7.01 6.99
C PHE A 82 10.33 8.51 7.16
N SER A 83 9.18 8.84 7.73
CA SER A 83 8.80 10.23 7.93
C SER A 83 9.96 11.02 8.55
N ASN A 84 10.74 10.35 9.41
CA ASN A 84 11.87 10.98 10.07
C ASN A 84 12.88 11.49 9.04
N ARG A 85 13.98 12.07 9.54
CA ARG A 85 15.01 12.59 8.66
C ARG A 85 16.23 11.67 8.64
N SER A 86 16.61 11.17 9.82
CA SER A 86 17.76 10.28 9.93
C SER A 86 17.48 8.94 9.26
N ASN A 87 16.21 8.53 9.28
CA ASN A 87 15.81 7.26 8.68
C ASN A 87 15.99 7.30 7.16
N ILE A 88 15.63 8.43 6.56
CA ILE A 88 15.77 8.60 5.11
C ILE A 88 17.22 8.86 4.72
N CYS A 89 17.92 9.62 5.54
CA CYS A 89 19.31 9.96 5.28
C CYS A 89 20.20 8.72 5.45
N ARG A 90 20.02 8.01 6.57
CA ARG A 90 20.80 6.82 6.85
C ARG A 90 20.56 5.74 5.79
N PHE A 91 19.35 5.70 5.26
CA PHE A 91 18.99 4.73 4.23
C PHE A 91 19.56 5.12 2.88
N LEU A 92 19.42 6.40 2.53
CA LEU A 92 19.92 6.90 1.26
C LEU A 92 21.45 6.87 1.23
N THR A 93 22.06 7.36 2.29
CA THR A 93 23.52 7.39 2.39
C THR A 93 24.10 5.99 2.34
N ALA A 94 23.26 4.99 2.59
CA ALA A 94 23.68 3.60 2.57
C ALA A 94 23.51 2.99 1.18
N SER A 95 23.58 3.83 0.16
CA SER A 95 23.43 3.37 -1.22
C SER A 95 22.09 2.67 -1.42
N GLN A 96 21.10 3.42 -1.91
CA GLN A 96 19.77 2.89 -2.14
C GLN A 96 18.90 3.89 -2.90
N ASP A 97 19.50 4.57 -3.86
CA ASP A 97 18.79 5.55 -4.66
C ASP A 97 17.93 4.88 -5.71
N LYS A 98 16.99 4.05 -5.27
CA LYS A 98 16.10 3.33 -6.17
C LYS A 98 14.64 3.50 -5.75
N ILE A 99 14.22 2.72 -4.76
CA ILE A 99 12.85 2.79 -4.26
C ILE A 99 12.79 2.40 -2.78
N LEU A 100 11.81 2.96 -2.08
CA LEU A 100 11.63 2.68 -0.66
C LEU A 100 10.43 1.78 -0.42
N PHE A 101 9.42 1.92 -1.28
CA PHE A 101 8.20 1.12 -1.17
C PHE A 101 8.04 0.21 -2.38
N LYS A 102 9.17 -0.28 -2.89
CA LYS A 102 9.15 -1.17 -4.05
C LYS A 102 8.59 -2.55 -3.68
N ASP A 103 9.27 -3.23 -2.77
CA ASP A 103 8.84 -4.55 -2.32
C ASP A 103 7.39 -4.52 -1.88
N VAL A 104 6.96 -3.38 -1.34
CA VAL A 104 5.58 -3.23 -0.86
C VAL A 104 4.59 -3.40 -2.01
N ASN A 105 4.77 -2.60 -3.06
CA ASN A 105 3.89 -2.66 -4.22
C ASN A 105 3.79 -4.08 -4.75
N ARG A 106 4.85 -4.86 -4.56
CA ARG A 106 4.89 -6.24 -5.01
C ARG A 106 4.00 -7.13 -4.14
N LYS A 107 4.24 -7.09 -2.83
CA LYS A 107 3.46 -7.88 -1.89
C LYS A 107 2.00 -7.46 -1.88
N LEU A 108 1.78 -6.14 -1.87
CA LEU A 108 0.42 -5.60 -1.87
C LEU A 108 -0.43 -6.25 -2.96
N SER A 109 0.16 -6.39 -4.14
CA SER A 109 -0.54 -6.99 -5.27
C SER A 109 -0.67 -8.50 -5.10
N ASP A 110 0.30 -9.09 -4.41
CA ASP A 110 0.31 -10.52 -4.16
C ASP A 110 -0.86 -10.93 -3.27
N VAL A 111 -1.09 -10.15 -2.21
CA VAL A 111 -2.17 -10.43 -1.28
C VAL A 111 -3.53 -10.18 -1.92
N TRP A 112 -3.57 -9.22 -2.84
CA TRP A 112 -4.81 -8.89 -3.53
C TRP A 112 -5.17 -9.96 -4.56
N LYS A 113 -4.24 -10.22 -5.46
CA LYS A 113 -4.46 -11.23 -6.51
C LYS A 113 -4.81 -12.58 -5.89
N GLU A 114 -4.43 -12.77 -4.63
CA GLU A 114 -4.69 -14.02 -3.93
C GLU A 114 -6.12 -14.04 -3.39
N LEU A 115 -6.56 -12.90 -2.85
CA LEU A 115 -7.90 -12.79 -2.30
C LEU A 115 -8.88 -12.28 -3.34
N SER A 116 -8.36 -11.83 -4.48
CA SER A 116 -9.18 -11.31 -5.56
C SER A 116 -9.86 -12.45 -6.31
N LEU A 117 -9.09 -13.48 -6.64
CA LEU A 117 -9.61 -14.62 -7.37
C LEU A 117 -10.83 -15.21 -6.65
N LEU A 118 -10.68 -15.48 -5.36
CA LEU A 118 -11.76 -16.04 -4.56
C LEU A 118 -12.89 -15.03 -4.40
N LEU A 119 -12.64 -13.79 -4.82
CA LEU A 119 -13.64 -12.73 -4.71
C LEU A 119 -14.44 -12.62 -6.01
N GLN A 120 -13.73 -12.47 -7.13
CA GLN A 120 -14.38 -12.34 -8.43
C GLN A 120 -15.02 -13.67 -8.83
N VAL A 121 -14.49 -14.77 -8.31
CA VAL A 121 -15.02 -16.08 -8.62
C VAL A 121 -16.53 -16.14 -8.44
N GLU A 122 -17.02 -15.43 -7.43
CA GLU A 122 -18.45 -15.39 -7.15
C GLU A 122 -19.07 -14.07 -7.63
N GLN A 123 -18.37 -12.97 -7.37
CA GLN A 123 -18.84 -11.65 -7.77
C GLN A 123 -17.67 -10.68 -7.93
N ARG A 124 -17.70 -9.92 -9.02
CA ARG A 124 -16.64 -8.95 -9.29
C ARG A 124 -16.54 -7.93 -8.16
N MET A 125 -15.68 -6.93 -8.35
CA MET A 125 -15.50 -5.89 -7.35
C MET A 125 -14.63 -4.76 -7.88
N PRO A 126 -13.38 -5.09 -8.22
CA PRO A 126 -12.42 -4.11 -8.76
C PRO A 126 -12.78 -3.66 -10.17
N VAL A 127 -12.54 -2.38 -10.45
CA VAL A 127 -12.85 -1.82 -11.77
C VAL A 127 -11.59 -1.74 -12.62
N SER A 128 -10.56 -1.08 -12.09
CA SER A 128 -9.30 -0.92 -12.80
C SER A 128 -8.58 -2.25 -12.95
N PRO A 129 -7.63 -2.32 -13.90
CA PRO A 129 -6.85 -3.53 -14.16
C PRO A 129 -5.88 -3.84 -13.03
N ILE A 130 -6.40 -4.43 -11.95
CA ILE A 130 -5.57 -4.78 -10.80
C ILE A 130 -4.36 -5.59 -11.23
N SER A 131 -4.52 -6.39 -12.28
CA SER A 131 -3.44 -7.22 -12.78
C SER A 131 -3.05 -6.80 -14.20
N GLN A 132 -2.68 -5.53 -14.36
CA GLN A 132 -2.28 -5.00 -15.66
C GLN A 132 -0.90 -5.51 -16.05
N GLY A 133 0.01 -5.50 -15.08
CA GLY A 133 1.38 -5.95 -15.35
C GLY A 133 2.35 -5.51 -14.28
N ALA A 134 3.52 -5.04 -14.69
CA ALA A 134 4.54 -4.58 -13.77
C ALA A 134 5.05 -3.19 -14.14
N SER A 135 4.17 -2.37 -14.71
CA SER A 135 4.54 -1.03 -15.12
C SER A 135 4.58 -0.08 -13.92
N TRP A 136 3.52 -0.12 -13.13
CA TRP A 136 3.43 0.74 -11.94
C TRP A 136 4.66 0.57 -11.05
N ALA A 137 5.26 -0.62 -11.11
CA ALA A 137 6.45 -0.90 -10.32
C ALA A 137 7.67 -0.16 -10.84
N GLN A 138 7.81 -0.16 -12.17
CA GLN A 138 8.95 0.51 -12.81
C GLN A 138 8.80 2.03 -12.71
N GLU A 139 7.57 2.51 -12.79
CA GLU A 139 7.30 3.94 -12.72
C GLU A 139 7.64 4.48 -11.33
N ASP A 140 7.43 3.65 -10.31
CA ASP A 140 7.71 4.04 -8.94
C ASP A 140 9.11 4.62 -8.82
N GLN A 141 10.08 3.96 -9.44
CA GLN A 141 11.47 4.40 -9.40
C GLN A 141 11.61 5.79 -9.98
N GLN A 142 10.95 6.03 -11.12
CA GLN A 142 11.01 7.33 -11.78
C GLN A 142 10.56 8.44 -10.84
N ASP A 143 9.45 8.21 -10.15
CA ASP A 143 8.92 9.20 -9.21
C ASP A 143 9.78 9.28 -7.95
N ALA A 144 10.31 8.13 -7.53
CA ALA A 144 11.15 8.06 -6.34
C ALA A 144 12.43 8.85 -6.54
N ASP A 145 12.95 8.83 -7.77
CA ASP A 145 14.19 9.54 -8.09
C ASP A 145 14.06 11.03 -7.76
N GLU A 146 12.87 11.57 -7.97
CA GLU A 146 12.61 12.98 -7.70
C GLU A 146 12.86 13.30 -6.23
N ASP A 147 12.48 12.39 -5.35
CA ASP A 147 12.65 12.58 -3.92
C ASP A 147 14.13 12.81 -3.59
N ARG A 148 15.02 12.22 -4.39
CA ARG A 148 16.45 12.36 -4.18
C ARG A 148 16.88 13.81 -4.34
N ARG A 149 16.72 14.33 -5.55
CA ARG A 149 17.09 15.72 -5.84
C ARG A 149 16.40 16.68 -4.89
N ALA A 150 15.10 16.46 -4.68
CA ALA A 150 14.32 17.32 -3.78
C ALA A 150 14.85 17.25 -2.36
N PHE A 151 15.11 16.04 -1.88
CA PHE A 151 15.62 15.84 -0.53
C PHE A 151 16.85 16.70 -0.28
N GLN A 152 17.60 16.97 -1.34
CA GLN A 152 18.82 17.77 -1.25
C GLN A 152 18.53 19.08 -0.51
N MET A 153 17.29 19.55 -0.61
CA MET A 153 16.89 20.80 0.04
C MET A 153 17.34 20.80 1.50
N LEU A 154 17.41 19.62 2.10
CA LEU A 154 17.81 19.50 3.50
C LEU A 154 19.28 19.88 3.68
N ARG A 155 19.72 19.96 4.93
CA ARG A 155 21.09 20.32 5.24
C ARG A 155 22.07 19.44 4.46
N ARG A 156 23.06 20.08 3.84
CA ARG A 156 24.06 19.36 3.06
C ARG A 156 24.76 18.32 3.91
N ASP A 157 25.11 17.19 3.29
CA ASP A 157 25.80 16.12 4.00
C ASP A 157 25.07 15.76 5.29
N GLY A 1 -11.71 -12.56 16.00
CA GLY A 1 -12.87 -12.35 16.85
C GLY A 1 -14.09 -11.90 16.08
N SER A 2 -14.61 -12.79 15.23
CA SER A 2 -15.78 -12.49 14.42
C SER A 2 -15.49 -11.34 13.45
N PRO A 3 -16.31 -11.22 12.40
CA PRO A 3 -16.16 -10.17 11.39
C PRO A 3 -16.52 -8.79 11.93
N GLY A 4 -15.78 -7.77 11.47
CA GLY A 4 -16.03 -6.43 11.93
C GLY A 4 -14.75 -5.62 12.10
N GLU A 5 -14.24 -5.60 13.32
CA GLU A 5 -13.01 -4.86 13.62
C GLU A 5 -11.90 -5.25 12.65
N ASN A 6 -11.81 -6.54 12.34
CA ASN A 6 -10.79 -7.04 11.42
C ASN A 6 -10.85 -6.30 10.09
N LEU A 7 -12.05 -6.20 9.53
CA LEU A 7 -12.24 -5.52 8.26
C LEU A 7 -12.04 -4.01 8.41
N LYS A 8 -12.46 -3.47 9.53
CA LYS A 8 -12.32 -2.04 9.81
C LYS A 8 -10.85 -1.64 9.87
N HIS A 9 -10.06 -2.43 10.58
CA HIS A 9 -8.63 -2.17 10.73
C HIS A 9 -7.89 -2.47 9.42
N ILE A 10 -8.31 -3.54 8.75
CA ILE A 10 -7.69 -3.94 7.49
C ILE A 10 -7.96 -2.92 6.40
N ILE A 11 -9.19 -2.46 6.31
CA ILE A 11 -9.57 -1.47 5.30
C ILE A 11 -9.01 -0.10 5.64
N THR A 12 -9.30 0.38 6.85
CA THR A 12 -8.82 1.68 7.30
C THR A 12 -7.31 1.80 7.10
N LEU A 13 -6.61 0.68 7.20
CA LEU A 13 -5.15 0.66 7.04
C LEU A 13 -4.75 1.38 5.76
N GLY A 14 -5.61 1.28 4.74
CA GLY A 14 -5.33 1.92 3.47
C GLY A 14 -5.55 3.42 3.51
N GLN A 15 -6.55 3.85 4.28
CA GLN A 15 -6.87 5.27 4.40
C GLN A 15 -5.88 5.97 5.32
N VAL A 16 -5.61 5.36 6.47
CA VAL A 16 -4.68 5.94 7.44
C VAL A 16 -3.33 6.23 6.79
N ILE A 17 -2.87 5.30 5.96
CA ILE A 17 -1.59 5.47 5.28
C ILE A 17 -1.67 6.54 4.20
N HIS A 18 -2.82 6.61 3.54
CA HIS A 18 -3.03 7.60 2.48
C HIS A 18 -2.97 9.02 3.04
N LYS A 19 -3.71 9.24 4.12
CA LYS A 19 -3.74 10.56 4.76
C LYS A 19 -2.43 10.84 5.49
N ARG A 20 -1.82 9.80 6.02
CA ARG A 20 -0.56 9.93 6.74
C ARG A 20 0.51 10.56 5.86
N CYS A 21 0.39 10.36 4.56
CA CYS A 21 1.35 10.90 3.61
C CYS A 21 1.59 12.39 3.86
N GLU A 22 0.50 13.11 4.16
CA GLU A 22 0.59 14.54 4.42
C GLU A 22 1.66 14.83 5.48
N GLU A 23 1.78 13.93 6.44
CA GLU A 23 2.77 14.09 7.51
C GLU A 23 4.19 14.10 6.96
N MET A 24 4.45 13.22 5.99
CA MET A 24 5.77 13.13 5.38
C MET A 24 6.24 14.50 4.91
N LYS A 25 7.53 14.60 4.61
CA LYS A 25 8.11 15.87 4.16
C LYS A 25 9.15 15.62 3.07
N TYR A 26 10.00 14.62 3.28
CA TYR A 26 11.04 14.28 2.31
C TYR A 26 10.54 13.25 1.30
N CYS A 27 10.20 12.06 1.80
CA CYS A 27 9.70 10.99 0.94
C CYS A 27 8.24 11.21 0.59
N LYS A 28 7.65 12.27 1.15
CA LYS A 28 6.26 12.59 0.90
C LYS A 28 5.95 12.56 -0.60
N LYS A 29 6.95 12.87 -1.41
CA LYS A 29 6.79 12.87 -2.86
C LYS A 29 6.64 11.46 -3.39
N GLN A 30 7.50 10.56 -2.93
CA GLN A 30 7.46 9.17 -3.35
C GLN A 30 6.24 8.45 -2.77
N CYS A 31 5.98 8.67 -1.49
CA CYS A 31 4.85 8.05 -0.82
C CYS A 31 3.53 8.62 -1.34
N ARG A 32 3.58 9.86 -1.83
CA ARG A 32 2.38 10.50 -2.35
C ARG A 32 1.69 9.62 -3.39
N ARG A 33 2.47 9.08 -4.31
CA ARG A 33 1.95 8.21 -5.36
C ARG A 33 1.59 6.83 -4.80
N LEU A 34 2.36 6.38 -3.82
CA LEU A 34 2.13 5.08 -3.20
C LEU A 34 0.77 5.05 -2.51
N GLY A 35 0.58 5.92 -1.53
CA GLY A 35 -0.68 5.97 -0.82
C GLY A 35 -1.86 6.22 -1.73
N HIS A 36 -1.63 6.97 -2.80
CA HIS A 36 -2.69 7.28 -3.75
C HIS A 36 -3.03 6.05 -4.60
N ARG A 37 -2.01 5.48 -5.23
CA ARG A 37 -2.20 4.30 -6.08
C ARG A 37 -2.73 3.13 -5.26
N VAL A 38 -2.06 2.85 -4.15
CA VAL A 38 -2.46 1.74 -3.28
C VAL A 38 -3.90 1.91 -2.81
N LEU A 39 -4.33 3.16 -2.65
CA LEU A 39 -5.68 3.45 -2.21
C LEU A 39 -6.71 2.79 -3.12
N GLY A 40 -6.35 2.62 -4.39
CA GLY A 40 -7.25 2.01 -5.35
C GLY A 40 -7.56 0.56 -4.99
N LEU A 41 -6.63 -0.08 -4.29
CA LEU A 41 -6.82 -1.48 -3.89
C LEU A 41 -7.82 -1.59 -2.76
N ILE A 42 -7.77 -0.65 -1.82
CA ILE A 42 -8.68 -0.65 -0.68
C ILE A 42 -10.04 -0.06 -1.07
N LYS A 43 -10.06 0.69 -2.15
CA LYS A 43 -11.29 1.31 -2.63
C LYS A 43 -12.44 0.30 -2.66
N PRO A 44 -12.24 -0.80 -3.38
CA PRO A 44 -13.24 -1.86 -3.49
C PRO A 44 -13.42 -2.63 -2.19
N LEU A 45 -12.44 -2.53 -1.31
CA LEU A 45 -12.49 -3.21 -0.01
C LEU A 45 -13.44 -2.49 0.95
N GLU A 46 -13.41 -1.17 0.92
CA GLU A 46 -14.27 -0.37 1.78
C GLU A 46 -15.70 -0.34 1.26
N MET A 47 -15.84 -0.29 -0.07
CA MET A 47 -17.16 -0.26 -0.69
C MET A 47 -18.02 -1.41 -0.19
N LEU A 48 -17.38 -2.52 0.18
CA LEU A 48 -18.09 -3.68 0.68
C LEU A 48 -18.69 -3.41 2.06
N GLN A 49 -17.83 -3.05 3.00
CA GLN A 49 -18.27 -2.76 4.37
C GLN A 49 -19.22 -1.57 4.38
N ASP A 50 -19.08 -0.67 3.42
CA ASP A 50 -19.93 0.50 3.32
C ASP A 50 -21.41 0.11 3.35
N GLN A 51 -21.83 -0.65 2.35
CA GLN A 51 -23.22 -1.09 2.27
C GLN A 51 -23.46 -2.33 3.13
N GLY A 52 -22.45 -3.19 3.21
CA GLY A 52 -22.56 -4.40 4.02
C GLY A 52 -23.49 -5.41 3.39
N LYS A 53 -23.42 -5.54 2.07
CA LYS A 53 -24.26 -6.50 1.35
C LYS A 53 -23.61 -7.87 1.29
N ARG A 54 -22.29 -7.88 1.16
CA ARG A 54 -21.54 -9.14 1.09
C ARG A 54 -21.54 -9.84 2.45
N SER A 55 -22.39 -10.87 2.57
CA SER A 55 -22.48 -11.62 3.81
C SER A 55 -21.11 -12.08 4.28
N VAL A 56 -21.04 -12.53 5.53
CA VAL A 56 -19.78 -13.00 6.11
C VAL A 56 -19.10 -14.02 5.19
N PRO A 57 -17.85 -13.73 4.83
CA PRO A 57 -17.06 -14.60 3.94
C PRO A 57 -16.66 -15.91 4.63
N SER A 58 -16.13 -16.84 3.85
CA SER A 58 -15.71 -18.14 4.38
C SER A 58 -14.37 -18.03 5.10
N GLU A 59 -13.95 -19.12 5.72
CA GLU A 59 -12.68 -19.15 6.45
C GLU A 59 -11.51 -18.93 5.50
N LYS A 60 -11.59 -19.56 4.32
CA LYS A 60 -10.53 -19.44 3.33
C LYS A 60 -10.22 -17.97 3.04
N LEU A 61 -11.24 -17.21 2.67
CA LEU A 61 -11.08 -15.80 2.37
C LEU A 61 -10.46 -15.06 3.55
N THR A 62 -10.81 -15.49 4.77
CA THR A 62 -10.28 -14.86 5.97
C THR A 62 -8.77 -14.93 6.01
N THR A 63 -8.21 -16.09 5.66
CA THR A 63 -6.78 -16.28 5.66
C THR A 63 -6.10 -15.42 4.59
N ALA A 64 -6.73 -15.34 3.43
CA ALA A 64 -6.19 -14.55 2.32
C ALA A 64 -5.96 -13.10 2.75
N MET A 65 -7.00 -12.48 3.29
CA MET A 65 -6.90 -11.09 3.75
C MET A 65 -6.01 -10.98 4.97
N ASN A 66 -6.04 -12.02 5.81
CA ASN A 66 -5.22 -12.04 7.02
C ASN A 66 -3.76 -11.73 6.71
N ARG A 67 -3.31 -12.17 5.53
CA ARG A 67 -1.94 -11.94 5.12
C ARG A 67 -1.75 -10.50 4.64
N PHE A 68 -2.79 -9.94 4.03
CA PHE A 68 -2.74 -8.58 3.52
C PHE A 68 -2.66 -7.58 4.67
N LYS A 69 -3.35 -7.89 5.76
CA LYS A 69 -3.36 -7.02 6.93
C LYS A 69 -1.95 -6.65 7.35
N ALA A 70 -1.12 -7.66 7.56
CA ALA A 70 0.27 -7.43 7.96
C ALA A 70 1.10 -6.87 6.81
N ALA A 71 0.79 -7.31 5.60
CA ALA A 71 1.49 -6.84 4.41
C ALA A 71 1.38 -5.32 4.27
N LEU A 72 0.15 -4.82 4.28
CA LEU A 72 -0.10 -3.39 4.15
C LEU A 72 0.53 -2.63 5.31
N GLU A 73 0.52 -3.25 6.50
CA GLU A 73 1.09 -2.62 7.68
C GLU A 73 2.50 -2.11 7.43
N GLU A 74 3.24 -2.84 6.60
CA GLU A 74 4.62 -2.47 6.27
C GLU A 74 4.65 -1.09 5.63
N ALA A 75 3.67 -0.81 4.76
CA ALA A 75 3.59 0.48 4.09
C ALA A 75 3.39 1.62 5.08
N ASN A 76 2.39 1.47 5.95
CA ASN A 76 2.09 2.48 6.95
C ASN A 76 3.25 2.64 7.93
N GLY A 77 3.93 1.54 8.22
CA GLY A 77 5.05 1.57 9.13
C GLY A 77 6.29 2.18 8.51
N GLU A 78 6.54 1.86 7.24
CA GLU A 78 7.70 2.38 6.54
C GLU A 78 7.71 3.91 6.56
N ILE A 79 6.68 4.51 5.99
CA ILE A 79 6.58 5.97 5.95
C ILE A 79 6.72 6.57 7.34
N GLU A 80 6.19 5.87 8.34
CA GLU A 80 6.27 6.34 9.72
C GLU A 80 7.72 6.58 10.13
N LYS A 81 8.53 5.53 10.03
CA LYS A 81 9.94 5.63 10.40
C LYS A 81 10.70 6.53 9.42
N PHE A 82 10.43 6.36 8.13
CA PHE A 82 11.08 7.17 7.10
C PHE A 82 10.87 8.65 7.35
N SER A 83 9.78 8.97 8.04
CA SER A 83 9.46 10.37 8.34
C SER A 83 10.68 11.10 8.89
N ASN A 84 11.51 10.39 9.65
CA ASN A 84 12.71 10.97 10.22
C ASN A 84 13.62 11.53 9.14
N ARG A 85 14.79 12.02 9.53
CA ARG A 85 15.75 12.58 8.60
C ARG A 85 16.84 11.56 8.26
N SER A 86 17.64 11.21 9.26
CA SER A 86 18.73 10.25 9.07
C SER A 86 18.20 8.96 8.45
N ASN A 87 16.96 8.61 8.78
CA ASN A 87 16.34 7.39 8.25
C ASN A 87 16.38 7.38 6.73
N ILE A 88 15.94 8.48 6.13
CA ILE A 88 15.92 8.59 4.67
C ILE A 88 17.34 8.69 4.11
N CYS A 89 18.12 9.62 4.64
CA CYS A 89 19.50 9.81 4.19
C CYS A 89 20.27 8.51 4.24
N ARG A 90 19.95 7.66 5.22
CA ARG A 90 20.62 6.39 5.37
C ARG A 90 20.33 5.47 4.18
N PHE A 91 19.09 5.49 3.71
CA PHE A 91 18.70 4.67 2.57
C PHE A 91 19.17 5.28 1.27
N LEU A 92 19.14 6.60 1.20
CA LEU A 92 19.57 7.32 -0.01
C LEU A 92 21.08 7.21 -0.19
N THR A 93 21.84 7.56 0.84
CA THR A 93 23.29 7.49 0.79
C THR A 93 23.76 6.09 0.39
N ALA A 94 22.99 5.08 0.77
CA ALA A 94 23.33 3.70 0.45
C ALA A 94 23.22 3.45 -1.06
N SER A 95 22.25 4.09 -1.68
CA SER A 95 22.03 3.93 -3.12
C SER A 95 21.39 5.18 -3.72
N GLN A 96 22.02 5.72 -4.75
CA GLN A 96 21.52 6.92 -5.41
C GLN A 96 20.05 6.76 -5.78
N ASP A 97 19.78 5.98 -6.83
CA ASP A 97 18.41 5.74 -7.29
C ASP A 97 17.90 4.40 -6.77
N LYS A 98 17.15 4.44 -5.67
CA LYS A 98 16.59 3.23 -5.09
C LYS A 98 15.18 3.46 -4.59
N ILE A 99 14.35 2.43 -4.67
CA ILE A 99 12.96 2.54 -4.22
C ILE A 99 12.84 2.27 -2.72
N LEU A 100 11.80 2.81 -2.10
CA LEU A 100 11.58 2.63 -0.67
C LEU A 100 10.36 1.72 -0.43
N PHE A 101 9.36 1.84 -1.28
CA PHE A 101 8.15 1.04 -1.17
C PHE A 101 8.01 0.08 -2.34
N LYS A 102 9.14 -0.41 -2.84
CA LYS A 102 9.15 -1.34 -3.97
C LYS A 102 8.60 -2.70 -3.55
N ASP A 103 9.30 -3.35 -2.62
CA ASP A 103 8.88 -4.66 -2.14
C ASP A 103 7.43 -4.64 -1.68
N VAL A 104 7.02 -3.55 -1.04
CA VAL A 104 5.66 -3.40 -0.56
C VAL A 104 4.65 -3.60 -1.69
N ASN A 105 4.79 -2.79 -2.74
CA ASN A 105 3.89 -2.88 -3.88
C ASN A 105 3.84 -4.30 -4.43
N ARG A 106 4.93 -5.04 -4.26
CA ARG A 106 5.01 -6.42 -4.74
C ARG A 106 4.18 -7.35 -3.86
N LYS A 107 4.45 -7.30 -2.55
CA LYS A 107 3.73 -8.13 -1.60
C LYS A 107 2.24 -7.79 -1.57
N LEU A 108 1.95 -6.50 -1.53
CA LEU A 108 0.57 -6.03 -1.51
C LEU A 108 -0.22 -6.58 -2.70
N SER A 109 0.45 -6.66 -3.84
CA SER A 109 -0.18 -7.17 -5.06
C SER A 109 -0.35 -8.69 -4.98
N ASP A 110 0.69 -9.37 -4.53
CA ASP A 110 0.66 -10.83 -4.40
C ASP A 110 -0.38 -11.27 -3.38
N VAL A 111 -0.50 -10.51 -2.30
CA VAL A 111 -1.46 -10.82 -1.25
C VAL A 111 -2.87 -10.44 -1.66
N TRP A 112 -2.99 -9.45 -2.54
CA TRP A 112 -4.29 -8.99 -3.02
C TRP A 112 -4.81 -9.91 -4.12
N LYS A 113 -3.98 -10.19 -5.10
CA LYS A 113 -4.35 -11.06 -6.21
C LYS A 113 -4.81 -12.43 -5.70
N GLU A 114 -4.36 -12.77 -4.49
CA GLU A 114 -4.73 -14.05 -3.89
C GLU A 114 -6.13 -13.99 -3.30
N LEU A 115 -6.40 -12.96 -2.51
CA LEU A 115 -7.70 -12.79 -1.87
C LEU A 115 -8.71 -12.23 -2.87
N SER A 116 -8.22 -11.55 -3.89
CA SER A 116 -9.07 -10.95 -4.91
C SER A 116 -9.63 -12.03 -5.84
N LEU A 117 -8.77 -12.96 -6.24
CA LEU A 117 -9.18 -14.05 -7.13
C LEU A 117 -10.40 -14.77 -6.59
N LEU A 118 -10.32 -15.20 -5.33
CA LEU A 118 -11.43 -15.90 -4.69
C LEU A 118 -12.62 -14.97 -4.47
N LEU A 119 -12.39 -13.68 -4.66
CA LEU A 119 -13.44 -12.68 -4.49
C LEU A 119 -14.15 -12.40 -5.81
N GLN A 120 -13.37 -12.30 -6.89
CA GLN A 120 -13.92 -12.04 -8.21
C GLN A 120 -14.50 -13.31 -8.82
N VAL A 121 -14.03 -14.46 -8.34
CA VAL A 121 -14.50 -15.74 -8.84
C VAL A 121 -16.02 -15.79 -8.90
N GLU A 122 -16.66 -15.14 -7.94
CA GLU A 122 -18.12 -15.10 -7.88
C GLU A 122 -18.65 -13.75 -8.35
N GLN A 123 -17.92 -12.69 -8.04
CA GLN A 123 -18.32 -11.35 -8.44
C GLN A 123 -17.11 -10.41 -8.45
N ARG A 124 -16.75 -9.94 -9.64
CA ARG A 124 -15.61 -9.04 -9.79
C ARG A 124 -15.83 -7.76 -8.98
N MET A 125 -15.07 -7.60 -7.91
CA MET A 125 -15.18 -6.43 -7.05
C MET A 125 -14.63 -5.19 -7.76
N PRO A 126 -13.35 -5.23 -8.13
CA PRO A 126 -12.69 -4.11 -8.82
C PRO A 126 -13.18 -3.94 -10.24
N VAL A 127 -12.96 -2.77 -10.81
CA VAL A 127 -13.39 -2.47 -12.18
C VAL A 127 -12.22 -2.56 -13.15
N SER A 128 -11.13 -1.86 -12.83
CA SER A 128 -9.94 -1.87 -13.67
C SER A 128 -9.18 -3.18 -13.53
N PRO A 129 -8.32 -3.48 -14.52
CA PRO A 129 -7.50 -4.70 -14.53
C PRO A 129 -6.41 -4.66 -13.47
N ILE A 130 -6.53 -5.55 -12.48
CA ILE A 130 -5.54 -5.62 -11.40
C ILE A 130 -4.48 -6.68 -11.70
N SER A 131 -4.16 -6.85 -12.98
CA SER A 131 -3.16 -7.82 -13.40
C SER A 131 -2.72 -7.55 -14.84
N GLN A 132 -1.79 -8.38 -15.33
CA GLN A 132 -1.28 -8.24 -16.68
C GLN A 132 -0.80 -6.81 -16.93
N GLY A 133 0.29 -6.45 -16.28
CA GLY A 133 0.85 -5.11 -16.44
C GLY A 133 1.37 -4.54 -15.14
N ALA A 134 2.43 -5.14 -14.61
CA ALA A 134 3.03 -4.69 -13.36
C ALA A 134 4.12 -3.64 -13.62
N SER A 135 3.77 -2.62 -14.39
CA SER A 135 4.71 -1.55 -14.72
C SER A 135 4.84 -0.57 -13.57
N TRP A 136 3.80 -0.49 -12.75
CA TRP A 136 3.79 0.42 -11.60
C TRP A 136 5.01 0.18 -10.72
N ALA A 137 5.53 -1.05 -10.75
CA ALA A 137 6.69 -1.40 -9.95
C ALA A 137 7.97 -0.84 -10.55
N GLN A 138 8.21 -1.14 -11.82
CA GLN A 138 9.39 -0.66 -12.51
C GLN A 138 9.41 0.86 -12.57
N GLU A 139 8.29 1.45 -12.96
CA GLU A 139 8.17 2.90 -13.07
C GLU A 139 8.55 3.56 -11.75
N ASP A 140 8.25 2.90 -10.65
CA ASP A 140 8.56 3.43 -9.32
C ASP A 140 10.05 3.69 -9.18
N GLN A 141 10.86 2.86 -9.82
CA GLN A 141 12.31 3.01 -9.77
C GLN A 141 12.73 4.41 -10.20
N GLN A 142 12.15 4.89 -11.30
CA GLN A 142 12.47 6.20 -11.82
C GLN A 142 11.83 7.29 -10.97
N ASP A 143 10.64 7.02 -10.46
CA ASP A 143 9.93 7.97 -9.61
C ASP A 143 10.72 8.26 -8.34
N ALA A 144 11.15 7.22 -7.66
CA ALA A 144 11.92 7.36 -6.43
C ALA A 144 13.11 8.28 -6.63
N ASP A 145 13.63 8.31 -7.86
CA ASP A 145 14.78 9.15 -8.18
C ASP A 145 14.42 10.62 -8.09
N GLU A 146 13.16 10.95 -8.41
CA GLU A 146 12.69 12.32 -8.37
C GLU A 146 12.46 12.77 -6.92
N ASP A 147 11.99 11.85 -6.09
CA ASP A 147 11.74 12.15 -4.68
C ASP A 147 13.03 12.17 -3.88
N ARG A 148 13.84 11.13 -4.05
CA ARG A 148 15.11 11.02 -3.34
C ARG A 148 15.97 12.26 -3.59
N ARG A 149 15.89 12.80 -4.79
CA ARG A 149 16.66 13.98 -5.15
C ARG A 149 16.10 15.23 -4.47
N ALA A 150 14.82 15.18 -4.13
CA ALA A 150 14.17 16.32 -3.47
C ALA A 150 14.63 16.43 -2.01
N PHE A 151 14.82 15.29 -1.36
CA PHE A 151 15.26 15.28 0.03
C PHE A 151 16.51 16.12 0.21
N GLN A 152 17.31 16.22 -0.85
CA GLN A 152 18.55 17.00 -0.79
C GLN A 152 18.27 18.44 -0.38
N MET A 153 17.02 18.86 -0.55
CA MET A 153 16.62 20.22 -0.19
C MET A 153 17.06 20.57 1.23
N LEU A 154 17.19 19.55 2.07
CA LEU A 154 17.60 19.74 3.45
C LEU A 154 19.12 19.79 3.56
N ARG A 155 19.80 19.00 2.73
CA ARG A 155 21.25 18.95 2.73
C ARG A 155 21.78 18.43 4.06
N ARG A 156 21.57 17.14 4.31
CA ARG A 156 22.03 16.53 5.55
C ARG A 156 23.03 15.41 5.26
N ASP A 157 24.00 15.24 6.16
CA ASP A 157 25.01 14.20 6.02
C ASP A 157 24.37 12.84 5.78
N GLY A 1 -16.92 -17.43 14.51
CA GLY A 1 -17.40 -16.17 15.05
C GLY A 1 -17.59 -15.12 13.96
N SER A 2 -17.62 -13.85 14.37
CA SER A 2 -17.80 -12.76 13.43
C SER A 2 -17.66 -11.41 14.13
N PRO A 3 -16.42 -11.06 14.50
CA PRO A 3 -16.12 -9.80 15.19
C PRO A 3 -16.29 -8.58 14.27
N GLY A 4 -15.72 -8.66 13.07
CA GLY A 4 -15.82 -7.57 12.13
C GLY A 4 -14.66 -6.60 12.23
N GLU A 5 -14.12 -6.44 13.44
CA GLU A 5 -13.00 -5.53 13.66
C GLU A 5 -11.87 -5.83 12.68
N ASN A 6 -11.69 -7.10 12.35
CA ASN A 6 -10.64 -7.51 11.42
C ASN A 6 -10.71 -6.70 10.13
N LEU A 7 -11.89 -6.65 9.53
CA LEU A 7 -12.09 -5.91 8.29
C LEU A 7 -11.87 -4.41 8.51
N LYS A 8 -12.35 -3.91 9.64
CA LYS A 8 -12.20 -2.50 9.98
C LYS A 8 -10.74 -2.09 9.98
N HIS A 9 -9.90 -2.91 10.61
CA HIS A 9 -8.47 -2.63 10.67
C HIS A 9 -7.79 -2.90 9.33
N ILE A 10 -8.32 -3.88 8.61
CA ILE A 10 -7.76 -4.24 7.31
C ILE A 10 -8.00 -3.13 6.29
N ILE A 11 -9.21 -2.61 6.26
CA ILE A 11 -9.56 -1.54 5.33
C ILE A 11 -8.88 -0.23 5.72
N THR A 12 -9.07 0.19 6.95
CA THR A 12 -8.47 1.43 7.45
C THR A 12 -6.97 1.45 7.18
N LEU A 13 -6.36 0.27 7.21
CA LEU A 13 -4.92 0.16 6.99
C LEU A 13 -4.52 0.87 5.68
N GLY A 14 -5.40 0.81 4.70
CA GLY A 14 -5.13 1.44 3.42
C GLY A 14 -5.17 2.96 3.50
N GLN A 15 -6.16 3.49 4.21
CA GLN A 15 -6.30 4.93 4.37
C GLN A 15 -5.26 5.48 5.34
N VAL A 16 -4.78 4.62 6.23
CA VAL A 16 -3.78 5.01 7.21
C VAL A 16 -2.50 5.49 6.53
N ILE A 17 -1.96 4.65 5.66
CA ILE A 17 -0.73 4.99 4.93
C ILE A 17 -0.97 6.14 3.98
N HIS A 18 -2.18 6.24 3.45
CA HIS A 18 -2.53 7.30 2.52
C HIS A 18 -2.43 8.68 3.19
N LYS A 19 -3.10 8.81 4.34
CA LYS A 19 -3.09 10.06 5.08
C LYS A 19 -1.75 10.26 5.80
N ARG A 20 -1.15 9.16 6.24
CA ARG A 20 0.12 9.22 6.93
C ARG A 20 1.18 9.92 6.09
N CYS A 21 1.03 9.83 4.77
CA CYS A 21 1.97 10.46 3.85
C CYS A 21 2.19 11.92 4.22
N GLU A 22 1.12 12.58 4.66
CA GLU A 22 1.19 13.99 5.03
C GLU A 22 2.32 14.22 6.03
N GLU A 23 2.56 13.23 6.88
CA GLU A 23 3.62 13.34 7.90
C GLU A 23 5.00 13.35 7.23
N MET A 24 5.15 12.56 6.17
CA MET A 24 6.42 12.48 5.46
C MET A 24 6.91 13.88 5.09
N LYS A 25 8.20 13.98 4.79
CA LYS A 25 8.81 15.25 4.41
C LYS A 25 9.73 15.09 3.21
N TYR A 26 10.48 13.98 3.19
CA TYR A 26 11.40 13.71 2.10
C TYR A 26 10.84 12.64 1.16
N CYS A 27 10.52 11.48 1.72
CA CYS A 27 9.97 10.38 0.95
C CYS A 27 8.55 10.69 0.49
N LYS A 28 7.99 11.78 1.01
CA LYS A 28 6.64 12.19 0.65
C LYS A 28 6.46 12.25 -0.86
N LYS A 29 7.56 12.48 -1.56
CA LYS A 29 7.54 12.56 -3.02
C LYS A 29 6.93 11.30 -3.63
N GLN A 30 7.55 10.15 -3.34
CA GLN A 30 7.07 8.88 -3.85
C GLN A 30 5.86 8.40 -3.06
N CYS A 31 5.84 8.69 -1.77
CA CYS A 31 4.75 8.28 -0.90
C CYS A 31 3.41 8.79 -1.44
N ARG A 32 3.42 10.00 -2.01
CA ARG A 32 2.21 10.59 -2.56
C ARG A 32 1.55 9.64 -3.55
N ARG A 33 2.32 9.17 -4.53
CA ARG A 33 1.81 8.26 -5.55
C ARG A 33 1.65 6.86 -4.98
N LEU A 34 2.53 6.50 -4.06
CA LEU A 34 2.49 5.18 -3.43
C LEU A 34 1.16 4.95 -2.69
N GLY A 35 0.81 5.91 -1.84
CA GLY A 35 -0.43 5.80 -1.09
C GLY A 35 -1.65 6.07 -1.95
N HIS A 36 -1.51 6.98 -2.90
CA HIS A 36 -2.61 7.34 -3.80
C HIS A 36 -2.94 6.18 -4.73
N ARG A 37 -1.91 5.60 -5.34
CA ARG A 37 -2.11 4.49 -6.26
C ARG A 37 -2.63 3.25 -5.52
N VAL A 38 -1.94 2.88 -4.45
CA VAL A 38 -2.33 1.72 -3.66
C VAL A 38 -3.75 1.87 -3.12
N LEU A 39 -4.14 3.11 -2.85
CA LEU A 39 -5.47 3.40 -2.33
C LEU A 39 -6.55 2.78 -3.21
N GLY A 40 -6.24 2.66 -4.50
CA GLY A 40 -7.19 2.07 -5.44
C GLY A 40 -7.55 0.64 -5.08
N LEU A 41 -6.68 -0.01 -4.33
CA LEU A 41 -6.92 -1.40 -3.91
C LEU A 41 -7.89 -1.46 -2.75
N ILE A 42 -7.74 -0.55 -1.80
CA ILE A 42 -8.61 -0.49 -0.63
C ILE A 42 -9.95 0.18 -0.97
N LYS A 43 -9.95 0.97 -2.04
CA LYS A 43 -11.16 1.66 -2.46
C LYS A 43 -12.34 0.70 -2.55
N PRO A 44 -12.19 -0.37 -3.35
CA PRO A 44 -13.24 -1.38 -3.52
C PRO A 44 -13.44 -2.22 -2.27
N LEU A 45 -12.46 -2.20 -1.37
CA LEU A 45 -12.54 -2.95 -0.13
C LEU A 45 -13.51 -2.30 0.85
N GLU A 46 -13.47 -0.98 0.92
CA GLU A 46 -14.35 -0.24 1.81
C GLU A 46 -15.76 -0.15 1.25
N MET A 47 -15.86 -0.01 -0.07
CA MET A 47 -17.15 0.08 -0.74
C MET A 47 -18.05 -1.09 -0.36
N LEU A 48 -17.44 -2.23 -0.08
CA LEU A 48 -18.18 -3.43 0.31
C LEU A 48 -18.88 -3.22 1.65
N GLN A 49 -18.09 -2.92 2.67
CA GLN A 49 -18.62 -2.70 4.01
C GLN A 49 -19.59 -1.52 4.03
N ASP A 50 -19.44 -0.62 3.07
CA ASP A 50 -20.30 0.55 2.97
C ASP A 50 -21.77 0.14 2.95
N GLN A 51 -22.18 -0.55 1.89
CA GLN A 51 -23.55 -1.00 1.76
C GLN A 51 -23.78 -2.30 2.52
N GLY A 52 -23.06 -3.34 2.13
CA GLY A 52 -23.19 -4.63 2.79
C GLY A 52 -23.84 -5.66 1.90
N LYS A 53 -23.55 -5.61 0.60
CA LYS A 53 -24.11 -6.55 -0.35
C LYS A 53 -23.17 -7.72 -0.58
N ARG A 54 -22.52 -8.18 0.49
CA ARG A 54 -21.59 -9.29 0.40
C ARG A 54 -22.08 -10.47 1.24
N SER A 55 -22.95 -10.19 2.21
CA SER A 55 -23.49 -11.22 3.09
C SER A 55 -22.38 -11.87 3.91
N VAL A 56 -21.34 -11.10 4.20
CA VAL A 56 -20.21 -11.59 4.98
C VAL A 56 -19.44 -12.67 4.22
N PRO A 57 -18.11 -12.52 4.19
CA PRO A 57 -17.23 -13.48 3.49
C PRO A 57 -17.17 -14.83 4.19
N SER A 58 -16.44 -15.76 3.61
CA SER A 58 -16.30 -17.10 4.17
C SER A 58 -14.89 -17.32 4.72
N GLU A 59 -14.66 -18.51 5.27
CA GLU A 59 -13.36 -18.85 5.82
C GLU A 59 -12.27 -18.69 4.77
N LYS A 60 -12.54 -19.16 3.56
CA LYS A 60 -11.59 -19.07 2.46
C LYS A 60 -11.08 -17.63 2.29
N LEU A 61 -12.02 -16.69 2.25
CA LEU A 61 -11.67 -15.29 2.10
C LEU A 61 -10.87 -14.78 3.29
N THR A 62 -11.27 -15.19 4.49
CA THR A 62 -10.59 -14.78 5.71
C THR A 62 -9.11 -15.12 5.65
N THR A 63 -8.80 -16.33 5.17
CA THR A 63 -7.41 -16.77 5.07
C THR A 63 -6.63 -15.89 4.08
N ALA A 64 -7.27 -15.55 2.97
CA ALA A 64 -6.63 -14.73 1.96
C ALA A 64 -6.42 -13.30 2.47
N MET A 65 -7.49 -12.68 2.93
CA MET A 65 -7.41 -11.31 3.45
C MET A 65 -6.47 -11.24 4.66
N ASN A 66 -6.50 -12.26 5.49
CA ASN A 66 -5.66 -12.32 6.68
C ASN A 66 -4.19 -12.08 6.31
N ARG A 67 -3.81 -12.52 5.11
CA ARG A 67 -2.44 -12.36 4.63
C ARG A 67 -2.18 -10.91 4.21
N PHE A 68 -3.19 -10.28 3.63
CA PHE A 68 -3.06 -8.90 3.18
C PHE A 68 -2.92 -7.95 4.37
N LYS A 69 -3.60 -8.28 5.47
CA LYS A 69 -3.55 -7.46 6.67
C LYS A 69 -2.10 -7.18 7.07
N ALA A 70 -1.32 -8.25 7.26
CA ALA A 70 0.07 -8.12 7.65
C ALA A 70 0.91 -7.60 6.48
N ALA A 71 0.54 -7.98 5.26
CA ALA A 71 1.25 -7.55 4.08
C ALA A 71 1.28 -6.03 3.96
N LEU A 72 0.10 -5.42 4.03
CA LEU A 72 -0.01 -3.97 3.93
C LEU A 72 0.74 -3.28 5.07
N GLU A 73 0.79 -3.95 6.22
CA GLU A 73 1.47 -3.41 7.39
C GLU A 73 2.88 -2.93 7.03
N GLU A 74 3.50 -3.64 6.08
CA GLU A 74 4.85 -3.29 5.65
C GLU A 74 4.90 -1.87 5.09
N ALA A 75 3.90 -1.52 4.27
CA ALA A 75 3.82 -0.20 3.68
C ALA A 75 3.60 0.87 4.75
N ASN A 76 2.74 0.57 5.71
CA ASN A 76 2.44 1.50 6.79
C ASN A 76 3.64 1.68 7.71
N GLY A 77 4.36 0.58 7.95
CA GLY A 77 5.54 0.64 8.81
C GLY A 77 6.74 1.26 8.12
N GLU A 78 6.88 0.98 6.82
CA GLU A 78 7.99 1.51 6.04
C GLU A 78 8.00 3.03 6.08
N ILE A 79 6.92 3.63 5.59
CA ILE A 79 6.80 5.09 5.56
C ILE A 79 7.09 5.69 6.93
N GLU A 80 6.67 4.98 7.98
CA GLU A 80 6.90 5.45 9.35
C GLU A 80 8.38 5.60 9.64
N LYS A 81 9.12 4.51 9.50
CA LYS A 81 10.56 4.52 9.75
C LYS A 81 11.28 5.45 8.77
N PHE A 82 10.83 5.44 7.52
CA PHE A 82 11.42 6.29 6.48
C PHE A 82 11.27 7.77 6.84
N SER A 83 10.27 8.07 7.67
CA SER A 83 10.02 9.45 8.08
C SER A 83 11.31 10.14 8.53
N ASN A 84 12.20 9.36 9.14
CA ASN A 84 13.47 9.88 9.62
C ASN A 84 14.28 10.49 8.47
N ARG A 85 15.39 11.12 8.81
CA ARG A 85 16.25 11.74 7.80
C ARG A 85 17.43 10.83 7.47
N SER A 86 17.95 10.14 8.48
CA SER A 86 19.08 9.24 8.28
C SER A 86 18.65 7.97 7.57
N ASN A 87 17.44 7.50 7.88
CA ASN A 87 16.91 6.30 7.26
C ASN A 87 16.89 6.42 5.75
N ILE A 88 16.36 7.53 5.25
CA ILE A 88 16.28 7.77 3.82
C ILE A 88 17.66 7.92 3.20
N CYS A 89 18.54 8.64 3.90
CA CYS A 89 19.90 8.86 3.44
C CYS A 89 20.65 7.55 3.32
N ARG A 90 20.57 6.72 4.36
CA ARG A 90 21.25 5.44 4.38
C ARG A 90 20.70 4.53 3.29
N PHE A 91 19.40 4.62 3.04
CA PHE A 91 18.75 3.79 2.02
C PHE A 91 19.11 4.29 0.62
N LEU A 92 19.19 5.61 0.46
CA LEU A 92 19.53 6.21 -0.82
C LEU A 92 20.99 5.99 -1.16
N THR A 93 21.87 6.37 -0.24
CA THR A 93 23.31 6.22 -0.44
C THR A 93 23.67 4.77 -0.74
N ALA A 94 22.93 3.84 -0.13
CA ALA A 94 23.17 2.42 -0.34
C ALA A 94 23.24 2.08 -1.83
N SER A 95 22.42 2.76 -2.62
CA SER A 95 22.39 2.54 -4.07
C SER A 95 22.02 1.08 -4.38
N GLN A 96 21.12 0.53 -3.57
CA GLN A 96 20.68 -0.84 -3.76
C GLN A 96 19.34 -0.90 -4.47
N ASP A 97 18.48 0.07 -4.17
CA ASP A 97 17.16 0.14 -4.79
C ASP A 97 16.57 1.54 -4.66
N LYS A 98 16.58 2.28 -5.78
CA LYS A 98 16.05 3.63 -5.80
C LYS A 98 14.65 3.68 -5.20
N ILE A 99 13.90 2.59 -5.36
CA ILE A 99 12.55 2.51 -4.84
C ILE A 99 12.55 2.13 -3.36
N LEU A 100 11.54 2.61 -2.64
CA LEU A 100 11.43 2.34 -1.21
C LEU A 100 10.24 1.42 -0.92
N PHE A 101 9.19 1.58 -1.70
CA PHE A 101 7.99 0.76 -1.54
C PHE A 101 7.77 -0.14 -2.76
N LYS A 102 8.87 -0.63 -3.33
CA LYS A 102 8.81 -1.51 -4.49
C LYS A 102 8.21 -2.86 -4.12
N ASP A 103 8.90 -3.59 -3.24
CA ASP A 103 8.44 -4.91 -2.81
C ASP A 103 7.00 -4.84 -2.30
N VAL A 104 6.65 -3.73 -1.67
CA VAL A 104 5.31 -3.53 -1.13
C VAL A 104 4.26 -3.72 -2.22
N ASN A 105 4.46 -3.06 -3.36
CA ASN A 105 3.53 -3.15 -4.48
C ASN A 105 3.40 -4.60 -4.96
N ARG A 106 4.49 -5.36 -4.81
CA ARG A 106 4.50 -6.76 -5.22
C ARG A 106 3.67 -7.62 -4.28
N LYS A 107 3.98 -7.52 -2.99
CA LYS A 107 3.27 -8.29 -1.97
C LYS A 107 1.80 -7.90 -1.93
N LEU A 108 1.53 -6.60 -2.02
CA LEU A 108 0.16 -6.09 -1.98
C LEU A 108 -0.65 -6.65 -3.14
N SER A 109 -0.04 -6.67 -4.33
CA SER A 109 -0.71 -7.18 -5.52
C SER A 109 -0.83 -8.70 -5.47
N ASP A 110 0.18 -9.34 -4.88
CA ASP A 110 0.18 -10.80 -4.78
C ASP A 110 -0.84 -11.28 -3.75
N VAL A 111 -0.96 -10.54 -2.64
CA VAL A 111 -1.90 -10.88 -1.59
C VAL A 111 -3.33 -10.48 -1.97
N TRP A 112 -3.43 -9.45 -2.81
CA TRP A 112 -4.74 -8.97 -3.26
C TRP A 112 -5.35 -9.92 -4.30
N LYS A 113 -4.56 -10.25 -5.31
CA LYS A 113 -5.02 -11.15 -6.37
C LYS A 113 -5.44 -12.50 -5.79
N GLU A 114 -4.91 -12.83 -4.62
CA GLU A 114 -5.24 -14.09 -3.97
C GLU A 114 -6.61 -14.01 -3.30
N LEU A 115 -6.90 -12.87 -2.70
CA LEU A 115 -8.19 -12.67 -2.03
C LEU A 115 -9.23 -12.10 -2.99
N SER A 116 -8.76 -11.55 -4.10
CA SER A 116 -9.65 -10.97 -5.09
C SER A 116 -10.38 -12.06 -5.88
N LEU A 117 -9.70 -13.19 -6.07
CA LEU A 117 -10.28 -14.31 -6.80
C LEU A 117 -11.62 -14.72 -6.20
N LEU A 118 -11.67 -14.80 -4.88
CA LEU A 118 -12.90 -15.17 -4.17
C LEU A 118 -13.94 -14.06 -4.27
N LEU A 119 -13.50 -12.88 -4.68
CA LEU A 119 -14.38 -11.73 -4.82
C LEU A 119 -14.95 -11.64 -6.23
N GLN A 120 -14.07 -11.77 -7.22
CA GLN A 120 -14.47 -11.70 -8.61
C GLN A 120 -15.22 -12.96 -9.03
N VAL A 121 -14.93 -14.07 -8.34
CA VAL A 121 -15.57 -15.33 -8.64
C VAL A 121 -17.08 -15.18 -8.74
N GLU A 122 -17.63 -14.30 -7.91
CA GLU A 122 -19.06 -14.06 -7.90
C GLU A 122 -19.41 -12.78 -8.67
N GLN A 123 -18.77 -11.69 -8.30
CA GLN A 123 -19.01 -10.41 -8.95
C GLN A 123 -17.74 -9.57 -8.98
N ARG A 124 -17.58 -8.78 -10.05
CA ARG A 124 -16.40 -7.93 -10.20
C ARG A 124 -16.26 -6.99 -9.02
N MET A 125 -15.26 -6.12 -9.07
CA MET A 125 -15.01 -5.16 -8.01
C MET A 125 -13.88 -4.20 -8.39
N PRO A 126 -12.68 -4.76 -8.57
CA PRO A 126 -11.49 -3.98 -8.93
C PRO A 126 -11.58 -3.43 -10.36
N VAL A 127 -11.29 -2.15 -10.50
CA VAL A 127 -11.32 -1.50 -11.82
C VAL A 127 -9.94 -1.46 -12.45
N SER A 128 -8.96 -0.95 -11.70
CA SER A 128 -7.59 -0.85 -12.19
C SER A 128 -6.98 -2.24 -12.40
N PRO A 129 -5.89 -2.30 -13.16
CA PRO A 129 -5.20 -3.56 -13.45
C PRO A 129 -4.48 -4.12 -12.22
N ILE A 130 -5.26 -4.75 -11.34
CA ILE A 130 -4.69 -5.34 -10.13
C ILE A 130 -3.60 -6.36 -10.46
N SER A 131 -3.64 -6.87 -11.68
CA SER A 131 -2.66 -7.87 -12.12
C SER A 131 -1.24 -7.41 -11.76
N GLN A 132 -0.36 -8.38 -11.56
CA GLN A 132 1.03 -8.08 -11.22
C GLN A 132 1.64 -7.08 -12.20
N GLY A 133 1.96 -7.56 -13.39
CA GLY A 133 2.54 -6.69 -14.40
C GLY A 133 1.62 -5.55 -14.80
N ALA A 134 2.04 -4.33 -14.51
CA ALA A 134 1.25 -3.15 -14.84
C ALA A 134 2.12 -1.91 -14.96
N SER A 135 1.48 -0.76 -15.17
CA SER A 135 2.20 0.50 -15.30
C SER A 135 2.61 1.04 -13.93
N TRP A 136 1.77 0.79 -12.93
CA TRP A 136 2.03 1.25 -11.57
C TRP A 136 3.39 0.75 -11.08
N ALA A 137 3.89 -0.31 -11.70
CA ALA A 137 5.18 -0.88 -11.33
C ALA A 137 6.31 0.07 -11.67
N GLN A 138 6.29 0.61 -12.89
CA GLN A 138 7.32 1.54 -13.34
C GLN A 138 7.17 2.89 -12.65
N GLU A 139 5.93 3.30 -12.41
CA GLU A 139 5.66 4.57 -11.75
C GLU A 139 6.32 4.62 -10.38
N ASP A 140 6.27 3.50 -9.66
CA ASP A 140 6.85 3.41 -8.33
C ASP A 140 8.34 3.73 -8.37
N GLN A 141 9.00 3.33 -9.44
CA GLN A 141 10.43 3.56 -9.61
C GLN A 141 10.69 5.01 -10.00
N GLN A 142 10.02 5.46 -11.06
CA GLN A 142 10.20 6.82 -11.54
C GLN A 142 9.87 7.83 -10.45
N ASP A 143 8.84 7.54 -9.66
CA ASP A 143 8.43 8.42 -8.57
C ASP A 143 9.53 8.55 -7.53
N ALA A 144 10.09 7.42 -7.12
CA ALA A 144 11.15 7.41 -6.13
C ALA A 144 12.38 8.15 -6.63
N ASP A 145 12.64 8.05 -7.93
CA ASP A 145 13.79 8.72 -8.54
C ASP A 145 13.74 10.22 -8.29
N GLU A 146 12.52 10.77 -8.30
CA GLU A 146 12.35 12.21 -8.07
C GLU A 146 12.82 12.60 -6.67
N ASP A 147 12.61 11.70 -5.71
CA ASP A 147 13.02 11.96 -4.33
C ASP A 147 14.53 12.20 -4.24
N ARG A 148 15.28 11.44 -5.02
CA ARG A 148 16.74 11.56 -5.03
C ARG A 148 17.16 13.00 -5.33
N ARG A 149 16.37 13.68 -6.16
CA ARG A 149 16.66 15.05 -6.53
C ARG A 149 16.33 16.01 -5.40
N ALA A 150 15.08 15.98 -4.94
CA ALA A 150 14.63 16.85 -3.86
C ALA A 150 15.44 16.58 -2.59
N PHE A 151 15.99 15.37 -2.49
CA PHE A 151 16.78 14.99 -1.32
C PHE A 151 18.17 15.60 -1.39
N GLN A 152 18.65 15.84 -2.61
CA GLN A 152 19.98 16.41 -2.81
C GLN A 152 20.17 17.66 -1.95
N MET A 153 19.09 18.42 -1.78
CA MET A 153 19.13 19.65 -0.99
C MET A 153 19.01 19.33 0.50
N LEU A 154 18.33 18.24 0.81
CA LEU A 154 18.14 17.83 2.20
C LEU A 154 19.47 17.81 2.94
N ARG A 155 19.66 18.78 3.83
CA ARG A 155 20.89 18.88 4.61
C ARG A 155 20.59 19.22 6.06
N ARG A 156 20.19 20.47 6.30
CA ARG A 156 19.87 20.93 7.65
C ARG A 156 18.40 21.31 7.75
N ASP A 157 17.82 21.75 6.64
CA ASP A 157 16.42 22.15 6.61
C ASP A 157 15.77 21.73 5.29
N GLY A 1 -15.34 -14.23 16.57
CA GLY A 1 -16.01 -14.68 15.36
C GLY A 1 -16.08 -13.60 14.31
N SER A 2 -17.22 -12.91 14.24
CA SER A 2 -17.42 -11.85 13.27
C SER A 2 -17.65 -10.51 13.96
N PRO A 3 -16.58 -9.98 14.58
CA PRO A 3 -16.63 -8.70 15.30
C PRO A 3 -16.79 -7.51 14.35
N GLY A 4 -16.07 -7.56 13.23
CA GLY A 4 -16.14 -6.49 12.27
C GLY A 4 -14.92 -5.59 12.29
N GLU A 5 -14.32 -5.43 13.46
CA GLU A 5 -13.13 -4.60 13.62
C GLU A 5 -12.06 -5.00 12.62
N ASN A 6 -11.98 -6.30 12.33
CA ASN A 6 -11.00 -6.82 11.39
C ASN A 6 -11.04 -6.05 10.08
N LEU A 7 -12.24 -5.91 9.53
CA LEU A 7 -12.41 -5.19 8.26
C LEU A 7 -12.06 -3.72 8.42
N LYS A 8 -12.38 -3.15 9.58
CA LYS A 8 -12.08 -1.75 9.86
C LYS A 8 -10.56 -1.51 9.88
N HIS A 9 -9.85 -2.32 10.64
CA HIS A 9 -8.40 -2.20 10.74
C HIS A 9 -7.73 -2.59 9.43
N ILE A 10 -8.26 -3.64 8.79
CA ILE A 10 -7.71 -4.11 7.53
C ILE A 10 -7.91 -3.09 6.42
N ILE A 11 -9.12 -2.53 6.35
CA ILE A 11 -9.44 -1.53 5.34
C ILE A 11 -8.77 -0.20 5.64
N THR A 12 -8.99 0.31 6.84
CA THR A 12 -8.40 1.58 7.26
C THR A 12 -6.91 1.60 7.02
N LEU A 13 -6.28 0.43 7.10
CA LEU A 13 -4.84 0.31 6.89
C LEU A 13 -4.41 1.02 5.63
N GLY A 14 -5.29 1.01 4.62
CA GLY A 14 -4.99 1.68 3.36
C GLY A 14 -5.16 3.18 3.43
N GLN A 15 -6.14 3.63 4.22
CA GLN A 15 -6.41 5.04 4.37
C GLN A 15 -5.38 5.69 5.29
N VAL A 16 -5.12 5.06 6.43
CA VAL A 16 -4.16 5.58 7.39
C VAL A 16 -2.81 5.86 6.73
N ILE A 17 -2.37 4.94 5.89
CA ILE A 17 -1.10 5.09 5.18
C ILE A 17 -1.20 6.18 4.12
N HIS A 18 -2.36 6.28 3.48
CA HIS A 18 -2.57 7.28 2.44
C HIS A 18 -2.49 8.69 3.01
N LYS A 19 -3.21 8.92 4.12
CA LYS A 19 -3.23 10.22 4.76
C LYS A 19 -1.91 10.48 5.48
N ARG A 20 -1.31 9.43 6.02
CA ARG A 20 -0.05 9.54 6.74
C ARG A 20 1.02 10.18 5.86
N CYS A 21 0.89 10.00 4.56
CA CYS A 21 1.85 10.57 3.60
C CYS A 21 2.09 12.05 3.89
N GLU A 22 1.03 12.75 4.27
CA GLU A 22 1.14 14.18 4.58
C GLU A 22 2.26 14.43 5.58
N GLU A 23 2.45 13.49 6.50
CA GLU A 23 3.49 13.63 7.52
C GLU A 23 4.87 13.57 6.89
N MET A 24 5.05 12.66 5.94
CA MET A 24 6.33 12.51 5.25
C MET A 24 6.84 13.85 4.74
N LYS A 25 8.12 14.12 4.95
CA LYS A 25 8.73 15.35 4.51
C LYS A 25 9.77 15.10 3.42
N TYR A 26 10.27 13.87 3.38
CA TYR A 26 11.27 13.50 2.38
C TYR A 26 10.74 12.40 1.46
N CYS A 27 10.23 11.33 2.07
CA CYS A 27 9.68 10.21 1.31
C CYS A 27 8.31 10.56 0.74
N LYS A 28 7.81 11.73 1.10
CA LYS A 28 6.50 12.17 0.63
C LYS A 28 6.38 12.00 -0.89
N LYS A 29 7.50 12.16 -1.59
CA LYS A 29 7.52 12.03 -3.03
C LYS A 29 6.98 10.67 -3.46
N GLN A 30 7.57 9.61 -2.93
CA GLN A 30 7.15 8.25 -3.25
C GLN A 30 5.83 7.91 -2.56
N CYS A 31 5.77 8.17 -1.25
CA CYS A 31 4.57 7.89 -0.48
C CYS A 31 3.34 8.50 -1.14
N ARG A 32 3.51 9.66 -1.76
CA ARG A 32 2.42 10.35 -2.42
C ARG A 32 1.78 9.45 -3.48
N ARG A 33 2.61 8.89 -4.36
CA ARG A 33 2.12 8.02 -5.42
C ARG A 33 1.77 6.65 -4.88
N LEU A 34 2.54 6.19 -3.90
CA LEU A 34 2.31 4.89 -3.28
C LEU A 34 0.94 4.84 -2.61
N GLY A 35 0.75 5.71 -1.61
CA GLY A 35 -0.52 5.75 -0.90
C GLY A 35 -1.69 6.03 -1.81
N HIS A 36 -1.47 6.88 -2.81
CA HIS A 36 -2.52 7.23 -3.77
C HIS A 36 -2.86 6.05 -4.66
N ARG A 37 -1.83 5.37 -5.16
CA ARG A 37 -2.03 4.22 -6.03
C ARG A 37 -2.61 3.04 -5.26
N VAL A 38 -1.90 2.62 -4.21
CA VAL A 38 -2.35 1.51 -3.38
C VAL A 38 -3.79 1.71 -2.91
N LEU A 39 -4.16 2.96 -2.70
CA LEU A 39 -5.51 3.30 -2.26
C LEU A 39 -6.56 2.67 -3.17
N GLY A 40 -6.20 2.48 -4.43
CA GLY A 40 -7.11 1.88 -5.39
C GLY A 40 -7.47 0.45 -5.04
N LEU A 41 -6.56 -0.22 -4.34
CA LEU A 41 -6.78 -1.60 -3.94
C LEU A 41 -7.77 -1.70 -2.79
N ILE A 42 -7.67 -0.75 -1.86
CA ILE A 42 -8.56 -0.72 -0.71
C ILE A 42 -9.91 -0.09 -1.07
N LYS A 43 -9.92 0.67 -2.16
CA LYS A 43 -11.15 1.32 -2.62
C LYS A 43 -12.32 0.35 -2.61
N PRO A 44 -12.16 -0.77 -3.34
CA PRO A 44 -13.20 -1.81 -3.42
C PRO A 44 -13.39 -2.55 -2.10
N LEU A 45 -12.40 -2.47 -1.23
CA LEU A 45 -12.44 -3.14 0.06
C LEU A 45 -13.37 -2.40 1.02
N GLU A 46 -13.31 -1.07 0.99
CA GLU A 46 -14.14 -0.25 1.86
C GLU A 46 -15.57 -0.19 1.32
N MET A 47 -15.71 -0.15 0.00
CA MET A 47 -17.02 -0.08 -0.62
C MET A 47 -17.93 -1.20 -0.12
N LEU A 48 -17.32 -2.34 0.23
CA LEU A 48 -18.07 -3.48 0.73
C LEU A 48 -18.77 -3.14 2.04
N GLN A 49 -18.00 -2.70 3.02
CA GLN A 49 -18.54 -2.33 4.33
C GLN A 49 -19.37 -1.06 4.23
N ASP A 50 -18.99 -0.18 3.32
CA ASP A 50 -19.70 1.08 3.13
C ASP A 50 -21.19 0.84 2.93
N GLN A 51 -21.55 0.16 1.85
CA GLN A 51 -22.94 -0.14 1.55
C GLN A 51 -23.42 -1.37 2.32
N GLY A 52 -22.55 -2.37 2.41
CA GLY A 52 -22.89 -3.59 3.13
C GLY A 52 -23.46 -4.66 2.20
N LYS A 53 -23.03 -4.64 0.95
CA LYS A 53 -23.49 -5.61 -0.03
C LYS A 53 -23.09 -7.03 0.38
N ARG A 54 -21.80 -7.31 0.33
CA ARG A 54 -21.29 -8.63 0.70
C ARG A 54 -21.62 -8.95 2.15
N SER A 55 -22.54 -9.88 2.35
CA SER A 55 -22.95 -10.28 3.69
C SER A 55 -21.73 -10.64 4.55
N VAL A 56 -21.20 -11.85 4.34
CA VAL A 56 -20.04 -12.31 5.09
C VAL A 56 -19.22 -13.29 4.27
N PRO A 57 -17.89 -13.10 4.27
CA PRO A 57 -16.96 -13.96 3.54
C PRO A 57 -16.86 -15.36 4.15
N SER A 58 -16.02 -16.20 3.55
CA SER A 58 -15.83 -17.56 4.04
C SER A 58 -14.43 -17.75 4.61
N GLU A 59 -14.17 -18.93 5.15
CA GLU A 59 -12.87 -19.23 5.73
C GLU A 59 -11.75 -18.90 4.75
N LYS A 60 -11.94 -19.25 3.48
CA LYS A 60 -10.94 -18.99 2.46
C LYS A 60 -10.53 -17.52 2.45
N LEU A 61 -11.52 -16.64 2.31
CA LEU A 61 -11.27 -15.20 2.30
C LEU A 61 -10.55 -14.76 3.57
N THR A 62 -10.93 -15.36 4.70
CA THR A 62 -10.33 -15.03 5.98
C THR A 62 -8.82 -15.22 5.94
N THR A 63 -8.38 -16.39 5.50
CA THR A 63 -6.96 -16.70 5.42
C THR A 63 -6.26 -15.79 4.41
N ALA A 64 -6.84 -15.69 3.22
CA ALA A 64 -6.27 -14.85 2.17
C ALA A 64 -6.10 -13.41 2.65
N MET A 65 -7.18 -12.82 3.14
CA MET A 65 -7.14 -11.45 3.64
C MET A 65 -6.23 -11.33 4.86
N ASN A 66 -6.23 -12.38 5.69
CA ASN A 66 -5.42 -12.40 6.89
C ASN A 66 -3.97 -12.04 6.57
N ARG A 67 -3.51 -12.45 5.39
CA ARG A 67 -2.14 -12.19 4.97
C ARG A 67 -1.99 -10.74 4.51
N PHE A 68 -3.06 -10.18 3.95
CA PHE A 68 -3.04 -8.81 3.47
C PHE A 68 -2.96 -7.83 4.63
N LYS A 69 -3.61 -8.17 5.74
CA LYS A 69 -3.61 -7.32 6.93
C LYS A 69 -2.19 -6.94 7.32
N ALA A 70 -1.36 -7.96 7.58
CA ALA A 70 0.02 -7.74 7.97
C ALA A 70 0.86 -7.27 6.78
N ALA A 71 0.60 -7.85 5.62
CA ALA A 71 1.33 -7.50 4.41
C ALA A 71 1.30 -5.99 4.17
N LEU A 72 0.09 -5.42 4.17
CA LEU A 72 -0.06 -3.99 3.96
C LEU A 72 0.48 -3.20 5.15
N GLU A 73 0.33 -3.75 6.34
CA GLU A 73 0.82 -3.10 7.55
C GLU A 73 2.27 -2.68 7.39
N GLU A 74 3.03 -3.42 6.60
CA GLU A 74 4.43 -3.13 6.37
C GLU A 74 4.61 -1.70 5.86
N ALA A 75 3.90 -1.37 4.79
CA ALA A 75 3.97 -0.04 4.21
C ALA A 75 3.72 1.04 5.25
N ASN A 76 2.62 0.88 5.99
CA ASN A 76 2.25 1.85 7.03
C ASN A 76 3.29 1.85 8.15
N GLY A 77 3.99 0.72 8.30
CA GLY A 77 5.00 0.62 9.35
C GLY A 77 6.29 1.29 8.98
N GLU A 78 6.78 1.00 7.77
CA GLU A 78 8.03 1.60 7.30
C GLU A 78 7.90 3.11 7.15
N ILE A 79 6.81 3.54 6.51
CA ILE A 79 6.56 4.97 6.30
C ILE A 79 6.62 5.72 7.63
N GLU A 80 6.26 5.05 8.71
CA GLU A 80 6.28 5.67 10.03
C GLU A 80 7.71 5.94 10.49
N LYS A 81 8.58 4.98 10.27
CA LYS A 81 9.98 5.11 10.65
C LYS A 81 10.72 6.08 9.72
N PHE A 82 10.38 6.02 8.44
CA PHE A 82 11.01 6.89 7.45
C PHE A 82 10.83 8.36 7.82
N SER A 83 9.79 8.65 8.60
CA SER A 83 9.51 10.01 9.03
C SER A 83 10.77 10.68 9.56
N ASN A 84 11.63 9.90 10.21
CA ASN A 84 12.88 10.43 10.75
C ASN A 84 13.83 10.84 9.64
N ARG A 85 14.86 11.59 10.00
CA ARG A 85 15.84 12.06 9.03
C ARG A 85 16.89 10.98 8.77
N SER A 86 17.58 10.57 9.83
CA SER A 86 18.62 9.55 9.71
C SER A 86 18.07 8.29 9.06
N ASN A 87 16.79 8.02 9.29
CA ASN A 87 16.13 6.84 8.72
C ASN A 87 16.29 6.81 7.21
N ILE A 88 15.91 7.90 6.56
CA ILE A 88 16.01 8.00 5.11
C ILE A 88 17.47 8.11 4.66
N CYS A 89 18.27 8.78 5.47
CA CYS A 89 19.69 8.95 5.15
C CYS A 89 20.41 7.61 5.16
N ARG A 90 20.00 6.73 6.05
CA ARG A 90 20.61 5.41 6.17
C ARG A 90 20.24 4.54 4.97
N PHE A 91 19.00 4.65 4.52
CA PHE A 91 18.52 3.87 3.38
C PHE A 91 19.04 4.45 2.07
N LEU A 92 19.14 5.77 2.02
CA LEU A 92 19.62 6.46 0.83
C LEU A 92 21.13 6.25 0.64
N THR A 93 21.89 6.54 1.70
CA THR A 93 23.34 6.39 1.65
C THR A 93 23.73 4.98 1.24
N ALA A 94 22.91 4.00 1.61
CA ALA A 94 23.17 2.61 1.27
C ALA A 94 23.22 2.41 -0.24
N SER A 95 22.40 3.18 -0.95
CA SER A 95 22.34 3.09 -2.41
C SER A 95 21.70 4.33 -3.01
N GLN A 96 22.38 4.95 -3.97
CA GLN A 96 21.87 6.14 -4.62
C GLN A 96 20.44 5.92 -5.12
N ASP A 97 20.31 5.17 -6.21
CA ASP A 97 19.00 4.88 -6.80
C ASP A 97 18.43 3.59 -6.22
N LYS A 98 17.40 3.73 -5.40
CA LYS A 98 16.75 2.58 -4.79
C LYS A 98 15.32 2.90 -4.38
N ILE A 99 14.57 1.88 -4.00
CA ILE A 99 13.18 2.05 -3.59
C ILE A 99 12.99 1.68 -2.12
N LEU A 100 11.97 2.24 -1.49
CA LEU A 100 11.68 1.97 -0.09
C LEU A 100 10.40 1.15 0.04
N PHE A 101 9.46 1.38 -0.87
CA PHE A 101 8.19 0.66 -0.85
C PHE A 101 8.02 -0.18 -2.11
N LYS A 102 9.13 -0.73 -2.60
CA LYS A 102 9.10 -1.56 -3.80
C LYS A 102 8.44 -2.90 -3.52
N ASP A 103 9.03 -3.68 -2.63
CA ASP A 103 8.50 -4.99 -2.27
C ASP A 103 7.04 -4.87 -1.83
N VAL A 104 6.69 -3.74 -1.20
CA VAL A 104 5.33 -3.52 -0.74
C VAL A 104 4.33 -3.68 -1.88
N ASN A 105 4.55 -2.94 -2.96
CA ASN A 105 3.67 -3.01 -4.12
C ASN A 105 3.56 -4.44 -4.65
N ARG A 106 4.63 -5.21 -4.46
CA ARG A 106 4.66 -6.60 -4.92
C ARG A 106 3.82 -7.49 -4.01
N LYS A 107 4.10 -7.43 -2.71
CA LYS A 107 3.38 -8.23 -1.74
C LYS A 107 1.91 -7.85 -1.69
N LEU A 108 1.65 -6.55 -1.76
CA LEU A 108 0.27 -6.04 -1.74
C LEU A 108 -0.52 -6.59 -2.92
N SER A 109 0.12 -6.65 -4.08
CA SER A 109 -0.53 -7.15 -5.29
C SER A 109 -0.71 -8.66 -5.23
N ASP A 110 0.27 -9.34 -4.64
CA ASP A 110 0.22 -10.79 -4.52
C ASP A 110 -0.83 -11.22 -3.50
N VAL A 111 -0.86 -10.52 -2.37
CA VAL A 111 -1.82 -10.83 -1.31
C VAL A 111 -3.25 -10.47 -1.74
N TRP A 112 -3.36 -9.52 -2.65
CA TRP A 112 -4.66 -9.08 -3.15
C TRP A 112 -5.16 -10.02 -4.25
N LYS A 113 -4.32 -10.29 -5.23
CA LYS A 113 -4.68 -11.17 -6.33
C LYS A 113 -4.99 -12.58 -5.82
N GLU A 114 -4.40 -12.94 -4.69
CA GLU A 114 -4.63 -14.24 -4.10
C GLU A 114 -5.98 -14.32 -3.39
N LEU A 115 -6.39 -13.19 -2.81
CA LEU A 115 -7.66 -13.12 -2.09
C LEU A 115 -8.74 -12.54 -3.00
N SER A 116 -8.33 -11.92 -4.10
CA SER A 116 -9.27 -11.33 -5.04
C SER A 116 -9.98 -12.41 -5.86
N LEU A 117 -9.22 -13.39 -6.32
CA LEU A 117 -9.78 -14.49 -7.11
C LEU A 117 -10.92 -15.16 -6.37
N LEU A 118 -10.64 -15.64 -5.16
CA LEU A 118 -11.66 -16.30 -4.35
C LEU A 118 -12.73 -15.31 -3.89
N LEU A 119 -12.48 -14.03 -4.13
CA LEU A 119 -13.42 -12.98 -3.74
C LEU A 119 -14.38 -12.66 -4.87
N GLN A 120 -13.83 -12.57 -6.09
CA GLN A 120 -14.65 -12.28 -7.27
C GLN A 120 -15.36 -13.53 -7.76
N VAL A 121 -14.83 -14.70 -7.43
CA VAL A 121 -15.41 -15.96 -7.84
C VAL A 121 -16.91 -16.00 -7.54
N GLU A 122 -17.30 -15.37 -6.42
CA GLU A 122 -18.70 -15.33 -6.02
C GLU A 122 -19.33 -13.98 -6.38
N GLN A 123 -18.70 -12.90 -5.92
CA GLN A 123 -19.20 -11.56 -6.20
C GLN A 123 -18.07 -10.66 -6.70
N ARG A 124 -18.24 -10.14 -7.91
CA ARG A 124 -17.24 -9.26 -8.50
C ARG A 124 -16.92 -8.08 -7.57
N MET A 125 -15.98 -7.24 -7.99
CA MET A 125 -15.60 -6.08 -7.20
C MET A 125 -14.71 -5.13 -8.01
N PRO A 126 -13.53 -5.63 -8.41
CA PRO A 126 -12.57 -4.84 -9.19
C PRO A 126 -13.06 -4.60 -10.62
N VAL A 127 -12.62 -3.49 -11.20
CA VAL A 127 -13.02 -3.14 -12.57
C VAL A 127 -11.90 -3.45 -13.55
N SER A 128 -10.69 -3.02 -13.23
CA SER A 128 -9.54 -3.25 -14.10
C SER A 128 -8.98 -4.65 -13.88
N PRO A 129 -8.19 -5.13 -14.85
CA PRO A 129 -7.57 -6.46 -14.80
C PRO A 129 -6.48 -6.54 -13.75
N ILE A 130 -6.88 -6.65 -12.48
CA ILE A 130 -5.93 -6.75 -11.37
C ILE A 130 -4.94 -7.89 -11.60
N SER A 131 -3.93 -7.95 -10.75
CA SER A 131 -2.91 -8.99 -10.85
C SER A 131 -2.33 -9.05 -12.26
N GLN A 132 -2.22 -7.90 -12.90
CA GLN A 132 -1.68 -7.82 -14.25
C GLN A 132 -0.78 -6.60 -14.40
N GLY A 133 -1.21 -5.47 -13.84
CA GLY A 133 -0.43 -4.25 -13.93
C GLY A 133 1.01 -4.45 -13.50
N ALA A 134 1.94 -4.01 -14.34
CA ALA A 134 3.37 -4.15 -14.04
C ALA A 134 4.07 -2.80 -14.11
N SER A 135 3.64 -1.97 -15.05
CA SER A 135 4.24 -0.65 -15.24
C SER A 135 4.29 0.12 -13.92
N TRP A 136 3.20 0.04 -13.16
CA TRP A 136 3.13 0.72 -11.87
C TRP A 136 4.32 0.38 -11.00
N ALA A 137 4.86 -0.82 -11.17
CA ALA A 137 6.01 -1.27 -10.40
C ALA A 137 7.29 -0.57 -10.87
N GLN A 138 7.42 -0.40 -12.18
CA GLN A 138 8.59 0.25 -12.74
C GLN A 138 8.59 1.74 -12.42
N GLU A 139 7.41 2.35 -12.39
CA GLU A 139 7.28 3.76 -12.09
C GLU A 139 7.80 4.09 -10.70
N ASP A 140 7.57 3.16 -9.77
CA ASP A 140 8.02 3.34 -8.39
C ASP A 140 9.50 3.69 -8.34
N GLN A 141 10.32 2.92 -9.06
CA GLN A 141 11.75 3.15 -9.10
C GLN A 141 12.06 4.55 -9.63
N GLN A 142 11.26 5.02 -10.58
CA GLN A 142 11.45 6.34 -11.16
C GLN A 142 11.01 7.43 -10.20
N ASP A 143 9.97 7.14 -9.44
CA ASP A 143 9.45 8.11 -8.47
C ASP A 143 10.45 8.33 -7.33
N ALA A 144 11.05 7.24 -6.87
CA ALA A 144 12.03 7.31 -5.78
C ALA A 144 13.24 8.14 -6.19
N ASP A 145 13.59 8.08 -7.48
CA ASP A 145 14.73 8.83 -7.99
C ASP A 145 14.58 10.32 -7.71
N GLU A 146 13.34 10.79 -7.73
CA GLU A 146 13.07 12.20 -7.48
C GLU A 146 13.17 12.52 -5.98
N ASP A 147 12.94 11.52 -5.16
CA ASP A 147 13.01 11.68 -3.71
C ASP A 147 14.46 11.80 -3.25
N ARG A 148 15.29 10.84 -3.65
CA ARG A 148 16.69 10.84 -3.27
C ARG A 148 17.35 12.18 -3.61
N ARG A 149 17.01 12.72 -4.77
CA ARG A 149 17.57 13.99 -5.21
C ARG A 149 16.95 15.15 -4.43
N ALA A 150 15.67 15.01 -4.09
CA ALA A 150 14.96 16.04 -3.33
C ALA A 150 15.50 16.15 -1.91
N PHE A 151 16.04 15.05 -1.41
CA PHE A 151 16.58 15.02 -0.05
C PHE A 151 17.59 16.15 0.16
N GLN A 152 18.23 16.57 -0.92
CA GLN A 152 19.21 17.64 -0.86
C GLN A 152 18.60 18.91 -0.28
N MET A 153 17.27 19.00 -0.34
CA MET A 153 16.56 20.16 0.18
C MET A 153 17.03 20.49 1.59
N LEU A 154 17.45 19.48 2.33
CA LEU A 154 17.92 19.67 3.70
C LEU A 154 19.34 20.25 3.70
N ARG A 155 19.90 20.40 4.91
CA ARG A 155 21.25 20.94 5.05
C ARG A 155 22.20 19.89 5.63
N ARG A 156 23.48 20.23 5.68
CA ARG A 156 24.49 19.31 6.21
C ARG A 156 24.03 18.71 7.53
N ASP A 157 24.47 17.48 7.80
CA ASP A 157 24.10 16.79 9.03
C ASP A 157 22.59 16.80 9.23
N GLY A 1 -21.42 -14.40 10.04
CA GLY A 1 -21.28 -13.01 10.46
C GLY A 1 -19.87 -12.69 10.91
N SER A 2 -19.39 -11.50 10.54
CA SER A 2 -18.05 -11.08 10.90
C SER A 2 -18.08 -10.10 12.08
N PRO A 3 -16.94 -9.95 12.76
CA PRO A 3 -16.81 -9.05 13.91
C PRO A 3 -16.88 -7.58 13.50
N GLY A 4 -16.24 -7.25 12.38
CA GLY A 4 -16.24 -5.88 11.91
C GLY A 4 -14.94 -5.16 12.20
N GLU A 5 -14.46 -5.29 13.44
CA GLU A 5 -13.22 -4.64 13.85
C GLU A 5 -12.09 -4.99 12.88
N ASN A 6 -12.00 -6.26 12.50
CA ASN A 6 -10.97 -6.72 11.58
C ASN A 6 -11.00 -5.93 10.29
N LEU A 7 -12.19 -5.79 9.71
CA LEU A 7 -12.35 -5.04 8.46
C LEU A 7 -12.00 -3.58 8.65
N LYS A 8 -12.32 -3.04 9.82
CA LYS A 8 -12.04 -1.65 10.13
C LYS A 8 -10.54 -1.39 10.14
N HIS A 9 -9.80 -2.21 10.87
CA HIS A 9 -8.35 -2.07 10.95
C HIS A 9 -7.68 -2.46 9.63
N ILE A 10 -8.23 -3.49 8.98
CA ILE A 10 -7.68 -3.96 7.71
C ILE A 10 -7.90 -2.93 6.61
N ILE A 11 -9.10 -2.36 6.56
CA ILE A 11 -9.42 -1.35 5.55
C ILE A 11 -8.74 -0.03 5.87
N THR A 12 -8.97 0.47 7.08
CA THR A 12 -8.38 1.74 7.51
C THR A 12 -6.87 1.76 7.26
N LEU A 13 -6.25 0.59 7.35
CA LEU A 13 -4.81 0.47 7.13
C LEU A 13 -4.40 1.15 5.83
N GLY A 14 -5.29 1.10 4.84
CA GLY A 14 -5.00 1.72 3.56
C GLY A 14 -5.14 3.23 3.59
N GLN A 15 -6.09 3.71 4.39
CA GLN A 15 -6.34 5.15 4.50
C GLN A 15 -5.29 5.80 5.39
N VAL A 16 -5.03 5.20 6.55
CA VAL A 16 -4.04 5.73 7.48
C VAL A 16 -2.70 5.94 6.80
N ILE A 17 -2.28 4.96 6.01
CA ILE A 17 -1.01 5.04 5.29
C ILE A 17 -1.06 6.11 4.21
N HIS A 18 -2.22 6.30 3.61
CA HIS A 18 -2.40 7.31 2.57
C HIS A 18 -2.34 8.72 3.15
N LYS A 19 -3.05 8.92 4.25
CA LYS A 19 -3.07 10.23 4.91
C LYS A 19 -1.76 10.49 5.65
N ARG A 20 -1.13 9.42 6.12
CA ARG A 20 0.13 9.54 6.84
C ARG A 20 1.21 10.14 5.96
N CYS A 21 1.09 9.91 4.65
CA CYS A 21 2.06 10.43 3.70
C CYS A 21 2.28 11.94 3.90
N GLU A 22 1.25 12.61 4.37
CA GLU A 22 1.32 14.05 4.62
C GLU A 22 2.42 14.38 5.62
N GLU A 23 2.61 13.48 6.58
CA GLU A 23 3.64 13.67 7.61
C GLU A 23 5.03 13.58 7.01
N MET A 24 5.21 12.68 6.05
CA MET A 24 6.49 12.50 5.40
C MET A 24 7.03 13.83 4.87
N LYS A 25 8.35 13.91 4.75
CA LYS A 25 8.98 15.13 4.25
C LYS A 25 9.91 14.82 3.08
N TYR A 26 10.62 13.70 3.17
CA TYR A 26 11.55 13.28 2.13
C TYR A 26 10.91 12.25 1.21
N CYS A 27 10.53 11.11 1.80
CA CYS A 27 9.90 10.03 1.04
C CYS A 27 8.50 10.43 0.60
N LYS A 28 8.00 11.54 1.13
CA LYS A 28 6.67 12.02 0.79
C LYS A 28 6.48 12.07 -0.73
N LYS A 29 7.58 12.31 -1.45
CA LYS A 29 7.54 12.38 -2.90
C LYS A 29 6.92 11.11 -3.49
N GLN A 30 7.53 9.97 -3.19
CA GLN A 30 7.06 8.69 -3.69
C GLN A 30 5.82 8.23 -2.91
N CYS A 31 5.78 8.58 -1.64
CA CYS A 31 4.66 8.19 -0.78
C CYS A 31 3.34 8.71 -1.35
N ARG A 32 3.38 9.91 -1.92
CA ARG A 32 2.19 10.51 -2.50
C ARG A 32 1.58 9.60 -3.57
N ARG A 33 2.43 9.10 -4.47
CA ARG A 33 1.97 8.21 -5.53
C ARG A 33 1.68 6.81 -4.99
N LEU A 34 2.47 6.39 -4.02
CA LEU A 34 2.31 5.07 -3.42
C LEU A 34 0.97 4.96 -2.70
N GLY A 35 0.78 5.80 -1.70
CA GLY A 35 -0.47 5.79 -0.95
C GLY A 35 -1.68 6.03 -1.82
N HIS A 36 -1.50 6.83 -2.86
CA HIS A 36 -2.59 7.14 -3.78
C HIS A 36 -2.91 5.95 -4.67
N ARG A 37 -1.87 5.40 -5.31
CA ARG A 37 -2.04 4.26 -6.19
C ARG A 37 -2.57 3.05 -5.42
N VAL A 38 -1.94 2.74 -4.29
CA VAL A 38 -2.35 1.63 -3.46
C VAL A 38 -3.76 1.82 -2.93
N LEU A 39 -4.13 3.06 -2.70
CA LEU A 39 -5.46 3.39 -2.19
C LEU A 39 -6.55 2.75 -3.04
N GLY A 40 -6.25 2.57 -4.33
CA GLY A 40 -7.21 1.98 -5.23
C GLY A 40 -7.57 0.56 -4.85
N LEU A 41 -6.66 -0.11 -4.15
CA LEU A 41 -6.89 -1.48 -3.71
C LEU A 41 -7.86 -1.52 -2.53
N ILE A 42 -7.72 -0.57 -1.62
CA ILE A 42 -8.59 -0.50 -0.45
C ILE A 42 -9.92 0.16 -0.80
N LYS A 43 -9.93 0.90 -1.89
CA LYS A 43 -11.14 1.59 -2.33
C LYS A 43 -12.34 0.65 -2.32
N PRO A 44 -12.22 -0.47 -3.05
CA PRO A 44 -13.29 -1.48 -3.13
C PRO A 44 -13.47 -2.23 -1.81
N LEU A 45 -12.46 -2.18 -0.96
CA LEU A 45 -12.52 -2.86 0.33
C LEU A 45 -13.43 -2.11 1.29
N GLU A 46 -13.35 -0.79 1.28
CA GLU A 46 -14.18 0.05 2.14
C GLU A 46 -15.61 0.14 1.61
N MET A 47 -15.74 0.20 0.29
CA MET A 47 -17.05 0.29 -0.34
C MET A 47 -17.97 -0.82 0.14
N LEU A 48 -17.38 -1.95 0.51
CA LEU A 48 -18.16 -3.10 0.99
C LEU A 48 -18.76 -2.81 2.37
N GLN A 49 -17.89 -2.49 3.32
CA GLN A 49 -18.33 -2.19 4.68
C GLN A 49 -19.21 -0.93 4.70
N ASP A 50 -18.97 -0.04 3.74
CA ASP A 50 -19.72 1.20 3.65
C ASP A 50 -21.20 0.92 3.42
N GLN A 51 -21.53 0.35 2.26
CA GLN A 51 -22.91 0.03 1.93
C GLN A 51 -23.32 -1.31 2.54
N GLY A 52 -22.62 -2.37 2.14
CA GLY A 52 -22.93 -3.69 2.65
C GLY A 52 -23.42 -4.63 1.58
N LYS A 53 -22.67 -4.72 0.49
CA LYS A 53 -23.04 -5.59 -0.62
C LYS A 53 -23.05 -7.06 -0.18
N ARG A 54 -21.86 -7.63 -0.01
CA ARG A 54 -21.73 -9.02 0.41
C ARG A 54 -22.19 -9.20 1.85
N SER A 55 -22.58 -10.42 2.20
CA SER A 55 -23.04 -10.72 3.55
C SER A 55 -21.85 -10.97 4.48
N VAL A 56 -21.06 -11.99 4.17
CA VAL A 56 -19.89 -12.33 4.97
C VAL A 56 -19.02 -13.35 4.26
N PRO A 57 -17.70 -13.11 4.28
CA PRO A 57 -16.71 -14.00 3.64
C PRO A 57 -16.59 -15.33 4.38
N SER A 58 -15.94 -16.30 3.72
CA SER A 58 -15.75 -17.61 4.30
C SER A 58 -14.33 -17.77 4.84
N GLU A 59 -14.05 -18.92 5.45
CA GLU A 59 -12.74 -19.20 6.00
C GLU A 59 -11.64 -18.95 4.97
N LYS A 60 -11.89 -19.41 3.75
CA LYS A 60 -10.93 -19.24 2.66
C LYS A 60 -10.52 -17.78 2.52
N LEU A 61 -11.50 -16.91 2.34
CA LEU A 61 -11.24 -15.48 2.19
C LEU A 61 -10.48 -14.94 3.40
N THR A 62 -10.83 -15.43 4.58
CA THR A 62 -10.18 -14.99 5.81
C THR A 62 -8.67 -15.18 5.73
N THR A 63 -8.25 -16.29 5.14
CA THR A 63 -6.83 -16.58 5.00
C THR A 63 -6.18 -15.67 3.96
N ALA A 64 -6.84 -15.52 2.82
CA ALA A 64 -6.32 -14.68 1.75
C ALA A 64 -6.23 -13.22 2.20
N MET A 65 -7.21 -12.78 2.97
CA MET A 65 -7.23 -11.41 3.47
C MET A 65 -6.29 -11.25 4.65
N ASN A 66 -6.23 -12.28 5.49
CA ASN A 66 -5.36 -12.24 6.67
C ASN A 66 -3.93 -11.85 6.30
N ARG A 67 -3.52 -12.24 5.10
CA ARG A 67 -2.18 -11.95 4.62
C ARG A 67 -2.05 -10.46 4.27
N PHE A 68 -3.12 -9.89 3.73
CA PHE A 68 -3.12 -8.49 3.36
C PHE A 68 -2.96 -7.59 4.59
N LYS A 69 -3.58 -8.00 5.69
CA LYS A 69 -3.50 -7.24 6.94
C LYS A 69 -2.05 -6.97 7.32
N ALA A 70 -1.27 -8.04 7.47
CA ALA A 70 0.13 -7.93 7.83
C ALA A 70 0.96 -7.39 6.66
N ALA A 71 0.62 -7.84 5.46
CA ALA A 71 1.34 -7.41 4.26
C ALA A 71 1.33 -5.90 4.13
N LEU A 72 0.13 -5.31 4.17
CA LEU A 72 -0.02 -3.87 4.06
C LEU A 72 0.68 -3.15 5.22
N GLU A 73 0.68 -3.80 6.38
CA GLU A 73 1.31 -3.23 7.57
C GLU A 73 2.74 -2.78 7.27
N GLU A 74 3.41 -3.53 6.39
CA GLU A 74 4.78 -3.21 6.03
C GLU A 74 4.88 -1.80 5.45
N ALA A 75 3.93 -1.46 4.58
CA ALA A 75 3.91 -0.14 3.96
C ALA A 75 3.70 0.96 5.00
N ASN A 76 2.78 0.72 5.93
CA ASN A 76 2.48 1.68 6.98
C ASN A 76 3.64 1.81 7.95
N GLY A 77 4.30 0.68 8.23
CA GLY A 77 5.44 0.69 9.14
C GLY A 77 6.68 1.27 8.51
N GLU A 78 6.87 1.00 7.21
CA GLU A 78 8.04 1.50 6.49
C GLU A 78 8.09 3.02 6.53
N ILE A 79 7.04 3.65 6.00
CA ILE A 79 6.97 5.10 5.97
C ILE A 79 7.15 5.70 7.35
N GLU A 80 6.73 4.96 8.37
CA GLU A 80 6.84 5.41 9.75
C GLU A 80 8.31 5.52 10.17
N LYS A 81 8.99 4.38 10.18
CA LYS A 81 10.40 4.34 10.56
C LYS A 81 11.25 5.16 9.58
N PHE A 82 10.84 5.15 8.31
CA PHE A 82 11.57 5.89 7.28
C PHE A 82 11.54 7.39 7.58
N SER A 83 10.54 7.83 8.33
CA SER A 83 10.41 9.24 8.68
C SER A 83 11.73 9.82 9.16
N ASN A 84 12.51 8.99 9.85
CA ASN A 84 13.81 9.41 10.37
C ASN A 84 14.72 9.86 9.24
N ARG A 85 15.03 11.15 9.22
CA ARG A 85 15.90 11.71 8.19
C ARG A 85 17.21 10.92 8.10
N SER A 86 17.64 10.37 9.22
CA SER A 86 18.88 9.59 9.27
C SER A 86 18.73 8.28 8.51
N ASN A 87 17.53 7.70 8.58
CA ASN A 87 17.26 6.44 7.91
C ASN A 87 17.26 6.63 6.39
N ILE A 88 16.62 7.70 5.93
CA ILE A 88 16.55 7.99 4.51
C ILE A 88 17.89 8.48 3.97
N CYS A 89 18.46 9.49 4.62
CA CYS A 89 19.74 10.04 4.22
C CYS A 89 20.80 8.96 4.15
N ARG A 90 20.69 7.97 5.03
CA ARG A 90 21.64 6.87 5.07
C ARG A 90 21.68 6.13 3.75
N PHE A 91 20.50 5.80 3.23
CA PHE A 91 20.40 5.09 1.96
C PHE A 91 20.62 6.04 0.78
N LEU A 92 20.01 7.21 0.86
CA LEU A 92 20.14 8.20 -0.21
C LEU A 92 21.60 8.60 -0.40
N THR A 93 22.25 9.03 0.67
CA THR A 93 23.65 9.43 0.63
C THR A 93 24.52 8.34 0.02
N ALA A 94 24.09 7.09 0.19
CA ALA A 94 24.83 5.95 -0.34
C ALA A 94 25.00 6.07 -1.86
N SER A 95 24.12 6.85 -2.49
CA SER A 95 24.18 7.03 -3.93
C SER A 95 23.88 5.72 -4.66
N GLN A 96 22.61 5.52 -5.00
CA GLN A 96 22.19 4.31 -5.70
C GLN A 96 20.69 4.33 -5.96
N ASP A 97 20.31 4.64 -7.20
CA ASP A 97 18.91 4.68 -7.58
C ASP A 97 18.18 3.40 -7.18
N LYS A 98 17.41 3.48 -6.11
CA LYS A 98 16.67 2.33 -5.62
C LYS A 98 15.27 2.73 -5.16
N ILE A 99 14.54 1.79 -4.56
CA ILE A 99 13.19 2.04 -4.09
C ILE A 99 13.06 1.70 -2.61
N LEU A 100 12.07 2.30 -1.95
CA LEU A 100 11.83 2.05 -0.54
C LEU A 100 10.56 1.24 -0.34
N PHE A 101 9.59 1.43 -1.22
CA PHE A 101 8.33 0.71 -1.15
C PHE A 101 8.13 -0.19 -2.36
N LYS A 102 9.23 -0.73 -2.87
CA LYS A 102 9.18 -1.60 -4.05
C LYS A 102 8.56 -2.94 -3.70
N ASP A 103 9.20 -3.67 -2.80
CA ASP A 103 8.70 -4.98 -2.36
C ASP A 103 7.25 -4.89 -1.92
N VAL A 104 6.90 -3.76 -1.30
CA VAL A 104 5.54 -3.54 -0.83
C VAL A 104 4.53 -3.76 -1.94
N ASN A 105 4.71 -3.07 -3.05
CA ASN A 105 3.81 -3.19 -4.20
C ASN A 105 3.72 -4.64 -4.66
N ARG A 106 4.81 -5.39 -4.49
CA ARG A 106 4.85 -6.78 -4.89
C ARG A 106 4.00 -7.65 -3.96
N LYS A 107 4.26 -7.54 -2.66
CA LYS A 107 3.52 -8.31 -1.67
C LYS A 107 2.05 -7.92 -1.67
N LEU A 108 1.79 -6.61 -1.67
CA LEU A 108 0.43 -6.10 -1.66
C LEU A 108 -0.40 -6.75 -2.77
N SER A 109 0.22 -6.94 -3.92
CA SER A 109 -0.47 -7.54 -5.06
C SER A 109 -0.66 -9.04 -4.84
N ASP A 110 0.25 -9.65 -4.10
CA ASP A 110 0.17 -11.07 -3.80
C ASP A 110 -1.01 -11.38 -2.88
N VAL A 111 -1.18 -10.54 -1.88
CA VAL A 111 -2.27 -10.71 -0.91
C VAL A 111 -3.62 -10.39 -1.54
N TRP A 112 -3.62 -9.46 -2.50
CA TRP A 112 -4.84 -9.06 -3.19
C TRP A 112 -5.31 -10.16 -4.13
N LYS A 113 -4.43 -10.56 -5.04
CA LYS A 113 -4.75 -11.61 -6.01
C LYS A 113 -5.22 -12.88 -5.31
N GLU A 114 -4.84 -13.02 -4.04
CA GLU A 114 -5.21 -14.19 -3.25
C GLU A 114 -6.65 -14.06 -2.73
N LEU A 115 -7.01 -12.86 -2.29
CA LEU A 115 -8.34 -12.60 -1.78
C LEU A 115 -9.26 -12.06 -2.87
N SER A 116 -8.67 -11.72 -4.01
CA SER A 116 -9.43 -11.18 -5.14
C SER A 116 -10.24 -12.28 -5.82
N LEU A 117 -9.59 -13.41 -6.07
CA LEU A 117 -10.24 -14.54 -6.73
C LEU A 117 -11.52 -14.92 -6.00
N LEU A 118 -11.44 -15.06 -4.69
CA LEU A 118 -12.60 -15.42 -3.88
C LEU A 118 -13.67 -14.34 -3.95
N LEU A 119 -13.28 -13.16 -4.42
CA LEU A 119 -14.21 -12.04 -4.55
C LEU A 119 -14.82 -11.99 -5.95
N GLN A 120 -13.97 -11.88 -6.96
CA GLN A 120 -14.42 -11.83 -8.34
C GLN A 120 -15.20 -13.10 -8.71
N VAL A 121 -14.83 -14.21 -8.08
CA VAL A 121 -15.50 -15.49 -8.34
C VAL A 121 -17.01 -15.34 -8.25
N GLU A 122 -17.47 -14.48 -7.36
CA GLU A 122 -18.91 -14.25 -7.19
C GLU A 122 -19.33 -12.94 -7.83
N GLN A 123 -18.46 -11.94 -7.76
CA GLN A 123 -18.74 -10.63 -8.34
C GLN A 123 -17.46 -9.80 -8.45
N ARG A 124 -17.24 -9.25 -9.64
CA ARG A 124 -16.06 -8.43 -9.89
C ARG A 124 -16.08 -7.17 -9.04
N MET A 125 -15.29 -7.18 -7.97
CA MET A 125 -15.22 -6.03 -7.07
C MET A 125 -14.50 -4.86 -7.74
N PRO A 126 -13.23 -5.07 -8.10
CA PRO A 126 -12.41 -4.04 -8.76
C PRO A 126 -12.88 -3.75 -10.18
N VAL A 127 -12.77 -2.49 -10.58
CA VAL A 127 -13.18 -2.08 -11.92
C VAL A 127 -11.98 -1.91 -12.83
N SER A 128 -10.98 -1.18 -12.35
CA SER A 128 -9.76 -0.93 -13.12
C SER A 128 -8.87 -2.17 -13.15
N PRO A 129 -7.93 -2.21 -14.10
CA PRO A 129 -7.01 -3.33 -14.26
C PRO A 129 -5.99 -3.39 -13.11
N ILE A 130 -6.43 -3.90 -11.97
CA ILE A 130 -5.57 -4.02 -10.81
C ILE A 130 -4.30 -4.81 -11.14
N SER A 131 -4.43 -5.77 -12.04
CA SER A 131 -3.30 -6.60 -12.45
C SER A 131 -2.45 -5.87 -13.47
N GLN A 132 -1.94 -4.70 -13.09
CA GLN A 132 -1.10 -3.90 -13.97
C GLN A 132 0.09 -4.71 -14.46
N GLY A 133 0.70 -5.46 -13.57
CA GLY A 133 1.86 -6.28 -13.93
C GLY A 133 3.14 -5.75 -13.33
N ALA A 134 4.01 -5.21 -14.19
CA ALA A 134 5.29 -4.67 -13.74
C ALA A 134 5.39 -3.18 -14.04
N SER A 135 4.57 -2.72 -14.96
CA SER A 135 4.57 -1.30 -15.34
C SER A 135 4.48 -0.41 -14.11
N TRP A 136 3.47 -0.66 -13.28
CA TRP A 136 3.28 0.12 -12.06
C TRP A 136 4.48 0.00 -11.13
N ALA A 137 5.19 -1.12 -11.23
CA ALA A 137 6.37 -1.36 -10.42
C ALA A 137 7.55 -0.52 -10.89
N GLN A 138 7.74 -0.46 -12.20
CA GLN A 138 8.83 0.32 -12.78
C GLN A 138 8.68 1.80 -12.46
N GLU A 139 7.45 2.29 -12.52
CA GLU A 139 7.18 3.70 -12.25
C GLU A 139 7.70 4.09 -10.87
N ASP A 140 7.57 3.18 -9.91
CA ASP A 140 8.03 3.43 -8.55
C ASP A 140 9.50 3.85 -8.54
N GLN A 141 10.31 3.17 -9.35
CA GLN A 141 11.73 3.47 -9.43
C GLN A 141 11.95 4.93 -9.81
N GLN A 142 11.24 5.40 -10.82
CA GLN A 142 11.35 6.77 -11.28
C GLN A 142 11.00 7.75 -10.16
N ASP A 143 9.99 7.40 -9.38
CA ASP A 143 9.55 8.24 -8.27
C ASP A 143 10.63 8.33 -7.19
N ALA A 144 11.11 7.18 -6.75
CA ALA A 144 12.14 7.12 -5.73
C ALA A 144 13.40 7.87 -6.17
N ASP A 145 13.70 7.80 -7.46
CA ASP A 145 14.87 8.47 -8.01
C ASP A 145 14.77 9.98 -7.83
N GLU A 146 13.55 10.49 -7.89
CA GLU A 146 13.32 11.93 -7.74
C GLU A 146 13.46 12.35 -6.28
N ASP A 147 13.12 11.44 -5.38
CA ASP A 147 13.20 11.70 -3.94
C ASP A 147 14.64 12.01 -3.53
N ARG A 148 15.54 11.09 -3.85
CA ARG A 148 16.96 11.25 -3.51
C ARG A 148 17.49 12.58 -4.04
N ARG A 149 17.01 12.98 -5.22
CA ARG A 149 17.44 14.22 -5.84
C ARG A 149 16.82 15.43 -5.12
N ALA A 150 15.58 15.27 -4.67
CA ALA A 150 14.89 16.34 -3.97
C ALA A 150 15.41 16.50 -2.54
N PHE A 151 15.93 15.42 -1.99
CA PHE A 151 16.47 15.43 -0.63
C PHE A 151 17.46 16.57 -0.45
N GLN A 152 18.12 16.95 -1.54
CA GLN A 152 19.09 18.04 -1.49
C GLN A 152 18.48 19.30 -0.90
N MET A 153 17.16 19.40 -0.97
CA MET A 153 16.44 20.56 -0.44
C MET A 153 16.88 20.86 0.98
N LEU A 154 17.28 19.82 1.71
CA LEU A 154 17.73 19.96 3.09
C LEU A 154 19.16 20.50 3.14
N ARG A 155 19.36 21.69 2.60
CA ARG A 155 20.68 22.32 2.59
C ARG A 155 21.18 22.54 4.01
N ARG A 156 20.37 23.23 4.81
CA ARG A 156 20.74 23.52 6.19
C ARG A 156 20.62 22.27 7.07
N ASP A 157 19.61 21.45 6.77
CA ASP A 157 19.38 20.22 7.53
C ASP A 157 20.04 19.03 6.84
N GLY A 1 -13.10 -16.52 14.57
CA GLY A 1 -13.63 -15.20 14.27
C GLY A 1 -15.14 -15.22 14.06
N SER A 2 -15.69 -14.06 13.72
CA SER A 2 -17.13 -13.94 13.49
C SER A 2 -17.48 -12.54 12.98
N PRO A 3 -17.20 -11.52 13.81
CA PRO A 3 -17.48 -10.13 13.47
C PRO A 3 -16.57 -9.60 12.35
N GLY A 4 -16.71 -8.33 12.02
CA GLY A 4 -15.90 -7.73 10.99
C GLY A 4 -14.89 -6.74 11.53
N GLU A 5 -14.40 -7.00 12.74
CA GLU A 5 -13.43 -6.12 13.38
C GLU A 5 -12.12 -6.07 12.58
N ASN A 6 -11.68 -7.24 12.13
CA ASN A 6 -10.44 -7.34 11.35
C ASN A 6 -10.55 -6.52 10.07
N LEU A 7 -11.72 -6.54 9.44
CA LEU A 7 -11.94 -5.80 8.22
C LEU A 7 -11.78 -4.30 8.44
N LYS A 8 -12.29 -3.82 9.57
CA LYS A 8 -12.18 -2.40 9.90
C LYS A 8 -10.74 -1.94 9.90
N HIS A 9 -9.87 -2.71 10.56
CA HIS A 9 -8.45 -2.38 10.62
C HIS A 9 -7.77 -2.67 9.29
N ILE A 10 -8.23 -3.70 8.60
CA ILE A 10 -7.65 -4.08 7.31
C ILE A 10 -7.88 -2.99 6.27
N ILE A 11 -9.10 -2.46 6.23
CA ILE A 11 -9.45 -1.41 5.29
C ILE A 11 -8.81 -0.09 5.67
N THR A 12 -9.06 0.35 6.90
CA THR A 12 -8.50 1.60 7.40
C THR A 12 -6.98 1.66 7.19
N LEU A 13 -6.35 0.49 7.23
CA LEU A 13 -4.90 0.40 7.05
C LEU A 13 -4.46 1.18 5.82
N GLY A 14 -5.32 1.22 4.80
CA GLY A 14 -5.01 1.94 3.58
C GLY A 14 -5.13 3.44 3.74
N GLN A 15 -6.28 3.88 4.24
CA GLN A 15 -6.53 5.31 4.44
C GLN A 15 -5.51 5.90 5.41
N VAL A 16 -4.98 5.06 6.30
CA VAL A 16 -4.01 5.49 7.28
C VAL A 16 -2.69 5.88 6.62
N ILE A 17 -2.13 4.94 5.86
CA ILE A 17 -0.86 5.17 5.16
C ILE A 17 -1.01 6.29 4.14
N HIS A 18 -2.19 6.42 3.56
CA HIS A 18 -2.45 7.46 2.57
C HIS A 18 -2.32 8.85 3.19
N LYS A 19 -3.05 9.06 4.28
CA LYS A 19 -3.02 10.34 4.97
C LYS A 19 -1.72 10.51 5.76
N ARG A 20 -1.17 9.39 6.22
CA ARG A 20 0.07 9.41 6.99
C ARG A 20 1.17 10.14 6.22
N CYS A 21 1.10 10.10 4.90
CA CYS A 21 2.09 10.75 4.05
C CYS A 21 2.32 12.19 4.50
N GLU A 22 1.27 12.80 5.04
CA GLU A 22 1.36 14.19 5.51
C GLU A 22 2.53 14.36 6.47
N GLU A 23 2.79 13.33 7.28
CA GLU A 23 3.87 13.38 8.24
C GLU A 23 5.23 13.40 7.55
N MET A 24 5.37 12.59 6.50
CA MET A 24 6.61 12.51 5.75
C MET A 24 7.06 13.91 5.31
N LYS A 25 8.37 14.08 5.18
CA LYS A 25 8.93 15.37 4.77
C LYS A 25 9.84 15.20 3.56
N TYR A 26 10.52 14.06 3.47
CA TYR A 26 11.41 13.77 2.36
C TYR A 26 10.77 12.81 1.38
N CYS A 27 10.35 11.66 1.87
CA CYS A 27 9.73 10.64 1.04
C CYS A 27 8.28 11.02 0.71
N LYS A 28 7.82 12.13 1.30
CA LYS A 28 6.46 12.59 1.08
C LYS A 28 6.14 12.64 -0.40
N LYS A 29 7.15 12.85 -1.23
CA LYS A 29 6.98 12.92 -2.67
C LYS A 29 6.58 11.56 -3.23
N GLN A 30 7.37 10.54 -2.94
CA GLN A 30 7.09 9.19 -3.41
C GLN A 30 5.85 8.62 -2.72
N CYS A 31 5.68 8.97 -1.45
CA CYS A 31 4.54 8.48 -0.67
C CYS A 31 3.23 9.02 -1.24
N ARG A 32 3.27 10.26 -1.74
CA ARG A 32 2.08 10.88 -2.31
C ARG A 32 1.47 10.01 -3.41
N ARG A 33 2.31 9.54 -4.32
CA ARG A 33 1.86 8.70 -5.41
C ARG A 33 1.58 7.27 -4.93
N LEU A 34 2.38 6.81 -3.98
CA LEU A 34 2.23 5.47 -3.43
C LEU A 34 0.87 5.33 -2.74
N GLY A 35 0.65 6.14 -1.70
CA GLY A 35 -0.60 6.08 -0.98
C GLY A 35 -1.80 6.32 -1.87
N HIS A 36 -1.65 7.21 -2.83
CA HIS A 36 -2.73 7.53 -3.76
C HIS A 36 -3.02 6.36 -4.69
N ARG A 37 -1.96 5.80 -5.29
CA ARG A 37 -2.11 4.68 -6.19
C ARG A 37 -2.61 3.44 -5.46
N VAL A 38 -1.91 3.05 -4.40
CA VAL A 38 -2.30 1.89 -3.61
C VAL A 38 -3.72 2.03 -3.09
N LEU A 39 -4.11 3.27 -2.80
CA LEU A 39 -5.45 3.54 -2.28
C LEU A 39 -6.52 2.91 -3.17
N GLY A 40 -6.20 2.79 -4.46
CA GLY A 40 -7.15 2.21 -5.40
C GLY A 40 -7.50 0.78 -5.05
N LEU A 41 -6.61 0.10 -4.32
CA LEU A 41 -6.84 -1.28 -3.92
C LEU A 41 -7.83 -1.35 -2.77
N ILE A 42 -7.70 -0.43 -1.82
CA ILE A 42 -8.58 -0.39 -0.66
C ILE A 42 -9.91 0.27 -1.02
N LYS A 43 -9.92 1.05 -2.09
CA LYS A 43 -11.13 1.73 -2.53
C LYS A 43 -12.31 0.76 -2.58
N PRO A 44 -12.17 -0.33 -3.36
CA PRO A 44 -13.20 -1.34 -3.49
C PRO A 44 -13.41 -2.15 -2.22
N LEU A 45 -12.41 -2.13 -1.34
CA LEU A 45 -12.48 -2.86 -0.08
C LEU A 45 -13.42 -2.17 0.90
N GLU A 46 -13.37 -0.84 0.92
CA GLU A 46 -14.22 -0.06 1.81
C GLU A 46 -15.64 0.04 1.26
N MET A 47 -15.75 0.11 -0.07
CA MET A 47 -17.04 0.22 -0.73
C MET A 47 -17.95 -0.95 -0.32
N LEU A 48 -17.34 -2.09 -0.02
CA LEU A 48 -18.10 -3.28 0.37
C LEU A 48 -18.86 -3.02 1.68
N GLN A 49 -18.12 -2.66 2.72
CA GLN A 49 -18.72 -2.39 4.02
C GLN A 49 -19.64 -1.17 3.95
N ASP A 50 -19.30 -0.23 3.09
CA ASP A 50 -20.09 0.98 2.92
C ASP A 50 -21.43 0.68 2.26
N GLN A 51 -21.38 0.23 1.01
CA GLN A 51 -22.58 -0.11 0.26
C GLN A 51 -23.35 -1.24 0.94
N GLY A 52 -22.70 -2.40 1.06
CA GLY A 52 -23.34 -3.54 1.69
C GLY A 52 -23.75 -4.60 0.68
N LYS A 53 -22.98 -4.73 -0.39
CA LYS A 53 -23.28 -5.70 -1.44
C LYS A 53 -22.86 -7.11 -1.00
N ARG A 54 -21.72 -7.20 -0.34
CA ARG A 54 -21.20 -8.48 0.13
C ARG A 54 -21.56 -8.70 1.60
N SER A 55 -22.45 -9.66 1.84
CA SER A 55 -22.89 -9.97 3.19
C SER A 55 -21.69 -10.26 4.10
N VAL A 56 -21.15 -11.46 3.98
CA VAL A 56 -19.99 -11.86 4.77
C VAL A 56 -19.14 -12.88 4.04
N PRO A 57 -17.81 -12.67 4.06
CA PRO A 57 -16.85 -13.56 3.39
C PRO A 57 -16.75 -14.91 4.08
N SER A 58 -16.33 -15.92 3.33
CA SER A 58 -16.18 -17.27 3.87
C SER A 58 -14.80 -17.47 4.48
N GLU A 59 -14.59 -18.62 5.10
CA GLU A 59 -13.32 -18.93 5.73
C GLU A 59 -12.17 -18.85 4.72
N LYS A 60 -12.40 -19.39 3.53
CA LYS A 60 -11.40 -19.37 2.47
C LYS A 60 -10.88 -17.95 2.23
N LEU A 61 -11.81 -17.03 1.98
CA LEU A 61 -11.45 -15.64 1.74
C LEU A 61 -10.66 -15.06 2.90
N THR A 62 -11.05 -15.46 4.12
CA THR A 62 -10.38 -14.98 5.33
C THR A 62 -8.88 -15.25 5.26
N THR A 63 -8.51 -16.41 4.72
CA THR A 63 -7.11 -16.78 4.60
C THR A 63 -6.34 -15.79 3.74
N ALA A 64 -6.87 -15.52 2.55
CA ALA A 64 -6.22 -14.58 1.64
C ALA A 64 -6.15 -13.18 2.25
N MET A 65 -7.30 -12.67 2.68
CA MET A 65 -7.36 -11.35 3.29
C MET A 65 -6.42 -11.25 4.49
N ASN A 66 -6.42 -12.28 5.32
CA ASN A 66 -5.57 -12.31 6.50
C ASN A 66 -4.11 -12.04 6.13
N ARG A 67 -3.73 -12.43 4.92
CA ARG A 67 -2.37 -12.23 4.44
C ARG A 67 -2.14 -10.77 4.04
N PHE A 68 -3.18 -10.15 3.48
CA PHE A 68 -3.09 -8.75 3.06
C PHE A 68 -2.97 -7.83 4.26
N LYS A 69 -3.63 -8.19 5.35
CA LYS A 69 -3.59 -7.39 6.57
C LYS A 69 -2.15 -7.09 6.98
N ALA A 70 -1.38 -8.14 7.18
CA ALA A 70 0.03 -8.00 7.57
C ALA A 70 0.86 -7.47 6.43
N ALA A 71 0.56 -7.92 5.21
CA ALA A 71 1.29 -7.49 4.03
C ALA A 71 1.27 -5.97 3.90
N LEU A 72 0.08 -5.38 3.93
CA LEU A 72 -0.07 -3.94 3.82
C LEU A 72 0.61 -3.23 4.98
N GLU A 73 0.60 -3.86 6.16
CA GLU A 73 1.21 -3.29 7.34
C GLU A 73 2.64 -2.84 7.05
N GLU A 74 3.32 -3.58 6.18
CA GLU A 74 4.70 -3.25 5.82
C GLU A 74 4.80 -1.81 5.31
N ALA A 75 3.87 -1.42 4.45
CA ALA A 75 3.87 -0.08 3.89
C ALA A 75 3.68 0.96 4.99
N ASN A 76 2.72 0.73 5.88
CA ASN A 76 2.44 1.65 6.97
C ASN A 76 3.62 1.72 7.92
N GLY A 77 4.29 0.58 8.14
CA GLY A 77 5.43 0.53 9.03
C GLY A 77 6.67 1.15 8.41
N GLU A 78 6.81 1.00 7.10
CA GLU A 78 7.97 1.55 6.40
C GLU A 78 7.99 3.07 6.49
N ILE A 79 6.93 3.70 6.00
CA ILE A 79 6.83 5.16 6.03
C ILE A 79 7.01 5.70 7.45
N GLU A 80 6.60 4.90 8.43
CA GLU A 80 6.72 5.30 9.82
C GLU A 80 8.18 5.36 10.25
N LYS A 81 8.85 4.22 10.22
CA LYS A 81 10.26 4.14 10.59
C LYS A 81 11.12 5.01 9.68
N PHE A 82 10.71 5.12 8.42
CA PHE A 82 11.44 5.93 7.44
C PHE A 82 11.40 7.40 7.82
N SER A 83 10.40 7.78 8.61
CA SER A 83 10.25 9.16 9.04
C SER A 83 11.57 9.74 9.51
N ASN A 84 12.39 8.90 10.13
CA ASN A 84 13.69 9.32 10.63
C ASN A 84 14.63 9.70 9.48
N ARG A 85 15.04 10.95 9.46
CA ARG A 85 15.93 11.45 8.40
C ARG A 85 17.17 10.54 8.28
N SER A 86 17.73 10.16 9.42
CA SER A 86 18.92 9.32 9.44
C SER A 86 18.65 8.00 8.73
N ASN A 87 17.43 7.49 8.88
CA ASN A 87 17.04 6.23 8.25
C ASN A 87 16.95 6.39 6.73
N ILE A 88 16.52 7.56 6.29
CA ILE A 88 16.38 7.85 4.86
C ILE A 88 17.74 8.12 4.23
N CYS A 89 18.57 8.90 4.92
CA CYS A 89 19.90 9.23 4.42
C CYS A 89 20.78 7.99 4.34
N ARG A 90 20.89 7.28 5.46
CA ARG A 90 21.71 6.06 5.51
C ARG A 90 21.30 5.09 4.41
N PHE A 91 20.02 5.07 4.09
CA PHE A 91 19.50 4.18 3.06
C PHE A 91 19.81 4.71 1.67
N LEU A 92 19.40 5.96 1.41
CA LEU A 92 19.64 6.58 0.13
C LEU A 92 21.11 6.50 -0.27
N THR A 93 21.99 6.96 0.64
CA THR A 93 23.42 6.94 0.39
C THR A 93 23.91 5.52 0.12
N ALA A 94 23.28 4.54 0.77
CA ALA A 94 23.65 3.14 0.59
C ALA A 94 23.65 2.75 -0.88
N SER A 95 22.71 3.33 -1.64
CA SER A 95 22.61 3.05 -3.06
C SER A 95 21.73 4.08 -3.76
N GLN A 96 22.23 4.63 -4.86
CA GLN A 96 21.50 5.63 -5.62
C GLN A 96 20.42 4.98 -6.48
N ASP A 97 19.50 5.80 -6.99
CA ASP A 97 18.42 5.31 -7.83
C ASP A 97 17.87 3.99 -7.29
N LYS A 98 17.00 4.09 -6.29
CA LYS A 98 16.40 2.90 -5.67
C LYS A 98 14.96 3.18 -5.27
N ILE A 99 14.32 2.18 -4.67
CA ILE A 99 12.93 2.31 -4.23
C ILE A 99 12.80 1.98 -2.75
N LEU A 100 11.77 2.54 -2.11
CA LEU A 100 11.52 2.31 -0.69
C LEU A 100 10.28 1.44 -0.50
N PHE A 101 9.32 1.59 -1.39
CA PHE A 101 8.08 0.81 -1.31
C PHE A 101 7.93 -0.09 -2.53
N LYS A 102 9.05 -0.61 -3.02
CA LYS A 102 9.05 -1.49 -4.19
C LYS A 102 8.43 -2.84 -3.83
N ASP A 103 9.09 -3.56 -2.92
CA ASP A 103 8.62 -4.87 -2.50
C ASP A 103 7.16 -4.81 -2.07
N VAL A 104 6.77 -3.71 -1.43
CA VAL A 104 5.41 -3.52 -0.96
C VAL A 104 4.42 -3.65 -2.11
N ASN A 105 4.60 -2.82 -3.14
CA ASN A 105 3.71 -2.83 -4.30
C ASN A 105 3.61 -4.23 -4.89
N ARG A 106 4.67 -5.02 -4.72
CA ARG A 106 4.71 -6.38 -5.23
C ARG A 106 3.85 -7.31 -4.38
N LYS A 107 4.11 -7.32 -3.07
CA LYS A 107 3.36 -8.16 -2.15
C LYS A 107 1.89 -7.74 -2.11
N LEU A 108 1.65 -6.43 -2.12
CA LEU A 108 0.29 -5.91 -2.09
C LEU A 108 -0.54 -6.47 -3.24
N SER A 109 0.05 -6.50 -4.42
CA SER A 109 -0.65 -7.02 -5.60
C SER A 109 -0.74 -8.54 -5.55
N ASP A 110 0.27 -9.17 -4.96
CA ASP A 110 0.31 -10.62 -4.85
C ASP A 110 -0.75 -11.11 -3.86
N VAL A 111 -0.90 -10.38 -2.76
CA VAL A 111 -1.88 -10.75 -1.74
C VAL A 111 -3.29 -10.34 -2.15
N TRP A 112 -3.39 -9.33 -2.99
CA TRP A 112 -4.68 -8.85 -3.47
C TRP A 112 -5.26 -9.80 -4.51
N LYS A 113 -4.46 -10.13 -5.51
CA LYS A 113 -4.88 -11.04 -6.57
C LYS A 113 -5.31 -12.38 -6.00
N GLU A 114 -4.78 -12.72 -4.83
CA GLU A 114 -5.10 -13.99 -4.18
C GLU A 114 -6.46 -13.90 -3.49
N LEU A 115 -6.73 -12.79 -2.84
CA LEU A 115 -7.99 -12.59 -2.14
C LEU A 115 -9.06 -12.04 -3.10
N SER A 116 -8.61 -11.53 -4.24
CA SER A 116 -9.53 -10.98 -5.24
C SER A 116 -10.31 -12.09 -5.93
N LEU A 117 -9.63 -13.20 -6.22
CA LEU A 117 -10.26 -14.33 -6.88
C LEU A 117 -11.50 -14.79 -6.13
N LEU A 118 -11.35 -14.96 -4.81
CA LEU A 118 -12.45 -15.39 -3.96
C LEU A 118 -13.58 -14.36 -3.96
N LEU A 119 -13.27 -13.16 -4.43
CA LEU A 119 -14.26 -12.08 -4.49
C LEU A 119 -14.94 -12.03 -5.85
N GLN A 120 -14.13 -11.94 -6.90
CA GLN A 120 -14.67 -11.88 -8.25
C GLN A 120 -15.37 -13.18 -8.61
N VAL A 121 -14.93 -14.27 -8.01
CA VAL A 121 -15.53 -15.58 -8.26
C VAL A 121 -17.04 -15.54 -8.13
N GLU A 122 -17.51 -14.73 -7.18
CA GLU A 122 -18.95 -14.59 -6.94
C GLU A 122 -19.47 -13.27 -7.51
N GLN A 123 -18.83 -12.17 -7.12
CA GLN A 123 -19.23 -10.85 -7.59
C GLN A 123 -18.00 -9.99 -7.91
N ARG A 124 -18.07 -9.29 -9.03
CA ARG A 124 -16.97 -8.43 -9.46
C ARG A 124 -16.65 -7.39 -8.39
N MET A 125 -15.72 -6.49 -8.71
CA MET A 125 -15.33 -5.44 -7.77
C MET A 125 -14.28 -4.53 -8.39
N PRO A 126 -13.12 -5.11 -8.74
CA PRO A 126 -12.00 -4.37 -9.34
C PRO A 126 -12.32 -3.93 -10.77
N VAL A 127 -12.87 -2.73 -10.90
CA VAL A 127 -13.22 -2.18 -12.21
C VAL A 127 -12.11 -2.45 -13.23
N SER A 128 -11.03 -1.70 -13.12
CA SER A 128 -9.89 -1.85 -14.03
C SER A 128 -9.21 -3.19 -13.83
N PRO A 129 -8.44 -3.62 -14.83
CA PRO A 129 -7.71 -4.90 -14.79
C PRO A 129 -6.56 -4.87 -13.78
N ILE A 130 -6.85 -5.28 -12.55
CA ILE A 130 -5.84 -5.30 -11.50
C ILE A 130 -4.59 -6.05 -11.95
N SER A 131 -4.79 -7.09 -12.76
CA SER A 131 -3.69 -7.89 -13.26
C SER A 131 -2.82 -7.09 -14.22
N GLN A 132 -3.46 -6.23 -15.01
CA GLN A 132 -2.75 -5.40 -15.97
C GLN A 132 -1.61 -4.64 -15.30
N GLY A 133 -1.82 -4.26 -14.04
CA GLY A 133 -0.79 -3.54 -13.31
C GLY A 133 0.55 -4.23 -13.36
N ALA A 134 1.47 -3.67 -14.16
CA ALA A 134 2.81 -4.24 -14.30
C ALA A 134 3.85 -3.14 -14.44
N SER A 135 3.53 -2.12 -15.22
CA SER A 135 4.45 -1.01 -15.43
C SER A 135 4.60 -0.17 -14.17
N TRP A 136 3.54 -0.12 -13.38
CA TRP A 136 3.55 0.66 -12.14
C TRP A 136 4.75 0.28 -11.27
N ALA A 137 5.22 -0.96 -11.41
CA ALA A 137 6.37 -1.43 -10.66
C ALA A 137 7.65 -0.78 -11.14
N GLN A 138 7.90 -0.88 -12.45
CA GLN A 138 9.11 -0.30 -13.04
C GLN A 138 9.08 1.22 -12.94
N GLU A 139 7.89 1.79 -13.07
CA GLU A 139 7.73 3.25 -13.00
C GLU A 139 8.14 3.78 -11.63
N ASP A 140 7.82 3.00 -10.60
CA ASP A 140 8.15 3.39 -9.23
C ASP A 140 9.64 3.71 -9.09
N GLN A 141 10.47 2.95 -9.80
CA GLN A 141 11.90 3.13 -9.77
C GLN A 141 12.26 4.60 -10.02
N GLN A 142 11.65 5.19 -11.04
CA GLN A 142 11.91 6.58 -11.39
C GLN A 142 11.20 7.53 -10.42
N ASP A 143 10.02 7.12 -9.96
CA ASP A 143 9.23 7.92 -9.03
C ASP A 143 9.98 8.10 -7.72
N ALA A 144 10.72 7.08 -7.31
CA ALA A 144 11.48 7.13 -6.06
C ALA A 144 12.67 8.08 -6.19
N ASP A 145 13.20 8.20 -7.41
CA ASP A 145 14.34 9.06 -7.67
C ASP A 145 14.04 10.49 -7.22
N GLU A 146 12.79 10.89 -7.34
CA GLU A 146 12.38 12.24 -6.95
C GLU A 146 12.68 12.51 -5.48
N ASP A 147 12.57 11.46 -4.67
CA ASP A 147 12.84 11.58 -3.23
C ASP A 147 14.32 11.88 -2.98
N ARG A 148 15.19 11.03 -3.52
CA ARG A 148 16.63 11.21 -3.35
C ARG A 148 17.09 12.53 -3.97
N ARG A 149 16.47 12.90 -5.10
CA ARG A 149 16.83 14.13 -5.79
C ARG A 149 16.30 15.34 -5.03
N ALA A 150 15.14 15.19 -4.39
CA ALA A 150 14.54 16.27 -3.62
C ALA A 150 15.19 16.41 -2.25
N PHE A 151 15.69 15.29 -1.73
CA PHE A 151 16.33 15.29 -0.42
C PHE A 151 17.43 16.36 -0.35
N GLN A 152 18.01 16.67 -1.50
CA GLN A 152 19.07 17.67 -1.57
C GLN A 152 18.62 18.99 -0.92
N MET A 153 17.31 19.20 -0.88
CA MET A 153 16.75 20.42 -0.29
C MET A 153 17.35 20.67 1.09
N LEU A 154 17.72 19.60 1.78
CA LEU A 154 18.30 19.71 3.11
C LEU A 154 19.76 20.14 3.03
N ARG A 155 20.48 19.60 2.06
CA ARG A 155 21.89 19.92 1.87
C ARG A 155 22.05 21.34 1.32
N ARG A 156 21.40 21.60 0.19
CA ARG A 156 21.47 22.91 -0.45
C ARG A 156 21.07 24.02 0.53
N ASP A 157 20.21 23.66 1.47
CA ASP A 157 19.73 24.61 2.47
C ASP A 157 20.75 24.76 3.60
#